data_7S0D
#
_entry.id   7S0D
#
_cell.length_a   1.00
_cell.length_b   1.00
_cell.length_c   1.00
_cell.angle_alpha   90.00
_cell.angle_beta   90.00
_cell.angle_gamma   90.00
#
_symmetry.space_group_name_H-M   'P 1'
#
loop_
_entity.id
_entity.type
_entity.pdbx_description
1 polymer 'Spike glycoprotein'
2 polymer 'N-612-014 Fab Heavy Chain'
3 polymer 'N-612-014 Light Chain'
#
loop_
_entity_poly.entity_id
_entity_poly.type
_entity_poly.pdbx_seq_one_letter_code
_entity_poly.pdbx_strand_id
1 'polypeptide(L)'
;MFVFLVLLPLVSSQCVNLTTRTQLPPAYTNSFTRGVYYPDKVFRSSVLHSTQDLFLPFFSNVTWFHAIHVSGTNGTKRFD
NPVLPFNDGVYFASTEKSNIIRGWIFGTTLDSKTQSLLIVNNATNVVIKVCEFQFCNDPFLGVYYHKNNKSWMESEFRVY
SSANNCTFEYVSQPFLMDLEGKQGNFKNLREFVFKNIDGYFKIYSKHTPINLVRDLPQGFSALEPLVDLPIGINITRFQT
LLALHRSYLTPGDSSSGWTAGAAAYYVGYLQPRTFLLKYNENGTITDAVDCALDPLSETKCTLKSFTVEKGIYQTSNFRV
QPTESIVRFPNITNLCPFGEVFNATRFASVYAWNRKRISNCVADYSVLYNSASFSTFKCYGVSPTKLNDLCFTNVYADSF
VIRGDEVRQIAPGQTGKIADYNYKLPDDFTGCVIAWNSNNLDSKVGGNYNYLYRLFRKSNLKPFERDISTEIYQAGSTPC
NGVEGFNCYFPLQSYGFQPTNGVGYQPYRVVVLSFELLHAPATVCGPKKSTNLVKNKCVNFNFNGLTGTGVLTESNKKFL
PFQQFGRDIADTTDAVRDPQTLEILDITPCSFGGVSVITPGTNTSNQVAVLYQDVNCTEVPVAIHADQLTPTWRVYSTGS
NVFQTRAGCLIGAEHVNNSYECDIPIGAGICASYQTQTNSPASVASQSIIAYTMSLGAENSVAYSNNSIAIPTNFTISVT
TEILPVSMTKTSVDCTMYICGDSTECSNLLLQYGSFCTQLNRALTGIAVEQDKNTQEVFAQVKQIYKTPPIKDFGGFNFS
QILPDPSKPSKRSPIEDLLFNKVTLADAGFIKQYGDCLGDIAARDLICAQKFNGLTVLPPLLTDEMIAQYTSALLAGTIT
SGWTFGAGPALQIPFPMQMAYRFNGIGVTQNVLYENQKLIANQFNSAIGKIQDSLSSTPSALGKLQDVVNQNAQALNTLV
KQLSSNFGAISSVLNDILSRLDPPEAEVQIDRLITGRLQSLQTYVTQQLIRAAEIRASANLAATKMSECVLGQSKRVDFC
GKGYHLMSFPQSAPHGVVFLHVTYVPAQEKNFTTAPAICHDGKAHFPREGVFVSNGTHWFVTQRNFYEPQIITTDNTFVS
GNCDVVIGIVNNTVYDPLQPELDSFKEELDKYFKNHTSPDVDLGDISGINASVVNIQKEIDRLNEVAKNLNESLIDLQEL
GKYEQYIKWPSGRLVPRGSPGSGYIPEAPRDGQAYVRKDGEWVLLSTFLGHHHHHHGLNDIFEAQKIEWHE
;
A,B,C
2 'polypeptide(L)'
;EVQLVESGGGLVQPGGSLRLSCAASGFTFSSYAMTWVRQAPGKGLEWVSYISGSGGGTYYADSVKGRFTISRDNSKNTLY
LQMNSLRAEDTAVYYCARDRWASGWLAFDVWGQGTLVTVSSASTKGPSVFPLAPSSKSTSGGTAALGCLVKDYFPEPVTV
SWNSGALTSGVHTFPAVLQSSGLYSLSSVVTVPSSSLGTQTYICNVNHKPSNTKVDKKVEPKSCDKTH
;
H,M,O
3 'polypeptide(L)'
;DIQMTQSPSSLSASVGDRVTITCQASQDISNYLNWYQQKPGKAPKLLIYDASNLETGVPSRFSGSGSGTDFTFTISSLQP
EDIATYYCQQAYAYPLTFGQGTKVEIKRTVAAPSVFIFPPSDEQLKSGTASVVCLLNNFYPREAKVQWKVDNALQSGNSQ
ESVTEQDSKDSTYSLSSTLTLSKADYEKHKVYACEVTHQGLSSPVTKSFNRGEC
;
L,N,P
#
# COMPACT_ATOMS: atom_id res chain seq x y z
N GLN A 14 35.05 58.03 31.50
CA GLN A 14 36.31 58.19 30.78
C GLN A 14 36.12 57.95 29.29
N CYS A 15 34.95 58.34 28.77
CA CYS A 15 34.63 58.29 27.35
C CYS A 15 34.66 59.68 26.74
N VAL A 16 34.89 59.72 25.43
CA VAL A 16 35.01 60.96 24.66
C VAL A 16 33.90 60.98 23.62
N ASN A 17 33.18 62.11 23.54
CA ASN A 17 32.12 62.29 22.56
C ASN A 17 32.72 62.92 21.29
N LEU A 18 32.72 62.17 20.20
CA LEU A 18 33.20 62.68 18.90
C LEU A 18 31.98 63.07 18.05
N THR A 19 31.52 64.30 18.24
CA THR A 19 30.44 64.88 17.45
C THR A 19 30.85 65.20 16.02
N THR A 20 32.13 65.13 15.69
CA THR A 20 32.67 65.42 14.35
C THR A 20 32.35 64.37 13.29
N ARG A 21 31.67 63.28 13.63
CA ARG A 21 31.33 62.28 12.62
C ARG A 21 30.34 62.85 11.61
N THR A 22 30.60 62.59 10.32
CA THR A 22 29.77 63.08 9.22
C THR A 22 28.83 61.96 8.78
N GLN A 23 27.52 62.22 8.85
CA GLN A 23 26.51 61.21 8.58
C GLN A 23 25.85 61.39 7.22
N LEU A 24 25.82 60.33 6.42
CA LEU A 24 25.33 60.31 5.06
C LEU A 24 24.54 59.02 4.87
N PRO A 25 23.62 58.99 3.90
CA PRO A 25 22.90 57.74 3.59
C PRO A 25 23.82 56.60 3.17
N PRO A 26 23.56 55.40 3.70
CA PRO A 26 24.43 54.25 3.47
C PRO A 26 24.62 53.87 2.00
N ALA A 27 25.84 53.45 1.67
CA ALA A 27 26.15 52.96 0.34
C ALA A 27 25.69 51.50 0.21
N TYR A 28 25.72 50.97 -1.01
CA TYR A 28 25.31 49.59 -1.24
C TYR A 28 26.20 48.93 -2.27
N THR A 29 26.24 47.60 -2.25
CA THR A 29 26.98 46.83 -3.24
C THR A 29 26.40 45.42 -3.29
N ASN A 30 26.90 44.65 -4.26
CA ASN A 30 26.49 43.25 -4.42
C ASN A 30 27.15 42.36 -3.37
N SER A 31 26.50 41.21 -3.12
CA SER A 31 27.02 40.18 -2.24
C SER A 31 27.47 38.93 -2.96
N PHE A 32 27.09 38.77 -4.23
CA PHE A 32 27.38 37.61 -5.05
C PHE A 32 26.92 36.33 -4.38
N THR A 33 27.81 35.36 -4.15
CA THR A 33 27.39 34.08 -3.60
C THR A 33 28.14 33.69 -2.34
N ARG A 34 29.00 34.55 -1.83
CA ARG A 34 29.75 34.26 -0.62
C ARG A 34 28.84 34.45 0.61
N GLY A 35 29.19 33.79 1.71
CA GLY A 35 28.34 33.86 2.87
C GLY A 35 27.75 32.54 3.32
N VAL A 36 28.35 31.45 2.88
CA VAL A 36 27.91 30.09 3.19
C VAL A 36 28.85 29.53 4.25
N TYR A 37 28.27 28.91 5.28
CA TYR A 37 29.01 28.35 6.40
C TYR A 37 28.49 26.96 6.72
N TYR A 38 29.36 26.14 7.29
CA TYR A 38 29.05 24.77 7.66
C TYR A 38 27.91 24.77 8.66
N PRO A 39 26.73 24.25 8.29
CA PRO A 39 25.58 24.33 9.20
C PRO A 39 25.77 23.57 10.50
N ASP A 40 26.52 22.47 10.48
CA ASP A 40 26.66 21.63 11.66
C ASP A 40 28.05 21.02 11.67
N LYS A 41 28.48 20.58 12.85
CA LYS A 41 29.82 20.02 13.03
C LYS A 41 29.81 18.51 12.75
N VAL A 42 29.40 18.18 11.53
CA VAL A 42 29.34 16.80 11.08
C VAL A 42 30.05 16.71 9.73
N PHE A 43 30.86 15.67 9.56
CA PHE A 43 31.60 15.47 8.32
C PHE A 43 30.73 14.79 7.28
N ARG A 44 30.62 15.40 6.10
CA ARG A 44 29.88 14.84 5.00
C ARG A 44 30.77 14.84 3.77
N SER A 45 30.62 13.82 2.94
CA SER A 45 31.54 13.66 1.82
C SER A 45 30.81 13.26 0.55
N SER A 46 31.07 13.99 -0.53
CA SER A 46 30.56 13.71 -1.88
C SER A 46 29.05 13.47 -1.86
N VAL A 47 28.33 14.47 -1.36
CA VAL A 47 26.90 14.33 -1.16
C VAL A 47 26.23 15.69 -1.32
N LEU A 48 25.01 15.67 -1.83
CA LEU A 48 24.18 16.87 -1.91
C LEU A 48 23.27 16.86 -0.70
N HIS A 49 23.32 17.93 0.09
CA HIS A 49 22.59 17.99 1.35
C HIS A 49 21.75 19.24 1.41
N SER A 50 20.48 19.09 1.77
CA SER A 50 19.56 20.20 1.89
C SER A 50 19.41 20.56 3.36
N THR A 51 19.68 21.81 3.70
CA THR A 51 19.56 22.28 5.06
C THR A 51 18.68 23.52 5.11
N GLN A 52 18.09 23.75 6.27
CA GLN A 52 17.17 24.88 6.47
C GLN A 52 17.63 25.63 7.71
N ASP A 53 18.36 26.72 7.50
CA ASP A 53 18.97 27.46 8.59
C ASP A 53 19.06 28.92 8.16
N LEU A 54 19.81 29.72 8.91
CA LEU A 54 19.97 31.14 8.63
C LEU A 54 21.14 31.31 7.68
N PHE A 55 20.92 31.98 6.54
CA PHE A 55 21.97 32.18 5.55
C PHE A 55 21.82 33.56 4.93
N LEU A 56 22.88 33.98 4.24
CA LEU A 56 22.85 35.19 3.43
C LEU A 56 22.37 34.83 2.02
N PRO A 57 21.24 35.35 1.57
CA PRO A 57 20.75 34.99 0.24
C PRO A 57 21.75 35.38 -0.84
N PHE A 58 21.80 34.57 -1.90
CA PHE A 58 22.78 34.80 -2.96
C PHE A 58 22.42 36.04 -3.76
N PHE A 59 23.45 36.74 -4.21
CA PHE A 59 23.31 37.94 -5.04
C PHE A 59 22.37 38.96 -4.39
N SER A 60 22.58 39.19 -3.09
CA SER A 60 21.78 40.17 -2.37
C SER A 60 22.53 41.50 -2.24
N ASN A 61 21.80 42.50 -1.78
CA ASN A 61 22.33 43.85 -1.55
C ASN A 61 22.92 43.95 -0.15
N VAL A 62 24.23 44.17 -0.05
CA VAL A 62 24.92 44.31 1.21
C VAL A 62 25.33 45.76 1.37
N THR A 63 25.46 46.21 2.62
CA THR A 63 25.69 47.64 2.87
C THR A 63 27.16 47.88 3.21
N TRP A 64 27.94 48.09 2.16
CA TRP A 64 29.37 48.37 2.23
C TRP A 64 29.69 49.71 2.90
N PHE A 65 30.43 49.67 4.01
CA PHE A 65 30.72 50.87 4.78
C PHE A 65 32.21 51.12 4.67
N HIS A 66 32.56 52.28 4.13
CA HIS A 66 33.94 52.62 3.79
C HIS A 66 34.31 53.98 4.38
N ALA A 67 35.46 54.06 5.02
CA ALA A 67 36.02 55.34 5.49
C ALA A 67 36.60 56.11 4.30
N ILE A 68 35.70 56.68 3.50
CA ILE A 68 36.07 57.33 2.26
C ILE A 68 36.20 58.84 2.48
N HIS A 69 35.87 59.66 1.47
CA HIS A 69 36.02 61.10 1.52
C HIS A 69 34.81 61.74 0.84
N VAL A 70 34.74 63.07 0.92
CA VAL A 70 33.66 63.92 0.41
C VAL A 70 32.74 63.26 -0.62
N THR A 76 36.89 66.75 4.56
CA THR A 76 35.65 66.15 5.02
C THR A 76 35.72 64.63 4.96
N LYS A 77 36.93 64.10 5.16
CA LYS A 77 37.21 62.66 5.13
C LYS A 77 36.06 61.84 5.71
N ARG A 78 35.41 61.04 4.87
CA ARG A 78 34.27 60.28 5.37
C ARG A 78 34.62 59.14 6.32
N PHE A 79 35.17 59.42 7.51
CA PHE A 79 35.42 58.33 8.44
C PHE A 79 34.07 57.75 8.83
N ASP A 80 33.90 56.43 8.68
CA ASP A 80 32.59 55.82 8.89
C ASP A 80 32.63 54.77 9.98
N ASN A 81 31.80 54.95 11.01
CA ASN A 81 31.60 53.95 12.06
C ASN A 81 30.18 54.10 12.60
N PRO A 82 29.16 53.80 11.78
CA PRO A 82 27.78 54.01 12.22
C PRO A 82 27.29 52.93 13.17
N VAL A 83 26.00 53.00 13.52
CA VAL A 83 25.34 52.02 14.36
C VAL A 83 24.44 51.18 13.47
N LEU A 84 24.61 49.85 13.51
CA LEU A 84 23.83 49.00 12.64
C LEU A 84 23.00 48.02 13.46
N PRO A 85 21.70 47.92 13.24
CA PRO A 85 20.91 46.94 14.01
C PRO A 85 21.38 45.52 13.75
N PHE A 86 21.40 44.71 14.81
CA PHE A 86 21.86 43.33 14.69
C PHE A 86 20.82 42.42 14.07
N ASN A 87 19.53 42.70 14.32
CA ASN A 87 18.40 41.96 13.75
C ASN A 87 18.52 40.49 14.11
N ASP A 88 18.62 39.58 13.15
CA ASP A 88 18.63 38.14 13.41
C ASP A 88 19.94 37.48 12.95
N GLY A 89 21.06 38.06 13.31
CA GLY A 89 22.35 37.58 12.88
C GLY A 89 22.94 38.51 11.83
N VAL A 90 24.26 38.53 11.75
CA VAL A 90 24.96 39.47 10.87
C VAL A 90 26.11 38.77 10.15
N TYR A 91 26.17 38.94 8.83
CA TYR A 91 27.33 38.51 8.06
C TYR A 91 28.21 39.73 7.83
N PHE A 92 29.41 39.70 8.38
CA PHE A 92 30.39 40.77 8.25
C PHE A 92 31.54 40.33 7.37
N ALA A 93 32.10 41.25 6.59
CA ALA A 93 33.28 40.91 5.80
C ALA A 93 34.16 42.13 5.61
N SER A 94 35.41 42.04 6.05
CA SER A 94 36.34 43.16 5.98
C SER A 94 37.51 42.81 5.06
N THR A 95 37.81 43.71 4.14
CA THR A 95 39.03 43.62 3.34
C THR A 95 40.04 44.60 3.95
N GLU A 96 41.15 44.08 4.46
CA GLU A 96 42.06 44.89 5.26
C GLU A 96 43.51 44.64 4.86
N LYS A 97 44.33 45.66 5.11
CA LYS A 97 45.79 45.53 5.09
C LYS A 97 46.46 46.11 6.33
N SER A 98 45.86 47.07 7.02
CA SER A 98 46.56 47.84 8.02
C SER A 98 45.95 47.67 9.41
N ASN A 99 45.35 46.51 9.68
CA ASN A 99 44.97 46.14 11.03
C ASN A 99 44.05 47.19 11.66
N ILE A 100 43.02 47.58 10.91
CA ILE A 100 42.18 48.69 11.35
C ILE A 100 40.93 48.20 12.06
N ILE A 101 40.03 47.51 11.35
CA ILE A 101 38.77 47.09 11.93
C ILE A 101 39.04 46.07 13.04
N ARG A 102 38.99 46.50 14.30
CA ARG A 102 39.36 45.63 15.42
C ARG A 102 38.32 45.70 16.52
N GLY A 103 37.36 44.79 16.48
CA GLY A 103 36.44 44.59 17.59
C GLY A 103 34.99 44.78 17.19
N TRP A 104 34.12 44.32 18.08
CA TRP A 104 32.69 44.40 17.82
C TRP A 104 31.98 44.60 19.15
N ILE A 105 30.78 45.16 19.07
CA ILE A 105 29.92 45.39 20.22
C ILE A 105 28.51 44.95 19.84
N PHE A 106 27.87 44.22 20.74
CA PHE A 106 26.54 43.69 20.49
C PHE A 106 25.67 44.08 21.68
N GLY A 107 24.39 44.34 21.42
CA GLY A 107 23.47 44.64 22.50
C GLY A 107 22.14 45.19 22.02
N THR A 108 21.09 45.06 22.82
CA THR A 108 19.79 45.57 22.37
C THR A 108 19.65 47.07 22.55
N THR A 109 20.16 47.61 23.67
CA THR A 109 20.15 49.06 23.89
C THR A 109 21.53 49.70 23.97
N LEU A 110 22.61 48.90 24.00
CA LEU A 110 23.98 49.41 23.91
C LEU A 110 24.29 50.38 25.06
N ASP A 111 23.83 50.04 26.26
CA ASP A 111 23.96 50.92 27.41
C ASP A 111 24.31 50.09 28.63
N SER A 112 24.30 50.73 29.80
CA SER A 112 24.55 50.08 31.07
C SER A 112 23.29 49.57 31.74
N LYS A 113 22.14 49.66 31.07
CA LYS A 113 20.91 49.11 31.63
C LYS A 113 20.58 47.72 31.10
N THR A 114 21.16 47.32 29.96
CA THR A 114 20.92 46.02 29.37
C THR A 114 22.25 45.31 29.16
N GLN A 115 22.26 44.01 29.48
CA GLN A 115 23.49 43.23 29.36
C GLN A 115 24.01 43.30 27.93
N SER A 116 25.31 43.48 27.78
CA SER A 116 25.92 43.79 26.48
C SER A 116 27.14 42.91 26.25
N LEU A 117 27.51 42.78 24.98
CA LEU A 117 28.62 41.92 24.57
C LEU A 117 29.72 42.78 23.96
N LEU A 118 30.96 42.48 24.34
CA LEU A 118 32.12 43.17 23.79
C LEU A 118 33.16 42.13 23.36
N ILE A 119 33.49 42.11 22.08
CA ILE A 119 34.47 41.16 21.54
C ILE A 119 35.63 41.97 20.99
N VAL A 120 36.70 42.09 21.78
CA VAL A 120 37.88 42.87 21.44
C VAL A 120 38.98 41.94 20.97
N ASN A 121 39.39 42.10 19.72
CA ASN A 121 40.52 41.36 19.15
C ASN A 121 41.78 42.22 19.33
N ASN A 122 42.14 42.42 20.59
CA ASN A 122 43.25 43.30 20.93
C ASN A 122 44.58 42.65 20.59
N ALA A 123 45.67 43.35 20.90
CA ALA A 123 46.99 42.82 20.60
C ALA A 123 47.23 41.58 21.43
N THR A 124 47.69 40.51 20.76
CA THR A 124 48.13 39.24 21.32
C THR A 124 46.98 38.44 21.91
N ASN A 125 45.75 38.94 21.88
CA ASN A 125 44.65 38.29 22.57
C ASN A 125 43.32 38.67 21.97
N VAL A 126 42.30 37.89 22.32
CA VAL A 126 40.90 38.21 22.08
C VAL A 126 40.17 38.07 23.40
N VAL A 127 39.51 39.13 23.84
CA VAL A 127 38.76 39.16 25.09
C VAL A 127 37.29 39.30 24.74
N ILE A 128 36.50 38.30 25.10
CA ILE A 128 35.07 38.34 24.90
C ILE A 128 34.43 38.46 26.27
N LYS A 129 33.71 39.56 26.48
CA LYS A 129 33.10 39.84 27.77
C LYS A 129 31.60 40.05 27.59
N VAL A 130 30.83 39.57 28.55
CA VAL A 130 29.41 39.88 28.64
C VAL A 130 29.22 40.48 30.01
N CYS A 131 29.15 41.81 30.06
CA CYS A 131 29.08 42.55 31.31
C CYS A 131 28.13 43.72 31.12
N GLU A 132 27.69 44.30 32.23
CA GLU A 132 26.99 45.57 32.18
C GLU A 132 28.00 46.69 31.97
N PHE A 133 28.11 47.18 30.74
CA PHE A 133 29.03 48.23 30.33
C PHE A 133 28.30 49.55 30.17
N GLN A 134 28.97 50.64 30.55
CA GLN A 134 28.55 52.00 30.22
C GLN A 134 29.40 52.52 29.06
N PHE A 135 28.91 52.28 27.85
CA PHE A 135 29.63 52.57 26.62
C PHE A 135 29.79 54.07 26.38
N CYS A 136 30.79 54.39 25.57
CA CYS A 136 30.98 55.72 25.02
C CYS A 136 29.83 56.03 24.05
N ASN A 137 29.52 57.31 23.89
CA ASN A 137 28.57 57.67 22.84
C ASN A 137 29.14 57.32 21.46
N ASP A 138 30.45 57.35 21.32
CA ASP A 138 31.15 56.91 20.11
C ASP A 138 32.31 56.01 20.51
N PRO A 139 32.05 54.75 20.86
CA PRO A 139 33.11 53.87 21.33
C PRO A 139 34.00 53.36 20.19
N PHE A 140 35.25 53.12 20.54
CA PHE A 140 36.24 52.57 19.61
C PHE A 140 37.51 52.26 20.41
N LEU A 141 38.54 51.83 19.70
CA LEU A 141 39.87 51.67 20.27
C LEU A 141 40.84 52.51 19.45
N GLY A 142 41.98 52.83 20.05
CA GLY A 142 42.93 53.67 19.37
C GLY A 142 44.36 53.20 19.50
N VAL A 143 44.97 53.00 18.33
CA VAL A 143 46.36 52.56 18.22
C VAL A 143 47.24 53.78 17.96
N TYR A 144 48.31 53.92 18.73
CA TYR A 144 49.25 55.02 18.60
C TYR A 144 50.64 54.45 18.35
N TYR A 145 51.28 54.92 17.28
CA TYR A 145 52.62 54.44 16.97
C TYR A 145 53.64 54.98 17.95
N HIS A 146 54.70 54.20 18.15
CA HIS A 146 55.88 54.63 18.89
C HIS A 146 57.11 54.47 18.02
N LYS A 147 57.97 55.49 18.02
CA LYS A 147 59.19 55.42 17.22
C LYS A 147 60.09 54.27 17.67
N ASN A 148 60.06 53.94 18.96
CA ASN A 148 60.90 52.85 19.47
C ASN A 148 60.48 51.50 18.89
N ASN A 149 59.18 51.22 18.82
CA ASN A 149 58.67 49.91 18.44
C ASN A 149 57.90 50.03 17.14
N LYS A 150 58.32 49.27 16.12
CA LYS A 150 57.64 49.30 14.83
C LYS A 150 56.19 48.85 14.97
N SER A 151 55.96 47.80 15.76
CA SER A 151 54.60 47.37 16.06
C SER A 151 53.90 48.48 16.83
N TRP A 152 52.69 48.84 16.40
CA TRP A 152 51.96 49.89 17.10
C TRP A 152 51.51 49.40 18.47
N MET A 153 51.53 50.31 19.44
CA MET A 153 51.12 50.01 20.80
C MET A 153 49.63 50.29 20.92
N GLU A 154 48.85 49.27 21.24
CA GLU A 154 47.45 49.48 21.53
C GLU A 154 47.38 50.33 22.79
N SER A 155 47.04 51.61 22.62
CA SER A 155 47.22 52.60 23.66
C SER A 155 45.88 53.09 24.21
N GLU A 156 44.95 53.45 23.33
CA GLU A 156 43.70 54.04 23.77
C GLU A 156 42.67 52.94 23.74
N PHE A 157 41.98 52.73 24.85
CA PHE A 157 40.96 51.69 24.96
C PHE A 157 39.73 52.39 25.50
N ARG A 158 38.93 52.99 24.62
CA ARG A 158 37.79 53.80 25.05
C ARG A 158 36.51 53.24 24.46
N VAL A 159 35.98 52.23 25.15
CA VAL A 159 34.79 51.51 24.73
C VAL A 159 33.70 51.56 25.79
N TYR A 160 34.08 51.45 27.07
CA TYR A 160 33.15 51.59 28.17
C TYR A 160 33.72 52.59 29.16
N SER A 161 32.84 53.39 29.77
CA SER A 161 33.24 54.26 30.86
C SER A 161 33.36 53.51 32.18
N SER A 162 32.57 52.46 32.35
CA SER A 162 32.60 51.63 33.55
C SER A 162 32.11 50.24 33.20
N ALA A 163 32.48 49.27 34.03
CA ALA A 163 32.06 47.89 33.82
C ALA A 163 31.79 47.22 35.16
N ASN A 164 30.67 46.50 35.24
CA ASN A 164 30.31 45.75 36.43
C ASN A 164 29.42 44.57 36.05
N ASN A 165 29.29 43.63 36.99
CA ASN A 165 28.54 42.39 36.81
C ASN A 165 29.03 41.57 35.62
N CYS A 166 30.34 41.41 35.53
CA CYS A 166 30.92 40.63 34.44
C CYS A 166 30.64 39.14 34.59
N THR A 167 30.22 38.51 33.49
CA THR A 167 30.05 37.07 33.48
C THR A 167 30.56 36.53 32.14
N PHE A 168 30.99 35.27 32.16
CA PHE A 168 31.52 34.59 30.98
C PHE A 168 32.63 35.44 30.35
N GLU A 169 33.68 35.67 31.13
CA GLU A 169 34.88 36.36 30.65
C GLU A 169 35.78 35.35 29.94
N TYR A 170 35.71 35.34 28.61
CA TYR A 170 36.36 34.31 27.80
C TYR A 170 37.58 34.87 27.10
N VAL A 171 38.69 34.15 27.24
CA VAL A 171 39.97 34.49 26.63
C VAL A 171 40.48 33.24 25.92
N SER A 172 40.88 33.39 24.66
CA SER A 172 41.40 32.27 23.89
C SER A 172 42.51 32.80 22.99
N GLN A 173 42.98 31.95 22.08
CA GLN A 173 43.90 32.42 21.06
C GLN A 173 43.19 33.46 20.20
N PRO A 174 43.86 34.55 19.82
CA PRO A 174 43.21 35.56 19.00
C PRO A 174 42.76 35.04 17.64
N PHE A 175 41.65 35.57 17.16
CA PHE A 175 41.21 35.26 15.80
C PHE A 175 42.34 35.57 14.83
N LEU A 176 42.84 34.51 14.18
CA LEU A 176 44.11 34.57 13.47
C LEU A 176 44.12 35.66 12.41
N MET A 177 45.24 36.37 12.30
CA MET A 177 45.42 37.37 11.26
C MET A 177 46.21 36.72 10.14
N ASP A 178 45.72 36.86 8.91
CA ASP A 178 46.31 36.16 7.77
C ASP A 178 47.61 36.84 7.35
N ASN A 185 51.05 41.51 -1.94
CA ASN A 185 50.36 41.44 -3.22
C ASN A 185 48.90 41.02 -3.03
N PHE A 186 48.55 40.69 -1.79
CA PHE A 186 47.23 40.17 -1.44
C PHE A 186 46.67 40.99 -0.29
N LYS A 187 45.35 41.20 -0.28
CA LYS A 187 44.67 41.69 0.92
C LYS A 187 43.97 40.52 1.60
N ASN A 188 44.09 40.47 2.92
CA ASN A 188 43.55 39.35 3.67
C ASN A 188 42.07 39.59 3.93
N LEU A 189 41.22 39.22 2.97
CA LEU A 189 39.78 39.32 3.18
C LEU A 189 39.33 38.38 4.30
N ARG A 190 38.88 38.93 5.42
CA ARG A 190 38.37 38.12 6.53
C ARG A 190 36.84 38.19 6.54
N GLU A 191 36.20 37.03 6.57
CA GLU A 191 34.74 36.93 6.63
C GLU A 191 34.30 36.30 7.94
N PHE A 192 33.30 36.91 8.58
CA PHE A 192 32.75 36.41 9.83
C PHE A 192 31.24 36.38 9.71
N VAL A 193 30.65 35.45 10.46
CA VAL A 193 29.21 35.32 10.60
C VAL A 193 28.91 35.22 12.07
N PHE A 194 28.02 36.08 12.55
CA PHE A 194 27.64 36.15 13.95
C PHE A 194 26.19 35.73 14.07
N LYS A 195 25.93 34.73 14.92
CA LYS A 195 24.59 34.20 15.12
C LYS A 195 24.33 34.07 16.61
N ASN A 196 23.05 34.14 16.98
CA ASN A 196 22.65 34.00 18.39
C ASN A 196 21.38 33.13 18.43
N ILE A 197 21.56 31.84 18.66
CA ILE A 197 20.44 30.89 18.65
C ILE A 197 20.33 30.28 20.05
N ASP A 198 19.20 30.51 20.70
CA ASP A 198 18.86 29.86 21.97
C ASP A 198 19.96 30.03 23.01
N GLY A 199 20.51 31.24 23.09
CA GLY A 199 21.53 31.53 24.07
C GLY A 199 22.94 31.11 23.68
N TYR A 200 23.14 30.57 22.48
CA TYR A 200 24.47 30.26 21.98
C TYR A 200 24.84 31.25 20.88
N PHE A 201 25.95 31.96 21.08
CA PHE A 201 26.43 32.94 20.15
C PHE A 201 27.54 32.28 19.32
N LYS A 202 27.23 31.98 18.06
CA LYS A 202 28.11 31.23 17.18
C LYS A 202 28.90 32.20 16.32
N ILE A 203 30.22 31.99 16.26
CA ILE A 203 31.13 32.83 15.48
C ILE A 203 31.75 31.97 14.40
N TYR A 204 31.58 32.38 13.14
CA TYR A 204 32.17 31.70 12.01
C TYR A 204 33.12 32.66 11.30
N SER A 205 34.17 32.12 10.68
CA SER A 205 35.11 32.98 9.98
C SER A 205 35.87 32.18 8.94
N LYS A 206 36.43 32.91 7.98
CA LYS A 206 37.41 32.38 7.06
C LYS A 206 38.23 33.52 6.47
N HIS A 207 39.53 33.28 6.33
CA HIS A 207 40.46 34.28 5.81
C HIS A 207 40.94 33.83 4.44
N THR A 208 41.02 34.77 3.50
CA THR A 208 41.47 34.43 2.18
C THR A 208 42.28 35.58 1.61
N PRO A 209 43.48 35.32 1.10
CA PRO A 209 44.19 36.38 0.36
C PRO A 209 43.47 36.65 -0.95
N ILE A 210 43.29 37.93 -1.24
CA ILE A 210 42.52 38.39 -2.39
C ILE A 210 43.29 39.50 -3.09
N ASN A 211 42.92 39.74 -4.34
CA ASN A 211 43.56 40.78 -5.13
C ASN A 211 42.63 41.98 -5.28
N LEU A 212 41.37 41.73 -5.69
CA LEU A 212 40.34 42.73 -5.93
C LEU A 212 40.58 43.82 -4.88
N VAL A 213 40.51 45.10 -5.23
CA VAL A 213 40.91 46.10 -4.25
C VAL A 213 39.82 46.40 -3.22
N ARG A 214 38.56 46.43 -3.62
CA ARG A 214 37.53 46.83 -2.66
C ARG A 214 36.47 45.79 -2.35
N ASP A 215 36.16 44.87 -3.27
CA ASP A 215 35.02 43.97 -3.10
C ASP A 215 35.41 42.51 -3.26
N LEU A 216 34.47 41.67 -2.84
CA LEU A 216 34.58 40.23 -2.92
C LEU A 216 35.05 39.77 -4.29
N PRO A 217 36.06 38.91 -4.36
CA PRO A 217 36.51 38.35 -5.64
C PRO A 217 35.52 37.29 -6.09
N GLN A 218 35.38 37.15 -7.40
CA GLN A 218 34.49 36.10 -7.89
C GLN A 218 35.07 34.75 -7.47
N GLY A 219 34.29 34.00 -6.72
CA GLY A 219 34.73 32.75 -6.14
C GLY A 219 33.80 32.37 -5.02
N PHE A 220 34.11 31.23 -4.40
CA PHE A 220 33.23 30.68 -3.39
C PHE A 220 34.07 30.01 -2.32
N SER A 221 33.66 30.17 -1.07
CA SER A 221 34.30 29.46 0.03
C SER A 221 33.36 29.43 1.21
N ALA A 222 33.63 28.51 2.14
CA ALA A 222 32.76 28.28 3.29
C ALA A 222 33.53 28.63 4.55
N LEU A 223 32.80 29.12 5.55
CA LEU A 223 33.42 29.56 6.79
C LEU A 223 33.35 28.48 7.85
N GLU A 224 34.44 28.32 8.59
CA GLU A 224 34.51 27.24 9.56
C GLU A 224 33.80 27.66 10.84
N PRO A 225 33.41 26.72 11.69
CA PRO A 225 32.58 27.05 12.85
C PRO A 225 33.36 27.68 13.99
N LEU A 226 34.67 27.41 14.08
CA LEU A 226 35.48 27.94 15.17
C LEU A 226 34.82 27.66 16.51
N VAL A 227 34.14 28.66 17.07
CA VAL A 227 33.65 28.56 18.44
C VAL A 227 32.18 28.97 18.47
N ASP A 228 31.48 28.44 19.47
CA ASP A 228 30.06 28.68 19.72
C ASP A 228 29.92 28.98 21.21
N LEU A 229 30.02 30.26 21.55
CA LEU A 229 30.10 30.66 22.94
C LEU A 229 28.73 30.50 23.61
N PRO A 230 28.69 30.06 24.85
CA PRO A 230 27.42 30.03 25.60
C PRO A 230 27.10 31.37 26.23
N ILE A 231 26.56 32.28 25.42
CA ILE A 231 26.28 33.65 25.83
C ILE A 231 24.76 33.81 25.83
N GLY A 232 24.17 33.89 27.02
CA GLY A 232 22.73 33.85 27.19
C GLY A 232 22.03 35.18 27.26
N ILE A 233 22.24 36.07 26.29
CA ILE A 233 21.58 37.37 26.28
C ILE A 233 20.95 37.59 24.91
N ASN A 234 20.21 38.69 24.80
CA ASN A 234 19.58 39.10 23.56
C ASN A 234 20.39 40.19 22.88
N ILE A 235 20.45 40.15 21.55
CA ILE A 235 21.12 41.16 20.75
C ILE A 235 20.16 41.61 19.65
N THR A 236 20.02 42.92 19.48
CA THR A 236 19.27 43.47 18.36
C THR A 236 19.96 44.63 17.67
N ARG A 237 21.00 45.21 18.27
CA ARG A 237 21.72 46.35 17.69
C ARG A 237 23.20 46.06 17.88
N PHE A 238 24.04 46.65 17.02
CA PHE A 238 25.47 46.38 17.18
C PHE A 238 26.30 47.49 16.54
N GLN A 239 27.60 47.42 16.83
CA GLN A 239 28.58 48.43 16.49
C GLN A 239 29.90 47.75 16.17
N THR A 240 30.71 48.45 15.39
CA THR A 240 32.03 47.99 14.97
C THR A 240 33.11 48.85 15.62
N LEU A 241 34.04 48.22 16.34
CA LEU A 241 35.20 48.95 16.83
C LEU A 241 36.19 49.11 15.70
N LEU A 242 36.79 50.29 15.60
CA LEU A 242 37.70 50.58 14.51
C LEU A 242 38.97 51.19 15.07
N ALA A 243 40.04 51.08 14.29
CA ALA A 243 41.30 51.74 14.61
C ALA A 243 41.36 53.12 13.97
N LEU A 244 41.88 54.08 14.72
CA LEU A 244 41.92 55.47 14.29
C LEU A 244 43.38 55.88 14.31
N HIS A 245 43.84 56.51 13.22
CA HIS A 245 45.24 56.90 13.13
C HIS A 245 45.42 58.30 13.72
N ARG A 246 46.25 58.40 14.75
CA ARG A 246 46.55 59.68 15.39
C ARG A 246 47.97 60.05 15.01
N SER A 247 48.12 61.06 14.17
CA SER A 247 49.42 61.44 13.63
C SER A 247 50.10 62.49 14.51
N GLY A 257 40.76 65.31 18.13
CA GLY A 257 41.85 64.37 17.88
C GLY A 257 41.94 63.91 16.44
N TRP A 258 43.13 63.49 16.04
CA TRP A 258 43.36 63.04 14.67
C TRP A 258 42.74 61.67 14.44
N THR A 259 42.17 61.48 13.25
CA THR A 259 41.46 60.25 12.90
C THR A 259 41.80 59.85 11.47
N ALA A 260 41.65 58.56 11.20
CA ALA A 260 41.86 57.96 9.88
C ALA A 260 41.32 56.53 9.95
N GLY A 261 41.51 55.79 8.86
CA GLY A 261 40.99 54.43 8.81
C GLY A 261 41.43 53.60 7.63
N ALA A 262 40.67 53.70 6.52
CA ALA A 262 40.84 52.95 5.27
C ALA A 262 40.15 51.60 5.33
N ALA A 263 40.49 50.71 4.39
CA ALA A 263 39.89 49.40 4.24
C ALA A 263 38.38 49.53 4.15
N ALA A 264 37.60 48.50 4.50
CA ALA A 264 36.17 48.60 4.32
C ALA A 264 35.47 47.40 4.96
N TYR A 265 34.30 47.64 5.53
CA TYR A 265 33.50 46.62 6.20
C TYR A 265 32.08 46.44 5.68
N TYR A 266 31.79 45.26 5.10
CA TYR A 266 30.48 44.97 4.53
C TYR A 266 29.62 44.25 5.57
N VAL A 267 28.32 44.53 5.52
CA VAL A 267 27.34 43.97 6.43
C VAL A 267 26.16 43.46 5.62
N GLY A 268 25.72 42.24 5.93
CA GLY A 268 24.51 41.69 5.35
C GLY A 268 23.68 41.04 6.43
N TYR A 269 22.39 40.88 6.14
CA TYR A 269 21.42 40.44 7.12
C TYR A 269 20.92 39.05 6.74
N LEU A 270 21.10 38.08 7.64
CA LEU A 270 20.67 36.72 7.40
C LEU A 270 19.15 36.58 7.49
N GLN A 271 18.61 35.69 6.67
CA GLN A 271 17.20 35.37 6.66
C GLN A 271 17.04 33.85 6.64
N PRO A 272 15.88 33.34 7.08
CA PRO A 272 15.61 31.90 6.91
C PRO A 272 15.58 31.51 5.45
N ARG A 273 16.27 30.42 5.13
CA ARG A 273 16.45 29.96 3.76
C ARG A 273 16.69 28.46 3.77
N THR A 274 16.56 27.86 2.59
CA THR A 274 16.94 26.48 2.38
C THR A 274 18.08 26.45 1.37
N PHE A 275 19.12 25.70 1.68
CA PHE A 275 20.33 25.67 0.87
C PHE A 275 20.71 24.24 0.53
N LEU A 276 21.12 24.02 -0.72
CA LEU A 276 21.64 22.72 -1.14
C LEU A 276 23.15 22.84 -1.29
N LEU A 277 23.88 22.00 -0.57
CA LEU A 277 25.34 22.09 -0.50
C LEU A 277 25.97 20.80 -1.02
N LYS A 278 27.03 20.91 -1.83
CA LYS A 278 27.65 19.71 -2.37
C LYS A 278 28.98 19.52 -1.62
N TYR A 279 28.99 18.58 -0.68
CA TYR A 279 30.21 18.27 0.05
C TYR A 279 31.06 17.36 -0.81
N ASN A 280 32.31 17.75 -1.05
CA ASN A 280 33.22 17.01 -1.92
C ASN A 280 33.80 15.80 -1.20
N GLU A 281 34.82 15.19 -1.81
CA GLU A 281 35.50 14.05 -1.21
C GLU A 281 36.29 14.45 0.03
N ASN A 282 36.80 15.68 0.08
CA ASN A 282 37.58 16.13 1.21
C ASN A 282 36.74 16.72 2.33
N GLY A 283 35.41 16.75 2.16
CA GLY A 283 34.54 17.30 3.17
C GLY A 283 34.45 18.80 3.20
N THR A 284 34.99 19.47 2.18
CA THR A 284 34.92 20.92 2.09
C THR A 284 33.79 21.35 1.17
N ILE A 285 32.93 22.24 1.66
CA ILE A 285 31.81 22.73 0.87
C ILE A 285 32.37 23.47 -0.34
N THR A 286 32.03 23.00 -1.54
CA THR A 286 32.56 23.64 -2.74
C THR A 286 31.53 24.49 -3.46
N ASP A 287 30.24 24.24 -3.25
CA ASP A 287 29.16 24.97 -3.89
C ASP A 287 27.87 24.79 -3.09
N ALA A 288 27.00 25.79 -3.24
CA ALA A 288 25.71 25.81 -2.57
C ALA A 288 24.73 26.53 -3.47
N VAL A 289 23.45 26.26 -3.24
CA VAL A 289 22.35 26.82 -4.01
C VAL A 289 21.30 27.31 -3.04
N ASP A 290 20.88 28.57 -3.20
CA ASP A 290 19.79 29.13 -2.42
C ASP A 290 18.47 28.70 -3.08
N CYS A 291 17.64 28.01 -2.31
CA CYS A 291 16.44 27.40 -2.88
C CYS A 291 15.38 28.42 -3.28
N ALA A 292 15.54 29.70 -2.90
CA ALA A 292 14.56 30.72 -3.20
C ALA A 292 15.14 31.86 -4.04
N LEU A 293 16.34 31.69 -4.59
CA LEU A 293 16.95 32.77 -5.36
C LEU A 293 16.18 33.04 -6.64
N ASP A 294 15.92 32.01 -7.42
CA ASP A 294 15.18 32.13 -8.67
C ASP A 294 14.62 30.77 -9.04
N PRO A 295 13.69 30.69 -10.00
CA PRO A 295 13.11 29.40 -10.36
C PRO A 295 14.12 28.31 -10.72
N LEU A 296 15.23 28.67 -11.38
CA LEU A 296 16.25 27.67 -11.69
C LEU A 296 16.85 27.09 -10.42
N SER A 297 17.17 27.95 -9.45
CA SER A 297 17.73 27.46 -8.20
C SER A 297 16.71 26.64 -7.43
N GLU A 298 15.44 27.04 -7.47
CA GLU A 298 14.42 26.25 -6.80
C GLU A 298 14.29 24.88 -7.45
N THR A 299 14.45 24.82 -8.78
CA THR A 299 14.38 23.54 -9.48
C THR A 299 15.52 22.66 -9.01
N LYS A 300 16.74 23.21 -8.99
CA LYS A 300 17.88 22.41 -8.59
C LYS A 300 17.68 21.93 -7.15
N CYS A 301 17.11 22.79 -6.31
CA CYS A 301 16.85 22.43 -4.92
C CYS A 301 15.83 21.32 -4.82
N THR A 302 14.92 21.24 -5.79
CA THR A 302 13.89 20.21 -5.72
C THR A 302 14.41 18.87 -6.23
N LEU A 303 15.18 18.90 -7.31
CA LEU A 303 15.72 17.66 -7.86
C LEU A 303 16.91 17.13 -7.07
N LYS A 304 17.41 17.91 -6.10
CA LYS A 304 18.59 17.53 -5.31
C LYS A 304 19.79 17.24 -6.20
N SER A 305 19.90 18.00 -7.29
CA SER A 305 20.98 17.84 -8.26
C SER A 305 21.33 19.21 -8.80
N PHE A 306 22.30 19.26 -9.72
CA PHE A 306 22.74 20.51 -10.28
C PHE A 306 22.46 20.64 -11.77
N THR A 307 22.67 19.58 -12.55
CA THR A 307 22.45 19.62 -13.97
C THR A 307 21.03 19.12 -14.25
N VAL A 308 20.19 19.97 -14.80
CA VAL A 308 18.81 19.63 -15.09
C VAL A 308 18.67 19.35 -16.58
N GLU A 309 18.00 18.25 -16.90
CA GLU A 309 17.77 17.89 -18.29
C GLU A 309 16.76 18.84 -18.94
N LYS A 310 16.73 18.81 -20.27
CA LYS A 310 15.72 19.56 -21.01
C LYS A 310 14.33 19.15 -20.55
N GLY A 311 13.45 20.12 -20.34
CA GLY A 311 12.08 19.76 -20.09
C GLY A 311 11.47 20.48 -18.91
N ILE A 312 10.18 20.17 -18.71
CA ILE A 312 9.35 20.76 -17.66
C ILE A 312 9.57 20.00 -16.37
N TYR A 313 9.52 20.72 -15.25
CA TYR A 313 9.54 20.11 -13.93
C TYR A 313 8.50 20.82 -13.07
N GLN A 314 7.95 20.12 -12.09
CA GLN A 314 7.01 20.71 -11.15
C GLN A 314 7.73 20.98 -9.86
N THR A 315 7.70 22.23 -9.38
CA THR A 315 8.57 22.63 -8.28
C THR A 315 7.80 22.88 -6.99
N SER A 316 6.82 23.76 -7.00
CA SER A 316 6.13 24.13 -5.78
C SER A 316 4.69 24.47 -6.13
N ASN A 317 4.00 25.16 -5.21
CA ASN A 317 2.59 25.46 -5.36
C ASN A 317 2.38 26.96 -5.33
N PHE A 318 1.81 27.51 -6.41
CA PHE A 318 1.41 28.91 -6.44
C PHE A 318 0.06 29.02 -5.75
N ARG A 319 0.07 29.48 -4.51
CA ARG A 319 -1.14 29.63 -3.71
C ARG A 319 -1.25 31.09 -3.31
N VAL A 320 -2.29 31.77 -3.81
CA VAL A 320 -2.49 33.15 -3.44
C VAL A 320 -2.76 33.25 -1.94
N GLN A 321 -2.48 34.36 -1.41
CA GLN A 321 -2.60 34.52 0.02
C GLN A 321 -3.86 35.30 0.37
N PRO A 322 -4.43 35.05 1.55
CA PRO A 322 -5.63 35.80 1.95
C PRO A 322 -5.26 37.26 2.20
N THR A 323 -5.97 38.15 1.52
CA THR A 323 -5.70 39.58 1.67
C THR A 323 -5.96 40.04 3.09
N GLU A 324 -7.05 39.55 3.70
CA GLU A 324 -7.35 39.85 5.09
C GLU A 324 -8.18 38.71 5.65
N SER A 325 -8.46 38.79 6.94
CA SER A 325 -9.31 37.82 7.60
C SER A 325 -10.55 38.52 8.13
N ILE A 326 -11.72 37.97 7.84
CA ILE A 326 -12.99 38.52 8.31
C ILE A 326 -13.56 37.52 9.32
N VAL A 327 -13.80 37.99 10.53
CA VAL A 327 -14.47 37.20 11.56
C VAL A 327 -15.86 37.76 11.73
N ARG A 328 -16.88 36.94 11.50
CA ARG A 328 -18.26 37.35 11.54
C ARG A 328 -18.96 36.55 12.61
N PHE A 329 -19.78 37.24 13.39
CA PHE A 329 -20.48 36.73 14.54
C PHE A 329 -21.95 37.05 14.39
N PRO A 330 -22.84 36.16 14.83
CA PRO A 330 -24.26 36.38 14.58
C PRO A 330 -24.79 37.67 15.16
N ASN A 331 -25.82 38.19 14.47
CA ASN A 331 -26.43 39.48 14.78
C ASN A 331 -26.83 39.54 16.25
N ILE A 332 -26.63 40.71 16.86
CA ILE A 332 -26.94 40.88 18.27
C ILE A 332 -28.42 40.57 18.47
N THR A 333 -28.71 39.74 19.47
CA THR A 333 -30.06 39.32 19.79
C THR A 333 -30.42 39.87 21.17
N ASN A 334 -31.54 39.40 21.72
CA ASN A 334 -31.98 39.89 23.02
C ASN A 334 -30.86 39.70 24.05
N LEU A 335 -30.66 40.72 24.88
CA LEU A 335 -29.61 40.68 25.87
C LEU A 335 -30.11 40.06 27.16
N CYS A 336 -29.17 39.64 27.99
CA CYS A 336 -29.52 39.17 29.32
C CYS A 336 -29.87 40.40 30.16
N PRO A 337 -31.08 40.48 30.71
CA PRO A 337 -31.50 41.73 31.35
C PRO A 337 -30.78 41.99 32.67
N PHE A 338 -29.52 42.41 32.60
CA PHE A 338 -28.81 42.78 33.82
C PHE A 338 -28.99 44.24 34.20
N GLY A 339 -29.59 45.05 33.32
CA GLY A 339 -29.92 46.41 33.68
C GLY A 339 -31.14 46.56 34.54
N GLU A 340 -31.91 45.47 34.71
CA GLU A 340 -33.07 45.46 35.57
C GLU A 340 -32.80 44.82 36.93
N VAL A 341 -31.57 44.35 37.18
CA VAL A 341 -31.20 43.79 38.47
C VAL A 341 -30.16 44.64 39.17
N PHE A 342 -29.21 45.21 38.43
CA PHE A 342 -28.26 46.14 39.03
C PHE A 342 -28.91 47.48 39.35
N ASN A 343 -29.84 47.92 38.51
CA ASN A 343 -30.56 49.18 38.68
C ASN A 343 -31.95 48.98 39.27
N ALA A 344 -32.22 47.83 39.87
CA ALA A 344 -33.53 47.57 40.45
C ALA A 344 -33.81 48.53 41.60
N THR A 345 -35.08 48.95 41.71
CA THR A 345 -35.45 49.93 42.73
C THR A 345 -35.31 49.36 44.13
N ARG A 346 -35.72 48.11 44.34
CA ARG A 346 -35.71 47.50 45.66
C ARG A 346 -34.85 46.24 45.64
N PHE A 347 -34.19 45.97 46.76
CA PHE A 347 -33.40 44.77 46.94
C PHE A 347 -33.94 43.96 48.12
N ALA A 348 -34.04 42.65 47.91
CA ALA A 348 -34.63 41.76 48.90
C ALA A 348 -33.69 41.59 50.09
N SER A 349 -34.24 41.11 51.20
CA SER A 349 -33.43 40.89 52.39
C SER A 349 -32.47 39.74 52.18
N VAL A 350 -31.29 39.84 52.82
CA VAL A 350 -30.24 38.87 52.63
C VAL A 350 -30.64 37.48 53.13
N TYR A 351 -31.58 37.39 54.07
CA TYR A 351 -32.03 36.09 54.52
C TYR A 351 -32.94 35.42 53.50
N ALA A 352 -33.49 36.21 52.57
CA ALA A 352 -34.36 35.74 51.49
C ALA A 352 -33.81 36.25 50.17
N TRP A 353 -32.51 36.04 49.98
CA TRP A 353 -31.79 36.52 48.81
C TRP A 353 -32.41 36.01 47.52
N ASN A 354 -32.50 36.89 46.53
CA ASN A 354 -33.04 36.52 45.24
C ASN A 354 -31.95 35.92 44.37
N ARG A 355 -32.29 34.82 43.71
CA ARG A 355 -31.36 34.08 42.85
C ARG A 355 -32.10 33.84 41.54
N LYS A 356 -31.82 34.66 40.53
CA LYS A 356 -32.55 34.62 39.28
C LYS A 356 -31.78 33.81 38.24
N ARG A 357 -32.50 32.96 37.53
CA ARG A 357 -31.92 32.16 36.46
C ARG A 357 -31.83 33.01 35.20
N ILE A 358 -30.65 33.06 34.60
CA ILE A 358 -30.42 33.76 33.35
C ILE A 358 -29.89 32.73 32.35
N SER A 359 -30.53 32.69 31.18
CA SER A 359 -30.26 31.73 30.13
C SER A 359 -30.89 32.24 28.84
N ASN A 360 -30.52 31.60 27.72
CA ASN A 360 -31.11 31.89 26.41
C ASN A 360 -30.93 33.36 26.03
N CYS A 361 -29.77 33.91 26.36
CA CYS A 361 -29.46 35.29 26.00
C CYS A 361 -27.95 35.45 25.90
N VAL A 362 -27.54 36.45 25.12
CA VAL A 362 -26.12 36.76 25.00
C VAL A 362 -25.69 37.60 26.20
N ALA A 363 -24.61 37.18 26.86
CA ALA A 363 -24.12 37.81 28.07
C ALA A 363 -23.01 38.78 27.71
N ASP A 364 -23.33 40.08 27.69
CA ASP A 364 -22.33 41.11 27.40
C ASP A 364 -21.81 41.71 28.71
N TYR A 365 -20.85 41.01 29.30
CA TYR A 365 -20.24 41.49 30.54
C TYR A 365 -19.28 42.63 30.32
N SER A 366 -18.98 42.98 29.06
CA SER A 366 -18.00 44.02 28.79
C SER A 366 -18.45 45.36 29.36
N VAL A 367 -19.72 45.72 29.15
CA VAL A 367 -20.21 47.01 29.62
C VAL A 367 -20.19 47.08 31.14
N LEU A 368 -20.65 46.02 31.82
CA LEU A 368 -20.70 46.04 33.27
C LEU A 368 -19.29 46.02 33.88
N TYR A 369 -18.34 45.36 33.23
CA TYR A 369 -16.97 45.39 33.70
C TYR A 369 -16.33 46.75 33.46
N ASN A 370 -16.67 47.39 32.33
CA ASN A 370 -16.11 48.70 32.02
C ASN A 370 -16.65 49.79 32.93
N SER A 371 -17.91 49.68 33.34
CA SER A 371 -18.48 50.65 34.25
C SER A 371 -17.73 50.64 35.58
N ALA A 372 -17.32 51.82 36.02
CA ALA A 372 -16.50 51.97 37.22
C ALA A 372 -17.30 52.23 38.48
N SER A 373 -18.64 52.28 38.39
CA SER A 373 -19.44 52.51 39.58
C SER A 373 -19.32 51.38 40.59
N PHE A 374 -18.94 50.18 40.15
CA PHE A 374 -18.83 49.06 41.07
C PHE A 374 -17.61 49.22 41.97
N SER A 375 -17.75 48.82 43.23
CA SER A 375 -16.62 48.92 44.15
C SER A 375 -15.50 47.97 43.74
N THR A 376 -15.83 46.70 43.52
CA THR A 376 -14.82 45.72 43.14
C THR A 376 -15.35 44.82 42.03
N PHE A 377 -14.50 43.88 41.61
CA PHE A 377 -14.85 42.93 40.56
C PHE A 377 -13.93 41.72 40.77
N LYS A 378 -14.45 40.67 41.40
CA LYS A 378 -13.62 39.55 41.84
C LYS A 378 -14.18 38.26 41.23
N CYS A 379 -13.65 37.87 40.09
CA CYS A 379 -14.03 36.64 39.42
C CYS A 379 -12.96 35.58 39.64
N TYR A 380 -13.40 34.36 39.95
CA TYR A 380 -12.54 33.24 40.30
C TYR A 380 -12.31 32.31 39.11
N GLY A 381 -11.13 31.72 39.07
CA GLY A 381 -10.83 30.73 38.05
C GLY A 381 -10.59 31.36 36.70
N VAL A 382 -11.60 32.00 36.14
CA VAL A 382 -11.49 32.68 34.85
C VAL A 382 -11.38 34.18 35.11
N SER A 383 -10.32 34.79 34.58
CA SER A 383 -10.17 36.22 34.71
C SER A 383 -11.22 36.95 33.88
N PRO A 384 -11.62 38.15 34.31
CA PRO A 384 -12.61 38.91 33.53
C PRO A 384 -12.18 39.23 32.12
N THR A 385 -10.88 39.30 31.84
CA THR A 385 -10.44 39.64 30.49
C THR A 385 -10.66 38.50 29.50
N LYS A 386 -10.89 37.27 29.97
CA LYS A 386 -10.99 36.13 29.07
C LYS A 386 -12.29 35.36 29.24
N LEU A 387 -13.34 36.01 29.74
CA LEU A 387 -14.66 35.38 29.81
C LEU A 387 -15.52 35.66 28.60
N ASN A 388 -15.02 36.44 27.63
CA ASN A 388 -15.79 36.72 26.42
C ASN A 388 -16.03 35.46 25.61
N ASP A 389 -14.99 34.65 25.40
CA ASP A 389 -15.12 33.37 24.73
C ASP A 389 -15.73 32.31 25.62
N LEU A 390 -15.76 32.54 26.93
CA LEU A 390 -16.33 31.58 27.85
C LEU A 390 -17.84 31.52 27.65
N CYS A 391 -18.38 30.30 27.55
CA CYS A 391 -19.80 30.06 27.35
C CYS A 391 -20.32 29.19 28.49
N PHE A 392 -21.51 29.51 28.98
CA PHE A 392 -22.06 28.84 30.15
C PHE A 392 -23.47 28.36 29.90
N THR A 393 -23.86 27.35 30.69
CA THR A 393 -25.11 26.61 30.48
C THR A 393 -26.27 27.17 31.29
N ASN A 394 -25.99 27.91 32.36
CA ASN A 394 -26.96 28.69 33.12
C ASN A 394 -26.17 29.62 34.01
N VAL A 395 -26.78 30.73 34.41
CA VAL A 395 -26.16 31.57 35.43
C VAL A 395 -27.22 31.97 36.45
N TYR A 396 -26.87 31.88 37.73
CA TYR A 396 -27.73 32.31 38.81
C TYR A 396 -27.19 33.60 39.39
N ALA A 397 -27.98 34.66 39.26
CA ALA A 397 -27.61 35.98 39.77
C ALA A 397 -28.25 36.12 41.14
N ASP A 398 -27.41 36.11 42.18
CA ASP A 398 -27.86 36.28 43.56
C ASP A 398 -27.61 37.73 43.97
N SER A 399 -28.66 38.44 44.35
CA SER A 399 -28.53 39.86 44.66
C SER A 399 -28.94 40.11 46.10
N PHE A 400 -28.09 40.82 46.83
CA PHE A 400 -28.40 41.15 48.23
C PHE A 400 -27.57 42.36 48.64
N VAL A 401 -27.71 42.75 49.90
CA VAL A 401 -26.97 43.87 50.48
C VAL A 401 -26.31 43.38 51.77
N ILE A 402 -25.02 43.65 51.90
CA ILE A 402 -24.23 43.28 53.08
C ILE A 402 -23.41 44.47 53.52
N ARG A 403 -22.53 44.26 54.49
CA ARG A 403 -21.55 45.26 54.88
C ARG A 403 -20.21 44.98 54.22
N GLY A 404 -19.36 46.02 54.19
CA GLY A 404 -18.04 45.87 53.58
C GLY A 404 -17.18 44.86 54.31
N ASP A 405 -17.30 44.80 55.64
CA ASP A 405 -16.55 43.83 56.43
C ASP A 405 -17.09 42.41 56.26
N GLU A 406 -18.31 42.27 55.73
CA GLU A 406 -18.89 40.96 55.49
C GLU A 406 -18.49 40.35 54.15
N VAL A 407 -17.83 41.12 53.28
CA VAL A 407 -17.37 40.58 52.00
C VAL A 407 -16.39 39.43 52.23
N ARG A 408 -15.55 39.57 53.27
CA ARG A 408 -14.60 38.52 53.64
C ARG A 408 -15.31 37.25 54.10
N GLN A 409 -16.63 37.27 54.25
CA GLN A 409 -17.42 36.09 54.55
C GLN A 409 -17.78 35.29 53.31
N ILE A 410 -17.36 35.74 52.12
CA ILE A 410 -17.63 35.03 50.88
C ILE A 410 -16.40 34.17 50.59
N ALA A 411 -16.47 32.90 50.98
CA ALA A 411 -15.39 31.95 50.77
C ALA A 411 -15.97 30.55 50.72
N PRO A 412 -15.32 29.61 50.05
CA PRO A 412 -15.84 28.24 49.98
C PRO A 412 -15.89 27.59 51.36
N GLY A 413 -17.10 27.30 51.84
CA GLY A 413 -17.24 26.79 53.19
C GLY A 413 -16.79 27.77 54.25
N GLN A 414 -17.16 29.05 54.11
CA GLN A 414 -16.72 30.08 55.03
C GLN A 414 -17.31 29.86 56.41
N THR A 415 -16.55 30.27 57.42
CA THR A 415 -16.93 30.11 58.83
C THR A 415 -17.47 31.41 59.41
N GLY A 416 -18.45 31.27 60.30
CA GLY A 416 -19.12 32.40 60.92
C GLY A 416 -20.60 32.17 61.13
N LYS A 417 -21.23 33.03 61.94
CA LYS A 417 -22.66 32.89 62.21
C LYS A 417 -23.48 33.07 60.94
N ILE A 418 -23.24 34.15 60.21
CA ILE A 418 -23.97 34.40 58.97
C ILE A 418 -23.69 33.31 57.96
N ALA A 419 -22.41 33.01 57.73
CA ALA A 419 -22.02 32.03 56.74
C ALA A 419 -22.42 30.60 57.12
N ASP A 420 -22.82 30.37 58.37
CA ASP A 420 -23.21 29.04 58.81
C ASP A 420 -24.72 28.85 58.86
N TYR A 421 -25.44 29.73 59.56
CA TYR A 421 -26.88 29.60 59.68
C TYR A 421 -27.64 30.37 58.60
N ASN A 422 -26.93 30.99 57.66
CA ASN A 422 -27.53 31.79 56.59
C ASN A 422 -26.97 31.31 55.26
N TYR A 423 -27.19 32.09 54.19
CA TYR A 423 -26.65 31.72 52.90
C TYR A 423 -25.17 31.41 52.99
N LYS A 424 -24.82 30.16 52.68
CA LYS A 424 -23.45 29.67 52.76
C LYS A 424 -22.91 29.34 51.38
N LEU A 425 -21.70 29.80 51.10
CA LEU A 425 -21.06 29.54 49.82
C LEU A 425 -20.51 28.13 49.83
N PRO A 426 -20.86 27.29 48.86
CA PRO A 426 -20.39 25.89 48.89
C PRO A 426 -18.87 25.80 48.81
N ASP A 427 -18.35 24.74 49.41
CA ASP A 427 -16.90 24.52 49.48
C ASP A 427 -16.28 24.24 48.12
N ASP A 428 -17.10 23.99 47.10
CA ASP A 428 -16.60 23.76 45.75
C ASP A 428 -16.12 25.08 45.15
N PHE A 429 -15.77 25.05 43.87
CA PHE A 429 -15.30 26.25 43.19
C PHE A 429 -16.36 27.34 43.22
N THR A 430 -15.90 28.58 43.34
CA THR A 430 -16.76 29.74 43.51
C THR A 430 -16.80 30.55 42.22
N GLY A 431 -17.95 31.16 41.95
CA GLY A 431 -18.12 31.96 40.76
C GLY A 431 -17.55 33.36 40.91
N CYS A 432 -18.31 34.39 40.55
CA CYS A 432 -17.80 35.75 40.59
C CYS A 432 -18.62 36.62 41.53
N VAL A 433 -17.97 37.58 42.18
CA VAL A 433 -18.62 38.50 43.08
C VAL A 433 -18.35 39.92 42.61
N ILE A 434 -19.41 40.74 42.56
CA ILE A 434 -19.33 42.10 42.07
C ILE A 434 -20.13 42.98 43.02
N ALA A 435 -19.48 43.96 43.64
CA ALA A 435 -20.14 44.76 44.65
C ALA A 435 -19.82 46.23 44.46
N TRP A 436 -20.73 47.06 44.96
CA TRP A 436 -20.56 48.50 45.00
C TRP A 436 -21.18 49.06 46.27
N ASN A 437 -20.61 50.14 46.78
CA ASN A 437 -21.20 50.80 47.94
C ASN A 437 -22.36 51.66 47.49
N SER A 438 -23.43 51.65 48.28
CA SER A 438 -24.65 52.39 48.01
C SER A 438 -25.13 53.12 49.25
N ASN A 439 -24.23 53.84 49.92
CA ASN A 439 -24.62 54.51 51.15
C ASN A 439 -25.69 55.57 50.89
N ASN A 440 -25.54 56.32 49.79
CA ASN A 440 -26.44 57.42 49.49
C ASN A 440 -27.88 56.95 49.36
N LEU A 441 -28.09 55.75 48.83
CA LEU A 441 -29.43 55.24 48.58
C LEU A 441 -29.94 54.28 49.65
N ASP A 442 -29.05 53.58 50.36
CA ASP A 442 -29.46 52.56 51.33
C ASP A 442 -29.07 52.92 52.75
N SER A 443 -28.74 54.18 53.03
CA SER A 443 -28.38 54.57 54.38
C SER A 443 -28.92 55.97 54.69
N TYR A 449 -33.99 47.77 60.51
CA TYR A 449 -34.19 46.53 61.24
C TYR A 449 -34.94 45.52 60.39
N ASN A 450 -35.18 45.88 59.13
CA ASN A 450 -35.91 45.04 58.20
C ASN A 450 -35.05 43.93 57.61
N TYR A 451 -33.74 43.96 57.85
CA TYR A 451 -32.82 42.96 57.32
C TYR A 451 -32.40 42.03 58.44
N LEU A 452 -32.38 40.74 58.16
CA LEU A 452 -32.01 39.73 59.14
C LEU A 452 -30.73 39.02 58.71
N TYR A 453 -30.22 38.19 59.63
CA TYR A 453 -29.08 37.33 59.35
C TYR A 453 -29.05 36.24 60.41
N ARG A 454 -28.64 35.04 60.00
CA ARG A 454 -28.54 33.94 60.94
C ARG A 454 -27.11 33.43 61.06
N PRO A 491 -32.33 32.55 66.83
CA PRO A 491 -31.33 32.05 65.89
C PRO A 491 -30.89 33.10 64.88
N LEU A 492 -31.79 34.01 64.53
CA LEU A 492 -31.51 35.06 63.56
C LEU A 492 -31.66 36.43 64.22
N GLN A 493 -30.66 37.28 64.02
CA GLN A 493 -30.62 38.64 64.56
C GLN A 493 -30.79 39.64 63.42
N SER A 494 -31.22 40.85 63.78
CA SER A 494 -31.48 41.87 62.78
C SER A 494 -30.21 42.64 62.45
N TYR A 495 -30.13 43.11 61.20
CA TYR A 495 -29.05 43.97 60.74
C TYR A 495 -29.33 45.40 61.17
N GLY A 496 -28.52 45.91 62.11
CA GLY A 496 -28.70 47.24 62.62
C GLY A 496 -28.23 48.33 61.68
N PHE A 497 -28.86 48.42 60.51
CA PHE A 497 -28.50 49.43 59.51
C PHE A 497 -29.13 50.76 59.90
N GLN A 498 -28.31 51.69 60.38
CA GLN A 498 -28.83 52.99 60.76
C GLN A 498 -28.95 53.90 59.54
N PRO A 499 -29.95 54.79 59.53
CA PRO A 499 -30.13 55.71 58.39
C PRO A 499 -29.15 56.88 58.41
N THR A 500 -27.86 56.56 58.46
CA THR A 500 -26.82 57.58 58.48
C THR A 500 -25.51 57.03 57.92
N VAL A 503 -17.62 54.09 57.16
CA VAL A 503 -17.92 53.66 55.81
C VAL A 503 -17.86 52.13 55.74
N GLY A 504 -17.18 51.53 56.72
CA GLY A 504 -17.10 50.08 56.77
C GLY A 504 -18.42 49.42 57.12
N TYR A 505 -19.30 50.15 57.80
CA TYR A 505 -20.64 49.68 58.13
C TYR A 505 -21.67 50.05 57.06
N GLN A 506 -21.26 50.76 56.02
CA GLN A 506 -22.20 51.20 55.00
C GLN A 506 -22.76 50.01 54.22
N PRO A 507 -24.01 50.13 53.76
CA PRO A 507 -24.62 49.04 52.97
C PRO A 507 -24.06 48.91 51.56
N TYR A 508 -23.26 47.88 51.33
CA TYR A 508 -22.74 47.55 50.02
C TYR A 508 -23.69 46.57 49.32
N ARG A 509 -24.11 46.91 48.12
CA ARG A 509 -24.95 46.03 47.31
C ARG A 509 -24.05 45.06 46.54
N VAL A 510 -24.30 43.77 46.70
CA VAL A 510 -23.46 42.69 46.22
C VAL A 510 -24.28 41.78 45.33
N VAL A 511 -23.71 41.43 44.17
CA VAL A 511 -24.30 40.49 43.23
C VAL A 511 -23.29 39.38 42.99
N VAL A 512 -23.73 38.15 43.17
CA VAL A 512 -22.90 36.97 42.98
C VAL A 512 -23.40 36.24 41.73
N LEU A 513 -22.49 36.01 40.80
CA LEU A 513 -22.77 35.35 39.53
C LEU A 513 -22.24 33.93 39.66
N SER A 514 -23.14 33.01 40.00
CA SER A 514 -22.77 31.59 40.13
C SER A 514 -23.10 30.91 38.80
N PHE A 515 -22.11 30.29 38.19
CA PHE A 515 -22.21 29.82 36.82
C PHE A 515 -22.38 28.31 36.82
N GLU A 516 -23.56 27.84 36.40
CA GLU A 516 -23.77 26.40 36.20
C GLU A 516 -23.31 26.03 34.79
N LEU A 517 -22.28 25.20 34.72
CA LEU A 517 -21.59 24.91 33.47
C LEU A 517 -21.82 23.49 32.98
N LEU A 518 -22.58 22.67 33.71
CA LEU A 518 -22.83 21.29 33.29
C LEU A 518 -24.28 20.84 33.43
N HIS A 519 -25.11 21.53 34.19
CA HIS A 519 -26.48 21.07 34.42
C HIS A 519 -27.37 21.20 33.20
N ALA A 520 -26.92 21.86 32.14
CA ALA A 520 -27.74 22.09 30.96
C ALA A 520 -26.83 22.24 29.75
N PRO A 521 -27.39 22.32 28.55
CA PRO A 521 -26.60 22.79 27.41
C PRO A 521 -26.25 24.26 27.55
N ALA A 522 -25.18 24.66 26.85
CA ALA A 522 -24.73 26.04 26.89
C ALA A 522 -25.83 26.99 26.43
N THR A 523 -25.99 28.09 27.17
CA THR A 523 -27.08 29.03 26.91
C THR A 523 -26.68 30.50 26.88
N VAL A 524 -25.56 30.89 27.51
CA VAL A 524 -25.16 32.28 27.58
C VAL A 524 -23.72 32.42 27.08
N CYS A 525 -23.53 33.33 26.11
CA CYS A 525 -22.25 33.54 25.46
C CYS A 525 -22.11 35.03 25.19
N GLY A 526 -20.90 35.56 25.41
CA GLY A 526 -20.63 36.95 25.11
C GLY A 526 -20.70 37.29 23.64
N PRO A 527 -21.28 38.43 23.32
CA PRO A 527 -21.35 38.86 21.91
C PRO A 527 -19.96 39.27 21.42
N LYS A 528 -19.81 39.28 20.10
CA LYS A 528 -18.54 39.59 19.48
C LYS A 528 -18.78 40.38 18.20
N LYS A 529 -17.84 41.26 17.87
CA LYS A 529 -17.97 42.13 16.71
C LYS A 529 -17.77 41.39 15.39
N SER A 530 -18.66 41.66 14.44
CA SER A 530 -18.58 41.15 13.08
C SER A 530 -17.64 41.98 12.21
N THR A 531 -17.58 41.65 10.92
CA THR A 531 -16.77 42.38 9.96
C THR A 531 -17.44 42.36 8.59
N ASN A 532 -17.19 43.41 7.82
CA ASN A 532 -17.75 43.62 6.49
C ASN A 532 -17.28 42.57 5.49
N LEU A 533 -18.16 42.29 4.53
CA LEU A 533 -17.86 41.36 3.45
C LEU A 533 -17.13 42.04 2.29
N VAL A 534 -16.19 41.31 1.72
CA VAL A 534 -15.41 41.75 0.58
C VAL A 534 -15.57 40.69 -0.50
N LYS A 535 -15.82 41.11 -1.74
CA LYS A 535 -16.11 40.19 -2.82
C LYS A 535 -14.93 40.03 -3.77
N ASN A 536 -14.85 38.84 -4.39
CA ASN A 536 -13.79 38.53 -5.35
C ASN A 536 -12.39 38.63 -4.76
N LYS A 537 -12.25 38.32 -3.46
CA LYS A 537 -10.93 38.34 -2.83
C LYS A 537 -10.74 37.16 -1.89
N CYS A 538 -9.64 36.42 -2.08
CA CYS A 538 -9.31 35.34 -1.16
C CYS A 538 -9.18 35.96 0.23
N VAL A 539 -10.01 35.50 1.16
CA VAL A 539 -10.02 35.99 2.54
C VAL A 539 -10.13 34.79 3.48
N ASN A 540 -9.68 35.00 4.73
CA ASN A 540 -9.87 34.02 5.79
C ASN A 540 -11.18 34.32 6.52
N PHE A 541 -12.25 33.61 6.17
CA PHE A 541 -13.59 33.94 6.64
C PHE A 541 -13.99 33.03 7.79
N ASN A 542 -14.69 33.61 8.76
CA ASN A 542 -15.38 32.89 9.82
C ASN A 542 -16.85 33.30 9.79
N PHE A 543 -17.74 32.33 9.58
CA PHE A 543 -19.18 32.54 9.62
C PHE A 543 -19.78 31.67 10.73
N ASN A 544 -20.34 32.33 11.75
CA ASN A 544 -21.03 31.70 12.89
C ASN A 544 -20.39 30.37 13.30
N GLY A 545 -19.11 30.47 13.67
CA GLY A 545 -18.33 29.34 14.19
C GLY A 545 -17.61 28.53 13.12
N LEU A 546 -18.25 28.35 11.96
CA LEU A 546 -17.60 27.69 10.84
C LEU A 546 -16.45 28.55 10.33
N THR A 547 -15.35 27.90 9.96
CA THR A 547 -14.16 28.59 9.47
C THR A 547 -13.88 28.14 8.04
N GLY A 548 -13.16 28.99 7.31
CA GLY A 548 -12.71 28.62 5.99
C GLY A 548 -11.89 29.73 5.38
N THR A 549 -11.36 29.45 4.19
CA THR A 549 -10.62 30.43 3.40
C THR A 549 -11.07 30.36 1.95
N GLY A 550 -11.38 31.50 1.36
CA GLY A 550 -11.81 31.50 -0.03
C GLY A 550 -12.33 32.86 -0.46
N VAL A 551 -12.96 32.85 -1.63
CA VAL A 551 -13.53 34.04 -2.26
C VAL A 551 -15.04 33.96 -2.08
N LEU A 552 -15.61 34.99 -1.44
CA LEU A 552 -17.05 35.07 -1.27
C LEU A 552 -17.63 35.85 -2.44
N THR A 553 -18.66 35.28 -3.07
CA THR A 553 -19.25 35.93 -4.23
C THR A 553 -20.77 35.80 -4.19
N GLU A 554 -21.42 36.71 -4.92
CA GLU A 554 -22.87 36.70 -5.02
C GLU A 554 -23.35 35.47 -5.78
N SER A 555 -24.43 34.87 -5.31
CA SER A 555 -24.97 33.66 -5.89
C SER A 555 -26.46 33.82 -6.14
N ASN A 556 -26.97 33.06 -7.11
CA ASN A 556 -28.38 33.11 -7.49
C ASN A 556 -29.17 31.90 -7.01
N LYS A 557 -28.52 30.91 -6.40
CA LYS A 557 -29.26 29.75 -5.92
C LYS A 557 -30.16 30.15 -4.76
N LYS A 558 -31.37 29.62 -4.76
CA LYS A 558 -32.40 30.01 -3.79
C LYS A 558 -32.43 28.98 -2.66
N PHE A 559 -31.86 29.35 -1.52
CA PHE A 559 -31.95 28.50 -0.33
C PHE A 559 -33.36 28.53 0.23
N LEU A 560 -33.71 27.45 0.91
CA LEU A 560 -34.96 27.43 1.66
C LEU A 560 -34.83 28.36 2.87
N PRO A 561 -35.94 28.95 3.32
CA PRO A 561 -35.87 29.98 4.38
C PRO A 561 -35.29 29.51 5.70
N PHE A 562 -34.95 28.24 5.84
CA PHE A 562 -34.43 27.71 7.09
C PHE A 562 -32.98 27.27 7.04
N GLN A 563 -32.49 26.80 5.89
CA GLN A 563 -31.15 26.25 5.82
C GLN A 563 -30.09 27.27 6.16
N GLN A 564 -29.05 26.81 6.87
CA GLN A 564 -27.95 27.68 7.29
C GLN A 564 -26.92 27.86 6.17
N PHE A 565 -26.33 26.76 5.72
CA PHE A 565 -25.30 26.83 4.69
C PHE A 565 -25.47 25.63 3.77
N GLY A 566 -24.84 25.71 2.61
CA GLY A 566 -24.94 24.66 1.61
C GLY A 566 -23.60 24.01 1.37
N ARG A 567 -23.62 22.69 1.26
CA ARG A 567 -22.43 21.92 0.90
C ARG A 567 -22.76 21.10 -0.34
N ASP A 568 -21.89 21.19 -1.33
CA ASP A 568 -22.10 20.47 -2.59
C ASP A 568 -21.65 19.02 -2.41
N ILE A 569 -21.54 18.28 -3.52
CA ILE A 569 -21.11 16.89 -3.52
C ILE A 569 -19.77 16.78 -2.81
N ALA A 570 -19.53 15.64 -2.15
CA ALA A 570 -18.27 15.31 -1.50
C ALA A 570 -18.03 16.14 -0.25
N ASP A 571 -19.09 16.67 0.35
CA ASP A 571 -19.04 17.32 1.66
C ASP A 571 -18.05 18.49 1.67
N THR A 572 -18.36 19.51 0.87
CA THR A 572 -17.60 20.74 0.84
C THR A 572 -18.56 21.92 0.92
N THR A 573 -18.26 22.86 1.83
CA THR A 573 -19.15 23.97 2.12
C THR A 573 -19.17 25.01 1.00
N ASP A 574 -20.02 24.78 0.00
CA ASP A 574 -19.97 25.56 -1.23
C ASP A 574 -20.78 26.86 -1.16
N ALA A 575 -21.83 26.90 -0.36
CA ALA A 575 -22.67 28.08 -0.26
C ALA A 575 -23.09 28.31 1.19
N VAL A 576 -23.24 29.58 1.55
CA VAL A 576 -23.65 29.95 2.91
C VAL A 576 -24.55 31.19 2.84
N ARG A 577 -25.56 31.24 3.71
CA ARG A 577 -26.35 32.45 3.87
C ARG A 577 -25.66 33.34 4.89
N ASP A 578 -25.42 34.58 4.51
CA ASP A 578 -24.75 35.53 5.40
C ASP A 578 -25.67 35.99 6.52
N PRO A 579 -25.30 35.81 7.78
CA PRO A 579 -26.11 36.35 8.88
C PRO A 579 -26.20 37.86 8.82
N GLN A 580 -27.23 38.37 9.49
CA GLN A 580 -27.48 39.81 9.68
C GLN A 580 -27.76 40.52 8.36
N THR A 581 -27.68 39.78 7.24
CA THR A 581 -28.16 40.31 5.97
C THR A 581 -28.94 39.30 5.15
N LEU A 582 -28.93 38.01 5.51
CA LEU A 582 -29.73 36.97 4.86
C LEU A 582 -29.40 36.85 3.37
N GLU A 583 -28.18 37.22 3.00
CA GLU A 583 -27.72 37.11 1.63
C GLU A 583 -27.10 35.73 1.39
N ILE A 584 -27.20 35.26 0.15
CA ILE A 584 -26.69 33.94 -0.24
C ILE A 584 -25.38 34.13 -0.98
N LEU A 585 -24.33 33.45 -0.52
CA LEU A 585 -22.98 33.64 -1.04
C LEU A 585 -22.37 32.30 -1.41
N ASP A 586 -21.84 32.20 -2.64
CA ASP A 586 -20.99 31.08 -3.00
C ASP A 586 -19.57 31.31 -2.52
N ILE A 587 -18.94 30.26 -2.02
CA ILE A 587 -17.57 30.35 -1.53
C ILE A 587 -16.69 29.57 -2.49
N THR A 588 -16.07 30.26 -3.42
CA THR A 588 -15.18 29.55 -4.33
C THR A 588 -13.80 29.52 -3.71
N PRO A 589 -13.08 28.39 -3.65
CA PRO A 589 -11.72 28.49 -3.12
C PRO A 589 -10.88 29.39 -3.99
N CYS A 590 -10.03 30.19 -3.33
CA CYS A 590 -9.20 31.15 -4.06
C CYS A 590 -8.30 30.44 -5.07
N SER A 591 -8.19 31.05 -6.25
CA SER A 591 -7.38 30.55 -7.36
C SER A 591 -5.93 30.29 -6.97
N PHE A 592 -5.53 29.02 -7.12
CA PHE A 592 -4.21 28.52 -6.74
C PHE A 592 -3.88 27.35 -7.66
N GLY A 593 -2.61 26.97 -7.68
CA GLY A 593 -2.17 25.83 -8.47
C GLY A 593 -0.67 25.61 -8.45
N GLY A 594 -0.23 24.42 -8.81
CA GLY A 594 1.19 24.13 -8.84
C GLY A 594 1.92 24.94 -9.90
N VAL A 595 3.20 25.19 -9.65
CA VAL A 595 4.07 25.97 -10.54
C VAL A 595 5.13 25.05 -11.13
N SER A 596 5.34 25.18 -12.44
CA SER A 596 6.29 24.38 -13.19
C SER A 596 7.37 25.28 -13.76
N VAL A 597 8.52 24.68 -14.04
CA VAL A 597 9.66 25.36 -14.65
C VAL A 597 9.99 24.65 -15.96
N ILE A 598 10.06 25.41 -17.04
CA ILE A 598 10.56 24.95 -18.33
C ILE A 598 12.02 25.32 -18.37
N THR A 599 12.91 24.32 -18.46
CA THR A 599 14.33 24.65 -18.50
C THR A 599 15.04 23.85 -19.59
N PRO A 600 15.78 24.51 -20.48
CA PRO A 600 16.57 23.77 -21.48
C PRO A 600 17.71 22.97 -20.87
N GLY A 601 18.17 23.33 -19.68
CA GLY A 601 19.31 22.65 -19.10
C GLY A 601 20.44 23.56 -18.70
N THR A 602 20.93 23.43 -17.47
CA THR A 602 22.03 24.28 -17.02
C THR A 602 23.27 24.10 -17.89
N ASN A 603 23.42 22.95 -18.53
CA ASN A 603 24.52 22.72 -19.47
C ASN A 603 24.43 23.58 -20.72
N THR A 604 23.28 24.20 -20.99
CA THR A 604 23.12 25.03 -22.18
C THR A 604 22.86 26.49 -21.84
N SER A 605 21.93 26.77 -20.94
CA SER A 605 21.61 28.14 -20.57
C SER A 605 21.08 28.15 -19.14
N ASN A 606 20.78 29.35 -18.66
CA ASN A 606 20.11 29.52 -17.38
C ASN A 606 18.75 30.17 -17.52
N GLN A 607 18.30 30.44 -18.74
CA GLN A 607 16.97 30.99 -18.96
C GLN A 607 15.91 29.96 -18.60
N VAL A 608 14.90 30.39 -17.84
CA VAL A 608 13.83 29.53 -17.37
C VAL A 608 12.50 30.14 -17.77
N ALA A 609 11.48 29.30 -17.88
CA ALA A 609 10.12 29.76 -18.18
C ALA A 609 9.17 29.26 -17.11
N VAL A 610 8.63 30.17 -16.33
CA VAL A 610 7.70 29.82 -15.26
C VAL A 610 6.34 29.53 -15.87
N LEU A 611 5.69 28.48 -15.36
CA LEU A 611 4.39 28.03 -15.87
C LEU A 611 3.42 27.92 -14.70
N TYR A 612 2.37 28.73 -14.71
CA TYR A 612 1.30 28.63 -13.74
C TYR A 612 0.16 27.90 -14.44
N GLN A 613 0.01 26.61 -14.12
CA GLN A 613 -0.69 25.70 -15.03
C GLN A 613 -2.19 25.91 -15.06
N ASP A 614 -2.78 26.57 -14.06
CA ASP A 614 -4.23 26.72 -14.02
C ASP A 614 -4.62 28.11 -13.52
N VAL A 615 -3.91 29.14 -13.95
CA VAL A 615 -4.19 30.51 -13.53
C VAL A 615 -4.33 31.38 -14.78
N ASN A 616 -5.38 32.18 -14.81
CA ASN A 616 -5.55 33.18 -15.87
C ASN A 616 -4.45 34.24 -15.77
N CYS A 617 -4.03 34.77 -16.92
CA CYS A 617 -2.94 35.74 -16.97
C CYS A 617 -3.44 37.11 -16.50
N THR A 618 -3.90 37.15 -15.25
CA THR A 618 -4.38 38.39 -14.66
C THR A 618 -3.66 38.65 -13.34
N GLU A 619 -3.27 37.59 -12.65
CA GLU A 619 -2.55 37.69 -11.39
C GLU A 619 -1.20 37.02 -11.52
N VAL A 620 -0.18 37.60 -10.89
CA VAL A 620 1.16 37.06 -10.92
C VAL A 620 1.21 35.73 -10.20
N SER A 640 10.57 38.46 -21.21
CA SER A 640 10.00 39.75 -20.88
C SER A 640 8.56 39.86 -21.38
N ASN A 641 7.95 38.72 -21.63
CA ASN A 641 6.58 38.65 -22.13
C ASN A 641 5.80 37.59 -21.38
N VAL A 642 4.48 37.76 -21.38
CA VAL A 642 3.57 36.86 -20.69
C VAL A 642 2.56 36.34 -21.72
N PHE A 643 2.30 35.03 -21.66
CA PHE A 643 1.46 34.38 -22.64
C PHE A 643 0.34 33.62 -21.93
N GLN A 644 -0.87 33.70 -22.48
CA GLN A 644 -2.01 32.97 -21.94
C GLN A 644 -2.27 31.76 -22.82
N THR A 645 -2.47 30.60 -22.21
CA THR A 645 -2.68 29.36 -22.91
C THR A 645 -3.99 28.73 -22.44
N ARG A 646 -4.34 27.62 -23.09
CA ARG A 646 -5.38 26.75 -22.56
C ARG A 646 -4.88 26.02 -21.32
N ALA A 647 -3.56 25.92 -21.14
CA ALA A 647 -2.96 25.21 -20.03
C ALA A 647 -2.28 26.12 -19.02
N GLY A 648 -2.58 27.41 -19.02
CA GLY A 648 -2.09 28.25 -17.95
C GLY A 648 -1.40 29.51 -18.45
N CYS A 649 -0.80 30.23 -17.51
CA CYS A 649 -0.09 31.47 -17.76
C CYS A 649 1.41 31.19 -17.79
N LEU A 650 2.06 31.54 -18.91
CA LEU A 650 3.46 31.23 -19.12
C LEU A 650 4.26 32.53 -19.11
N ILE A 651 5.28 32.60 -18.26
CA ILE A 651 6.09 33.79 -18.07
C ILE A 651 7.52 33.47 -18.47
N GLY A 652 8.08 34.29 -19.35
CA GLY A 652 9.45 34.11 -19.79
C GLY A 652 9.60 33.53 -21.18
N ALA A 653 8.51 33.21 -21.86
CA ALA A 653 8.53 32.72 -23.22
C ALA A 653 7.72 33.64 -24.11
N GLU A 654 8.15 33.78 -25.36
CA GLU A 654 7.47 34.60 -26.35
C GLU A 654 6.80 33.69 -27.36
N HIS A 655 5.50 33.93 -27.60
CA HIS A 655 4.77 33.13 -28.57
C HIS A 655 5.36 33.39 -29.95
N VAL A 656 5.44 32.34 -30.76
CA VAL A 656 5.96 32.43 -32.12
C VAL A 656 4.91 31.87 -33.07
N ASN A 657 4.66 32.58 -34.17
CA ASN A 657 3.58 32.19 -35.07
C ASN A 657 3.85 30.86 -35.74
N ASN A 658 5.06 30.67 -36.26
CA ASN A 658 5.36 29.43 -36.96
C ASN A 658 5.47 28.27 -35.96
N SER A 659 5.51 27.05 -36.50
CA SER A 659 5.45 25.85 -35.71
C SER A 659 6.68 24.99 -35.95
N TYR A 660 7.14 24.33 -34.90
CA TYR A 660 8.28 23.42 -34.94
C TYR A 660 7.89 22.12 -34.25
N GLU A 661 8.79 21.14 -34.29
CA GLU A 661 8.55 19.91 -33.55
C GLU A 661 8.61 20.20 -32.05
N CYS A 662 7.93 19.37 -31.28
CA CYS A 662 7.85 19.59 -29.84
C CYS A 662 9.19 19.33 -29.18
N ASP A 663 9.62 20.25 -28.31
CA ASP A 663 10.82 20.06 -27.50
C ASP A 663 10.48 19.86 -26.03
N ILE A 664 9.73 20.78 -25.44
CA ILE A 664 9.28 20.64 -24.05
C ILE A 664 7.76 20.82 -24.02
N PRO A 665 7.00 19.77 -23.73
CA PRO A 665 5.53 19.88 -23.66
C PRO A 665 5.05 20.80 -22.55
N ILE A 666 3.94 21.49 -22.82
CA ILE A 666 3.33 22.44 -21.89
C ILE A 666 1.88 22.05 -21.66
N GLY A 667 1.13 21.86 -22.75
CA GLY A 667 -0.26 21.52 -22.61
C GLY A 667 -1.07 22.12 -23.74
N ALA A 668 -2.04 21.36 -24.25
CA ALA A 668 -2.93 21.84 -25.32
C ALA A 668 -2.13 22.25 -26.55
N GLY A 669 -1.20 21.40 -26.94
CA GLY A 669 -0.46 21.61 -28.18
C GLY A 669 0.63 22.65 -28.14
N ILE A 670 1.13 23.02 -26.97
CA ILE A 670 2.13 24.07 -26.84
C ILE A 670 3.45 23.43 -26.41
N CYS A 671 4.53 23.81 -27.09
CA CYS A 671 5.85 23.27 -26.87
C CYS A 671 6.86 24.40 -26.86
N ALA A 672 7.92 24.21 -26.09
CA ALA A 672 9.00 25.19 -26.00
C ALA A 672 10.10 24.90 -27.01
N VAL A 684 14.51 26.00 -26.25
CA VAL A 684 15.34 27.16 -26.55
C VAL A 684 15.67 27.18 -28.04
N ALA A 685 15.79 28.39 -28.58
CA ALA A 685 16.15 28.58 -29.98
C ALA A 685 16.54 30.04 -30.19
N SER A 686 17.64 30.26 -30.92
CA SER A 686 18.16 31.59 -31.18
C SER A 686 18.36 32.36 -29.86
N GLN A 687 19.10 31.73 -28.94
CA GLN A 687 19.45 32.27 -27.63
C GLN A 687 18.26 32.94 -26.94
N SER A 688 17.10 32.28 -26.98
CA SER A 688 15.90 32.80 -26.35
C SER A 688 14.95 31.64 -26.08
N ILE A 689 14.07 31.82 -25.10
CA ILE A 689 13.07 30.82 -24.74
C ILE A 689 11.78 31.18 -25.46
N ILE A 690 11.30 30.24 -26.28
CA ILE A 690 10.10 30.45 -27.08
C ILE A 690 9.06 29.41 -26.69
N ALA A 691 7.80 29.72 -27.01
CA ALA A 691 6.70 28.78 -26.84
C ALA A 691 5.76 28.92 -28.02
N TYR A 692 5.31 27.79 -28.55
CA TYR A 692 4.60 27.81 -29.82
C TYR A 692 3.65 26.62 -29.91
N THR A 693 2.66 26.75 -30.80
CA THR A 693 1.82 25.62 -31.13
C THR A 693 2.64 24.59 -31.89
N MET A 694 2.63 23.34 -31.40
CA MET A 694 3.51 22.33 -31.94
C MET A 694 3.15 21.99 -33.37
N SER A 695 4.18 21.75 -34.18
CA SER A 695 3.98 21.36 -35.57
C SER A 695 3.68 19.88 -35.64
N LEU A 696 2.65 19.52 -36.40
CA LEU A 696 2.17 18.16 -36.47
C LEU A 696 2.86 17.37 -37.57
N GLY A 697 3.83 17.99 -38.25
CA GLY A 697 4.47 17.41 -39.41
C GLY A 697 4.21 18.24 -40.65
N ALA A 698 5.05 18.08 -41.67
CA ALA A 698 4.91 18.87 -42.88
C ALA A 698 3.72 18.37 -43.69
N GLU A 699 2.72 19.24 -43.86
CA GLU A 699 1.56 18.89 -44.66
C GLU A 699 1.97 18.65 -46.10
N ASN A 700 1.47 17.56 -46.69
CA ASN A 700 1.71 17.28 -48.11
C ASN A 700 0.50 16.53 -48.69
N SER A 701 -0.42 17.30 -49.25
CA SER A 701 -1.57 16.70 -49.92
C SER A 701 -1.09 15.88 -51.11
N VAL A 702 -1.15 14.55 -50.99
CA VAL A 702 -0.68 13.68 -52.04
C VAL A 702 -1.63 13.71 -53.22
N ALA A 703 -1.08 13.70 -54.43
CA ALA A 703 -1.82 13.91 -55.66
C ALA A 703 -2.66 12.69 -56.00
N TYR A 704 -3.74 12.50 -55.26
CA TYR A 704 -4.65 11.39 -55.55
C TYR A 704 -5.33 11.59 -56.89
N SER A 705 -5.71 10.47 -57.50
CA SER A 705 -6.50 10.48 -58.72
C SER A 705 -7.22 9.14 -58.82
N ASN A 706 -7.81 8.87 -59.97
CA ASN A 706 -8.46 7.59 -60.23
C ASN A 706 -7.67 6.69 -61.17
N ASN A 707 -6.64 7.22 -61.82
CA ASN A 707 -5.80 6.42 -62.72
C ASN A 707 -4.33 6.77 -62.61
N SER A 708 -3.86 7.16 -61.43
CA SER A 708 -2.49 7.60 -61.23
C SER A 708 -1.82 6.76 -60.15
N ILE A 709 -0.67 6.17 -60.49
CA ILE A 709 0.14 5.40 -59.57
C ILE A 709 1.55 5.96 -59.44
N ALA A 710 2.03 6.03 -58.20
CA ALA A 710 3.42 6.37 -57.92
C ALA A 710 4.15 5.08 -57.58
N ILE A 711 5.07 4.66 -58.43
CA ILE A 711 5.88 3.47 -58.18
C ILE A 711 7.33 3.89 -57.97
N PRO A 712 8.00 3.43 -56.92
CA PRO A 712 9.42 3.72 -56.77
C PRO A 712 10.24 3.07 -57.89
N THR A 713 11.31 3.75 -58.26
CA THR A 713 12.26 3.22 -59.24
C THR A 713 13.54 2.72 -58.59
N ASN A 714 13.97 3.39 -57.53
CA ASN A 714 15.09 2.96 -56.70
C ASN A 714 14.56 2.69 -55.29
N PHE A 715 15.42 2.15 -54.45
CA PHE A 715 15.05 1.79 -53.09
C PHE A 715 16.18 2.17 -52.16
N THR A 716 15.96 1.97 -50.86
CA THR A 716 17.02 2.13 -49.87
C THR A 716 16.84 1.08 -48.80
N ILE A 717 17.93 0.80 -48.09
CA ILE A 717 17.93 -0.14 -46.98
C ILE A 717 18.46 0.61 -45.76
N SER A 718 17.73 0.53 -44.66
CA SER A 718 18.11 1.28 -43.48
C SER A 718 18.00 0.40 -42.26
N VAL A 719 18.93 0.56 -41.32
CA VAL A 719 18.93 -0.19 -40.08
C VAL A 719 18.52 0.75 -38.97
N THR A 720 17.43 0.39 -38.29
CA THR A 720 16.87 1.19 -37.21
C THR A 720 17.16 0.50 -35.88
N THR A 721 17.64 1.26 -34.92
CA THR A 721 17.95 0.71 -33.61
C THR A 721 16.72 0.84 -32.71
N GLU A 722 16.27 -0.29 -32.17
CA GLU A 722 15.15 -0.30 -31.23
C GLU A 722 15.62 -0.91 -29.91
N ILE A 723 15.36 -0.22 -28.81
CA ILE A 723 15.95 -0.60 -27.52
C ILE A 723 14.81 -0.93 -26.57
N LEU A 724 14.85 -2.14 -26.00
CA LEU A 724 13.80 -2.62 -25.12
C LEU A 724 14.42 -3.15 -23.83
N PRO A 725 14.05 -2.64 -22.66
CA PRO A 725 14.54 -3.22 -21.41
C PRO A 725 13.95 -4.61 -21.20
N VAL A 726 14.77 -5.51 -20.65
CA VAL A 726 14.36 -6.89 -20.42
C VAL A 726 14.30 -7.21 -18.93
N SER A 727 15.22 -6.66 -18.13
CA SER A 727 15.26 -7.00 -16.72
C SER A 727 15.70 -5.79 -15.92
N MET A 728 15.37 -5.81 -14.63
CA MET A 728 15.77 -4.80 -13.69
C MET A 728 17.03 -5.24 -12.94
N THR A 729 17.38 -4.51 -11.90
CA THR A 729 18.41 -4.94 -10.95
C THR A 729 17.76 -5.79 -9.87
N LYS A 730 18.30 -7.00 -9.67
CA LYS A 730 17.68 -7.98 -8.79
C LYS A 730 17.91 -7.58 -7.34
N THR A 731 17.15 -6.59 -6.90
CA THR A 731 17.28 -6.09 -5.54
C THR A 731 16.70 -7.08 -4.53
N SER A 732 17.04 -6.88 -3.26
CA SER A 732 16.49 -7.69 -2.18
C SER A 732 16.75 -7.04 -0.82
N VAL A 733 15.70 -6.92 0.01
CA VAL A 733 15.84 -6.31 1.32
C VAL A 733 15.33 -7.27 2.39
N ASP A 734 15.96 -7.20 3.56
CA ASP A 734 15.63 -8.02 4.72
C ASP A 734 15.10 -7.14 5.84
N CYS A 735 13.98 -7.54 6.44
CA CYS A 735 13.37 -6.74 7.50
C CYS A 735 14.37 -6.46 8.62
N THR A 736 14.88 -7.51 9.26
CA THR A 736 15.62 -7.32 10.51
C THR A 736 16.69 -6.25 10.34
N MET A 737 17.51 -6.36 9.30
CA MET A 737 18.53 -5.36 9.02
C MET A 737 17.91 -4.02 8.66
N TYR A 738 16.85 -4.00 7.85
CA TYR A 738 16.33 -2.73 7.36
C TYR A 738 15.65 -1.95 8.47
N ILE A 739 14.56 -2.51 9.03
CA ILE A 739 13.85 -1.80 10.08
C ILE A 739 14.75 -1.67 11.31
N CYS A 740 15.32 -2.78 11.76
CA CYS A 740 15.99 -2.85 13.06
C CYS A 740 17.48 -3.00 13.01
N GLY A 741 18.03 -3.67 12.00
CA GLY A 741 19.47 -3.73 12.14
C GLY A 741 19.72 -4.64 13.32
N ASP A 742 20.84 -4.43 13.99
CA ASP A 742 21.23 -5.25 15.13
C ASP A 742 20.45 -4.89 16.40
N SER A 743 19.18 -5.34 16.46
CA SER A 743 18.43 -5.13 17.71
C SER A 743 17.25 -6.10 17.82
N THR A 744 17.42 -7.05 18.73
CA THR A 744 16.35 -7.95 19.16
C THR A 744 15.16 -7.22 19.78
N GLU A 745 15.40 -6.03 20.37
CA GLU A 745 14.29 -5.33 21.04
C GLU A 745 13.17 -5.00 20.07
N CYS A 746 13.49 -4.43 18.91
CA CYS A 746 12.43 -4.18 17.95
C CYS A 746 12.18 -5.38 17.07
N SER A 747 13.14 -6.30 16.97
CA SER A 747 12.86 -7.53 16.23
C SER A 747 11.71 -8.30 16.88
N ASN A 748 11.67 -8.35 18.21
CA ASN A 748 10.58 -9.01 18.91
C ASN A 748 9.25 -8.36 18.54
N LEU A 749 9.20 -7.03 18.57
CA LEU A 749 7.97 -6.33 18.25
C LEU A 749 7.58 -6.54 16.78
N LEU A 750 8.57 -6.57 15.88
CA LEU A 750 8.30 -6.84 14.48
C LEU A 750 7.69 -8.23 14.28
N LEU A 751 8.07 -9.19 15.11
CA LEU A 751 7.45 -10.51 15.02
C LEU A 751 5.96 -10.45 15.32
N GLN A 752 5.51 -9.41 16.04
CA GLN A 752 4.10 -9.29 16.36
C GLN A 752 3.26 -8.96 15.13
N TYR A 753 3.87 -8.44 14.05
CA TYR A 753 3.12 -8.05 12.86
C TYR A 753 2.91 -9.21 11.90
N GLY A 754 3.15 -10.44 12.32
CA GLY A 754 2.80 -11.59 11.51
C GLY A 754 3.73 -11.76 10.31
N SER A 755 3.15 -12.26 9.21
CA SER A 755 3.91 -12.73 8.07
C SER A 755 4.22 -11.63 7.06
N PHE A 756 4.21 -10.37 7.48
CA PHE A 756 4.59 -9.28 6.59
C PHE A 756 5.97 -9.49 6.00
N CYS A 757 6.93 -9.90 6.82
CA CYS A 757 8.31 -10.04 6.37
C CYS A 757 8.47 -11.15 5.35
N THR A 758 7.97 -12.35 5.65
CA THR A 758 8.03 -13.41 4.66
C THR A 758 7.26 -13.03 3.40
N GLN A 759 6.18 -12.26 3.53
CA GLN A 759 5.43 -11.82 2.36
C GLN A 759 6.28 -10.92 1.47
N LEU A 760 6.88 -9.89 2.05
CA LEU A 760 7.71 -8.97 1.25
C LEU A 760 8.91 -9.68 0.66
N ASN A 761 9.60 -10.49 1.47
CA ASN A 761 10.76 -11.21 0.96
C ASN A 761 10.37 -12.16 -0.16
N ARG A 762 9.20 -12.78 -0.05
CA ARG A 762 8.73 -13.68 -1.10
C ARG A 762 8.42 -12.92 -2.38
N ALA A 763 7.79 -11.75 -2.27
CA ALA A 763 7.50 -10.95 -3.46
C ALA A 763 8.79 -10.50 -4.13
N LEU A 764 9.77 -10.05 -3.33
CA LEU A 764 11.04 -9.61 -3.90
C LEU A 764 11.79 -10.76 -4.55
N THR A 765 11.78 -11.94 -3.91
CA THR A 765 12.40 -13.10 -4.52
C THR A 765 11.69 -13.49 -5.81
N GLY A 766 10.36 -13.35 -5.84
CA GLY A 766 9.62 -13.67 -7.04
C GLY A 766 9.99 -12.76 -8.21
N ILE A 767 10.06 -11.45 -7.96
CA ILE A 767 10.46 -10.58 -9.05
C ILE A 767 11.93 -10.79 -9.42
N ALA A 768 12.77 -11.14 -8.44
CA ALA A 768 14.17 -11.41 -8.73
C ALA A 768 14.30 -12.59 -9.68
N VAL A 769 13.65 -13.71 -9.36
CA VAL A 769 13.73 -14.87 -10.24
C VAL A 769 13.01 -14.58 -11.56
N GLU A 770 12.01 -13.70 -11.53
CA GLU A 770 11.35 -13.30 -12.77
C GLU A 770 12.30 -12.52 -13.68
N GLN A 771 13.26 -11.81 -13.11
CA GLN A 771 14.27 -11.15 -13.95
C GLN A 771 15.07 -12.17 -14.75
N ASP A 772 15.54 -13.22 -14.07
CA ASP A 772 16.28 -14.27 -14.77
C ASP A 772 15.40 -14.99 -15.77
N LYS A 773 14.13 -15.21 -15.41
CA LYS A 773 13.18 -15.80 -16.36
C LYS A 773 13.05 -14.94 -17.61
N ASN A 774 12.93 -13.62 -17.42
CA ASN A 774 12.84 -12.71 -18.56
C ASN A 774 14.08 -12.82 -19.44
N THR A 775 15.26 -12.77 -18.82
CA THR A 775 16.49 -12.81 -19.62
C THR A 775 16.60 -14.12 -20.40
N GLN A 776 16.35 -15.25 -19.74
CA GLN A 776 16.44 -16.54 -20.42
C GLN A 776 15.40 -16.67 -21.52
N GLU A 777 14.17 -16.25 -21.25
CA GLU A 777 13.09 -16.35 -22.23
C GLU A 777 13.33 -15.42 -23.41
N VAL A 778 14.02 -14.29 -23.20
CA VAL A 778 14.24 -13.34 -24.28
C VAL A 778 15.51 -13.61 -25.07
N PHE A 779 16.50 -14.30 -24.49
CA PHE A 779 17.75 -14.55 -25.20
C PHE A 779 17.93 -16.00 -25.60
N ALA A 780 17.71 -16.95 -24.68
CA ALA A 780 18.00 -18.35 -24.94
C ALA A 780 16.90 -18.98 -25.79
N GLN A 781 16.74 -18.43 -26.99
CA GLN A 781 15.76 -18.96 -27.93
C GLN A 781 16.30 -20.11 -28.77
N VAL A 782 17.61 -20.32 -28.75
CA VAL A 782 18.23 -21.45 -29.42
C VAL A 782 19.12 -22.17 -28.42
N LYS A 783 19.00 -23.50 -28.37
CA LYS A 783 19.76 -24.26 -27.39
C LYS A 783 21.23 -24.37 -27.78
N GLN A 784 21.51 -24.60 -29.06
CA GLN A 784 22.88 -24.83 -29.53
C GLN A 784 23.53 -23.51 -29.89
N ILE A 785 24.70 -23.25 -29.30
CA ILE A 785 25.43 -22.02 -29.57
C ILE A 785 26.12 -22.15 -30.92
N TYR A 786 25.83 -21.22 -31.82
CA TYR A 786 26.44 -21.24 -33.13
C TYR A 786 27.72 -20.41 -33.11
N LYS A 787 28.57 -20.66 -34.10
CA LYS A 787 29.84 -19.94 -34.19
C LYS A 787 30.03 -19.48 -35.63
N THR A 788 30.39 -18.21 -35.78
CA THR A 788 30.58 -17.64 -37.10
C THR A 788 31.75 -18.31 -37.82
N PRO A 789 31.67 -18.42 -39.14
CA PRO A 789 32.76 -19.04 -39.89
C PRO A 789 34.03 -18.24 -39.74
N PRO A 790 35.20 -18.90 -39.84
CA PRO A 790 36.46 -18.15 -39.70
C PRO A 790 36.65 -17.09 -40.77
N ILE A 791 36.13 -17.31 -41.97
CA ILE A 791 36.29 -16.37 -43.07
C ILE A 791 34.97 -15.63 -43.27
N LYS A 792 35.07 -14.31 -43.43
CA LYS A 792 33.88 -13.45 -43.58
C LYS A 792 33.62 -13.14 -45.05
N ASP A 793 33.35 -14.19 -45.83
CA ASP A 793 33.04 -14.05 -47.25
C ASP A 793 31.53 -14.11 -47.42
N PHE A 794 30.87 -12.99 -47.10
CA PHE A 794 29.42 -12.89 -47.16
C PHE A 794 28.95 -12.11 -48.37
N GLY A 795 29.63 -12.26 -49.51
CA GLY A 795 29.21 -11.62 -50.74
C GLY A 795 29.28 -10.11 -50.75
N GLY A 796 29.94 -9.50 -49.77
CA GLY A 796 30.11 -8.06 -49.72
C GLY A 796 29.53 -7.39 -48.50
N PHE A 797 28.79 -8.12 -47.67
CA PHE A 797 28.17 -7.53 -46.48
C PHE A 797 29.18 -7.54 -45.35
N ASN A 798 29.62 -6.35 -44.94
CA ASN A 798 30.68 -6.22 -43.94
C ASN A 798 30.05 -6.35 -42.56
N PHE A 799 30.02 -7.57 -42.05
CA PHE A 799 29.40 -7.88 -40.76
C PHE A 799 30.35 -7.66 -39.58
N SER A 800 31.59 -7.24 -39.84
CA SER A 800 32.58 -7.13 -38.78
C SER A 800 32.15 -6.19 -37.68
N GLN A 801 31.11 -5.38 -37.91
CA GLN A 801 30.64 -4.41 -36.94
C GLN A 801 29.74 -5.03 -35.88
N ILE A 802 29.19 -6.21 -36.12
CA ILE A 802 28.26 -6.82 -35.17
C ILE A 802 28.72 -8.18 -34.67
N LEU A 803 29.62 -8.85 -35.36
CA LEU A 803 30.18 -10.09 -34.85
C LEU A 803 31.18 -9.78 -33.73
N PRO A 804 31.27 -10.65 -32.73
CA PRO A 804 32.21 -10.38 -31.63
C PRO A 804 33.63 -10.26 -32.13
N ASP A 805 34.39 -9.35 -31.53
CA ASP A 805 35.74 -9.07 -31.97
C ASP A 805 36.72 -9.83 -31.09
N PRO A 806 37.48 -10.78 -31.63
CA PRO A 806 38.42 -11.54 -30.78
C PRO A 806 39.46 -10.66 -30.10
N SER A 807 39.89 -9.57 -30.75
CA SER A 807 40.84 -8.66 -30.11
C SER A 807 40.26 -8.00 -28.87
N LYS A 808 38.94 -7.87 -28.79
CA LYS A 808 38.31 -7.30 -27.61
C LYS A 808 38.47 -8.26 -26.43
N PRO A 809 38.89 -7.78 -25.25
CA PRO A 809 39.07 -8.68 -24.11
C PRO A 809 37.79 -9.35 -23.64
N SER A 810 36.63 -8.78 -23.91
CA SER A 810 35.36 -9.30 -23.41
C SER A 810 34.55 -10.03 -24.47
N LYS A 811 35.13 -10.26 -25.65
CA LYS A 811 34.46 -10.95 -26.76
C LYS A 811 33.13 -10.30 -27.08
N ARG A 812 33.17 -9.01 -27.36
CA ARG A 812 31.99 -8.24 -27.71
C ARG A 812 32.25 -7.48 -29.00
N SER A 813 31.19 -7.34 -29.80
CA SER A 813 31.30 -6.58 -31.04
C SER A 813 31.44 -5.09 -30.74
N PRO A 814 31.93 -4.30 -31.70
CA PRO A 814 32.08 -2.86 -31.45
C PRO A 814 30.78 -2.18 -31.06
N ILE A 815 29.65 -2.58 -31.66
CA ILE A 815 28.39 -1.92 -31.36
C ILE A 815 27.96 -2.23 -29.92
N GLU A 816 28.06 -3.48 -29.51
CA GLU A 816 27.72 -3.81 -28.13
C GLU A 816 28.65 -3.14 -27.15
N ASP A 817 29.94 -3.03 -27.50
CA ASP A 817 30.87 -2.32 -26.63
C ASP A 817 30.49 -0.85 -26.51
N LEU A 818 30.09 -0.22 -27.61
CA LEU A 818 29.63 1.15 -27.58
C LEU A 818 28.40 1.29 -26.70
N LEU A 819 27.46 0.34 -26.82
CA LEU A 819 26.26 0.37 -25.98
C LEU A 819 26.62 0.26 -24.51
N PHE A 820 27.53 -0.66 -24.16
CA PHE A 820 27.94 -0.79 -22.77
C PHE A 820 28.63 0.47 -22.28
N ASN A 821 29.40 1.12 -23.13
CA ASN A 821 30.06 2.37 -22.78
C ASN A 821 29.09 3.55 -22.76
N LYS A 822 27.89 3.40 -23.31
CA LYS A 822 26.93 4.48 -23.39
C LYS A 822 25.99 4.53 -22.20
N VAL A 823 25.74 3.40 -21.55
CA VAL A 823 24.87 3.32 -20.39
C VAL A 823 25.73 3.36 -19.14
N THR A 824 25.41 4.29 -18.23
CA THR A 824 26.12 4.45 -16.98
C THR A 824 25.24 4.00 -15.83
N LEU A 825 25.78 3.17 -14.95
CA LEU A 825 25.04 2.65 -13.81
C LEU A 825 25.08 3.62 -12.64
N GLN A 850 22.16 2.52 -0.04
CA GLN A 850 21.86 1.79 -1.27
C GLN A 850 22.37 0.35 -1.17
N LYS A 851 23.47 0.15 -0.43
CA LYS A 851 24.06 -1.17 -0.32
C LYS A 851 24.63 -1.42 1.07
N PHE A 852 24.03 -0.81 2.09
CA PHE A 852 24.62 -0.79 3.43
C PHE A 852 23.66 -1.20 4.53
N ASN A 853 22.35 -1.09 4.33
CA ASN A 853 21.34 -1.33 5.37
C ASN A 853 20.57 -2.60 5.09
N GLY A 854 21.25 -3.64 4.63
CA GLY A 854 20.57 -4.88 4.27
C GLY A 854 19.88 -4.84 2.92
N LEU A 855 19.92 -3.71 2.24
CA LEU A 855 19.30 -3.56 0.92
C LEU A 855 20.33 -3.93 -0.12
N THR A 856 20.42 -5.22 -0.42
CA THR A 856 21.48 -5.72 -1.29
C THR A 856 20.97 -5.96 -2.71
N VAL A 857 21.91 -6.26 -3.61
CA VAL A 857 21.61 -6.54 -5.01
C VAL A 857 22.24 -7.88 -5.36
N LEU A 858 21.43 -8.83 -5.81
CA LEU A 858 21.95 -10.10 -6.26
C LEU A 858 22.39 -9.99 -7.73
N PRO A 859 23.43 -10.72 -8.12
CA PRO A 859 23.91 -10.63 -9.50
C PRO A 859 23.00 -11.41 -10.44
N PRO A 860 22.88 -10.98 -11.68
CA PRO A 860 22.04 -11.71 -12.64
C PRO A 860 22.59 -13.10 -12.90
N LEU A 861 21.67 -14.04 -13.17
CA LEU A 861 22.08 -15.41 -13.45
C LEU A 861 22.95 -15.48 -14.70
N LEU A 862 22.47 -14.91 -15.80
CA LEU A 862 23.21 -14.90 -17.05
C LEU A 862 24.20 -13.74 -17.01
N THR A 863 25.49 -14.06 -16.91
CA THR A 863 26.50 -13.02 -16.94
C THR A 863 26.56 -12.36 -18.32
N ASP A 864 27.16 -11.18 -18.35
CA ASP A 864 27.27 -10.45 -19.62
C ASP A 864 28.02 -11.25 -20.67
N GLU A 865 29.00 -12.06 -20.26
CA GLU A 865 29.76 -12.84 -21.23
C GLU A 865 28.88 -13.87 -21.92
N MET A 866 28.12 -14.65 -21.14
CA MET A 866 27.25 -15.65 -21.75
C MET A 866 26.07 -15.02 -22.46
N ILE A 867 25.60 -13.87 -22.00
CA ILE A 867 24.55 -13.15 -22.73
C ILE A 867 25.08 -12.75 -24.11
N ALA A 868 26.29 -12.21 -24.15
CA ALA A 868 26.92 -11.91 -25.43
C ALA A 868 27.15 -13.18 -26.24
N GLN A 869 27.38 -14.31 -25.58
CA GLN A 869 27.53 -15.57 -26.31
C GLN A 869 26.23 -15.97 -27.00
N TYR A 870 25.10 -15.88 -26.29
CA TYR A 870 23.80 -16.06 -26.95
C TYR A 870 23.62 -15.08 -28.10
N THR A 871 23.97 -13.81 -27.92
CA THR A 871 23.78 -12.85 -29.00
C THR A 871 24.64 -13.23 -30.22
N SER A 872 25.89 -13.62 -29.98
CA SER A 872 26.76 -14.04 -31.07
C SER A 872 26.23 -15.29 -31.74
N ALA A 873 25.71 -16.24 -30.96
CA ALA A 873 25.12 -17.44 -31.53
C ALA A 873 23.94 -17.10 -32.42
N LEU A 874 23.08 -16.18 -31.97
CA LEU A 874 21.93 -15.78 -32.76
C LEU A 874 22.37 -15.09 -34.05
N LEU A 875 23.36 -14.21 -33.96
CA LEU A 875 23.86 -13.55 -35.15
C LEU A 875 24.45 -14.55 -36.14
N ALA A 876 25.24 -15.50 -35.64
CA ALA A 876 25.82 -16.51 -36.51
C ALA A 876 24.74 -17.37 -37.14
N GLY A 877 23.73 -17.74 -36.36
CA GLY A 877 22.64 -18.54 -36.91
C GLY A 877 21.89 -17.81 -38.00
N THR A 878 21.53 -16.55 -37.75
CA THR A 878 20.85 -15.77 -38.79
C THR A 878 21.71 -15.66 -40.03
N ILE A 879 22.98 -15.31 -39.85
CA ILE A 879 23.87 -15.07 -40.98
C ILE A 879 24.05 -16.33 -41.81
N THR A 880 24.22 -17.47 -41.14
CA THR A 880 24.58 -18.70 -41.82
C THR A 880 23.38 -19.49 -42.33
N SER A 881 22.26 -19.48 -41.62
CA SER A 881 21.13 -20.33 -41.96
C SER A 881 19.81 -19.59 -42.12
N GLY A 882 19.84 -18.26 -42.17
CA GLY A 882 18.61 -17.50 -42.31
C GLY A 882 17.70 -17.63 -41.10
N TRP A 883 16.58 -18.30 -41.29
CA TRP A 883 15.55 -18.44 -40.26
C TRP A 883 15.32 -19.88 -39.83
N THR A 884 15.78 -20.86 -40.60
CA THR A 884 15.49 -22.26 -40.30
C THR A 884 16.09 -22.70 -38.96
N PHE A 885 17.13 -22.05 -38.48
CA PHE A 885 17.73 -22.45 -37.22
C PHE A 885 16.80 -22.17 -36.05
N GLY A 886 15.87 -21.23 -36.20
CA GLY A 886 14.87 -21.01 -35.17
C GLY A 886 13.73 -22.00 -35.20
N ALA A 887 13.51 -22.65 -36.34
CA ALA A 887 12.44 -23.64 -36.49
C ALA A 887 12.92 -25.04 -36.12
N GLY A 888 13.95 -25.52 -36.80
CA GLY A 888 14.46 -26.84 -36.54
C GLY A 888 15.98 -26.88 -36.54
N PRO A 889 16.55 -27.80 -37.31
CA PRO A 889 18.01 -27.84 -37.43
C PRO A 889 18.51 -26.66 -38.25
N ALA A 890 19.75 -26.26 -37.99
CA ALA A 890 20.36 -25.19 -38.76
C ALA A 890 20.68 -25.67 -40.17
N LEU A 891 20.28 -24.88 -41.16
CA LEU A 891 20.47 -25.23 -42.57
C LEU A 891 21.23 -24.08 -43.23
N GLN A 892 22.51 -24.30 -43.50
CA GLN A 892 23.36 -23.22 -43.99
C GLN A 892 22.84 -22.64 -45.30
N ILE A 893 22.85 -21.32 -45.39
CA ILE A 893 22.43 -20.59 -46.59
C ILE A 893 23.44 -19.49 -46.88
N PRO A 894 23.94 -19.40 -48.11
CA PRO A 894 24.76 -18.25 -48.48
C PRO A 894 23.96 -16.96 -48.38
N PHE A 895 24.61 -15.92 -47.87
CA PHE A 895 23.92 -14.69 -47.58
C PHE A 895 23.25 -14.01 -48.77
N PRO A 896 23.85 -13.94 -49.98
CA PRO A 896 23.07 -13.36 -51.10
C PRO A 896 21.76 -14.06 -51.36
N MET A 897 21.71 -15.40 -51.32
CA MET A 897 20.42 -16.08 -51.50
C MET A 897 19.50 -15.83 -50.32
N GLN A 898 20.03 -15.84 -49.09
CA GLN A 898 19.13 -15.61 -47.95
C GLN A 898 18.48 -14.24 -48.05
N MET A 899 19.25 -13.21 -48.39
CA MET A 899 18.68 -11.88 -48.46
C MET A 899 17.80 -11.73 -49.70
N ALA A 900 18.10 -12.47 -50.77
CA ALA A 900 17.20 -12.49 -51.91
C ALA A 900 15.85 -13.07 -51.52
N TYR A 901 15.83 -14.14 -50.73
CA TYR A 901 14.56 -14.62 -50.22
C TYR A 901 13.88 -13.59 -49.34
N ARG A 902 14.64 -12.90 -48.49
CA ARG A 902 13.99 -11.93 -47.61
C ARG A 902 13.37 -10.78 -48.41
N PHE A 903 13.97 -10.41 -49.54
CA PHE A 903 13.27 -9.55 -50.50
C PHE A 903 12.04 -10.25 -51.06
N ASN A 904 12.15 -11.53 -51.41
CA ASN A 904 11.03 -12.26 -51.97
C ASN A 904 9.86 -12.34 -51.00
N GLY A 905 10.10 -12.13 -49.71
CA GLY A 905 9.02 -12.14 -48.74
C GLY A 905 8.25 -10.85 -48.59
N ILE A 906 8.71 -9.78 -49.25
CA ILE A 906 8.00 -8.51 -49.19
C ILE A 906 7.62 -8.09 -50.61
N GLY A 907 7.36 -9.07 -51.47
CA GLY A 907 6.90 -8.77 -52.81
C GLY A 907 7.92 -8.14 -53.72
N VAL A 908 9.20 -8.32 -53.46
CA VAL A 908 10.27 -7.86 -54.34
C VAL A 908 11.01 -9.09 -54.83
N THR A 909 10.94 -9.34 -56.13
CA THR A 909 11.53 -10.54 -56.70
C THR A 909 13.04 -10.55 -56.49
N GLN A 910 13.64 -11.73 -56.70
CA GLN A 910 15.05 -11.93 -56.45
C GLN A 910 15.91 -11.03 -57.34
N ASN A 911 15.46 -10.80 -58.57
CA ASN A 911 16.31 -10.14 -59.54
C ASN A 911 16.73 -8.76 -59.07
N VAL A 912 15.89 -8.10 -58.29
CA VAL A 912 16.26 -6.77 -57.79
C VAL A 912 17.56 -6.87 -57.01
N LEU A 913 17.61 -7.83 -56.08
CA LEU A 913 18.79 -8.02 -55.26
C LEU A 913 19.98 -8.42 -56.12
N TYR A 914 19.81 -9.45 -56.93
CA TYR A 914 20.95 -10.00 -57.65
C TYR A 914 21.55 -8.97 -58.61
N GLU A 915 20.71 -8.21 -59.30
CA GLU A 915 21.20 -7.16 -60.17
C GLU A 915 21.59 -5.89 -59.42
N ASN A 916 21.28 -5.79 -58.12
CA ASN A 916 21.73 -4.67 -57.31
C ASN A 916 22.55 -5.11 -56.10
N GLN A 917 23.28 -6.22 -56.22
CA GLN A 917 23.94 -6.80 -55.06
C GLN A 917 25.00 -5.87 -54.47
N LYS A 918 25.85 -5.31 -55.34
CA LYS A 918 26.91 -4.44 -54.85
C LYS A 918 26.33 -3.21 -54.16
N LEU A 919 25.32 -2.59 -54.78
CA LEU A 919 24.71 -1.39 -54.21
C LEU A 919 24.04 -1.69 -52.87
N ILE A 920 23.29 -2.80 -52.78
CA ILE A 920 22.60 -3.10 -51.54
C ILE A 920 23.60 -3.42 -50.44
N ALA A 921 24.68 -4.13 -50.78
CA ALA A 921 25.71 -4.42 -49.79
C ALA A 921 26.37 -3.14 -49.28
N ASN A 922 26.71 -2.23 -50.20
CA ASN A 922 27.34 -0.98 -49.80
C ASN A 922 26.41 -0.13 -48.93
N GLN A 923 25.13 -0.09 -49.30
CA GLN A 923 24.16 0.67 -48.49
C GLN A 923 24.02 0.06 -47.11
N PHE A 924 23.98 -1.27 -47.02
CA PHE A 924 23.86 -1.90 -45.71
C PHE A 924 25.07 -1.61 -44.85
N ASN A 925 26.27 -1.69 -45.43
CA ASN A 925 27.49 -1.39 -44.67
C ASN A 925 27.49 0.06 -44.19
N SER A 926 27.11 0.98 -45.08
CA SER A 926 27.09 2.40 -44.71
C SER A 926 26.08 2.65 -43.60
N ALA A 927 24.92 2.00 -43.66
CA ALA A 927 23.91 2.18 -42.63
C ALA A 927 24.40 1.62 -41.30
N ILE A 928 25.06 0.45 -41.31
CA ILE A 928 25.62 -0.09 -40.07
C ILE A 928 26.62 0.90 -39.47
N GLY A 929 27.49 1.48 -40.30
CA GLY A 929 28.42 2.48 -39.79
C GLY A 929 27.71 3.69 -39.21
N LYS A 930 26.67 4.15 -39.91
CA LYS A 930 25.91 5.28 -39.39
C LYS A 930 25.25 4.95 -38.07
N ILE A 931 24.97 3.66 -37.81
CA ILE A 931 24.41 3.31 -36.51
C ILE A 931 25.39 3.69 -35.41
N GLN A 932 26.67 3.34 -35.59
CA GLN A 932 27.68 3.72 -34.61
C GLN A 932 27.77 5.22 -34.48
N ASP A 933 27.77 5.93 -35.62
CA ASP A 933 27.87 7.38 -35.55
C ASP A 933 26.70 7.99 -34.79
N SER A 934 25.48 7.52 -35.08
CA SER A 934 24.28 8.02 -34.40
C SER A 934 24.35 7.73 -32.89
N LEU A 935 24.71 6.51 -32.53
CA LEU A 935 24.75 6.14 -31.11
C LEU A 935 25.80 6.97 -30.37
N SER A 936 26.96 7.16 -30.99
CA SER A 936 28.05 7.84 -30.30
C SER A 936 27.78 9.34 -30.18
N SER A 937 27.27 9.97 -31.24
CA SER A 937 27.08 11.41 -31.22
C SER A 937 25.80 11.83 -30.52
N THR A 938 24.75 11.02 -30.58
CA THR A 938 23.46 11.39 -30.00
C THR A 938 23.40 10.99 -28.53
N PRO A 939 23.31 11.94 -27.61
CA PRO A 939 23.08 11.58 -26.21
C PRO A 939 21.69 11.03 -26.00
N SER A 940 21.54 10.21 -24.96
CA SER A 940 20.28 9.57 -24.60
C SER A 940 19.73 8.66 -25.69
N ALA A 941 20.60 8.17 -26.58
CA ALA A 941 20.16 7.16 -27.53
C ALA A 941 19.69 5.89 -26.82
N LEU A 942 20.26 5.61 -25.65
CA LEU A 942 19.82 4.53 -24.77
C LEU A 942 18.89 5.05 -23.68
N GLY A 943 18.04 6.00 -24.05
CA GLY A 943 17.22 6.69 -23.06
C GLY A 943 16.32 5.78 -22.27
N LYS A 944 15.75 4.75 -22.91
CA LYS A 944 14.84 3.86 -22.20
C LYS A 944 15.56 3.10 -21.08
N LEU A 945 16.71 2.51 -21.41
CA LEU A 945 17.49 1.80 -20.40
C LEU A 945 18.00 2.75 -19.32
N GLN A 946 18.45 3.93 -19.72
CA GLN A 946 18.90 4.90 -18.72
C GLN A 946 17.75 5.29 -17.80
N ASP A 947 16.54 5.46 -18.35
CA ASP A 947 15.40 5.82 -17.51
C ASP A 947 15.05 4.72 -16.53
N VAL A 948 15.02 3.46 -17.00
CA VAL A 948 14.65 2.38 -16.09
C VAL A 948 15.70 2.21 -15.00
N VAL A 949 16.98 2.24 -15.36
CA VAL A 949 18.02 2.09 -14.35
C VAL A 949 18.01 3.26 -13.38
N ASN A 950 17.83 4.48 -13.89
CA ASN A 950 17.84 5.66 -13.04
C ASN A 950 16.66 5.64 -12.07
N GLN A 951 15.48 5.26 -12.55
CA GLN A 951 14.33 5.25 -11.65
C GLN A 951 14.43 4.12 -10.62
N ASN A 952 14.99 2.97 -11.01
CA ASN A 952 15.22 1.92 -10.02
C ASN A 952 16.20 2.38 -8.93
N ALA A 953 17.33 2.97 -9.35
CA ALA A 953 18.29 3.45 -8.38
C ALA A 953 17.74 4.58 -7.53
N GLN A 954 16.90 5.43 -8.12
CA GLN A 954 16.30 6.54 -7.38
C GLN A 954 15.29 6.02 -6.36
N ALA A 955 14.51 5.00 -6.74
CA ALA A 955 13.61 4.37 -5.78
C ALA A 955 14.40 3.77 -4.62
N LEU A 956 15.52 3.11 -4.92
CA LEU A 956 16.34 2.56 -3.84
C LEU A 956 16.87 3.68 -2.95
N ASN A 957 17.30 4.78 -3.55
CA ASN A 957 17.82 5.91 -2.76
C ASN A 957 16.74 6.50 -1.87
N THR A 958 15.52 6.65 -2.39
CA THR A 958 14.43 7.14 -1.55
C THR A 958 14.13 6.17 -0.41
N LEU A 959 14.15 4.87 -0.71
CA LEU A 959 13.91 3.88 0.34
C LEU A 959 14.95 3.99 1.44
N VAL A 960 16.21 4.18 1.06
CA VAL A 960 17.27 4.39 2.05
C VAL A 960 17.03 5.68 2.82
N LYS A 961 16.66 6.75 2.11
CA LYS A 961 16.46 8.04 2.74
C LYS A 961 15.33 8.01 3.75
N GLN A 962 14.37 7.10 3.58
CA GLN A 962 13.26 7.01 4.52
C GLN A 962 13.73 6.78 5.95
N LEU A 963 14.91 6.18 6.14
CA LEU A 963 15.43 5.97 7.49
C LEU A 963 15.76 7.29 8.19
N SER A 964 15.86 8.38 7.44
CA SER A 964 16.11 9.70 8.00
C SER A 964 14.84 10.40 8.45
N SER A 965 13.76 9.66 8.69
CA SER A 965 12.47 10.22 9.07
C SER A 965 12.04 9.66 10.41
N ASN A 966 11.47 10.51 11.25
CA ASN A 966 11.08 10.09 12.59
C ASN A 966 9.76 9.34 12.63
N PHE A 967 8.91 9.52 11.62
CA PHE A 967 7.59 8.87 11.55
C PHE A 967 6.79 9.04 12.84
N GLY A 968 7.04 10.11 13.58
CA GLY A 968 6.42 10.34 14.86
C GLY A 968 7.30 10.03 16.06
N ALA A 969 8.37 9.27 15.88
CA ALA A 969 9.24 8.95 16.99
C ALA A 969 10.07 10.18 17.39
N ILE A 970 10.87 10.01 18.45
CA ILE A 970 11.69 11.12 18.95
C ILE A 970 13.08 11.13 18.34
N SER A 971 13.42 10.14 17.53
CA SER A 971 14.68 10.14 16.80
C SER A 971 14.57 9.17 15.64
N SER A 972 15.31 9.46 14.57
CA SER A 972 15.22 8.68 13.35
C SER A 972 16.13 7.46 13.35
N VAL A 973 16.99 7.33 14.35
CA VAL A 973 17.84 6.16 14.52
C VAL A 973 17.43 5.47 15.80
N LEU A 974 17.07 4.19 15.69
CA LEU A 974 16.56 3.47 16.84
C LEU A 974 17.62 3.21 17.90
N ASN A 975 18.90 3.32 17.54
CA ASN A 975 19.96 3.04 18.50
C ASN A 975 19.91 3.99 19.69
N ASP A 976 19.76 5.29 19.45
CA ASP A 976 19.80 6.23 20.57
C ASP A 976 18.54 6.17 21.41
N ILE A 977 17.38 5.97 20.79
CA ILE A 977 16.15 5.83 21.58
C ILE A 977 16.21 4.55 22.42
N LEU A 978 16.82 3.49 21.89
CA LEU A 978 17.06 2.32 22.71
C LEU A 978 18.01 2.64 23.86
N SER A 979 19.04 3.43 23.59
CA SER A 979 20.04 3.74 24.61
C SER A 979 19.49 4.66 25.69
N ARG A 980 18.47 5.46 25.38
CA ARG A 980 18.00 6.49 26.31
C ARG A 980 16.55 6.32 26.74
N LEU A 981 15.88 5.22 26.37
CA LEU A 981 14.48 5.04 26.73
C LEU A 981 14.28 3.71 27.43
N ASP A 982 13.58 3.74 28.56
CA ASP A 982 13.18 2.51 29.24
C ASP A 982 12.18 1.77 28.35
N PRO A 983 12.35 0.46 28.16
CA PRO A 983 11.42 -0.31 27.29
C PRO A 983 9.95 0.01 27.51
N PRO A 984 9.41 -0.13 28.72
CA PRO A 984 7.93 -0.13 28.84
C PRO A 984 7.28 1.18 28.38
N GLU A 985 8.06 2.23 28.09
CA GLU A 985 7.56 3.38 27.35
C GLU A 985 8.23 3.56 25.99
N ALA A 986 9.38 2.92 25.76
CA ALA A 986 10.03 2.99 24.46
C ALA A 986 9.27 2.17 23.43
N GLU A 987 8.40 1.27 23.90
CA GLU A 987 7.63 0.44 22.99
C GLU A 987 6.83 1.30 22.03
N VAL A 988 6.19 2.35 22.52
CA VAL A 988 5.31 3.14 21.65
C VAL A 988 6.13 3.89 20.59
N GLN A 989 7.27 4.45 20.99
CA GLN A 989 8.15 5.13 20.04
C GLN A 989 8.67 4.17 18.98
N ILE A 990 9.23 3.04 19.40
CA ILE A 990 9.77 2.10 18.43
C ILE A 990 8.66 1.49 17.60
N ASP A 991 7.43 1.42 18.13
CA ASP A 991 6.31 0.91 17.35
C ASP A 991 5.92 1.89 16.27
N ARG A 992 5.90 3.18 16.59
CA ARG A 992 5.66 4.19 15.56
C ARG A 992 6.73 4.10 14.48
N LEU A 993 7.99 3.98 14.89
CA LEU A 993 9.08 3.92 13.92
C LEU A 993 8.95 2.69 13.03
N ILE A 994 8.66 1.52 13.62
CA ILE A 994 8.52 0.31 12.84
C ILE A 994 7.32 0.40 11.91
N THR A 995 6.20 0.94 12.39
CA THR A 995 5.02 1.11 11.56
C THR A 995 5.34 1.95 10.33
N GLY A 996 5.98 3.10 10.55
CA GLY A 996 6.32 3.96 9.42
C GLY A 996 7.30 3.31 8.46
N ARG A 997 8.35 2.69 9.00
CA ARG A 997 9.36 2.09 8.14
C ARG A 997 8.79 0.92 7.35
N LEU A 998 7.96 0.10 7.98
CA LEU A 998 7.32 -1.01 7.30
C LEU A 998 6.34 -0.51 6.25
N GLN A 999 5.63 0.58 6.53
CA GLN A 999 4.74 1.15 5.53
C GLN A 999 5.54 1.63 4.33
N SER A 1000 6.70 2.24 4.57
CA SER A 1000 7.58 2.66 3.48
C SER A 1000 8.06 1.45 2.69
N LEU A 1001 8.43 0.38 3.38
CA LEU A 1001 8.85 -0.84 2.69
C LEU A 1001 7.74 -1.40 1.84
N GLN A 1002 6.51 -1.41 2.35
CA GLN A 1002 5.37 -1.87 1.57
C GLN A 1002 5.18 -1.03 0.32
N THR A 1003 5.26 0.30 0.46
CA THR A 1003 5.12 1.17 -0.71
C THR A 1003 6.21 0.87 -1.73
N TYR A 1004 7.45 0.72 -1.27
CA TYR A 1004 8.53 0.41 -2.19
C TYR A 1004 8.30 -0.91 -2.90
N VAL A 1005 7.88 -1.95 -2.16
CA VAL A 1005 7.67 -3.26 -2.73
C VAL A 1005 6.52 -3.23 -3.73
N THR A 1006 5.45 -2.51 -3.41
CA THR A 1006 4.32 -2.42 -4.33
C THR A 1006 4.71 -1.73 -5.63
N GLN A 1007 5.41 -0.61 -5.52
CA GLN A 1007 5.83 0.09 -6.73
C GLN A 1007 6.83 -0.75 -7.52
N GLN A 1008 7.69 -1.49 -6.83
CA GLN A 1008 8.58 -2.42 -7.51
C GLN A 1008 7.81 -3.51 -8.23
N LEU A 1009 6.73 -4.01 -7.61
CA LEU A 1009 5.90 -5.02 -8.25
C LEU A 1009 5.29 -4.48 -9.53
N ILE A 1010 4.77 -3.25 -9.50
CA ILE A 1010 4.17 -2.69 -10.69
C ILE A 1010 5.23 -2.44 -11.76
N ARG A 1011 6.37 -1.91 -11.37
CA ARG A 1011 7.44 -1.66 -12.33
C ARG A 1011 7.96 -2.98 -12.92
N ALA A 1012 8.01 -4.03 -12.11
CA ALA A 1012 8.43 -5.33 -12.60
C ALA A 1012 7.39 -5.93 -13.52
N ALA A 1013 6.11 -5.67 -13.29
CA ALA A 1013 5.09 -6.10 -14.24
C ALA A 1013 5.26 -5.38 -15.57
N GLU A 1014 5.56 -4.09 -15.53
CA GLU A 1014 5.84 -3.36 -16.78
C GLU A 1014 7.07 -3.93 -17.47
N ILE A 1015 8.12 -4.24 -16.71
CA ILE A 1015 9.33 -4.82 -17.28
C ILE A 1015 9.02 -6.19 -17.87
N ARG A 1016 8.15 -6.95 -17.21
CA ARG A 1016 7.73 -8.24 -17.74
C ARG A 1016 7.01 -8.08 -19.07
N ALA A 1017 6.12 -7.10 -19.16
CA ALA A 1017 5.44 -6.86 -20.43
C ALA A 1017 6.44 -6.48 -21.51
N SER A 1018 7.39 -5.60 -21.17
CA SER A 1018 8.40 -5.18 -22.13
C SER A 1018 9.29 -6.34 -22.55
N ALA A 1019 9.63 -7.21 -21.60
CA ALA A 1019 10.49 -8.36 -21.91
C ALA A 1019 9.76 -9.38 -22.76
N ASN A 1020 8.47 -9.60 -22.50
CA ASN A 1020 7.69 -10.46 -23.37
C ASN A 1020 7.60 -9.88 -24.77
N LEU A 1021 7.40 -8.57 -24.88
CA LEU A 1021 7.42 -7.93 -26.19
C LEU A 1021 8.77 -8.08 -26.86
N ALA A 1022 9.85 -7.93 -26.10
CA ALA A 1022 11.19 -8.08 -26.66
C ALA A 1022 11.43 -9.49 -27.15
N ALA A 1023 10.99 -10.48 -26.37
CA ALA A 1023 11.15 -11.88 -26.77
C ALA A 1023 10.35 -12.16 -28.04
N THR A 1024 9.12 -11.65 -28.11
CA THR A 1024 8.32 -11.84 -29.31
C THR A 1024 8.98 -11.17 -30.50
N LYS A 1025 9.53 -9.98 -30.30
CA LYS A 1025 10.21 -9.28 -31.39
C LYS A 1025 11.43 -10.04 -31.86
N MET A 1026 12.24 -10.56 -30.93
CA MET A 1026 13.40 -11.34 -31.35
C MET A 1026 12.97 -12.60 -32.07
N SER A 1027 11.94 -13.27 -31.56
CA SER A 1027 11.46 -14.50 -32.17
C SER A 1027 10.94 -14.26 -33.59
N GLU A 1028 10.23 -13.14 -33.79
CA GLU A 1028 9.58 -12.91 -35.07
C GLU A 1028 10.43 -12.15 -36.07
N CYS A 1029 11.35 -11.29 -35.62
CA CYS A 1029 12.19 -10.52 -36.53
C CYS A 1029 13.57 -11.11 -36.71
N VAL A 1030 14.14 -11.75 -35.68
CA VAL A 1030 15.47 -12.34 -35.76
C VAL A 1030 15.36 -13.76 -36.30
N LEU A 1031 14.57 -14.60 -35.62
CA LEU A 1031 14.45 -16.00 -36.00
C LEU A 1031 13.70 -16.20 -37.29
N GLY A 1032 13.20 -15.13 -37.90
CA GLY A 1032 12.45 -15.23 -39.13
C GLY A 1032 12.10 -13.85 -39.63
N GLN A 1033 11.47 -13.82 -40.80
CA GLN A 1033 10.99 -12.58 -41.38
C GLN A 1033 9.52 -12.40 -41.02
N SER A 1034 9.19 -11.22 -40.49
CA SER A 1034 7.86 -10.97 -39.96
C SER A 1034 7.08 -10.05 -40.89
N LYS A 1035 5.86 -10.48 -41.23
CA LYS A 1035 5.05 -9.74 -42.19
C LYS A 1035 4.31 -8.57 -41.55
N ARG A 1036 3.98 -8.67 -40.26
CA ARG A 1036 3.20 -7.64 -39.60
C ARG A 1036 3.93 -6.31 -39.66
N VAL A 1037 3.33 -5.33 -40.36
CA VAL A 1037 4.02 -4.09 -40.66
C VAL A 1037 4.19 -3.25 -39.41
N ASP A 1038 5.28 -2.48 -39.37
CA ASP A 1038 5.61 -1.59 -38.26
C ASP A 1038 5.76 -2.35 -36.94
N PHE A 1039 6.18 -3.62 -37.02
CA PHE A 1039 6.55 -4.37 -35.84
C PHE A 1039 8.04 -4.68 -35.76
N CYS A 1040 8.72 -4.74 -36.90
CA CYS A 1040 10.17 -4.94 -36.90
C CYS A 1040 10.83 -3.75 -37.59
N GLY A 1041 10.43 -2.55 -37.23
CA GLY A 1041 11.04 -1.34 -37.76
C GLY A 1041 10.23 -0.71 -38.87
N LYS A 1042 10.38 0.61 -39.00
CA LYS A 1042 9.63 1.36 -40.00
C LYS A 1042 9.98 0.88 -41.41
N GLY A 1043 8.97 0.80 -42.25
CA GLY A 1043 9.15 0.29 -43.59
C GLY A 1043 9.04 -1.23 -43.67
N TYR A 1044 9.15 -1.73 -44.89
CA TYR A 1044 9.12 -3.18 -45.09
C TYR A 1044 10.29 -3.81 -44.35
N HIS A 1045 10.08 -4.97 -43.78
CA HIS A 1045 11.11 -5.57 -42.92
C HIS A 1045 11.81 -6.71 -43.65
N LEU A 1046 13.10 -6.87 -43.35
CA LEU A 1046 13.89 -7.95 -43.90
C LEU A 1046 14.35 -8.93 -42.82
N MET A 1047 15.03 -8.43 -41.80
CA MET A 1047 15.65 -9.22 -40.75
C MET A 1047 16.24 -8.24 -39.74
N SER A 1048 16.76 -8.78 -38.64
CA SER A 1048 17.26 -7.93 -37.57
C SER A 1048 18.34 -8.65 -36.80
N PHE A 1049 19.10 -7.87 -36.03
CA PHE A 1049 20.23 -8.38 -35.25
C PHE A 1049 20.03 -8.00 -33.79
N PRO A 1050 19.99 -8.96 -32.87
CA PRO A 1050 20.02 -8.61 -31.46
C PRO A 1050 21.40 -8.17 -31.03
N GLN A 1051 21.44 -7.27 -30.05
CA GLN A 1051 22.70 -6.81 -29.47
C GLN A 1051 22.50 -6.61 -27.98
N SER A 1052 23.32 -7.28 -27.19
CA SER A 1052 23.16 -7.25 -25.73
C SER A 1052 23.42 -5.84 -25.22
N ALA A 1053 22.59 -5.41 -24.28
CA ALA A 1053 22.74 -4.11 -23.64
C ALA A 1053 22.52 -4.30 -22.15
N PRO A 1054 23.10 -3.44 -21.31
CA PRO A 1054 22.95 -3.62 -19.85
C PRO A 1054 21.50 -3.57 -19.42
N HIS A 1055 20.99 -4.69 -18.91
CA HIS A 1055 19.59 -4.80 -18.49
C HIS A 1055 18.63 -4.44 -19.62
N GLY A 1056 18.93 -4.94 -20.82
CA GLY A 1056 18.09 -4.64 -21.96
C GLY A 1056 18.59 -5.37 -23.19
N VAL A 1057 17.96 -5.07 -24.32
CA VAL A 1057 18.34 -5.64 -25.60
C VAL A 1057 18.15 -4.56 -26.67
N VAL A 1058 19.03 -4.56 -27.66
CA VAL A 1058 18.98 -3.59 -28.74
C VAL A 1058 18.91 -4.34 -30.05
N PHE A 1059 17.92 -4.02 -30.87
CA PHE A 1059 17.76 -4.63 -32.17
C PHE A 1059 18.25 -3.66 -33.24
N LEU A 1060 18.60 -4.22 -34.40
CA LEU A 1060 18.94 -3.48 -35.60
C LEU A 1060 18.03 -3.96 -36.73
N HIS A 1061 16.84 -3.37 -36.79
CA HIS A 1061 15.85 -3.77 -37.80
C HIS A 1061 16.33 -3.33 -39.17
N VAL A 1062 16.60 -4.29 -40.04
CA VAL A 1062 17.04 -4.03 -41.40
C VAL A 1062 15.78 -3.93 -42.26
N THR A 1063 15.43 -2.70 -42.63
CA THR A 1063 14.17 -2.43 -43.32
C THR A 1063 14.44 -1.91 -44.73
N TYR A 1064 13.68 -2.45 -45.67
CA TYR A 1064 13.64 -1.99 -47.05
C TYR A 1064 12.59 -0.88 -47.15
N VAL A 1065 12.98 0.24 -47.76
CA VAL A 1065 12.11 1.40 -47.87
C VAL A 1065 12.18 1.93 -49.29
N PRO A 1066 11.05 2.11 -49.97
CA PRO A 1066 11.10 2.60 -51.35
C PRO A 1066 11.68 4.00 -51.43
N ALA A 1067 12.26 4.31 -52.58
CA ALA A 1067 12.92 5.59 -52.85
C ALA A 1067 12.19 6.29 -53.99
N GLN A 1068 12.85 7.32 -54.55
CA GLN A 1068 12.26 8.24 -55.52
C GLN A 1068 11.31 7.53 -56.46
N GLU A 1069 10.10 8.09 -56.57
CA GLU A 1069 8.99 7.41 -57.24
C GLU A 1069 8.57 8.20 -58.47
N LYS A 1070 8.07 7.47 -59.47
CA LYS A 1070 7.59 8.04 -60.71
C LYS A 1070 6.09 7.82 -60.82
N ASN A 1071 5.40 8.84 -61.34
CA ASN A 1071 3.97 8.74 -61.60
C ASN A 1071 3.72 8.04 -62.92
N PHE A 1072 2.59 7.37 -63.01
CA PHE A 1072 2.21 6.65 -64.21
C PHE A 1072 0.69 6.66 -64.34
N THR A 1073 0.24 6.65 -65.59
CA THR A 1073 -1.18 6.51 -65.91
C THR A 1073 -1.52 5.04 -66.00
N THR A 1074 -2.45 4.59 -65.18
CA THR A 1074 -2.68 3.17 -64.95
C THR A 1074 -4.14 2.83 -65.18
N ALA A 1075 -4.39 1.53 -65.36
CA ALA A 1075 -5.74 1.02 -65.57
C ALA A 1075 -5.88 -0.33 -64.89
N PRO A 1076 -6.95 -0.55 -64.11
CA PRO A 1076 -7.06 -1.79 -63.34
C PRO A 1076 -7.23 -3.05 -64.18
N ALA A 1077 -7.23 -2.94 -65.50
CA ALA A 1077 -7.42 -4.09 -66.36
C ALA A 1077 -6.89 -3.77 -67.75
N ILE A 1078 -6.89 -4.78 -68.60
CA ILE A 1078 -6.60 -4.63 -70.02
C ILE A 1078 -7.66 -5.38 -70.81
N CYS A 1079 -8.04 -4.85 -71.97
CA CYS A 1079 -8.98 -5.55 -72.84
C CYS A 1079 -8.23 -6.01 -74.08
N HIS A 1080 -8.58 -7.22 -74.55
CA HIS A 1080 -7.98 -7.76 -75.77
C HIS A 1080 -8.93 -8.82 -76.31
N ASP A 1081 -9.34 -8.67 -77.58
CA ASP A 1081 -10.37 -9.49 -78.19
C ASP A 1081 -11.69 -9.42 -77.41
N GLY A 1082 -11.96 -8.27 -76.81
CA GLY A 1082 -13.10 -8.12 -75.92
C GLY A 1082 -12.94 -8.81 -74.58
N LYS A 1083 -11.98 -9.73 -74.51
CA LYS A 1083 -11.75 -10.52 -73.31
C LYS A 1083 -10.84 -9.76 -72.35
N ALA A 1084 -11.13 -9.85 -71.06
CA ALA A 1084 -10.42 -9.06 -70.07
C ALA A 1084 -9.06 -9.67 -69.76
N HIS A 1085 -8.27 -8.93 -68.97
CA HIS A 1085 -6.96 -9.39 -68.52
C HIS A 1085 -6.60 -8.63 -67.26
N PHE A 1086 -6.27 -9.36 -66.19
CA PHE A 1086 -5.78 -8.76 -64.96
C PHE A 1086 -4.32 -9.15 -64.75
N PRO A 1087 -3.55 -8.35 -64.02
CA PRO A 1087 -2.15 -8.73 -63.78
C PRO A 1087 -2.05 -9.86 -62.77
N ARG A 1088 -1.38 -10.95 -63.18
CA ARG A 1088 -1.24 -12.09 -62.29
C ARG A 1088 -0.45 -11.71 -61.04
N GLU A 1089 0.56 -10.85 -61.21
CA GLU A 1089 1.30 -10.28 -60.09
C GLU A 1089 1.77 -8.89 -60.49
N GLY A 1090 1.63 -7.94 -59.60
CA GLY A 1090 1.99 -6.56 -59.90
C GLY A 1090 0.84 -5.74 -60.42
N VAL A 1091 1.19 -4.59 -60.99
CA VAL A 1091 0.20 -3.62 -61.46
C VAL A 1091 0.43 -3.38 -62.94
N PHE A 1092 -0.59 -2.81 -63.59
CA PHE A 1092 -0.44 -2.23 -64.91
C PHE A 1092 -0.02 -0.77 -64.76
N VAL A 1093 0.84 -0.30 -65.68
CA VAL A 1093 1.28 1.08 -65.71
C VAL A 1093 1.54 1.48 -67.16
N SER A 1094 1.82 2.75 -67.37
CA SER A 1094 2.22 3.23 -68.70
C SER A 1094 3.04 4.49 -68.55
N ASN A 1095 4.09 4.60 -69.37
CA ASN A 1095 4.87 5.83 -69.43
C ASN A 1095 4.16 6.93 -70.20
N GLY A 1096 3.03 6.62 -70.84
CA GLY A 1096 2.25 7.59 -71.57
C GLY A 1096 1.84 7.07 -72.93
N THR A 1097 2.68 6.24 -73.53
CA THR A 1097 2.44 5.71 -74.87
C THR A 1097 2.38 4.19 -74.92
N HIS A 1098 3.06 3.50 -74.02
CA HIS A 1098 3.08 2.05 -74.00
C HIS A 1098 2.71 1.54 -72.61
N TRP A 1099 2.05 0.39 -72.57
CA TRP A 1099 1.60 -0.20 -71.32
C TRP A 1099 2.60 -1.26 -70.88
N PHE A 1100 2.69 -1.46 -69.57
CA PHE A 1100 3.67 -2.36 -68.96
C PHE A 1100 3.09 -2.98 -67.69
N VAL A 1101 3.68 -4.10 -67.30
CA VAL A 1101 3.38 -4.78 -66.04
C VAL A 1101 4.59 -4.63 -65.14
N THR A 1102 4.35 -4.29 -63.87
CA THR A 1102 5.46 -4.07 -62.95
C THR A 1102 5.12 -4.65 -61.59
N GLN A 1103 6.13 -4.68 -60.73
CA GLN A 1103 5.98 -5.01 -59.32
C GLN A 1103 5.34 -3.83 -58.59
N ARG A 1104 4.89 -4.08 -57.36
CA ARG A 1104 4.39 -2.99 -56.53
C ARG A 1104 5.48 -2.28 -55.73
N ASN A 1105 6.71 -2.77 -55.73
CA ASN A 1105 7.74 -2.21 -54.87
C ASN A 1105 9.05 -1.93 -55.59
N PHE A 1106 9.08 -2.08 -56.92
CA PHE A 1106 10.25 -1.70 -57.71
C PHE A 1106 9.81 -1.58 -59.15
N TYR A 1107 10.01 -0.41 -59.75
CA TYR A 1107 9.61 -0.19 -61.14
C TYR A 1107 10.46 -1.06 -62.04
N GLU A 1108 9.87 -2.15 -62.53
CA GLU A 1108 10.51 -3.07 -63.45
C GLU A 1108 9.54 -3.33 -64.59
N PRO A 1109 9.45 -2.41 -65.54
CA PRO A 1109 8.47 -2.57 -66.62
C PRO A 1109 8.70 -3.84 -67.41
N GLN A 1110 7.62 -4.52 -67.75
CA GLN A 1110 7.65 -5.72 -68.57
C GLN A 1110 6.53 -5.64 -69.59
N ILE A 1111 6.82 -6.09 -70.82
CA ILE A 1111 5.78 -6.14 -71.84
C ILE A 1111 4.67 -7.08 -71.39
N ILE A 1112 3.43 -6.72 -71.65
CA ILE A 1112 2.30 -7.54 -71.23
C ILE A 1112 2.30 -8.82 -72.04
N THR A 1113 2.32 -9.95 -71.35
CA THR A 1113 2.31 -11.25 -71.99
C THR A 1113 1.33 -12.16 -71.26
N THR A 1114 1.14 -13.36 -71.81
CA THR A 1114 0.10 -14.25 -71.29
C THR A 1114 0.41 -14.72 -69.87
N ASP A 1115 1.66 -15.08 -69.59
CA ASP A 1115 1.95 -15.82 -68.37
C ASP A 1115 2.20 -14.94 -67.15
N ASN A 1116 2.08 -13.62 -67.28
CA ASN A 1116 2.05 -12.75 -66.10
C ASN A 1116 0.70 -12.07 -65.95
N THR A 1117 -0.32 -12.52 -66.69
CA THR A 1117 -1.68 -12.02 -66.58
C THR A 1117 -2.63 -13.20 -66.57
N PHE A 1118 -3.77 -13.03 -65.90
CA PHE A 1118 -4.81 -14.05 -65.90
C PHE A 1118 -6.12 -13.44 -66.36
N VAL A 1119 -6.93 -14.27 -67.02
CA VAL A 1119 -8.05 -13.82 -67.81
C VAL A 1119 -9.36 -14.20 -67.12
N SER A 1120 -10.36 -13.34 -67.28
CA SER A 1120 -11.69 -13.63 -66.74
C SER A 1120 -12.72 -12.74 -67.42
N GLY A 1121 -13.64 -13.34 -68.16
CA GLY A 1121 -14.80 -12.63 -68.68
C GLY A 1121 -14.45 -11.68 -69.82
N ASN A 1122 -15.36 -10.74 -70.03
CA ASN A 1122 -15.26 -9.76 -71.11
C ASN A 1122 -15.11 -8.37 -70.50
N CYS A 1123 -14.53 -7.46 -71.28
CA CYS A 1123 -14.07 -6.19 -70.75
C CYS A 1123 -15.16 -5.11 -70.73
N ASP A 1124 -16.43 -5.50 -70.82
CA ASP A 1124 -17.53 -4.53 -70.76
C ASP A 1124 -18.17 -4.43 -69.38
N VAL A 1125 -17.48 -4.87 -68.33
CA VAL A 1125 -18.05 -4.93 -66.99
C VAL A 1125 -17.31 -4.04 -66.00
N VAL A 1126 -15.99 -4.00 -66.07
CA VAL A 1126 -15.20 -3.22 -65.12
C VAL A 1126 -15.28 -1.75 -65.49
N ILE A 1127 -15.20 -0.88 -64.47
CA ILE A 1127 -15.43 0.55 -64.68
C ILE A 1127 -14.40 1.11 -65.67
N GLY A 1128 -13.13 0.77 -65.49
CA GLY A 1128 -12.10 1.30 -66.35
C GLY A 1128 -11.20 0.22 -66.91
N ILE A 1129 -11.25 0.05 -68.23
CA ILE A 1129 -10.43 -0.92 -68.94
C ILE A 1129 -9.91 -0.25 -70.20
N VAL A 1130 -8.66 -0.50 -70.55
CA VAL A 1130 -8.01 0.14 -71.68
C VAL A 1130 -7.74 -0.91 -72.75
N ASN A 1131 -8.15 -0.61 -73.97
CA ASN A 1131 -7.84 -1.48 -75.10
C ASN A 1131 -6.32 -1.55 -75.28
N ASN A 1132 -5.82 -2.73 -75.56
CA ASN A 1132 -4.37 -2.93 -75.70
C ASN A 1132 -4.18 -4.29 -76.36
N THR A 1133 -2.92 -4.67 -76.56
CA THR A 1133 -2.58 -5.96 -77.15
C THR A 1133 -1.79 -6.77 -76.13
N VAL A 1134 -2.32 -7.92 -75.75
CA VAL A 1134 -1.67 -8.81 -74.80
C VAL A 1134 -1.09 -9.97 -75.59
N TYR A 1135 0.22 -9.94 -75.80
CA TYR A 1135 0.89 -10.92 -76.63
C TYR A 1135 1.06 -12.24 -75.88
N ASP A 1136 1.09 -13.32 -76.65
CA ASP A 1136 1.38 -14.64 -76.13
C ASP A 1136 2.67 -15.13 -76.76
N PRO A 1137 3.67 -15.54 -75.98
CA PRO A 1137 4.96 -15.93 -76.57
C PRO A 1137 4.85 -17.11 -77.54
N LEU A 1138 3.82 -17.94 -77.39
CA LEU A 1138 3.68 -19.09 -78.28
C LEU A 1138 3.54 -18.63 -79.73
N GLN A 1139 2.84 -17.52 -79.97
CA GLN A 1139 2.67 -17.06 -81.35
C GLN A 1139 3.99 -16.68 -82.01
N PRO A 1140 4.83 -15.78 -81.46
CA PRO A 1140 6.13 -15.54 -82.08
C PRO A 1140 7.04 -16.75 -82.09
N GLU A 1141 6.95 -17.61 -81.07
CA GLU A 1141 7.78 -18.80 -81.05
C GLU A 1141 7.45 -19.73 -82.22
N LEU A 1142 6.16 -19.93 -82.49
CA LEU A 1142 5.75 -20.75 -83.62
C LEU A 1142 5.95 -20.05 -84.95
N ASP A 1143 5.89 -18.71 -84.96
CA ASP A 1143 6.08 -17.96 -86.20
C ASP A 1143 7.55 -17.69 -86.47
N GLN B 14 -59.15 21.56 39.68
CA GLN B 14 -60.03 21.95 38.58
C GLN B 14 -59.83 21.05 37.37
N CYS B 15 -59.52 19.78 37.61
CA CYS B 15 -59.42 18.81 36.53
C CYS B 15 -60.66 17.92 36.55
N VAL B 16 -61.00 17.34 35.40
CA VAL B 16 -62.20 16.52 35.28
C VAL B 16 -61.80 15.10 34.89
N ASN B 17 -62.33 14.12 35.61
CA ASN B 17 -62.10 12.71 35.32
C ASN B 17 -63.19 12.18 34.38
N LEU B 18 -62.80 11.80 33.16
CA LEU B 18 -63.74 11.21 32.19
C LEU B 18 -63.55 9.70 32.21
N THR B 19 -64.24 9.04 33.15
CA THR B 19 -64.29 7.58 33.29
C THR B 19 -65.10 6.88 32.20
N THR B 20 -65.86 7.62 31.38
CA THR B 20 -66.70 7.06 30.33
C THR B 20 -65.96 6.49 29.12
N ARG B 21 -64.62 6.57 29.05
CA ARG B 21 -63.94 6.01 27.89
C ARG B 21 -64.06 4.49 27.80
N THR B 22 -64.33 4.01 26.59
CA THR B 22 -64.49 2.59 26.26
C THR B 22 -63.18 2.09 25.65
N GLN B 23 -62.58 1.07 26.25
CA GLN B 23 -61.26 0.60 25.86
C GLN B 23 -61.34 -0.69 25.04
N LEU B 24 -60.68 -0.68 23.88
CA LEU B 24 -60.68 -1.73 22.87
C LEU B 24 -59.26 -1.87 22.36
N PRO B 25 -58.91 -3.04 21.80
CA PRO B 25 -57.57 -3.19 21.19
C PRO B 25 -57.31 -2.20 20.07
N PRO B 26 -56.11 -1.62 20.05
CA PRO B 26 -55.78 -0.55 19.09
C PRO B 26 -55.93 -0.96 17.64
N ALA B 27 -56.40 -0.03 16.82
CA ALA B 27 -56.49 -0.24 15.39
C ALA B 27 -55.12 -0.01 14.75
N TYR B 28 -55.00 -0.38 13.47
CA TYR B 28 -53.77 -0.23 12.71
C TYR B 28 -54.10 0.19 11.28
N THR B 29 -53.11 0.80 10.62
CA THR B 29 -53.28 1.16 9.21
C THR B 29 -51.89 1.28 8.59
N ASN B 30 -51.88 1.48 7.27
CA ASN B 30 -50.64 1.66 6.55
C ASN B 30 -50.04 3.04 6.79
N SER B 31 -48.72 3.12 6.58
CA SER B 31 -47.96 4.35 6.66
C SER B 31 -47.46 4.85 5.31
N PHE B 32 -47.50 4.02 4.28
CA PHE B 32 -46.99 4.36 2.95
C PHE B 32 -45.54 4.80 3.02
N THR B 33 -45.24 6.01 2.55
CA THR B 33 -43.85 6.47 2.46
C THR B 33 -43.64 7.79 3.19
N ARG B 34 -44.65 8.30 3.89
CA ARG B 34 -44.53 9.56 4.60
C ARG B 34 -43.77 9.35 5.90
N GLY B 35 -43.17 10.44 6.40
CA GLY B 35 -42.36 10.34 7.60
C GLY B 35 -40.90 10.71 7.43
N VAL B 36 -40.58 11.41 6.34
CA VAL B 36 -39.20 11.80 6.04
C VAL B 36 -39.03 13.28 6.37
N TYR B 37 -37.94 13.61 7.05
CA TYR B 37 -37.64 14.97 7.47
C TYR B 37 -36.19 15.28 7.15
N TYR B 38 -35.90 16.56 6.93
CA TYR B 38 -34.55 17.00 6.60
C TYR B 38 -33.58 16.63 7.71
N PRO B 39 -32.64 15.72 7.47
CA PRO B 39 -31.75 15.27 8.55
C PRO B 39 -30.86 16.38 9.09
N ASP B 40 -30.47 17.33 8.25
CA ASP B 40 -29.53 18.36 8.65
C ASP B 40 -29.84 19.66 7.92
N LYS B 41 -29.35 20.76 8.49
CA LYS B 41 -29.60 22.09 7.95
C LYS B 41 -28.52 22.48 6.93
N VAL B 42 -28.38 21.68 5.89
CA VAL B 42 -27.41 21.91 4.83
C VAL B 42 -28.08 21.84 3.48
N PHE B 43 -27.74 22.77 2.60
CA PHE B 43 -28.32 22.80 1.27
C PHE B 43 -27.57 21.86 0.34
N ARG B 44 -28.32 20.96 -0.29
CA ARG B 44 -27.81 19.99 -1.24
C ARG B 44 -28.67 20.09 -2.49
N SER B 45 -28.07 19.90 -3.66
CA SER B 45 -28.80 20.11 -4.89
C SER B 45 -28.48 19.00 -5.88
N SER B 46 -29.54 18.39 -6.42
CA SER B 46 -29.44 17.38 -7.46
C SER B 46 -28.45 16.30 -7.07
N VAL B 47 -28.69 15.68 -5.91
CA VAL B 47 -27.72 14.73 -5.36
C VAL B 47 -28.45 13.67 -4.55
N LEU B 48 -27.90 12.46 -4.58
CA LEU B 48 -28.39 11.37 -3.75
C LEU B 48 -27.50 11.28 -2.51
N HIS B 49 -28.12 11.35 -1.33
CA HIS B 49 -27.38 11.40 -0.08
C HIS B 49 -27.89 10.32 0.86
N SER B 50 -26.96 9.56 1.44
CA SER B 50 -27.30 8.50 2.38
C SER B 50 -27.04 8.98 3.80
N THR B 51 -28.05 8.87 4.65
CA THR B 51 -27.94 9.28 6.04
C THR B 51 -28.41 8.14 6.94
N GLN B 52 -27.92 8.18 8.19
CA GLN B 52 -28.20 7.13 9.17
C GLN B 52 -28.67 7.82 10.44
N ASP B 53 -30.00 7.87 10.62
CA ASP B 53 -30.66 8.61 11.70
C ASP B 53 -31.95 7.87 12.03
N LEU B 54 -32.81 8.51 12.83
CA LEU B 54 -34.07 7.92 13.25
C LEU B 54 -35.15 8.28 12.23
N PHE B 55 -35.83 7.27 11.70
CA PHE B 55 -36.86 7.49 10.70
C PHE B 55 -38.01 6.53 10.91
N LEU B 56 -39.14 6.84 10.27
CA LEU B 56 -40.27 5.91 10.18
C LEU B 56 -40.10 5.01 8.97
N PRO B 57 -39.96 3.70 9.14
CA PRO B 57 -39.74 2.82 7.98
C PRO B 57 -40.89 2.90 7.00
N PHE B 58 -40.55 2.75 5.72
CA PHE B 58 -41.55 2.87 4.66
C PHE B 58 -42.50 1.68 4.69
N PHE B 59 -43.77 1.95 4.37
CA PHE B 59 -44.81 0.92 4.30
C PHE B 59 -44.86 0.12 5.60
N SER B 60 -44.82 0.84 6.71
CA SER B 60 -44.91 0.25 8.03
C SER B 60 -46.33 0.34 8.59
N ASN B 61 -46.53 -0.35 9.71
CA ASN B 61 -47.80 -0.37 10.42
C ASN B 61 -47.82 0.80 11.40
N VAL B 62 -48.74 1.74 11.18
CA VAL B 62 -48.86 2.91 12.05
C VAL B 62 -50.13 2.71 12.87
N THR B 63 -50.17 3.30 14.07
CA THR B 63 -51.25 3.04 15.02
C THR B 63 -52.23 4.22 15.07
N TRP B 64 -53.21 4.16 14.18
CA TRP B 64 -54.25 5.17 14.08
C TRP B 64 -55.16 5.30 15.31
N PHE B 65 -55.14 6.48 15.93
CA PHE B 65 -55.88 6.77 17.15
C PHE B 65 -56.91 7.84 16.83
N HIS B 66 -58.18 7.50 17.01
CA HIS B 66 -59.30 8.33 16.61
C HIS B 66 -60.25 8.49 17.79
N ALA B 67 -60.66 9.73 18.07
CA ALA B 67 -61.71 9.99 19.06
C ALA B 67 -63.05 9.64 18.42
N ILE B 68 -63.28 8.32 18.32
CA ILE B 68 -64.42 7.75 17.61
C ILE B 68 -65.56 7.44 18.59
N HIS B 69 -66.31 6.37 18.32
CA HIS B 69 -67.48 5.97 19.09
C HIS B 69 -67.43 4.45 19.22
N VAL B 70 -68.34 3.88 20.01
CA VAL B 70 -68.41 2.44 20.33
C VAL B 70 -67.63 1.52 19.39
N THR B 76 -71.17 6.27 24.46
CA THR B 76 -69.91 5.69 24.91
C THR B 76 -68.78 6.04 23.95
N LYS B 77 -68.92 7.23 23.34
CA LYS B 77 -67.98 7.79 22.37
C LYS B 77 -66.53 7.45 22.71
N ARG B 78 -65.84 6.68 21.87
CA ARG B 78 -64.48 6.31 22.23
C ARG B 78 -63.52 7.48 22.18
N PHE B 79 -63.69 8.47 23.06
CA PHE B 79 -62.73 9.56 23.10
C PHE B 79 -61.41 8.93 23.50
N ASP B 80 -60.37 9.15 22.70
CA ASP B 80 -59.10 8.47 22.93
C ASP B 80 -57.98 9.46 23.19
N ASN B 81 -57.35 9.30 24.34
CA ASN B 81 -56.15 10.06 24.70
C ASN B 81 -55.33 9.17 25.63
N PRO B 82 -54.79 8.07 25.11
CA PRO B 82 -54.06 7.13 25.97
C PRO B 82 -52.68 7.66 26.32
N VAL B 83 -51.91 6.83 27.02
CA VAL B 83 -50.54 7.16 27.37
C VAL B 83 -49.65 6.31 26.48
N LEU B 84 -48.74 6.97 25.75
CA LEU B 84 -47.88 6.23 24.83
C LEU B 84 -46.42 6.41 25.19
N PRO B 85 -45.65 5.34 25.33
CA PRO B 85 -44.22 5.52 25.63
C PRO B 85 -43.56 6.30 24.49
N PHE B 86 -42.64 7.19 24.85
CA PHE B 86 -41.98 8.00 23.82
C PHE B 86 -40.90 7.22 23.09
N ASN B 87 -40.24 6.30 23.78
CA ASN B 87 -39.20 5.42 23.22
C ASN B 87 -38.10 6.30 22.62
N ASP B 88 -37.83 6.20 21.32
CA ASP B 88 -36.71 6.92 20.70
C ASP B 88 -37.19 7.90 19.62
N GLY B 89 -38.19 8.70 19.94
CA GLY B 89 -38.77 9.62 18.98
C GLY B 89 -40.13 9.14 18.51
N VAL B 90 -40.96 10.09 18.12
CA VAL B 90 -42.35 9.80 17.75
C VAL B 90 -42.70 10.59 16.49
N TYR B 91 -43.25 9.91 15.49
CA TYR B 91 -43.83 10.57 14.33
C TYR B 91 -45.34 10.65 14.52
N PHE B 92 -45.86 11.87 14.58
CA PHE B 92 -47.29 12.11 14.75
C PHE B 92 -47.83 12.71 13.45
N ALA B 93 -49.06 12.37 13.09
CA ALA B 93 -49.65 12.99 11.91
C ALA B 93 -51.15 13.10 12.07
N SER B 94 -51.69 14.31 11.99
CA SER B 94 -53.10 14.57 12.20
C SER B 94 -53.73 15.08 10.91
N THR B 95 -54.84 14.47 10.52
CA THR B 95 -55.67 15.01 9.44
C THR B 95 -56.82 15.73 10.13
N GLU B 96 -56.92 17.04 9.92
CA GLU B 96 -57.82 17.87 10.70
C GLU B 96 -58.57 18.85 9.82
N LYS B 97 -59.74 19.25 10.31
CA LYS B 97 -60.46 20.41 9.78
C LYS B 97 -60.88 21.40 10.85
N SER B 98 -61.03 20.97 12.10
CA SER B 98 -61.67 21.79 13.11
C SER B 98 -60.74 22.08 14.29
N ASN B 99 -59.42 22.14 14.05
CA ASN B 99 -58.47 22.65 15.03
C ASN B 99 -58.58 21.92 16.36
N ILE B 100 -58.57 20.59 16.31
CA ILE B 100 -58.81 19.80 17.51
C ILE B 100 -57.53 19.35 18.18
N ILE B 101 -56.72 18.51 17.53
CA ILE B 101 -55.52 17.98 18.18
C ILE B 101 -54.56 19.14 18.45
N ARG B 102 -54.53 19.61 19.70
CA ARG B 102 -53.76 20.80 20.08
C ARG B 102 -52.95 20.56 21.34
N GLY B 103 -51.70 20.13 21.18
CA GLY B 103 -50.76 20.11 22.29
C GLY B 103 -50.19 18.73 22.55
N TRP B 104 -49.12 18.73 23.34
CA TRP B 104 -48.40 17.50 23.68
C TRP B 104 -47.83 17.61 25.08
N ILE B 105 -47.61 16.45 25.69
CA ILE B 105 -47.02 16.34 27.01
C ILE B 105 -45.94 15.26 26.99
N PHE B 106 -44.78 15.56 27.58
CA PHE B 106 -43.66 14.64 27.60
C PHE B 106 -43.12 14.51 29.02
N GLY B 107 -42.64 13.31 29.36
CA GLY B 107 -42.02 13.08 30.65
C GLY B 107 -41.76 11.61 30.97
N THR B 108 -40.81 11.37 31.88
CA THR B 108 -40.44 10.00 32.23
C THR B 108 -41.40 9.38 33.24
N THR B 109 -41.87 10.14 34.24
CA THR B 109 -42.86 9.64 35.18
C THR B 109 -44.19 10.38 35.11
N LEU B 110 -44.26 11.48 34.36
CA LEU B 110 -45.52 12.18 34.09
C LEU B 110 -46.19 12.63 35.37
N ASP B 111 -45.40 13.13 36.32
CA ASP B 111 -45.90 13.49 37.64
C ASP B 111 -45.23 14.79 38.08
N SER B 112 -45.46 15.16 39.33
CA SER B 112 -44.85 16.33 39.93
C SER B 112 -43.54 16.02 40.64
N LYS B 113 -43.03 14.79 40.52
CA LYS B 113 -41.74 14.44 41.10
C LYS B 113 -40.59 14.51 40.09
N THR B 114 -40.89 14.45 38.79
CA THR B 114 -39.86 14.50 37.76
C THR B 114 -40.19 15.64 36.79
N GLN B 115 -39.15 16.38 36.41
CA GLN B 115 -39.32 17.53 35.53
C GLN B 115 -39.99 17.09 34.23
N SER B 116 -40.97 17.87 33.77
CA SER B 116 -41.82 17.45 32.66
C SER B 116 -41.94 18.59 31.64
N LEU B 117 -42.32 18.23 30.41
CA LEU B 117 -42.41 19.19 29.33
C LEU B 117 -43.86 19.27 28.86
N LEU B 118 -44.34 20.49 28.63
CA LEU B 118 -45.68 20.77 28.13
C LEU B 118 -45.62 21.73 26.95
N ILE B 119 -46.10 21.29 25.79
CA ILE B 119 -46.10 22.11 24.58
C ILE B 119 -47.57 22.34 24.21
N VAL B 120 -48.09 23.51 24.57
CA VAL B 120 -49.49 23.84 24.33
C VAL B 120 -49.59 24.76 23.12
N ASN B 121 -50.26 24.27 22.08
CA ASN B 121 -50.53 25.04 20.87
C ASN B 121 -51.90 25.71 21.02
N ASN B 122 -51.99 26.61 22.01
CA ASN B 122 -53.24 27.26 22.32
C ASN B 122 -53.60 28.28 21.25
N ALA B 123 -54.71 28.98 21.46
CA ALA B 123 -55.13 29.99 20.49
C ALA B 123 -54.14 31.15 20.45
N THR B 124 -53.73 31.51 19.23
CA THR B 124 -52.90 32.65 18.89
C THR B 124 -51.46 32.53 19.39
N ASN B 125 -51.08 31.42 20.03
CA ASN B 125 -49.77 31.35 20.65
C ASN B 125 -49.38 29.89 20.80
N VAL B 126 -48.09 29.66 21.04
CA VAL B 126 -47.57 28.37 21.49
C VAL B 126 -46.72 28.60 22.73
N VAL B 127 -47.06 27.89 23.80
CA VAL B 127 -46.36 28.01 25.08
C VAL B 127 -45.65 26.69 25.34
N ILE B 128 -44.33 26.74 25.41
CA ILE B 128 -43.53 25.56 25.73
C ILE B 128 -42.94 25.76 27.10
N LYS B 129 -43.30 24.91 28.04
CA LYS B 129 -42.87 25.00 29.42
C LYS B 129 -42.20 23.69 29.84
N VAL B 130 -41.16 23.80 30.64
CA VAL B 130 -40.55 22.65 31.28
C VAL B 130 -40.62 22.91 32.78
N CYS B 131 -41.58 22.27 33.43
CA CYS B 131 -41.88 22.48 34.82
C CYS B 131 -42.22 21.15 35.45
N GLU B 132 -42.19 21.13 36.78
CA GLU B 132 -42.74 20.02 37.54
C GLU B 132 -44.25 20.22 37.49
N PHE B 133 -44.93 19.45 36.64
CA PHE B 133 -46.36 19.58 36.48
C PHE B 133 -47.11 18.49 37.22
N GLN B 134 -48.24 18.85 37.82
CA GLN B 134 -49.21 17.87 38.31
C GLN B 134 -50.38 17.81 37.33
N PHE B 135 -50.25 16.93 36.34
CA PHE B 135 -51.21 16.83 35.24
C PHE B 135 -52.54 16.24 35.73
N CYS B 136 -53.58 16.51 34.95
CA CYS B 136 -54.86 15.83 35.17
C CYS B 136 -54.71 14.34 34.90
N ASN B 137 -55.55 13.54 35.56
CA ASN B 137 -55.62 12.12 35.24
C ASN B 137 -56.10 11.93 33.80
N ASP B 138 -56.92 12.85 33.30
CA ASP B 138 -57.36 12.89 31.90
C ASP B 138 -57.21 14.31 31.39
N PRO B 139 -56.00 14.73 31.06
CA PRO B 139 -55.79 16.11 30.64
C PRO B 139 -56.28 16.36 29.21
N PHE B 140 -56.71 17.59 28.98
CA PHE B 140 -57.16 18.03 27.67
C PHE B 140 -57.40 19.53 27.72
N LEU B 141 -57.89 20.08 26.62
CA LEU B 141 -58.35 21.45 26.56
C LEU B 141 -59.81 21.48 26.11
N GLY B 142 -60.50 22.56 26.41
CA GLY B 142 -61.90 22.66 26.05
C GLY B 142 -62.24 24.02 25.49
N VAL B 143 -62.75 24.02 24.27
CA VAL B 143 -63.16 25.22 23.54
C VAL B 143 -64.67 25.38 23.67
N TYR B 144 -65.13 26.56 24.05
CA TYR B 144 -66.56 26.81 24.21
C TYR B 144 -67.00 27.97 23.31
N TYR B 145 -68.01 27.71 22.48
CA TYR B 145 -68.55 28.70 21.56
C TYR B 145 -69.37 29.77 22.26
N HIS B 146 -69.38 30.96 21.66
CA HIS B 146 -70.26 32.07 22.03
C HIS B 146 -71.03 32.51 20.81
N LYS B 147 -72.34 32.76 20.98
CA LYS B 147 -73.17 33.19 19.87
C LYS B 147 -72.69 34.53 19.30
N ASN B 148 -72.10 35.39 20.13
CA ASN B 148 -71.62 36.68 19.66
C ASN B 148 -70.48 36.54 18.66
N ASN B 149 -69.51 35.65 18.91
CA ASN B 149 -68.30 35.58 18.10
C ASN B 149 -68.26 34.23 17.38
N LYS B 150 -68.19 34.27 16.05
CA LYS B 150 -68.13 33.04 15.26
C LYS B 150 -66.88 32.23 15.58
N SER B 151 -65.72 32.88 15.71
CA SER B 151 -64.53 32.16 16.13
C SER B 151 -64.74 31.63 17.53
N TRP B 152 -64.49 30.34 17.73
CA TRP B 152 -64.67 29.79 19.06
C TRP B 152 -63.59 30.30 20.02
N MET B 153 -63.98 30.56 21.26
CA MET B 153 -63.09 31.01 22.31
C MET B 153 -62.51 29.84 23.11
N GLU B 154 -61.18 29.74 23.10
CA GLU B 154 -60.48 28.79 23.94
C GLU B 154 -60.73 29.14 25.40
N SER B 155 -61.56 28.34 26.07
CA SER B 155 -62.14 28.71 27.37
C SER B 155 -61.63 27.84 28.49
N GLU B 156 -61.64 26.52 28.33
CA GLU B 156 -61.30 25.60 29.41
C GLU B 156 -59.87 25.16 29.19
N PHE B 157 -59.04 25.30 30.22
CA PHE B 157 -57.63 24.93 30.15
C PHE B 157 -57.33 24.02 31.34
N ARG B 158 -57.61 22.73 31.20
CA ARG B 158 -57.47 21.77 32.29
C ARG B 158 -56.50 20.67 31.90
N VAL B 159 -55.20 20.95 32.05
CA VAL B 159 -54.14 20.05 31.66
C VAL B 159 -53.25 19.70 32.83
N TYR B 160 -52.93 20.67 33.68
CA TYR B 160 -52.16 20.45 34.90
C TYR B 160 -52.93 21.07 36.06
N SER B 161 -52.87 20.43 37.23
CA SER B 161 -53.43 21.05 38.42
C SER B 161 -52.49 22.09 39.03
N SER B 162 -51.18 21.90 38.87
CA SER B 162 -50.21 22.85 39.39
C SER B 162 -48.93 22.75 38.58
N ALA B 163 -48.13 23.82 38.63
CA ALA B 163 -46.84 23.86 37.95
C ALA B 163 -45.86 24.64 38.81
N ASN B 164 -44.65 24.09 38.94
CA ASN B 164 -43.58 24.73 39.68
C ASN B 164 -42.22 24.27 39.13
N ASN B 165 -41.19 25.02 39.52
CA ASN B 165 -39.81 24.81 39.04
C ASN B 165 -39.75 24.88 37.52
N CYS B 166 -40.40 25.90 36.97
CA CYS B 166 -40.42 26.12 35.53
C CYS B 166 -39.07 26.56 35.00
N THR B 167 -38.65 25.96 33.89
CA THR B 167 -37.44 26.40 33.22
C THR B 167 -37.72 26.38 31.73
N PHE B 168 -36.99 27.23 31.00
CA PHE B 168 -37.14 27.37 29.55
C PHE B 168 -38.62 27.61 29.23
N GLU B 169 -39.13 28.72 29.74
CA GLU B 169 -40.48 29.14 29.41
C GLU B 169 -40.42 29.89 28.08
N TYR B 170 -40.73 29.19 27.00
CA TYR B 170 -40.53 29.71 25.65
C TYR B 170 -41.86 30.05 25.03
N VAL B 171 -41.95 31.28 24.49
CA VAL B 171 -43.13 31.77 23.82
C VAL B 171 -42.68 32.32 22.48
N SER B 172 -43.34 31.91 21.40
CA SER B 172 -43.02 32.36 20.06
C SER B 172 -44.32 32.46 19.29
N GLN B 173 -44.21 32.68 17.98
CA GLN B 173 -45.38 32.59 17.13
C GLN B 173 -45.91 31.15 17.19
N PRO B 174 -47.22 30.97 17.25
CA PRO B 174 -47.76 29.60 17.33
C PRO B 174 -47.38 28.77 16.11
N PHE B 175 -47.18 27.48 16.35
CA PHE B 175 -46.98 26.55 15.25
C PHE B 175 -48.13 26.72 14.28
N LEU B 176 -47.80 27.19 13.08
CA LEU B 176 -48.81 27.73 12.18
C LEU B 176 -49.90 26.71 11.89
N MET B 177 -51.14 27.19 11.88
CA MET B 177 -52.28 26.36 11.51
C MET B 177 -52.64 26.67 10.06
N ASP B 178 -52.80 25.63 9.26
CA ASP B 178 -53.02 25.80 7.84
C ASP B 178 -54.44 26.28 7.56
N ASN B 185 -62.89 22.40 1.39
CA ASN B 185 -62.91 21.16 0.61
C ASN B 185 -61.71 20.29 0.94
N PHE B 186 -60.81 20.82 1.77
CA PHE B 186 -59.55 20.18 2.12
C PHE B 186 -59.40 20.15 3.63
N LYS B 187 -58.79 19.09 4.15
CA LYS B 187 -58.32 19.05 5.52
C LYS B 187 -56.81 19.28 5.58
N ASN B 188 -56.38 20.08 6.55
CA ASN B 188 -54.98 20.48 6.67
C ASN B 188 -54.21 19.38 7.39
N LEU B 189 -53.74 18.39 6.62
CA LEU B 189 -52.90 17.34 7.18
C LEU B 189 -51.60 17.93 7.73
N ARG B 190 -51.43 17.86 9.04
CA ARG B 190 -50.23 18.31 9.73
C ARG B 190 -49.38 17.11 10.12
N GLU B 191 -48.11 17.12 9.75
CA GLU B 191 -47.18 16.06 10.12
C GLU B 191 -46.10 16.63 11.03
N PHE B 192 -45.84 15.94 12.13
CA PHE B 192 -44.81 16.36 13.09
C PHE B 192 -43.93 15.17 13.44
N VAL B 193 -42.68 15.49 13.76
CA VAL B 193 -41.72 14.50 14.27
C VAL B 193 -41.07 15.10 15.51
N PHE B 194 -41.12 14.35 16.62
CA PHE B 194 -40.58 14.81 17.89
C PHE B 194 -39.40 13.92 18.26
N LYS B 195 -38.23 14.54 18.48
CA LYS B 195 -37.02 13.81 18.82
C LYS B 195 -36.30 14.48 19.98
N ASN B 196 -35.52 13.70 20.73
CA ASN B 196 -34.74 14.22 21.86
C ASN B 196 -33.36 13.56 21.85
N ILE B 197 -32.39 14.24 21.27
CA ILE B 197 -31.04 13.72 21.10
C ILE B 197 -30.07 14.59 21.88
N ASP B 198 -29.41 14.01 22.88
CA ASP B 198 -28.33 14.65 23.63
C ASP B 198 -28.76 16.00 24.21
N GLY B 199 -29.97 16.04 24.76
CA GLY B 199 -30.47 17.25 25.37
C GLY B 199 -31.06 18.26 24.41
N TYR B 200 -31.12 17.96 23.12
CA TYR B 200 -31.78 18.83 22.15
C TYR B 200 -33.09 18.20 21.72
N PHE B 201 -34.18 18.92 21.92
CA PHE B 201 -35.52 18.45 21.56
C PHE B 201 -35.91 19.06 20.22
N LYS B 202 -35.87 18.25 19.17
CA LYS B 202 -36.09 18.71 17.80
C LYS B 202 -37.54 18.49 17.40
N ILE B 203 -38.17 19.52 16.85
CA ILE B 203 -39.56 19.48 16.41
C ILE B 203 -39.57 19.72 14.90
N TYR B 204 -40.15 18.79 14.15
CA TYR B 204 -40.29 18.93 12.72
C TYR B 204 -41.76 18.93 12.35
N SER B 205 -42.12 19.63 11.28
CA SER B 205 -43.52 19.70 10.87
C SER B 205 -43.63 20.07 9.41
N LYS B 206 -44.78 19.75 8.84
CA LYS B 206 -45.20 20.25 7.54
C LYS B 206 -46.72 20.16 7.43
N HIS B 207 -47.32 21.19 6.84
CA HIS B 207 -48.76 21.28 6.68
C HIS B 207 -49.08 21.15 5.20
N THR B 208 -50.13 20.37 4.89
CA THR B 208 -50.50 20.22 3.49
C THR B 208 -52.02 20.09 3.37
N PRO B 209 -52.66 20.88 2.51
CA PRO B 209 -54.07 20.63 2.21
C PRO B 209 -54.20 19.33 1.44
N ILE B 210 -55.14 18.50 1.86
CA ILE B 210 -55.33 17.16 1.30
C ILE B 210 -56.82 16.95 1.05
N ASN B 211 -57.11 15.96 0.20
CA ASN B 211 -58.48 15.63 -0.13
C ASN B 211 -58.90 14.34 0.55
N LEU B 212 -58.09 13.26 0.45
CA LEU B 212 -58.39 11.96 1.04
C LEU B 212 -59.15 12.15 2.35
N VAL B 213 -60.21 11.38 2.59
CA VAL B 213 -61.03 11.64 3.76
C VAL B 213 -60.41 11.06 5.03
N ARG B 214 -59.83 9.88 4.96
CA ARG B 214 -59.34 9.28 6.21
C ARG B 214 -57.86 9.00 6.27
N ASP B 215 -57.17 8.74 5.16
CA ASP B 215 -55.79 8.32 5.29
C ASP B 215 -54.84 9.14 4.44
N LEU B 216 -53.56 8.96 4.77
CA LEU B 216 -52.47 9.59 4.07
C LEU B 216 -52.63 9.39 2.56
N PRO B 217 -52.52 10.45 1.77
CA PRO B 217 -52.58 10.28 0.31
C PRO B 217 -51.29 9.69 -0.19
N GLN B 218 -51.39 8.89 -1.26
CA GLN B 218 -50.16 8.36 -1.84
C GLN B 218 -49.38 9.54 -2.41
N GLY B 219 -48.17 9.72 -1.93
CA GLY B 219 -47.38 10.87 -2.28
C GLY B 219 -46.24 11.01 -1.29
N PHE B 220 -45.44 12.05 -1.49
CA PHE B 220 -44.24 12.20 -0.69
C PHE B 220 -44.01 13.68 -0.44
N SER B 221 -43.56 13.98 0.78
CA SER B 221 -43.15 15.32 1.18
C SER B 221 -42.25 15.20 2.39
N ALA B 222 -41.50 16.26 2.65
CA ALA B 222 -40.49 16.28 3.70
C ALA B 222 -40.89 17.30 4.75
N LEU B 223 -40.51 17.01 6.00
CA LEU B 223 -40.88 17.84 7.13
C LEU B 223 -39.79 18.84 7.45
N GLU B 224 -40.21 20.06 7.78
CA GLU B 224 -39.30 21.16 7.99
C GLU B 224 -38.69 21.10 9.39
N PRO B 225 -37.57 21.79 9.60
CA PRO B 225 -36.85 21.64 10.88
C PRO B 225 -37.47 22.43 12.03
N LEU B 226 -38.18 23.51 11.71
CA LEU B 226 -38.77 24.38 12.72
C LEU B 226 -37.75 24.77 13.78
N VAL B 227 -37.80 24.10 14.92
CA VAL B 227 -37.02 24.49 16.09
C VAL B 227 -36.31 23.27 16.66
N ASP B 228 -35.20 23.53 17.34
CA ASP B 228 -34.37 22.53 18.00
C ASP B 228 -34.10 23.12 19.37
N LEU B 229 -35.00 22.81 20.31
CA LEU B 229 -34.99 23.45 21.61
C LEU B 229 -33.84 22.90 22.46
N PRO B 230 -33.19 23.75 23.24
CA PRO B 230 -32.18 23.28 24.22
C PRO B 230 -32.92 22.86 25.48
N ILE B 231 -33.45 21.64 25.45
CA ILE B 231 -34.28 21.12 26.53
C ILE B 231 -33.52 19.98 27.19
N GLY B 232 -33.03 20.23 28.40
CA GLY B 232 -32.13 19.30 29.08
C GLY B 232 -32.78 18.34 30.04
N ILE B 233 -33.80 17.60 29.60
CA ILE B 233 -34.46 16.62 30.45
C ILE B 233 -34.55 15.29 29.70
N ASN B 234 -35.03 14.26 30.40
CA ASN B 234 -35.23 12.95 29.82
C ASN B 234 -36.71 12.75 29.51
N ILE B 235 -37.00 12.07 28.40
CA ILE B 235 -38.37 11.76 28.02
C ILE B 235 -38.45 10.28 27.70
N THR B 236 -39.43 9.58 28.29
CA THR B 236 -39.71 8.21 27.90
C THR B 236 -41.20 7.92 27.73
N ARG B 237 -42.09 8.81 28.18
CA ARG B 237 -43.52 8.60 28.06
C ARG B 237 -44.14 9.92 27.61
N PHE B 238 -45.29 9.85 26.94
CA PHE B 238 -45.91 11.08 26.48
C PHE B 238 -47.40 10.90 26.27
N GLN B 239 -48.06 12.04 26.05
CA GLN B 239 -49.51 12.18 25.98
C GLN B 239 -49.84 13.25 24.95
N THR B 240 -51.05 13.17 24.39
CA THR B 240 -51.53 14.13 23.41
C THR B 240 -52.66 14.97 24.00
N LEU B 241 -52.50 16.29 24.00
CA LEU B 241 -53.60 17.17 24.36
C LEU B 241 -54.57 17.31 23.20
N LEU B 242 -55.86 17.29 23.51
CA LEU B 242 -56.88 17.31 22.48
C LEU B 242 -57.95 18.35 22.82
N ALA B 243 -58.64 18.80 21.79
CA ALA B 243 -59.79 19.68 21.93
C ALA B 243 -61.07 18.85 22.05
N LEU B 244 -61.95 19.25 22.95
CA LEU B 244 -63.16 18.51 23.25
C LEU B 244 -64.35 19.41 22.99
N HIS B 245 -65.35 18.88 22.29
CA HIS B 245 -66.53 19.65 21.92
C HIS B 245 -67.59 19.54 23.01
N ARG B 246 -67.96 20.68 23.58
CA ARG B 246 -68.98 20.77 24.61
C ARG B 246 -70.23 21.39 23.98
N SER B 247 -71.26 20.58 23.80
CA SER B 247 -72.46 21.02 23.09
C SER B 247 -73.51 21.60 24.02
N GLY B 257 -68.72 15.35 31.22
CA GLY B 257 -68.66 16.44 30.26
C GLY B 257 -68.94 16.01 28.84
N TRP B 258 -69.38 16.96 28.02
CA TRP B 258 -69.72 16.67 26.63
C TRP B 258 -68.45 16.47 25.81
N THR B 259 -68.50 15.53 24.87
CA THR B 259 -67.34 15.19 24.07
C THR B 259 -67.74 14.94 22.62
N ALA B 260 -66.77 15.15 21.74
CA ALA B 260 -66.87 14.93 20.30
C ALA B 260 -65.46 15.03 19.76
N GLY B 261 -65.32 14.95 18.44
CA GLY B 261 -63.99 15.01 17.90
C GLY B 261 -63.87 15.13 16.39
N ALA B 262 -63.84 13.97 15.71
CA ALA B 262 -63.68 13.83 14.27
C ALA B 262 -62.19 13.84 13.98
N ALA B 263 -61.80 14.03 12.72
CA ALA B 263 -60.40 14.01 12.30
C ALA B 263 -59.72 12.71 12.74
N ALA B 264 -58.40 12.72 12.89
CA ALA B 264 -57.68 11.49 13.23
C ALA B 264 -56.22 11.80 13.52
N TYR B 265 -55.66 11.10 14.50
CA TYR B 265 -54.26 11.29 14.88
C TYR B 265 -53.46 9.99 14.80
N TYR B 266 -52.49 9.93 13.89
CA TYR B 266 -51.67 8.75 13.66
C TYR B 266 -50.40 8.87 14.48
N VAL B 267 -49.91 7.74 14.98
CA VAL B 267 -48.70 7.69 15.79
C VAL B 267 -47.82 6.57 15.25
N GLY B 268 -46.54 6.86 15.04
CA GLY B 268 -45.57 5.84 14.68
C GLY B 268 -44.28 6.02 15.47
N TYR B 269 -43.53 4.93 15.52
CA TYR B 269 -42.35 4.83 16.37
C TYR B 269 -41.12 4.75 15.47
N LEU B 270 -40.22 5.70 15.64
CA LEU B 270 -38.98 5.77 14.85
C LEU B 270 -38.01 4.68 15.28
N GLN B 271 -37.25 4.18 14.31
CA GLN B 271 -36.21 3.18 14.55
C GLN B 271 -34.95 3.61 13.84
N PRO B 272 -33.79 3.12 14.28
CA PRO B 272 -32.56 3.37 13.51
C PRO B 272 -32.67 2.78 12.12
N ARG B 273 -32.30 3.57 11.12
CA ARG B 273 -32.46 3.19 9.73
C ARG B 273 -31.43 3.94 8.90
N THR B 274 -31.25 3.48 7.66
CA THR B 274 -30.45 4.18 6.67
C THR B 274 -31.38 4.60 5.53
N PHE B 275 -31.28 5.86 5.13
CA PHE B 275 -32.18 6.43 4.15
C PHE B 275 -31.40 7.12 3.03
N LEU B 276 -31.86 6.91 1.80
CA LEU B 276 -31.31 7.60 0.64
C LEU B 276 -32.29 8.69 0.23
N LEU B 277 -31.79 9.92 0.10
CA LEU B 277 -32.62 11.08 -0.15
C LEU B 277 -32.17 11.76 -1.44
N LYS B 278 -33.13 12.15 -2.28
CA LYS B 278 -32.83 12.75 -3.58
C LYS B 278 -33.13 14.25 -3.50
N TYR B 279 -32.07 15.05 -3.36
CA TYR B 279 -32.21 16.50 -3.34
C TYR B 279 -32.31 17.01 -4.78
N ASN B 280 -33.37 17.76 -5.07
CA ASN B 280 -33.60 18.28 -6.41
C ASN B 280 -32.74 19.50 -6.67
N GLU B 281 -33.02 20.20 -7.76
CA GLU B 281 -32.29 21.43 -8.08
C GLU B 281 -32.58 22.54 -7.08
N ASN B 282 -33.79 22.58 -6.53
CA ASN B 282 -34.18 23.61 -5.58
C ASN B 282 -33.83 23.25 -4.14
N GLY B 283 -33.20 22.10 -3.92
CA GLY B 283 -32.85 21.69 -2.57
C GLY B 283 -33.97 21.09 -1.76
N THR B 284 -35.10 20.79 -2.37
CA THR B 284 -36.22 20.16 -1.69
C THR B 284 -36.22 18.66 -1.94
N ILE B 285 -36.29 17.88 -0.85
CA ILE B 285 -36.30 16.43 -0.98
C ILE B 285 -37.54 16.00 -1.75
N THR B 286 -37.33 15.33 -2.89
CA THR B 286 -38.43 14.91 -3.74
C THR B 286 -38.73 13.43 -3.67
N ASP B 287 -37.77 12.60 -3.25
CA ASP B 287 -38.00 11.16 -3.18
C ASP B 287 -36.98 10.59 -2.21
N ALA B 288 -37.33 9.46 -1.61
CA ALA B 288 -36.45 8.80 -0.67
C ALA B 288 -36.65 7.30 -0.75
N VAL B 289 -35.64 6.57 -0.29
CA VAL B 289 -35.62 5.11 -0.29
C VAL B 289 -35.15 4.61 1.06
N ASP B 290 -35.92 3.71 1.67
CA ASP B 290 -35.51 3.05 2.89
C ASP B 290 -34.59 1.91 2.51
N CYS B 291 -33.36 1.93 3.01
CA CYS B 291 -32.35 0.97 2.56
C CYS B 291 -32.62 -0.46 3.03
N ALA B 292 -33.57 -0.66 3.94
CA ALA B 292 -33.84 -2.00 4.46
C ALA B 292 -35.27 -2.44 4.20
N LEU B 293 -36.01 -1.74 3.34
CA LEU B 293 -37.39 -2.08 3.08
C LEU B 293 -37.50 -3.43 2.38
N ASP B 294 -36.76 -3.60 1.29
CA ASP B 294 -36.76 -4.84 0.53
C ASP B 294 -35.47 -4.89 -0.29
N PRO B 295 -35.14 -6.05 -0.86
CA PRO B 295 -33.89 -6.16 -1.63
C PRO B 295 -33.73 -5.12 -2.74
N LEU B 296 -34.80 -4.75 -3.43
CA LEU B 296 -34.66 -3.72 -4.47
C LEU B 296 -34.22 -2.39 -3.88
N SER B 297 -34.84 -1.98 -2.77
CA SER B 297 -34.46 -0.72 -2.14
C SER B 297 -33.05 -0.79 -1.57
N GLU B 298 -32.68 -1.95 -1.02
CA GLU B 298 -31.33 -2.12 -0.50
C GLU B 298 -30.30 -2.03 -1.63
N THR B 299 -30.59 -2.64 -2.78
CA THR B 299 -29.71 -2.54 -3.94
C THR B 299 -29.58 -1.10 -4.40
N LYS B 300 -30.69 -0.36 -4.49
CA LYS B 300 -30.61 1.06 -4.84
C LYS B 300 -29.74 1.81 -3.85
N CYS B 301 -29.90 1.48 -2.56
CA CYS B 301 -29.14 2.15 -1.52
C CYS B 301 -27.65 1.93 -1.71
N THR B 302 -27.25 0.67 -1.91
CA THR B 302 -25.83 0.40 -2.07
C THR B 302 -25.29 1.02 -3.36
N LEU B 303 -26.09 0.96 -4.44
CA LEU B 303 -25.63 1.50 -5.71
C LEU B 303 -25.67 3.02 -5.74
N LYS B 304 -26.15 3.66 -4.66
CA LYS B 304 -26.24 5.11 -4.57
C LYS B 304 -26.91 5.68 -5.82
N SER B 305 -28.07 5.13 -6.16
CA SER B 305 -28.84 5.59 -7.30
C SER B 305 -30.28 5.16 -7.12
N PHE B 306 -31.17 5.80 -7.89
CA PHE B 306 -32.58 5.46 -7.89
C PHE B 306 -32.96 4.67 -9.14
N THR B 307 -31.99 4.38 -9.98
CA THR B 307 -32.15 3.56 -11.18
C THR B 307 -31.01 2.55 -11.17
N VAL B 308 -31.32 1.30 -11.44
CA VAL B 308 -30.34 0.22 -11.38
C VAL B 308 -30.27 -0.45 -12.74
N GLU B 309 -29.06 -0.76 -13.17
CA GLU B 309 -28.87 -1.48 -14.41
C GLU B 309 -29.19 -2.96 -14.22
N LYS B 310 -29.54 -3.62 -15.32
CA LYS B 310 -29.84 -5.05 -15.27
C LYS B 310 -28.64 -5.83 -14.76
N GLY B 311 -28.89 -6.74 -13.82
CA GLY B 311 -27.80 -7.58 -13.37
C GLY B 311 -27.76 -7.97 -11.91
N ILE B 312 -26.67 -8.66 -11.56
CA ILE B 312 -26.36 -9.12 -10.21
C ILE B 312 -25.68 -7.99 -9.44
N TYR B 313 -26.03 -7.85 -8.17
CA TYR B 313 -25.34 -6.94 -7.28
C TYR B 313 -25.22 -7.58 -5.92
N GLN B 314 -23.99 -7.65 -5.39
CA GLN B 314 -23.82 -8.11 -4.02
C GLN B 314 -24.24 -6.97 -3.11
N THR B 315 -25.27 -7.19 -2.30
CA THR B 315 -25.86 -6.07 -1.57
C THR B 315 -25.47 -6.02 -0.10
N SER B 316 -25.36 -7.17 0.57
CA SER B 316 -25.04 -7.21 1.99
C SER B 316 -24.58 -8.62 2.32
N ASN B 317 -24.45 -8.90 3.61
CA ASN B 317 -24.02 -10.21 4.07
C ASN B 317 -25.14 -10.89 4.85
N PHE B 318 -25.48 -12.11 4.44
CA PHE B 318 -26.41 -12.94 5.18
C PHE B 318 -25.79 -13.34 6.51
N ARG B 319 -26.64 -13.54 7.53
CA ARG B 319 -26.15 -13.97 8.83
C ARG B 319 -27.29 -14.61 9.60
N VAL B 320 -27.14 -15.89 9.95
CA VAL B 320 -28.16 -16.53 10.78
C VAL B 320 -28.09 -15.92 12.16
N GLN B 321 -29.19 -15.35 12.62
CA GLN B 321 -29.18 -14.67 13.91
C GLN B 321 -29.12 -15.68 15.05
N PRO B 322 -28.37 -15.40 16.10
CA PRO B 322 -28.37 -16.26 17.29
C PRO B 322 -29.76 -16.33 17.91
N THR B 323 -30.12 -17.50 18.40
CA THR B 323 -31.47 -17.72 18.92
C THR B 323 -31.52 -17.84 20.44
N GLU B 324 -30.57 -18.56 21.04
CA GLU B 324 -30.49 -18.69 22.49
C GLU B 324 -29.05 -18.44 22.93
N SER B 325 -28.91 -17.93 24.15
CA SER B 325 -27.63 -17.66 24.77
C SER B 325 -27.38 -18.63 25.92
N ILE B 326 -26.27 -19.35 25.86
CA ILE B 326 -25.95 -20.39 26.82
C ILE B 326 -24.64 -20.04 27.51
N VAL B 327 -24.60 -20.29 28.81
CA VAL B 327 -23.46 -19.99 29.65
C VAL B 327 -23.09 -21.25 30.42
N ARG B 328 -21.81 -21.63 30.36
CA ARG B 328 -21.31 -22.83 31.04
C ARG B 328 -20.15 -22.44 31.94
N PHE B 329 -20.31 -22.73 33.23
CA PHE B 329 -19.36 -22.41 34.28
C PHE B 329 -19.13 -23.63 35.15
N PRO B 330 -18.03 -23.67 35.89
CA PRO B 330 -17.85 -24.75 36.87
C PRO B 330 -18.93 -24.68 37.96
N ASN B 331 -19.28 -25.85 38.50
CA ASN B 331 -20.36 -25.96 39.46
C ASN B 331 -19.88 -25.76 40.90
N ILE B 332 -18.65 -25.32 41.09
CA ILE B 332 -18.14 -25.06 42.43
C ILE B 332 -18.98 -23.97 43.10
N THR B 333 -19.05 -24.03 44.42
CA THR B 333 -19.86 -23.09 45.19
C THR B 333 -19.10 -22.43 46.32
N ASN B 334 -17.79 -22.69 46.44
CA ASN B 334 -17.00 -22.09 47.51
C ASN B 334 -16.88 -20.59 47.30
N LEU B 335 -16.74 -19.87 48.41
CA LEU B 335 -16.47 -18.44 48.38
C LEU B 335 -14.99 -18.23 48.67
N CYS B 336 -14.29 -17.59 47.74
CA CYS B 336 -12.85 -17.46 47.87
C CYS B 336 -12.49 -16.61 49.08
N PRO B 337 -11.44 -16.95 49.81
CA PRO B 337 -11.13 -16.27 51.08
C PRO B 337 -10.53 -14.88 50.87
N PHE B 338 -11.28 -14.03 50.16
CA PHE B 338 -10.85 -12.64 50.00
C PHE B 338 -10.86 -11.91 51.34
N GLY B 339 -11.77 -12.27 52.24
CA GLY B 339 -11.76 -11.71 53.57
C GLY B 339 -10.51 -12.06 54.35
N GLU B 340 -9.97 -13.26 54.12
CA GLU B 340 -8.77 -13.68 54.84
C GLU B 340 -7.59 -12.78 54.51
N VAL B 341 -7.48 -12.34 53.26
CA VAL B 341 -6.35 -11.50 52.87
C VAL B 341 -6.63 -10.02 53.07
N PHE B 342 -7.89 -9.59 52.95
CA PHE B 342 -8.24 -8.19 53.06
C PHE B 342 -8.65 -7.80 54.49
N ASN B 343 -8.62 -8.75 55.43
CA ASN B 343 -8.88 -8.46 56.83
C ASN B 343 -7.91 -9.21 57.74
N ALA B 344 -6.73 -9.58 57.24
CA ALA B 344 -5.79 -10.35 58.02
C ALA B 344 -5.29 -9.54 59.22
N THR B 345 -4.93 -10.25 60.28
CA THR B 345 -4.49 -9.59 61.51
C THR B 345 -3.20 -8.80 61.28
N ARG B 346 -2.27 -9.36 60.52
CA ARG B 346 -0.97 -8.71 60.31
C ARG B 346 -0.53 -8.97 58.88
N PHE B 347 -0.42 -7.91 58.09
CA PHE B 347 0.14 -8.01 56.75
C PHE B 347 1.65 -8.20 56.83
N ALA B 348 2.20 -8.82 55.79
CA ALA B 348 3.62 -9.12 55.75
C ALA B 348 4.42 -7.87 55.37
N SER B 349 5.73 -8.00 55.37
CA SER B 349 6.62 -6.90 55.01
C SER B 349 6.90 -6.94 53.51
N VAL B 350 7.31 -5.78 52.99
CA VAL B 350 7.46 -5.64 51.54
C VAL B 350 8.55 -6.58 51.00
N TYR B 351 9.68 -6.67 51.71
CA TYR B 351 10.74 -7.58 51.27
C TYR B 351 10.30 -9.02 51.39
N ALA B 352 9.27 -9.28 52.21
CA ALA B 352 8.69 -10.59 52.35
C ALA B 352 7.20 -10.46 52.03
N TRP B 353 6.89 -9.79 50.92
CA TRP B 353 5.50 -9.60 50.52
C TRP B 353 4.77 -10.93 50.48
N ASN B 354 3.60 -10.99 51.11
CA ASN B 354 2.90 -12.26 51.26
C ASN B 354 2.18 -12.61 49.97
N ARG B 355 2.40 -13.83 49.48
CA ARG B 355 1.82 -14.28 48.22
C ARG B 355 0.98 -15.51 48.55
N LYS B 356 -0.33 -15.41 48.38
CA LYS B 356 -1.22 -16.53 48.62
C LYS B 356 -2.06 -16.84 47.40
N ARG B 357 -2.27 -18.13 47.15
CA ARG B 357 -2.90 -18.61 45.94
C ARG B 357 -4.37 -18.91 46.22
N ILE B 358 -5.26 -18.46 45.34
CA ILE B 358 -6.68 -18.72 45.47
C ILE B 358 -7.09 -19.67 44.35
N SER B 359 -7.77 -20.76 44.71
CA SER B 359 -8.13 -21.75 43.71
C SER B 359 -9.39 -22.49 44.11
N ASN B 360 -10.08 -23.02 43.10
CA ASN B 360 -11.27 -23.86 43.25
C ASN B 360 -12.32 -23.17 44.12
N CYS B 361 -12.80 -22.03 43.64
CA CYS B 361 -13.88 -21.31 44.30
C CYS B 361 -14.48 -20.33 43.31
N VAL B 362 -15.66 -19.83 43.66
CA VAL B 362 -16.30 -18.76 42.91
C VAL B 362 -16.06 -17.47 43.67
N ALA B 363 -15.59 -16.44 42.97
CA ALA B 363 -15.14 -15.20 43.59
C ALA B 363 -16.14 -14.08 43.29
N ASP B 364 -16.54 -13.37 44.33
CA ASP B 364 -17.40 -12.21 44.20
C ASP B 364 -16.51 -10.97 44.10
N TYR B 365 -16.50 -10.34 42.93
CA TYR B 365 -15.73 -9.13 42.70
C TYR B 365 -16.58 -7.87 42.77
N SER B 366 -17.90 -8.02 42.80
CA SER B 366 -18.79 -6.88 42.92
C SER B 366 -18.57 -6.14 44.25
N VAL B 367 -18.40 -6.89 45.34
CA VAL B 367 -18.13 -6.24 46.62
C VAL B 367 -16.82 -5.48 46.56
N LEU B 368 -15.81 -6.03 45.86
CA LEU B 368 -14.53 -5.32 45.75
C LEU B 368 -14.68 -4.04 44.94
N TYR B 369 -15.40 -4.10 43.83
CA TYR B 369 -15.56 -2.91 43.00
C TYR B 369 -16.51 -1.89 43.61
N ASN B 370 -17.36 -2.30 44.55
CA ASN B 370 -18.32 -1.40 45.16
C ASN B 370 -17.87 -0.86 46.51
N SER B 371 -16.93 -1.52 47.17
CA SER B 371 -16.51 -1.08 48.50
C SER B 371 -15.78 0.26 48.42
N ALA B 372 -16.13 1.17 49.31
CA ALA B 372 -15.46 2.46 49.42
C ALA B 372 -14.25 2.43 50.34
N SER B 373 -14.00 1.30 51.01
CA SER B 373 -12.85 1.23 51.91
C SER B 373 -11.52 1.33 51.17
N PHE B 374 -11.49 1.04 49.88
CA PHE B 374 -10.26 1.11 49.10
C PHE B 374 -10.10 2.50 48.49
N SER B 375 -8.92 3.11 48.69
CA SER B 375 -8.67 4.42 48.09
C SER B 375 -8.47 4.29 46.59
N THR B 376 -7.46 3.51 46.18
CA THR B 376 -7.21 3.27 44.76
C THR B 376 -7.49 1.80 44.46
N PHE B 377 -8.30 1.56 43.42
CA PHE B 377 -8.65 0.23 42.93
C PHE B 377 -8.50 0.32 41.42
N LYS B 378 -7.30 0.03 40.92
CA LYS B 378 -7.01 0.29 39.51
C LYS B 378 -6.39 -0.94 38.87
N CYS B 379 -6.92 -1.32 37.72
CA CYS B 379 -6.66 -2.61 37.11
C CYS B 379 -6.05 -2.45 35.72
N TYR B 380 -5.00 -3.23 35.46
CA TYR B 380 -4.39 -3.30 34.14
C TYR B 380 -4.85 -4.56 33.44
N GLY B 381 -5.02 -4.47 32.12
CA GLY B 381 -5.31 -5.65 31.33
C GLY B 381 -6.78 -6.00 31.33
N VAL B 382 -7.45 -5.81 32.47
CA VAL B 382 -8.87 -6.12 32.58
C VAL B 382 -9.55 -4.97 33.32
N SER B 383 -10.70 -4.53 32.80
CA SER B 383 -11.48 -3.51 33.48
C SER B 383 -12.07 -4.08 34.77
N PRO B 384 -12.05 -3.33 35.87
CA PRO B 384 -12.62 -3.86 37.12
C PRO B 384 -14.12 -4.12 37.03
N THR B 385 -14.81 -3.49 36.08
CA THR B 385 -16.26 -3.69 35.95
C THR B 385 -16.58 -5.06 35.40
N LYS B 386 -15.77 -5.55 34.46
CA LYS B 386 -15.97 -6.86 33.83
C LYS B 386 -15.26 -7.98 34.58
N LEU B 387 -14.76 -7.72 35.78
CA LEU B 387 -14.07 -8.77 36.54
C LEU B 387 -15.01 -9.91 36.89
N ASN B 388 -16.26 -9.60 37.21
CA ASN B 388 -17.22 -10.65 37.61
C ASN B 388 -17.55 -11.60 36.47
N ASP B 389 -17.20 -11.26 35.23
CA ASP B 389 -17.59 -12.06 34.07
C ASP B 389 -16.56 -13.12 33.72
N LEU B 390 -15.27 -12.82 33.86
CA LEU B 390 -14.22 -13.70 33.36
C LEU B 390 -14.03 -14.90 34.27
N CYS B 391 -13.18 -15.82 33.80
CA CYS B 391 -12.69 -16.93 34.60
C CYS B 391 -11.17 -16.97 34.52
N PHE B 392 -10.55 -17.31 35.64
CA PHE B 392 -9.11 -17.26 35.79
C PHE B 392 -8.61 -18.65 36.16
N THR B 393 -7.51 -19.05 35.52
CA THR B 393 -6.91 -20.35 35.79
C THR B 393 -6.34 -20.37 37.19
N ASN B 394 -5.77 -19.24 37.61
CA ASN B 394 -5.30 -19.06 38.97
C ASN B 394 -5.15 -17.58 39.22
N VAL B 395 -5.36 -17.20 40.48
CA VAL B 395 -5.26 -15.83 40.94
C VAL B 395 -4.43 -15.81 42.21
N TYR B 396 -3.60 -14.79 42.35
CA TYR B 396 -2.67 -14.69 43.47
C TYR B 396 -2.83 -13.34 44.13
N ALA B 397 -2.96 -13.34 45.45
CA ALA B 397 -3.04 -12.13 46.24
C ALA B 397 -1.69 -11.88 46.90
N ASP B 398 -1.08 -10.74 46.58
CA ASP B 398 0.15 -10.31 47.21
C ASP B 398 -0.17 -9.13 48.11
N SER B 399 0.28 -9.21 49.36
CA SER B 399 -0.09 -8.24 50.39
C SER B 399 1.16 -7.67 51.03
N PHE B 400 1.16 -6.34 51.19
CA PHE B 400 2.22 -5.65 51.93
C PHE B 400 1.72 -4.24 52.27
N VAL B 401 2.60 -3.45 52.87
CA VAL B 401 2.26 -2.11 53.35
C VAL B 401 3.34 -1.13 52.89
N ILE B 402 2.91 0.04 52.40
CA ILE B 402 3.82 1.08 51.97
C ILE B 402 3.38 2.41 52.56
N ARG B 403 4.34 3.23 52.97
CA ARG B 403 4.06 4.53 53.57
C ARG B 403 4.96 5.59 52.96
N GLY B 404 4.52 6.85 53.07
CA GLY B 404 5.25 7.95 52.48
C GLY B 404 4.92 8.13 51.02
N ASP B 405 5.93 8.47 50.22
CA ASP B 405 5.74 8.62 48.78
C ASP B 405 5.68 7.24 48.12
N GLU B 406 5.62 7.22 46.80
CA GLU B 406 5.65 6.01 45.98
C GLU B 406 4.46 5.09 46.25
N VAL B 407 3.43 5.58 46.92
CA VAL B 407 2.26 4.75 47.20
C VAL B 407 1.63 4.26 45.91
N ARG B 408 1.75 5.04 44.84
CA ARG B 408 1.22 4.69 43.52
C ARG B 408 2.26 4.05 42.61
N GLN B 409 3.47 3.76 43.11
CA GLN B 409 4.49 3.21 42.23
C GLN B 409 4.35 1.70 42.04
N ILE B 410 3.33 1.08 42.63
CA ILE B 410 3.12 -0.35 42.42
C ILE B 410 2.37 -0.50 41.11
N ALA B 411 3.12 -0.58 40.02
CA ALA B 411 2.59 -0.54 38.66
C ALA B 411 3.67 -1.02 37.70
N PRO B 412 3.30 -1.60 36.55
CA PRO B 412 4.32 -1.99 35.58
C PRO B 412 5.06 -0.78 35.04
N GLY B 413 6.35 -0.98 34.77
CA GLY B 413 7.18 0.10 34.24
C GLY B 413 7.31 1.29 35.16
N GLN B 414 7.50 1.04 36.45
CA GLN B 414 7.71 2.11 37.43
C GLN B 414 9.11 1.99 38.03
N THR B 415 9.56 3.09 38.63
CA THR B 415 10.89 3.16 39.23
C THR B 415 10.80 3.67 40.66
N GLY B 416 11.70 3.17 41.49
CA GLY B 416 11.75 3.56 42.89
C GLY B 416 12.58 2.59 43.69
N LYS B 417 12.88 3.00 44.92
CA LYS B 417 13.68 2.16 45.81
C LYS B 417 12.98 0.85 46.11
N ILE B 418 11.69 0.91 46.43
CA ILE B 418 10.94 -0.32 46.71
C ILE B 418 10.76 -1.13 45.43
N ALA B 419 10.46 -0.46 44.31
CA ALA B 419 10.28 -1.17 43.05
C ALA B 419 11.57 -1.85 42.60
N ASP B 420 12.72 -1.39 43.06
CA ASP B 420 14.00 -1.94 42.64
C ASP B 420 14.59 -2.94 43.63
N TYR B 421 14.28 -2.82 44.92
CA TYR B 421 14.89 -3.67 45.93
C TYR B 421 13.93 -4.62 46.64
N ASN B 422 12.63 -4.38 46.57
CA ASN B 422 11.67 -5.12 47.39
C ASN B 422 10.67 -5.90 46.57
N TYR B 423 10.04 -5.28 45.57
CA TYR B 423 8.95 -5.91 44.84
C TYR B 423 8.80 -5.20 43.50
N LYS B 424 8.92 -5.95 42.41
CA LYS B 424 8.83 -5.40 41.07
C LYS B 424 7.72 -6.10 40.32
N LEU B 425 6.88 -5.33 39.65
CA LEU B 425 5.85 -5.93 38.82
C LEU B 425 6.40 -6.21 37.43
N PRO B 426 5.85 -7.19 36.72
CA PRO B 426 6.34 -7.48 35.36
C PRO B 426 5.91 -6.39 34.38
N ASP B 427 6.56 -6.41 33.21
CA ASP B 427 6.30 -5.40 32.20
C ASP B 427 4.89 -5.51 31.64
N ASP B 428 4.38 -6.73 31.52
CA ASP B 428 3.06 -6.96 30.93
C ASP B 428 2.13 -7.54 31.99
N PHE B 429 2.18 -6.95 33.18
CA PHE B 429 1.31 -7.38 34.27
C PHE B 429 -0.17 -7.22 33.89
N THR B 430 -0.94 -8.26 34.16
CA THR B 430 -2.40 -8.21 34.06
C THR B 430 -2.99 -8.47 35.44
N GLY B 431 -3.97 -7.69 35.82
CA GLY B 431 -4.52 -7.86 37.15
C GLY B 431 -5.04 -6.54 37.70
N CYS B 432 -5.02 -6.45 39.03
CA CYS B 432 -5.49 -5.26 39.72
C CYS B 432 -4.53 -4.89 40.84
N VAL B 433 -4.52 -3.61 41.19
CA VAL B 433 -3.76 -3.07 42.30
C VAL B 433 -4.73 -2.33 43.19
N ILE B 434 -4.67 -2.60 44.49
CA ILE B 434 -5.60 -2.04 45.47
C ILE B 434 -4.79 -1.47 46.61
N ALA B 435 -5.14 -0.26 47.04
CA ALA B 435 -4.46 0.34 48.18
C ALA B 435 -5.44 1.23 48.93
N TRP B 436 -5.26 1.26 50.26
CA TRP B 436 -6.11 2.11 51.08
C TRP B 436 -5.38 2.47 52.36
N ASN B 437 -5.66 3.66 52.87
CA ASN B 437 -5.06 4.09 54.12
C ASN B 437 -5.51 3.20 55.27
N SER B 438 -4.57 2.85 56.14
CA SER B 438 -4.85 2.08 57.34
C SER B 438 -4.01 2.59 58.51
N ASN B 439 -3.98 3.90 58.69
CA ASN B 439 -3.26 4.47 59.82
C ASN B 439 -3.80 3.97 61.14
N ASN B 440 -5.13 3.90 61.26
CA ASN B 440 -5.76 3.46 62.50
C ASN B 440 -5.39 2.04 62.88
N LEU B 441 -4.99 1.19 61.94
CA LEU B 441 -4.66 -0.18 62.24
C LEU B 441 -3.16 -0.50 62.15
N ASP B 442 -2.37 0.36 61.51
CA ASP B 442 -0.94 0.14 61.38
C ASP B 442 -0.11 1.18 62.13
N SER B 443 -0.74 2.04 62.92
CA SER B 443 0.02 3.01 63.71
C SER B 443 -0.81 3.57 64.85
N TYR B 449 8.73 0.43 63.44
CA TYR B 449 9.52 -0.62 64.08
C TYR B 449 9.13 -2.00 63.57
N ASN B 450 7.82 -2.30 63.61
CA ASN B 450 7.35 -3.60 63.21
C ASN B 450 7.39 -3.84 61.71
N TYR B 451 7.42 -2.79 60.90
CA TYR B 451 7.43 -2.93 59.45
C TYR B 451 8.73 -2.38 58.89
N LEU B 452 9.35 -3.16 57.99
CA LEU B 452 10.66 -2.85 57.45
C LEU B 452 10.62 -2.82 55.92
N TYR B 453 11.65 -2.22 55.33
CA TYR B 453 11.80 -2.17 53.88
C TYR B 453 13.26 -1.89 53.54
N ARG B 454 13.69 -2.41 52.40
CA ARG B 454 15.09 -2.30 51.98
C ARG B 454 15.30 -1.03 51.17
N ASN B 460 18.52 -4.11 41.21
CA ASN B 460 17.36 -4.54 40.45
C ASN B 460 17.02 -6.00 40.71
N LEU B 461 15.75 -6.34 40.62
CA LEU B 461 15.28 -7.71 40.83
C LEU B 461 14.33 -8.11 39.71
N LYS B 462 14.36 -9.39 39.39
CA LYS B 462 13.38 -9.95 38.47
C LYS B 462 11.98 -9.86 39.08
N PRO B 463 10.96 -9.54 38.30
CA PRO B 463 9.60 -9.42 38.86
C PRO B 463 9.14 -10.71 39.51
N PHE B 464 8.40 -10.56 40.60
CA PHE B 464 7.93 -11.68 41.43
C PHE B 464 9.11 -12.50 41.96
N GLU B 465 9.93 -11.83 42.77
CA GLU B 465 11.09 -12.45 43.39
C GLU B 465 11.17 -12.06 44.86
N ARG B 466 11.80 -12.92 45.66
CA ARG B 466 11.98 -12.69 47.08
C ARG B 466 13.44 -12.37 47.37
N ASP B 467 13.66 -11.65 48.47
CA ASP B 467 15.01 -11.34 48.94
C ASP B 467 14.97 -11.43 50.47
N ILE B 468 15.37 -12.58 51.01
CA ILE B 468 15.30 -12.82 52.44
C ILE B 468 16.70 -12.89 53.02
N SER B 469 17.64 -12.17 52.40
CA SER B 469 19.02 -12.13 52.83
C SER B 469 19.30 -10.78 53.49
N THR B 470 19.89 -10.83 54.68
CA THR B 470 20.20 -9.63 55.45
C THR B 470 21.69 -9.42 55.63
N GLU B 471 22.50 -10.01 54.77
CA GLU B 471 23.95 -9.85 54.87
C GLU B 471 24.36 -8.44 54.47
N ILE B 472 25.59 -8.09 54.85
CA ILE B 472 26.11 -6.76 54.57
C ILE B 472 26.41 -6.62 53.08
N TYR B 473 25.96 -5.52 52.49
CA TYR B 473 26.17 -5.27 51.06
C TYR B 473 27.58 -4.76 50.80
N ASN B 487 33.75 -3.65 55.34
CA ASN B 487 32.64 -2.73 55.47
C ASN B 487 31.31 -3.48 55.57
N CYS B 488 30.50 -3.12 56.56
CA CYS B 488 29.19 -3.72 56.76
C CYS B 488 28.14 -2.64 56.89
N TYR B 489 27.04 -2.77 56.15
CA TYR B 489 25.92 -1.84 56.20
C TYR B 489 24.66 -2.64 56.51
N PHE B 490 23.86 -2.16 57.46
CA PHE B 490 22.62 -2.88 57.76
C PHE B 490 21.64 -2.71 56.62
N PRO B 491 21.16 -3.80 56.01
CA PRO B 491 20.47 -3.66 54.72
C PRO B 491 19.05 -3.11 54.80
N LEU B 492 18.44 -3.09 55.98
CA LEU B 492 17.03 -2.71 56.11
C LEU B 492 16.85 -1.39 56.85
N GLN B 493 15.71 -0.74 56.59
CA GLN B 493 15.27 0.41 57.37
C GLN B 493 13.77 0.29 57.62
N SER B 494 13.34 0.67 58.81
CA SER B 494 11.99 0.37 59.26
C SER B 494 11.06 1.56 59.08
N TYR B 495 9.76 1.31 59.25
CA TYR B 495 8.77 2.38 59.27
C TYR B 495 8.58 2.89 60.70
N GLY B 496 8.38 4.20 60.82
CA GLY B 496 8.14 4.80 62.12
C GLY B 496 6.67 4.95 62.47
N PHE B 497 6.01 3.88 62.89
CA PHE B 497 4.59 3.99 63.21
C PHE B 497 4.43 4.71 64.54
N GLN B 498 3.45 5.61 64.59
CA GLN B 498 3.15 6.40 65.78
C GLN B 498 1.73 6.92 65.66
N PRO B 499 1.08 7.21 66.79
CA PRO B 499 -0.26 7.84 66.72
C PRO B 499 -0.20 9.28 66.21
N THR B 500 0.23 9.45 64.97
CA THR B 500 0.48 10.77 64.40
C THR B 500 -0.09 10.89 63.00
N VAL B 503 -0.43 12.70 56.71
CA VAL B 503 -1.32 12.49 55.57
C VAL B 503 -0.52 12.01 54.37
N GLY B 504 0.62 12.65 54.12
CA GLY B 504 1.49 12.22 53.05
C GLY B 504 2.43 11.09 53.38
N TYR B 505 2.57 10.75 54.66
CA TYR B 505 3.46 9.68 55.09
C TYR B 505 2.75 8.58 55.86
N GLN B 506 1.42 8.58 55.87
CA GLN B 506 0.68 7.57 56.61
C GLN B 506 0.82 6.21 55.91
N PRO B 507 0.73 5.11 56.67
CA PRO B 507 0.81 3.79 56.05
C PRO B 507 -0.41 3.50 55.19
N TYR B 508 -0.21 2.65 54.19
CA TYR B 508 -1.28 2.19 53.32
C TYR B 508 -1.12 0.70 53.07
N ARG B 509 -2.26 0.00 53.08
CA ARG B 509 -2.30 -1.43 52.82
C ARG B 509 -2.44 -1.59 51.32
N VAL B 510 -1.60 -2.43 50.73
CA VAL B 510 -1.56 -2.61 49.28
C VAL B 510 -1.64 -4.11 48.99
N VAL B 511 -2.52 -4.46 48.05
CA VAL B 511 -2.67 -5.82 47.58
C VAL B 511 -2.63 -5.81 46.06
N VAL B 512 -1.81 -6.67 45.49
CA VAL B 512 -1.73 -6.89 44.07
C VAL B 512 -2.44 -8.20 43.78
N LEU B 513 -3.51 -8.14 43.00
CA LEU B 513 -4.34 -9.30 42.73
C LEU B 513 -4.06 -9.64 41.27
N SER B 514 -3.21 -10.64 41.05
CA SER B 514 -2.78 -10.95 39.70
C SER B 514 -3.78 -11.89 39.05
N PHE B 515 -3.50 -12.28 37.81
CA PHE B 515 -4.32 -13.26 37.12
C PHE B 515 -3.43 -14.06 36.18
N GLU B 516 -3.85 -15.28 35.87
CA GLU B 516 -3.36 -15.96 34.67
C GLU B 516 -4.57 -16.65 34.05
N LEU B 517 -5.25 -15.96 33.14
CA LEU B 517 -6.58 -16.34 32.70
C LEU B 517 -6.58 -17.12 31.39
N LEU B 518 -5.41 -17.54 30.90
CA LEU B 518 -5.31 -18.20 29.61
C LEU B 518 -4.45 -19.45 29.61
N HIS B 519 -3.63 -19.66 30.64
CA HIS B 519 -2.57 -20.65 30.60
C HIS B 519 -3.02 -22.05 31.04
N ALA B 520 -4.26 -22.21 31.48
CA ALA B 520 -4.69 -23.47 32.07
C ALA B 520 -6.21 -23.59 32.02
N PRO B 521 -6.79 -24.72 32.43
CA PRO B 521 -8.22 -24.72 32.72
C PRO B 521 -8.53 -23.77 33.87
N ALA B 522 -9.67 -23.08 33.76
CA ALA B 522 -10.05 -22.11 34.78
C ALA B 522 -10.38 -22.81 36.10
N THR B 523 -9.96 -22.20 37.21
CA THR B 523 -10.34 -22.71 38.52
C THR B 523 -11.15 -21.72 39.35
N VAL B 524 -11.11 -20.42 39.03
CA VAL B 524 -11.92 -19.44 39.74
C VAL B 524 -12.77 -18.71 38.73
N CYS B 525 -14.02 -18.42 39.11
CA CYS B 525 -14.98 -17.82 38.20
C CYS B 525 -15.87 -16.87 38.99
N GLY B 526 -16.52 -15.95 38.27
CA GLY B 526 -17.48 -15.06 38.89
C GLY B 526 -18.80 -15.73 39.14
N PRO B 527 -19.66 -15.05 39.90
CA PRO B 527 -20.98 -15.62 40.22
C PRO B 527 -21.94 -15.60 39.04
N LYS B 528 -21.80 -16.56 38.13
CA LYS B 528 -22.67 -16.67 36.96
C LYS B 528 -23.30 -18.05 36.94
N LYS B 529 -24.53 -18.12 36.44
CA LYS B 529 -25.32 -19.34 36.47
C LYS B 529 -25.23 -20.06 35.14
N SER B 530 -25.02 -21.37 35.20
CA SER B 530 -24.93 -22.22 34.02
C SER B 530 -26.32 -22.47 33.44
N THR B 531 -26.34 -22.85 32.16
CA THR B 531 -27.56 -23.24 31.48
C THR B 531 -27.33 -24.52 30.68
N ASN B 532 -28.43 -25.15 30.31
CA ASN B 532 -28.37 -26.39 29.54
C ASN B 532 -27.83 -26.11 28.14
N LEU B 533 -26.78 -26.83 27.76
CA LEU B 533 -26.21 -26.69 26.44
C LEU B 533 -27.13 -27.29 25.38
N VAL B 534 -27.15 -26.65 24.21
CA VAL B 534 -27.96 -27.10 23.09
C VAL B 534 -27.02 -27.30 21.91
N LYS B 535 -27.39 -28.21 21.00
CA LYS B 535 -26.51 -28.59 19.92
C LYS B 535 -27.19 -28.40 18.57
N ASN B 536 -26.37 -28.22 17.54
CA ASN B 536 -26.81 -28.15 16.14
C ASN B 536 -27.73 -26.95 15.88
N LYS B 537 -27.57 -25.88 16.66
CA LYS B 537 -28.27 -24.63 16.40
C LYS B 537 -27.33 -23.45 16.63
N CYS B 538 -27.46 -22.42 15.80
CA CYS B 538 -26.62 -21.23 15.90
C CYS B 538 -27.04 -20.45 17.15
N VAL B 539 -26.26 -20.63 18.21
CA VAL B 539 -26.54 -20.01 19.50
C VAL B 539 -25.28 -19.26 19.92
N ASN B 540 -25.46 -18.28 20.80
CA ASN B 540 -24.30 -17.60 21.35
C ASN B 540 -23.98 -18.17 22.71
N PHE B 541 -22.71 -18.47 22.94
CA PHE B 541 -22.24 -19.24 24.08
C PHE B 541 -21.20 -18.45 24.85
N ASN B 542 -20.92 -18.97 26.05
CA ASN B 542 -19.86 -18.44 26.91
C ASN B 542 -19.34 -19.61 27.73
N PHE B 543 -18.10 -20.01 27.46
CA PHE B 543 -17.44 -21.12 28.17
C PHE B 543 -16.34 -20.56 29.07
N ASN B 544 -16.70 -20.29 30.32
CA ASN B 544 -15.80 -19.77 31.35
C ASN B 544 -14.89 -18.67 30.81
N GLY B 545 -15.47 -17.81 29.96
CA GLY B 545 -14.79 -16.67 29.38
C GLY B 545 -14.75 -16.71 27.87
N LEU B 546 -14.78 -17.91 27.30
CA LEU B 546 -14.66 -18.11 25.86
C LEU B 546 -16.00 -17.73 25.25
N THR B 547 -16.15 -16.43 24.99
CA THR B 547 -17.38 -15.88 24.44
C THR B 547 -17.41 -16.15 22.94
N GLY B 548 -18.59 -16.36 22.39
CA GLY B 548 -18.65 -16.54 20.95
C GLY B 548 -20.03 -16.95 20.49
N THR B 549 -20.16 -17.12 19.17
CA THR B 549 -21.40 -17.55 18.57
C THR B 549 -21.12 -18.67 17.58
N GLY B 550 -21.92 -19.72 17.63
CA GLY B 550 -21.75 -20.82 16.70
C GLY B 550 -22.71 -21.95 17.00
N VAL B 551 -22.50 -23.07 16.32
CA VAL B 551 -23.21 -24.31 16.58
C VAL B 551 -22.26 -25.25 17.30
N LEU B 552 -22.76 -25.92 18.32
CA LEU B 552 -21.97 -26.87 19.09
C LEU B 552 -22.30 -28.29 18.63
N THR B 553 -21.28 -29.04 18.25
CA THR B 553 -21.49 -30.35 17.66
C THR B 553 -20.66 -31.39 18.41
N GLU B 554 -21.16 -32.63 18.41
CA GLU B 554 -20.37 -33.74 18.94
C GLU B 554 -19.09 -33.87 18.12
N SER B 555 -17.97 -34.05 18.81
CA SER B 555 -16.66 -34.06 18.17
C SER B 555 -15.97 -35.40 18.42
N ASN B 556 -15.28 -35.88 17.39
CA ASN B 556 -14.48 -37.11 17.47
C ASN B 556 -13.00 -36.81 17.61
N LYS B 557 -12.66 -35.76 18.37
CA LYS B 557 -11.31 -35.26 18.49
C LYS B 557 -10.86 -35.52 19.92
N LYS B 558 -9.97 -36.50 20.10
CA LYS B 558 -9.56 -36.93 21.43
C LYS B 558 -8.64 -35.88 22.03
N PHE B 559 -9.20 -35.04 22.90
CA PHE B 559 -8.38 -34.11 23.66
C PHE B 559 -7.61 -34.84 24.74
N LEU B 560 -6.37 -34.45 24.93
CA LEU B 560 -5.60 -34.98 26.05
C LEU B 560 -6.04 -34.30 27.33
N PRO B 561 -5.92 -34.99 28.48
CA PRO B 561 -6.56 -34.49 29.71
C PRO B 561 -5.98 -33.20 30.27
N PHE B 562 -5.00 -32.57 29.62
CA PHE B 562 -4.42 -31.34 30.15
C PHE B 562 -4.85 -30.09 29.40
N GLN B 563 -5.02 -30.15 28.09
CA GLN B 563 -5.49 -29.00 27.33
C GLN B 563 -7.01 -28.96 27.32
N GLN B 564 -7.56 -27.75 27.30
CA GLN B 564 -8.98 -27.51 27.47
C GLN B 564 -9.69 -27.24 26.14
N PHE B 565 -9.21 -26.24 25.38
CA PHE B 565 -9.84 -25.88 24.12
C PHE B 565 -8.78 -25.79 23.04
N GLY B 566 -9.13 -26.24 21.83
CA GLY B 566 -8.24 -26.14 20.69
C GLY B 566 -8.42 -24.82 19.97
N ARG B 567 -7.81 -24.74 18.79
CA ARG B 567 -7.96 -23.56 17.95
C ARG B 567 -7.52 -23.89 16.54
N ASP B 568 -7.96 -23.06 15.60
CA ASP B 568 -7.69 -23.24 14.18
C ASP B 568 -6.34 -22.60 13.85
N ILE B 569 -6.03 -22.48 12.55
CA ILE B 569 -4.81 -21.81 12.13
C ILE B 569 -4.82 -20.36 12.60
N ALA B 570 -5.94 -19.68 12.41
CA ALA B 570 -6.17 -18.44 13.11
C ALA B 570 -6.62 -18.72 14.53
N ASP B 571 -6.48 -17.72 15.40
CA ASP B 571 -6.85 -17.89 16.80
C ASP B 571 -8.36 -17.90 16.95
N THR B 572 -9.02 -18.93 16.41
CA THR B 572 -10.44 -19.17 16.59
C THR B 572 -10.59 -20.55 17.21
N THR B 573 -11.26 -20.60 18.36
CA THR B 573 -11.39 -21.84 19.13
C THR B 573 -12.26 -22.81 18.35
N ASP B 574 -11.61 -23.82 17.74
CA ASP B 574 -12.33 -24.80 16.94
C ASP B 574 -13.05 -25.84 17.81
N ALA B 575 -12.50 -26.13 18.99
CA ALA B 575 -13.11 -27.10 19.89
C ALA B 575 -12.90 -26.63 21.31
N VAL B 576 -13.73 -27.13 22.22
CA VAL B 576 -13.63 -26.78 23.63
C VAL B 576 -14.23 -27.91 24.46
N ARG B 577 -13.62 -28.17 25.62
CA ARG B 577 -14.14 -29.19 26.53
C ARG B 577 -15.15 -28.55 27.47
N ASP B 578 -16.28 -29.20 27.63
CA ASP B 578 -17.40 -28.61 28.38
C ASP B 578 -17.24 -28.84 29.88
N PRO B 579 -17.21 -27.79 30.69
CA PRO B 579 -17.18 -28.00 32.14
C PRO B 579 -18.47 -28.67 32.60
N GLN B 580 -18.36 -29.37 33.73
CA GLN B 580 -19.46 -30.09 34.38
C GLN B 580 -19.86 -31.35 33.61
N THR B 581 -19.28 -31.55 32.43
CA THR B 581 -19.50 -32.76 31.65
C THR B 581 -18.22 -33.39 31.13
N LEU B 582 -17.13 -32.64 31.03
CA LEU B 582 -15.86 -33.12 30.50
C LEU B 582 -16.04 -33.74 29.12
N GLU B 583 -16.85 -33.08 28.29
CA GLU B 583 -17.13 -33.53 26.94
C GLU B 583 -16.57 -32.52 25.94
N ILE B 584 -16.10 -33.03 24.82
CA ILE B 584 -15.45 -32.21 23.80
C ILE B 584 -16.49 -31.81 22.77
N LEU B 585 -16.66 -30.50 22.57
CA LEU B 585 -17.62 -29.95 21.62
C LEU B 585 -16.86 -29.21 20.53
N ASP B 586 -17.21 -29.49 19.28
CA ASP B 586 -16.68 -28.77 18.12
C ASP B 586 -17.56 -27.55 17.89
N ILE B 587 -16.94 -26.37 17.84
CA ILE B 587 -17.64 -25.11 17.64
C ILE B 587 -17.48 -24.76 16.16
N THR B 588 -18.60 -24.59 15.47
CA THR B 588 -18.60 -24.26 14.06
C THR B 588 -19.50 -23.06 13.82
N PRO B 589 -18.99 -21.92 13.37
CA PRO B 589 -19.86 -20.75 13.17
C PRO B 589 -21.01 -21.09 12.24
N CYS B 590 -22.21 -20.66 12.63
CA CYS B 590 -23.42 -21.03 11.89
C CYS B 590 -23.36 -20.47 10.48
N SER B 591 -23.85 -21.25 9.53
CA SER B 591 -23.56 -21.01 8.13
C SER B 591 -24.06 -19.63 7.70
N PHE B 592 -23.30 -19.02 6.81
CA PHE B 592 -23.63 -17.72 6.25
C PHE B 592 -22.93 -17.55 4.90
N GLY B 593 -23.45 -16.61 4.12
CA GLY B 593 -22.91 -16.37 2.79
C GLY B 593 -23.36 -15.01 2.30
N GLY B 594 -22.95 -14.69 1.09
CA GLY B 594 -23.33 -13.42 0.50
C GLY B 594 -24.80 -13.39 0.09
N VAL B 595 -25.39 -12.20 0.17
CA VAL B 595 -26.73 -11.98 -0.36
C VAL B 595 -26.56 -11.10 -1.61
N SER B 596 -26.94 -11.67 -2.76
CA SER B 596 -26.87 -10.98 -4.03
C SER B 596 -28.27 -10.80 -4.58
N VAL B 597 -28.43 -9.82 -5.46
CA VAL B 597 -29.73 -9.45 -6.01
C VAL B 597 -29.66 -9.50 -7.52
N ILE B 598 -30.61 -10.21 -8.12
CA ILE B 598 -30.93 -10.10 -9.53
C ILE B 598 -31.98 -9.02 -9.68
N THR B 599 -31.69 -8.02 -10.51
CA THR B 599 -32.73 -7.06 -10.86
C THR B 599 -32.69 -6.82 -12.36
N PRO B 600 -33.83 -6.96 -13.06
CA PRO B 600 -33.85 -6.65 -14.49
C PRO B 600 -33.74 -5.17 -14.79
N GLY B 601 -33.84 -4.32 -13.78
CA GLY B 601 -33.77 -2.87 -14.02
C GLY B 601 -35.10 -2.25 -13.63
N THR B 602 -35.01 -1.17 -12.86
CA THR B 602 -36.22 -0.44 -12.49
C THR B 602 -36.96 0.09 -13.71
N ASN B 603 -36.28 0.25 -14.83
CA ASN B 603 -36.93 0.66 -16.09
C ASN B 603 -37.90 -0.40 -16.60
N THR B 604 -37.84 -1.63 -16.09
CA THR B 604 -38.72 -2.69 -16.57
C THR B 604 -39.64 -3.23 -15.50
N SER B 605 -39.15 -3.49 -14.29
CA SER B 605 -39.98 -4.05 -13.24
C SER B 605 -39.35 -3.72 -11.90
N ASN B 606 -40.15 -3.91 -10.84
CA ASN B 606 -39.66 -3.86 -9.48
C ASN B 606 -39.48 -5.24 -8.87
N GLN B 607 -39.86 -6.29 -9.60
CA GLN B 607 -39.66 -7.66 -9.10
C GLN B 607 -38.18 -8.00 -9.12
N VAL B 608 -37.68 -8.53 -8.01
CA VAL B 608 -36.27 -8.84 -7.84
C VAL B 608 -36.13 -10.28 -7.38
N ALA B 609 -34.94 -10.83 -7.57
CA ALA B 609 -34.61 -12.16 -7.10
C ALA B 609 -33.43 -12.07 -6.14
N VAL B 610 -33.42 -12.96 -5.15
CA VAL B 610 -32.39 -12.96 -4.12
C VAL B 610 -31.61 -14.25 -4.21
N LEU B 611 -30.29 -14.15 -4.32
CA LEU B 611 -29.39 -15.28 -4.39
C LEU B 611 -28.64 -15.38 -3.06
N TYR B 612 -28.89 -16.45 -2.32
CA TYR B 612 -28.16 -16.72 -1.10
C TYR B 612 -26.99 -17.61 -1.48
N GLN B 613 -25.78 -17.06 -1.41
CA GLN B 613 -24.60 -17.79 -1.88
C GLN B 613 -24.28 -18.97 -0.98
N ASP B 614 -23.77 -20.03 -1.60
CA ASP B 614 -23.16 -21.22 -1.02
C ASP B 614 -23.77 -21.62 0.33
N VAL B 615 -25.09 -21.70 0.41
CA VAL B 615 -25.76 -22.24 1.59
C VAL B 615 -27.02 -22.95 1.13
N ASN B 616 -27.21 -24.19 1.55
CA ASN B 616 -28.47 -24.83 1.21
C ASN B 616 -29.59 -24.22 2.03
N CYS B 617 -30.63 -23.75 1.34
CA CYS B 617 -31.75 -23.06 1.97
C CYS B 617 -32.80 -24.01 2.56
N THR B 618 -32.42 -25.27 2.80
CA THR B 618 -33.25 -26.09 3.67
C THR B 618 -33.41 -25.42 5.02
N GLU B 619 -32.43 -24.61 5.41
CA GLU B 619 -32.53 -23.72 6.55
C GLU B 619 -32.65 -22.30 6.01
N VAL B 620 -33.08 -21.37 6.86
CA VAL B 620 -33.31 -20.00 6.42
C VAL B 620 -32.03 -19.36 5.90
N THR B 638 -38.99 -14.50 0.00
CA THR B 638 -40.44 -14.43 -0.16
C THR B 638 -41.10 -15.74 0.26
N GLY B 639 -40.63 -16.84 -0.32
CA GLY B 639 -41.15 -18.15 0.00
C GLY B 639 -42.08 -18.69 -1.06
N SER B 640 -41.74 -18.44 -2.33
CA SER B 640 -42.54 -18.90 -3.45
C SER B 640 -41.85 -20.01 -4.22
N ASN B 641 -40.63 -19.78 -4.70
CA ASN B 641 -39.86 -20.82 -5.36
C ASN B 641 -38.40 -20.71 -4.91
N VAL B 642 -37.79 -21.86 -4.65
CA VAL B 642 -36.39 -21.96 -4.27
C VAL B 642 -35.71 -22.91 -5.24
N PHE B 643 -34.64 -22.46 -5.89
CA PHE B 643 -33.93 -23.26 -6.87
C PHE B 643 -32.47 -23.34 -6.46
N GLN B 644 -31.94 -24.57 -6.38
CA GLN B 644 -30.61 -24.81 -5.84
C GLN B 644 -29.60 -24.91 -6.98
N THR B 645 -28.57 -24.06 -6.95
CA THR B 645 -27.46 -24.12 -7.87
C THR B 645 -26.18 -24.37 -7.09
N ARG B 646 -25.09 -24.60 -7.82
CA ARG B 646 -23.80 -24.76 -7.16
C ARG B 646 -23.34 -23.46 -6.52
N ALA B 647 -23.87 -22.32 -6.97
CA ALA B 647 -23.46 -21.05 -6.40
C ALA B 647 -24.29 -20.68 -5.20
N GLY B 648 -25.28 -21.50 -4.84
CA GLY B 648 -26.21 -21.17 -3.79
C GLY B 648 -27.63 -21.31 -4.28
N CYS B 649 -28.58 -20.96 -3.43
CA CYS B 649 -29.98 -21.10 -3.85
C CYS B 649 -30.58 -19.73 -4.15
N LEU B 650 -31.38 -19.69 -5.21
CA LEU B 650 -31.97 -18.47 -5.73
C LEU B 650 -33.46 -18.52 -5.44
N ILE B 651 -33.99 -17.40 -4.98
CA ILE B 651 -35.38 -17.24 -4.56
C ILE B 651 -36.00 -16.13 -5.38
N GLY B 652 -37.21 -16.38 -5.85
CA GLY B 652 -37.95 -15.43 -6.64
C GLY B 652 -37.95 -15.74 -8.11
N ALA B 653 -37.15 -16.72 -8.53
CA ALA B 653 -37.10 -17.18 -9.90
C ALA B 653 -37.54 -18.64 -9.95
N GLU B 654 -38.19 -19.01 -11.06
CA GLU B 654 -38.60 -20.39 -11.29
C GLU B 654 -37.68 -21.01 -12.34
N HIS B 655 -37.22 -22.22 -12.06
CA HIS B 655 -36.26 -22.89 -12.94
C HIS B 655 -36.99 -23.47 -14.13
N VAL B 656 -36.71 -22.94 -15.30
CA VAL B 656 -37.27 -23.45 -16.55
C VAL B 656 -36.29 -24.48 -17.12
N ASN B 657 -36.81 -25.41 -17.92
CA ASN B 657 -35.99 -26.50 -18.42
C ASN B 657 -35.21 -26.12 -19.68
N ASN B 658 -35.90 -25.62 -20.70
CA ASN B 658 -35.21 -25.31 -21.95
C ASN B 658 -34.31 -24.10 -21.77
N SER B 659 -33.25 -24.04 -22.59
CA SER B 659 -32.16 -23.12 -22.37
C SER B 659 -32.28 -21.89 -23.27
N TYR B 660 -31.83 -20.75 -22.73
CA TYR B 660 -31.74 -19.49 -23.45
C TYR B 660 -30.33 -18.94 -23.30
N GLU B 661 -30.05 -17.85 -23.99
CA GLU B 661 -28.75 -17.22 -23.90
C GLU B 661 -28.66 -16.39 -22.63
N CYS B 662 -27.46 -16.32 -22.06
CA CYS B 662 -27.29 -15.72 -20.75
C CYS B 662 -27.68 -14.25 -20.76
N ASP B 663 -28.41 -13.84 -19.73
CA ASP B 663 -28.82 -12.46 -19.53
C ASP B 663 -28.18 -11.85 -18.31
N ILE B 664 -28.23 -12.54 -17.17
CA ILE B 664 -27.57 -12.12 -15.94
C ILE B 664 -26.84 -13.33 -15.38
N PRO B 665 -25.56 -13.20 -15.01
CA PRO B 665 -24.88 -14.33 -14.37
C PRO B 665 -25.47 -14.68 -13.01
N ILE B 666 -25.42 -15.98 -12.70
CA ILE B 666 -25.88 -16.51 -11.42
C ILE B 666 -24.75 -17.26 -10.71
N GLY B 667 -24.10 -18.16 -11.41
CA GLY B 667 -23.03 -18.98 -10.88
C GLY B 667 -23.17 -20.39 -11.38
N ALA B 668 -22.06 -20.99 -11.82
CA ALA B 668 -22.04 -22.37 -12.29
C ALA B 668 -23.03 -22.57 -13.43
N GLY B 669 -22.95 -21.70 -14.44
CA GLY B 669 -23.70 -21.90 -15.65
C GLY B 669 -25.16 -21.55 -15.60
N ILE B 670 -25.60 -20.81 -14.59
CA ILE B 670 -27.00 -20.43 -14.42
C ILE B 670 -27.16 -18.96 -14.78
N CYS B 671 -28.21 -18.64 -15.52
CA CYS B 671 -28.46 -17.27 -15.94
C CYS B 671 -29.94 -16.93 -15.79
N ALA B 672 -30.20 -15.65 -15.60
CA ALA B 672 -31.56 -15.15 -15.44
C ALA B 672 -32.05 -14.44 -16.69
N VAL B 684 -35.78 -11.77 -17.29
CA VAL B 684 -37.23 -11.67 -17.15
C VAL B 684 -37.92 -12.27 -18.37
N ALA B 685 -39.07 -12.91 -18.15
CA ALA B 685 -39.83 -13.49 -19.25
C ALA B 685 -41.25 -13.76 -18.78
N SER B 686 -42.22 -13.24 -19.53
CA SER B 686 -43.64 -13.40 -19.25
C SER B 686 -43.98 -13.01 -17.81
N GLN B 687 -43.66 -11.76 -17.47
CA GLN B 687 -44.03 -11.13 -16.21
C GLN B 687 -43.41 -11.82 -15.00
N SER B 688 -42.29 -12.52 -15.18
CA SER B 688 -41.64 -13.21 -14.08
C SER B 688 -40.14 -13.29 -14.33
N ILE B 689 -39.40 -13.46 -13.25
CA ILE B 689 -37.95 -13.64 -13.30
C ILE B 689 -37.67 -15.13 -13.34
N ILE B 690 -36.96 -15.58 -14.36
CA ILE B 690 -36.65 -16.99 -14.54
C ILE B 690 -35.16 -17.20 -14.35
N ALA B 691 -34.79 -18.43 -13.97
CA ALA B 691 -33.41 -18.85 -13.87
C ALA B 691 -33.26 -20.18 -14.57
N TYR B 692 -32.25 -20.29 -15.43
CA TYR B 692 -32.12 -21.46 -16.28
C TYR B 692 -30.65 -21.80 -16.48
N THR B 693 -30.42 -22.96 -17.09
CA THR B 693 -29.08 -23.34 -17.54
C THR B 693 -28.84 -22.64 -18.86
N MET B 694 -27.79 -21.80 -18.91
CA MET B 694 -27.61 -20.92 -20.05
C MET B 694 -27.36 -21.71 -21.33
N SER B 695 -28.01 -21.29 -22.41
CA SER B 695 -27.68 -21.92 -23.67
C SER B 695 -26.31 -21.40 -24.11
N LEU B 696 -25.62 -22.21 -24.90
CA LEU B 696 -24.29 -21.87 -25.35
C LEU B 696 -24.27 -21.29 -26.75
N GLY B 697 -25.43 -21.11 -27.35
CA GLY B 697 -25.59 -20.77 -28.75
C GLY B 697 -26.26 -21.89 -29.54
N ALA B 698 -26.56 -21.57 -30.80
CA ALA B 698 -27.23 -22.51 -31.69
C ALA B 698 -26.35 -23.71 -31.99
N GLU B 699 -26.68 -24.83 -31.35
CA GLU B 699 -25.94 -26.06 -31.58
C GLU B 699 -26.20 -26.57 -32.99
N ASN B 700 -25.14 -26.91 -33.72
CA ASN B 700 -25.31 -27.43 -35.07
C ASN B 700 -24.15 -28.34 -35.41
N SER B 701 -24.41 -29.24 -36.35
CA SER B 701 -23.36 -30.10 -36.88
C SER B 701 -22.93 -29.59 -38.26
N VAL B 702 -21.93 -30.27 -38.81
CA VAL B 702 -21.41 -29.95 -40.14
C VAL B 702 -21.34 -31.25 -40.92
N ALA B 703 -21.84 -31.23 -42.15
CA ALA B 703 -21.94 -32.46 -42.93
C ALA B 703 -20.55 -32.88 -43.39
N TYR B 704 -19.71 -33.35 -42.46
CA TYR B 704 -18.40 -33.84 -42.86
C TYR B 704 -18.53 -35.13 -43.66
N SER B 705 -17.55 -35.36 -44.52
CA SER B 705 -17.45 -36.57 -45.31
C SER B 705 -16.01 -36.66 -45.80
N ASN B 706 -15.72 -37.73 -46.55
CA ASN B 706 -14.41 -37.84 -47.16
C ASN B 706 -14.24 -36.90 -48.35
N ASN B 707 -15.31 -36.59 -49.09
CA ASN B 707 -15.13 -35.86 -50.34
C ASN B 707 -16.16 -34.75 -50.54
N SER B 708 -16.48 -34.00 -49.49
CA SER B 708 -17.48 -32.94 -49.59
C SER B 708 -16.85 -31.60 -49.21
N ILE B 709 -17.12 -30.58 -50.03
CA ILE B 709 -16.62 -29.23 -49.82
C ILE B 709 -17.78 -28.25 -49.90
N ALA B 710 -17.78 -27.28 -48.98
CA ALA B 710 -18.75 -26.20 -48.94
C ALA B 710 -17.99 -24.92 -49.28
N ILE B 711 -18.19 -24.41 -50.49
CA ILE B 711 -17.48 -23.22 -50.97
C ILE B 711 -18.48 -22.08 -51.08
N PRO B 712 -18.20 -20.92 -50.48
CA PRO B 712 -19.15 -19.81 -50.52
C PRO B 712 -19.29 -19.23 -51.90
N THR B 713 -20.41 -18.55 -52.11
CA THR B 713 -20.70 -17.92 -53.40
C THR B 713 -21.00 -16.44 -53.32
N ASN B 714 -21.06 -15.84 -52.13
CA ASN B 714 -21.25 -14.40 -52.03
C ASN B 714 -20.57 -13.94 -50.75
N PHE B 715 -20.54 -12.63 -50.53
CA PHE B 715 -19.83 -12.09 -49.39
C PHE B 715 -20.58 -10.88 -48.85
N THR B 716 -20.41 -10.64 -47.56
CA THR B 716 -21.01 -9.49 -46.90
C THR B 716 -19.86 -8.69 -46.27
N ILE B 717 -19.40 -7.67 -46.99
CA ILE B 717 -18.27 -6.86 -46.53
C ILE B 717 -18.75 -6.05 -45.34
N SER B 718 -18.36 -6.46 -44.14
CA SER B 718 -18.95 -5.92 -42.93
C SER B 718 -17.92 -5.10 -42.15
N VAL B 719 -18.40 -4.05 -41.51
CA VAL B 719 -17.57 -3.17 -40.70
C VAL B 719 -17.93 -3.35 -39.23
N THR B 720 -16.92 -3.58 -38.41
CA THR B 720 -17.08 -3.79 -36.98
C THR B 720 -16.40 -2.67 -36.22
N THR B 721 -17.03 -2.22 -35.14
CA THR B 721 -16.52 -1.12 -34.33
C THR B 721 -15.80 -1.71 -33.12
N GLU B 722 -14.48 -1.57 -33.09
CA GLU B 722 -13.68 -1.98 -31.95
C GLU B 722 -13.23 -0.74 -31.19
N ILE B 723 -13.53 -0.70 -29.89
CA ILE B 723 -13.35 0.51 -29.09
C ILE B 723 -12.28 0.23 -28.05
N LEU B 724 -11.22 1.03 -28.05
CA LEU B 724 -10.09 0.82 -27.15
C LEU B 724 -9.73 2.12 -26.45
N PRO B 725 -9.70 2.14 -25.12
CA PRO B 725 -9.18 3.32 -24.41
C PRO B 725 -7.68 3.44 -24.61
N VAL B 726 -7.21 4.67 -24.79
CA VAL B 726 -5.81 4.94 -25.02
C VAL B 726 -5.18 5.71 -23.87
N SER B 727 -5.92 6.62 -23.26
CA SER B 727 -5.36 7.46 -22.20
C SER B 727 -6.44 7.72 -21.17
N MET B 728 -6.00 7.99 -19.95
CA MET B 728 -6.86 8.36 -18.85
C MET B 728 -6.94 9.88 -18.74
N THR B 729 -7.63 10.38 -17.72
CA THR B 729 -7.56 11.79 -17.40
C THR B 729 -6.26 12.06 -16.63
N LYS B 730 -5.49 13.03 -17.08
CA LYS B 730 -4.20 13.28 -16.46
C LYS B 730 -4.40 13.94 -15.10
N THR B 731 -4.87 13.17 -14.12
CA THR B 731 -5.13 13.73 -12.81
C THR B 731 -3.83 13.97 -12.06
N SER B 732 -3.92 14.79 -11.01
CA SER B 732 -2.79 15.01 -10.12
C SER B 732 -3.31 15.52 -8.80
N VAL B 733 -2.60 15.19 -7.73
CA VAL B 733 -2.97 15.61 -6.39
C VAL B 733 -1.76 16.25 -5.72
N ASP B 734 -1.97 16.78 -4.53
CA ASP B 734 -0.93 17.48 -3.78
C ASP B 734 -1.17 17.21 -2.31
N CYS B 735 -0.23 16.51 -1.66
CA CYS B 735 -0.37 16.23 -0.23
C CYS B 735 -0.73 17.47 0.57
N THR B 736 0.13 18.49 0.55
CA THR B 736 -0.02 19.58 1.50
C THR B 736 -1.42 20.18 1.44
N MET B 737 -1.85 20.58 0.24
CA MET B 737 -3.18 21.16 0.11
C MET B 737 -4.29 20.14 0.34
N TYR B 738 -4.04 18.87 0.06
CA TYR B 738 -5.10 17.86 0.14
C TYR B 738 -5.32 17.38 1.58
N ILE B 739 -4.31 16.76 2.17
CA ILE B 739 -4.46 16.22 3.52
C ILE B 739 -4.30 17.31 4.57
N CYS B 740 -3.57 18.39 4.27
CA CYS B 740 -3.18 19.39 5.25
C CYS B 740 -3.43 20.78 4.70
N GLY B 741 -4.64 20.98 4.18
CA GLY B 741 -4.97 22.23 3.51
C GLY B 741 -4.67 23.46 4.35
N ASP B 742 -3.63 24.19 3.95
CA ASP B 742 -3.22 25.48 4.51
C ASP B 742 -3.24 25.49 6.04
N SER B 743 -2.37 24.69 6.66
CA SER B 743 -2.17 24.74 8.11
C SER B 743 -0.73 24.37 8.41
N THR B 744 -0.02 25.31 9.05
CA THR B 744 1.42 25.18 9.22
C THR B 744 1.80 23.99 10.09
N GLU B 745 1.06 23.76 11.18
CA GLU B 745 1.44 22.67 12.08
C GLU B 745 1.25 21.30 11.43
N CYS B 746 0.15 21.10 10.71
CA CYS B 746 0.01 19.82 10.01
C CYS B 746 1.01 19.70 8.87
N SER B 747 1.38 20.82 8.23
CA SER B 747 2.43 20.74 7.22
C SER B 747 3.76 20.32 7.84
N ASN B 748 4.06 20.84 9.04
CA ASN B 748 5.26 20.43 9.75
C ASN B 748 5.21 18.94 10.06
N LEU B 749 4.05 18.45 10.50
CA LEU B 749 3.92 17.01 10.77
C LEU B 749 4.08 16.19 9.50
N LEU B 750 3.51 16.67 8.39
CA LEU B 750 3.58 15.95 7.13
C LEU B 750 5.02 15.84 6.64
N LEU B 751 5.75 16.96 6.61
CA LEU B 751 7.14 16.93 6.22
C LEU B 751 7.98 16.11 7.18
N GLN B 752 7.46 15.82 8.37
CA GLN B 752 8.11 15.00 9.37
C GLN B 752 7.88 13.51 9.10
N TYR B 753 7.16 13.15 8.05
CA TYR B 753 7.00 11.76 7.62
C TYR B 753 7.91 11.38 6.44
N GLY B 754 8.81 12.26 6.03
CA GLY B 754 9.73 11.92 4.97
C GLY B 754 9.19 12.15 3.57
N SER B 755 9.80 11.45 2.61
CA SER B 755 9.63 11.72 1.19
C SER B 755 8.43 11.00 0.58
N PHE B 756 7.46 10.59 1.40
CA PHE B 756 6.24 9.99 0.86
C PHE B 756 5.60 10.89 -0.20
N CYS B 757 5.51 12.18 0.09
CA CYS B 757 4.72 13.05 -0.76
C CYS B 757 5.40 13.36 -2.08
N THR B 758 6.72 13.59 -2.06
CA THR B 758 7.43 13.73 -3.33
C THR B 758 7.37 12.41 -4.11
N GLN B 759 7.35 11.27 -3.41
CA GLN B 759 7.21 9.99 -4.09
C GLN B 759 5.85 9.90 -4.81
N LEU B 760 4.77 10.24 -4.11
CA LEU B 760 3.44 10.17 -4.71
C LEU B 760 3.30 11.15 -5.87
N ASN B 761 3.80 12.38 -5.70
CA ASN B 761 3.73 13.36 -6.78
C ASN B 761 4.51 12.89 -7.99
N ARG B 762 5.67 12.29 -7.77
CA ARG B 762 6.47 11.75 -8.86
C ARG B 762 5.73 10.63 -9.56
N ALA B 763 5.06 9.76 -8.80
CA ALA B 763 4.31 8.66 -9.41
C ALA B 763 3.20 9.20 -10.29
N LEU B 764 2.46 10.19 -9.80
CA LEU B 764 1.35 10.72 -10.59
C LEU B 764 1.84 11.50 -11.81
N THR B 765 2.97 12.21 -11.68
CA THR B 765 3.54 12.87 -12.85
C THR B 765 4.00 11.85 -13.88
N GLY B 766 4.56 10.74 -13.42
CA GLY B 766 4.90 9.66 -14.32
C GLY B 766 3.69 9.10 -15.04
N ILE B 767 2.58 8.92 -14.32
CA ILE B 767 1.35 8.48 -14.96
C ILE B 767 0.90 9.47 -16.03
N ALA B 768 0.95 10.76 -15.72
CA ALA B 768 0.51 11.78 -16.67
C ALA B 768 1.35 11.75 -17.94
N VAL B 769 2.67 11.76 -17.79
CA VAL B 769 3.53 11.74 -18.97
C VAL B 769 3.38 10.43 -19.70
N GLU B 770 3.13 9.33 -18.98
CA GLU B 770 2.86 8.07 -19.66
C GLU B 770 1.60 8.15 -20.50
N GLN B 771 0.58 8.87 -20.00
CA GLN B 771 -0.65 9.05 -20.76
C GLN B 771 -0.38 9.78 -22.07
N ASP B 772 0.38 10.87 -21.98
CA ASP B 772 0.76 11.58 -23.20
C ASP B 772 1.55 10.67 -24.14
N LYS B 773 2.40 9.82 -23.57
CA LYS B 773 3.16 8.87 -24.39
C LYS B 773 2.24 7.89 -25.11
N ASN B 774 1.22 7.37 -24.40
CA ASN B 774 0.28 6.45 -25.05
C ASN B 774 -0.44 7.15 -26.19
N THR B 775 -0.91 8.37 -25.96
CA THR B 775 -1.61 9.08 -27.04
C THR B 775 -0.69 9.29 -28.23
N GLN B 776 0.56 9.69 -27.97
CA GLN B 776 1.52 9.91 -29.05
C GLN B 776 1.74 8.64 -29.86
N GLU B 777 2.05 7.52 -29.18
CA GLU B 777 2.31 6.27 -29.88
C GLU B 777 1.08 5.78 -30.64
N VAL B 778 -0.11 5.88 -30.05
CA VAL B 778 -1.28 5.32 -30.71
C VAL B 778 -1.65 6.15 -31.93
N PHE B 779 -1.54 7.47 -31.86
CA PHE B 779 -2.06 8.29 -32.94
C PHE B 779 -1.00 8.71 -33.93
N ALA B 780 0.12 9.29 -33.46
CA ALA B 780 1.13 9.83 -34.37
C ALA B 780 1.99 8.71 -34.95
N GLN B 781 1.32 7.77 -35.60
CA GLN B 781 2.03 6.70 -36.29
C GLN B 781 2.52 7.14 -37.66
N VAL B 782 2.16 8.34 -38.10
CA VAL B 782 2.54 8.86 -39.41
C VAL B 782 3.46 10.06 -39.20
N LYS B 783 4.53 10.13 -39.99
CA LYS B 783 5.51 11.19 -39.80
C LYS B 783 4.96 12.54 -40.21
N GLN B 784 4.33 12.60 -41.38
CA GLN B 784 3.81 13.85 -41.94
C GLN B 784 2.31 13.72 -42.13
N ILE B 785 1.56 14.69 -41.62
CA ILE B 785 0.11 14.65 -41.74
C ILE B 785 -0.30 14.91 -43.18
N TYR B 786 -1.22 14.09 -43.69
CA TYR B 786 -1.66 14.17 -45.07
C TYR B 786 -2.95 14.96 -45.17
N LYS B 787 -3.36 15.24 -46.41
CA LYS B 787 -4.57 15.99 -46.68
C LYS B 787 -5.38 15.27 -47.74
N THR B 788 -6.64 15.00 -47.45
CA THR B 788 -7.49 14.29 -48.37
C THR B 788 -7.73 15.13 -49.63
N PRO B 789 -7.82 14.50 -50.80
CA PRO B 789 -8.10 15.26 -52.01
C PRO B 789 -9.48 15.89 -51.96
N PRO B 790 -9.68 17.04 -52.60
CA PRO B 790 -10.99 17.70 -52.53
C PRO B 790 -12.08 16.97 -53.29
N ILE B 791 -11.73 16.27 -54.37
CA ILE B 791 -12.72 15.57 -55.20
C ILE B 791 -12.84 14.14 -54.69
N LYS B 792 -14.03 13.78 -54.24
CA LYS B 792 -14.27 12.46 -53.66
C LYS B 792 -14.72 11.45 -54.73
N ASP B 793 -13.82 11.22 -55.67
CA ASP B 793 -14.06 10.25 -56.74
C ASP B 793 -13.41 8.91 -56.40
N PHE B 794 -13.91 8.30 -55.33
CA PHE B 794 -13.39 7.03 -54.84
C PHE B 794 -14.17 5.85 -55.42
N GLY B 795 -14.19 5.79 -56.75
CA GLY B 795 -14.73 4.66 -57.48
C GLY B 795 -16.13 4.23 -57.14
N GLY B 796 -16.83 5.04 -56.34
CA GLY B 796 -18.16 4.70 -55.86
C GLY B 796 -18.24 4.54 -54.36
N PHE B 797 -17.12 4.53 -53.66
CA PHE B 797 -17.12 4.39 -52.21
C PHE B 797 -17.40 5.74 -51.56
N ASN B 798 -18.40 5.78 -50.68
CA ASN B 798 -18.86 7.02 -50.06
C ASN B 798 -18.17 7.13 -48.70
N PHE B 799 -17.06 7.86 -48.65
CA PHE B 799 -16.30 8.06 -47.44
C PHE B 799 -16.77 9.27 -46.64
N SER B 800 -17.85 9.92 -47.06
CA SER B 800 -18.26 11.18 -46.45
C SER B 800 -18.59 11.03 -44.97
N GLN B 801 -18.85 9.81 -44.51
CA GLN B 801 -19.23 9.59 -43.11
C GLN B 801 -18.03 9.48 -42.19
N ILE B 802 -16.82 9.27 -42.71
CA ILE B 802 -15.64 9.16 -41.87
C ILE B 802 -14.65 10.29 -42.09
N LEU B 803 -14.67 10.97 -43.24
CA LEU B 803 -13.81 12.10 -43.44
C LEU B 803 -14.28 13.29 -42.60
N PRO B 804 -13.37 14.17 -42.18
CA PRO B 804 -13.78 15.37 -41.46
C PRO B 804 -14.70 16.25 -42.30
N ASP B 805 -15.65 16.90 -41.64
CA ASP B 805 -16.64 17.70 -42.33
C ASP B 805 -16.27 19.18 -42.22
N PRO B 806 -15.93 19.84 -43.33
CA PRO B 806 -15.56 21.27 -43.25
C PRO B 806 -16.68 22.20 -42.82
N SER B 807 -17.94 21.77 -42.91
CA SER B 807 -19.07 22.63 -42.59
C SER B 807 -19.42 22.65 -41.11
N LYS B 808 -18.72 21.91 -40.27
CA LYS B 808 -18.98 21.88 -38.85
C LYS B 808 -17.77 22.38 -38.06
N PRO B 809 -17.98 22.89 -36.85
CA PRO B 809 -16.85 23.29 -36.01
C PRO B 809 -15.98 22.11 -35.60
N SER B 810 -14.70 22.40 -35.37
CA SER B 810 -13.65 21.48 -34.97
C SER B 810 -13.29 20.49 -36.06
N LYS B 811 -13.98 20.53 -37.20
CA LYS B 811 -13.71 19.70 -38.36
C LYS B 811 -13.61 18.22 -37.98
N ARG B 812 -14.70 17.70 -37.42
CA ARG B 812 -14.79 16.31 -37.03
C ARG B 812 -15.77 15.59 -37.96
N SER B 813 -15.54 14.29 -38.14
CA SER B 813 -16.44 13.50 -38.95
C SER B 813 -17.76 13.29 -38.23
N PRO B 814 -18.82 12.94 -38.97
CA PRO B 814 -20.09 12.65 -38.28
C PRO B 814 -19.97 11.54 -37.25
N ILE B 815 -19.16 10.52 -37.54
CA ILE B 815 -19.02 9.41 -36.59
C ILE B 815 -18.26 9.87 -35.35
N GLU B 816 -17.22 10.69 -35.53
CA GLU B 816 -16.53 11.25 -34.37
C GLU B 816 -17.46 12.11 -33.53
N ASP B 817 -18.32 12.89 -34.19
CA ASP B 817 -19.29 13.69 -33.44
C ASP B 817 -20.26 12.82 -32.68
N LEU B 818 -20.72 11.73 -33.29
CA LEU B 818 -21.61 10.80 -32.60
C LEU B 818 -20.94 10.21 -31.38
N LEU B 819 -19.66 9.80 -31.52
CA LEU B 819 -18.94 9.25 -30.38
C LEU B 819 -18.77 10.29 -29.28
N PHE B 820 -18.43 11.53 -29.66
CA PHE B 820 -18.28 12.60 -28.68
C PHE B 820 -19.58 12.83 -27.93
N ASN B 821 -20.71 12.84 -28.63
CA ASN B 821 -22.00 13.01 -27.97
C ASN B 821 -22.30 11.83 -27.05
N LYS B 822 -21.98 10.61 -27.48
CA LYS B 822 -22.33 9.43 -26.70
C LYS B 822 -21.45 9.27 -25.46
N VAL B 823 -20.25 9.82 -25.46
CA VAL B 823 -19.38 9.76 -24.29
C VAL B 823 -19.66 10.97 -23.41
N THR B 824 -20.05 10.72 -22.17
CA THR B 824 -20.33 11.78 -21.19
C THR B 824 -19.41 11.60 -20.00
N LEU B 825 -18.81 12.70 -19.55
CA LEU B 825 -17.90 12.65 -18.41
C LEU B 825 -18.66 12.50 -17.10
N GLN B 850 -14.82 20.66 -11.98
CA GLN B 850 -14.71 20.50 -10.53
C GLN B 850 -13.29 20.81 -10.08
N LYS B 851 -13.11 21.95 -9.40
CA LYS B 851 -11.81 22.35 -8.85
C LYS B 851 -11.94 22.36 -7.33
N PHE B 852 -11.26 21.43 -6.67
CA PHE B 852 -11.34 21.26 -5.23
C PHE B 852 -9.94 21.35 -4.62
N ASN B 853 -9.85 21.02 -3.33
CA ASN B 853 -8.60 21.13 -2.59
C ASN B 853 -7.58 20.11 -3.09
N GLY B 854 -6.44 20.60 -3.57
CA GLY B 854 -5.32 19.74 -3.89
C GLY B 854 -5.39 19.05 -5.24
N LEU B 855 -6.61 18.79 -5.71
CA LEU B 855 -6.78 18.07 -6.97
C LEU B 855 -6.57 19.00 -8.15
N THR B 856 -6.16 18.42 -9.27
CA THR B 856 -6.04 19.16 -10.51
C THR B 856 -6.08 18.15 -11.66
N VAL B 857 -6.41 18.64 -12.85
CA VAL B 857 -6.52 17.82 -14.05
C VAL B 857 -5.63 18.50 -15.09
N LEU B 858 -4.43 17.98 -15.28
CA LEU B 858 -3.53 18.52 -16.29
C LEU B 858 -4.11 18.24 -17.67
N PRO B 859 -4.23 19.25 -18.52
CA PRO B 859 -4.82 19.01 -19.84
C PRO B 859 -3.94 18.10 -20.67
N PRO B 860 -4.51 17.32 -21.58
CA PRO B 860 -3.68 16.47 -22.43
C PRO B 860 -2.81 17.30 -23.34
N LEU B 861 -1.63 16.76 -23.67
CA LEU B 861 -0.71 17.48 -24.53
C LEU B 861 -1.32 17.72 -25.90
N LEU B 862 -1.84 16.67 -26.52
CA LEU B 862 -2.55 16.82 -27.77
C LEU B 862 -3.97 17.32 -27.52
N THR B 863 -4.43 18.23 -28.37
CA THR B 863 -5.78 18.73 -28.25
C THR B 863 -6.78 17.81 -28.94
N ASP B 864 -8.05 17.97 -28.57
CA ASP B 864 -9.09 17.17 -29.18
C ASP B 864 -9.21 17.43 -30.68
N GLU B 865 -8.72 18.57 -31.16
CA GLU B 865 -8.70 18.82 -32.59
C GLU B 865 -7.42 18.35 -33.26
N MET B 866 -6.26 18.45 -32.60
CA MET B 866 -5.04 17.92 -33.20
C MET B 866 -5.10 16.39 -33.33
N ILE B 867 -5.67 15.72 -32.33
CA ILE B 867 -5.87 14.28 -32.44
C ILE B 867 -6.76 13.96 -33.62
N ALA B 868 -7.86 14.71 -33.78
CA ALA B 868 -8.70 14.53 -34.96
C ALA B 868 -7.95 14.81 -36.25
N GLN B 869 -6.98 15.73 -36.20
CA GLN B 869 -6.14 16.00 -37.36
C GLN B 869 -5.26 14.81 -37.70
N TYR B 870 -4.64 14.19 -36.68
CA TYR B 870 -3.96 12.92 -36.87
C TYR B 870 -4.88 11.89 -37.53
N THR B 871 -6.10 11.75 -37.02
CA THR B 871 -7.02 10.77 -37.58
C THR B 871 -7.34 11.08 -39.04
N SER B 872 -7.59 12.35 -39.35
CA SER B 872 -7.86 12.74 -40.72
C SER B 872 -6.66 12.45 -41.62
N ALA B 873 -5.46 12.70 -41.12
CA ALA B 873 -4.25 12.38 -41.87
C ALA B 873 -4.18 10.88 -42.15
N LEU B 874 -4.48 10.07 -41.14
CA LEU B 874 -4.41 8.62 -41.30
C LEU B 874 -5.43 8.14 -42.33
N LEU B 875 -6.67 8.66 -42.25
CA LEU B 875 -7.66 8.30 -43.24
C LEU B 875 -7.25 8.74 -44.64
N ALA B 876 -6.72 9.94 -44.78
CA ALA B 876 -6.28 10.40 -46.09
C ALA B 876 -5.19 9.50 -46.65
N GLY B 877 -4.20 9.17 -45.82
CA GLY B 877 -3.13 8.31 -46.27
C GLY B 877 -3.63 6.93 -46.66
N THR B 878 -4.45 6.32 -45.81
CA THR B 878 -4.99 5.01 -46.13
C THR B 878 -5.76 5.04 -47.44
N ILE B 879 -6.71 5.98 -47.56
CA ILE B 879 -7.59 6.02 -48.72
C ILE B 879 -6.80 6.25 -49.99
N THR B 880 -5.86 7.19 -49.96
CA THR B 880 -5.18 7.56 -51.21
C THR B 880 -4.04 6.61 -51.53
N SER B 881 -3.15 6.36 -50.57
CA SER B 881 -1.91 5.64 -50.85
C SER B 881 -1.94 4.19 -50.43
N GLY B 882 -3.05 3.67 -49.93
CA GLY B 882 -3.06 2.30 -49.47
C GLY B 882 -2.22 2.14 -48.22
N TRP B 883 -1.34 1.14 -48.21
CA TRP B 883 -0.51 0.86 -47.05
C TRP B 883 0.90 1.44 -47.16
N THR B 884 1.32 1.86 -48.35
CA THR B 884 2.70 2.27 -48.56
C THR B 884 3.10 3.47 -47.72
N PHE B 885 2.14 4.30 -47.30
CA PHE B 885 2.50 5.47 -46.52
C PHE B 885 2.93 5.09 -45.10
N GLY B 886 2.57 3.89 -44.65
CA GLY B 886 3.09 3.41 -43.38
C GLY B 886 4.48 2.82 -43.47
N ALA B 887 4.95 2.51 -44.67
CA ALA B 887 6.28 1.95 -44.89
C ALA B 887 7.29 3.03 -45.28
N GLY B 888 7.01 3.75 -46.35
CA GLY B 888 7.92 4.78 -46.81
C GLY B 888 7.20 6.03 -47.28
N PRO B 889 7.54 6.50 -48.47
CA PRO B 889 6.82 7.64 -49.04
C PRO B 889 5.46 7.20 -49.56
N ALA B 890 4.45 8.02 -49.29
CA ALA B 890 3.10 7.70 -49.74
C ALA B 890 3.03 7.69 -51.25
N LEU B 891 2.43 6.63 -51.80
CA LEU B 891 2.28 6.45 -53.24
C LEU B 891 0.81 6.39 -53.58
N GLN B 892 0.34 7.31 -54.42
CA GLN B 892 -1.05 7.36 -54.80
C GLN B 892 -1.51 6.08 -55.50
N ILE B 893 -2.66 5.57 -55.08
CA ILE B 893 -3.26 4.35 -55.60
C ILE B 893 -4.77 4.54 -55.75
N PRO B 894 -5.34 4.23 -56.91
CA PRO B 894 -6.79 4.32 -57.06
C PRO B 894 -7.44 3.39 -56.06
N PHE B 895 -8.51 3.86 -55.43
CA PHE B 895 -9.13 3.05 -54.39
C PHE B 895 -9.65 1.71 -54.89
N PRO B 896 -10.26 1.59 -56.07
CA PRO B 896 -10.57 0.24 -56.55
C PRO B 896 -9.33 -0.65 -56.65
N MET B 897 -8.19 -0.13 -57.10
CA MET B 897 -7.00 -0.97 -57.14
C MET B 897 -6.54 -1.35 -55.74
N GLN B 898 -6.62 -0.41 -54.79
CA GLN B 898 -6.19 -0.72 -53.44
C GLN B 898 -7.07 -1.80 -52.83
N MET B 899 -8.38 -1.71 -53.05
CA MET B 899 -9.27 -2.75 -52.56
C MET B 899 -9.02 -4.07 -53.27
N ALA B 900 -8.69 -4.01 -54.56
CA ALA B 900 -8.38 -5.22 -55.31
C ALA B 900 -7.17 -5.92 -54.71
N TYR B 901 -6.18 -5.16 -54.29
CA TYR B 901 -4.97 -5.78 -53.76
C TYR B 901 -5.15 -6.21 -52.32
N ARG B 902 -6.04 -5.54 -51.57
CA ARG B 902 -6.40 -6.05 -50.26
C ARG B 902 -7.18 -7.35 -50.36
N PHE B 903 -7.98 -7.51 -51.42
CA PHE B 903 -8.55 -8.82 -51.72
C PHE B 903 -7.46 -9.83 -52.04
N ASN B 904 -6.52 -9.44 -52.92
CA ASN B 904 -5.43 -10.33 -53.29
C ASN B 904 -4.60 -10.74 -52.09
N GLY B 905 -4.64 -9.97 -51.02
CA GLY B 905 -3.94 -10.33 -49.80
C GLY B 905 -4.68 -11.27 -48.87
N ILE B 906 -5.89 -11.69 -49.20
CA ILE B 906 -6.62 -12.65 -48.37
C ILE B 906 -7.03 -13.86 -49.22
N GLY B 907 -6.25 -14.15 -50.25
CA GLY B 907 -6.43 -15.36 -51.01
C GLY B 907 -7.59 -15.36 -51.97
N VAL B 908 -8.13 -14.20 -52.32
CA VAL B 908 -9.17 -14.09 -53.33
C VAL B 908 -8.66 -13.16 -54.43
N THR B 909 -8.77 -13.60 -55.68
CA THR B 909 -8.10 -12.94 -56.78
C THR B 909 -8.71 -11.57 -57.05
N GLN B 910 -8.13 -10.87 -58.03
CA GLN B 910 -8.57 -9.53 -58.40
C GLN B 910 -9.93 -9.54 -59.06
N ASN B 911 -10.35 -10.67 -59.62
CA ASN B 911 -11.56 -10.73 -60.42
C ASN B 911 -12.77 -10.28 -59.64
N VAL B 912 -12.86 -10.70 -58.38
CA VAL B 912 -14.08 -10.53 -57.60
C VAL B 912 -14.43 -9.05 -57.47
N LEU B 913 -13.46 -8.23 -57.06
CA LEU B 913 -13.74 -6.82 -56.84
C LEU B 913 -14.16 -6.13 -58.13
N TYR B 914 -13.35 -6.27 -59.17
CA TYR B 914 -13.61 -5.52 -60.40
C TYR B 914 -14.93 -5.92 -61.03
N GLU B 915 -15.27 -7.21 -61.02
CA GLU B 915 -16.55 -7.60 -61.59
C GLU B 915 -17.69 -7.52 -60.59
N ASN B 916 -17.42 -7.11 -59.34
CA ASN B 916 -18.46 -6.85 -58.35
C ASN B 916 -18.32 -5.47 -57.72
N GLN B 917 -17.77 -4.49 -58.47
CA GLN B 917 -17.37 -3.23 -57.86
C GLN B 917 -18.57 -2.46 -57.33
N LYS B 918 -19.62 -2.34 -58.14
CA LYS B 918 -20.78 -1.55 -57.72
C LYS B 918 -21.45 -2.17 -56.50
N LEU B 919 -21.62 -3.49 -56.51
CA LEU B 919 -22.23 -4.16 -55.37
C LEU B 919 -21.38 -4.00 -54.12
N ILE B 920 -20.05 -4.13 -54.26
CA ILE B 920 -19.17 -3.98 -53.12
C ILE B 920 -19.24 -2.56 -52.55
N ALA B 921 -19.25 -1.57 -53.43
CA ALA B 921 -19.36 -0.18 -52.98
C ALA B 921 -20.69 0.04 -52.25
N ASN B 922 -21.78 -0.50 -52.79
CA ASN B 922 -23.08 -0.35 -52.14
C ASN B 922 -23.07 -1.02 -50.77
N GLN B 923 -22.50 -2.22 -50.67
CA GLN B 923 -22.44 -2.90 -49.38
C GLN B 923 -21.62 -2.11 -48.38
N PHE B 924 -20.48 -1.56 -48.82
CA PHE B 924 -19.63 -0.80 -47.91
C PHE B 924 -20.37 0.45 -47.43
N ASN B 925 -21.03 1.16 -48.34
CA ASN B 925 -21.78 2.35 -47.96
C ASN B 925 -22.91 2.02 -46.99
N SER B 926 -23.64 0.93 -47.26
CA SER B 926 -24.72 0.53 -46.36
C SER B 926 -24.18 0.18 -44.98
N ALA B 927 -23.04 -0.52 -44.93
CA ALA B 927 -22.45 -0.89 -43.65
C ALA B 927 -22.03 0.36 -42.86
N ILE B 928 -21.40 1.32 -43.54
CA ILE B 928 -21.03 2.56 -42.87
C ILE B 928 -22.27 3.27 -42.35
N GLY B 929 -23.33 3.33 -43.16
CA GLY B 929 -24.56 3.95 -42.71
C GLY B 929 -25.14 3.26 -41.49
N LYS B 930 -25.11 1.93 -41.48
CA LYS B 930 -25.62 1.17 -40.34
C LYS B 930 -24.79 1.40 -39.09
N ILE B 931 -23.51 1.70 -39.25
CA ILE B 931 -22.67 1.93 -38.08
C ILE B 931 -23.18 3.10 -37.25
N GLN B 932 -23.52 4.20 -37.92
CA GLN B 932 -24.00 5.38 -37.21
C GLN B 932 -25.29 5.07 -36.45
N ASP B 933 -26.23 4.39 -37.11
CA ASP B 933 -27.48 4.04 -36.45
C ASP B 933 -27.24 3.12 -35.26
N SER B 934 -26.36 2.12 -35.42
CA SER B 934 -26.09 1.18 -34.35
C SER B 934 -25.52 1.89 -33.13
N LEU B 935 -24.46 2.67 -33.32
CA LEU B 935 -23.83 3.29 -32.17
C LEU B 935 -24.57 4.53 -31.68
N SER B 936 -25.59 5.01 -32.40
CA SER B 936 -26.40 6.09 -31.90
C SER B 936 -27.69 5.62 -31.23
N SER B 937 -28.14 4.41 -31.52
CA SER B 937 -29.35 3.88 -30.91
C SER B 937 -29.08 2.85 -29.82
N THR B 938 -27.90 2.22 -29.81
CA THR B 938 -27.59 1.24 -28.78
C THR B 938 -26.74 1.88 -27.70
N PRO B 939 -27.26 2.11 -26.50
CA PRO B 939 -26.41 2.57 -25.40
C PRO B 939 -25.39 1.51 -25.01
N SER B 940 -24.31 1.97 -24.38
CA SER B 940 -23.17 1.16 -23.95
C SER B 940 -22.39 0.59 -25.12
N ALA B 941 -22.66 1.04 -26.36
CA ALA B 941 -21.78 0.71 -27.47
C ALA B 941 -20.39 1.28 -27.25
N LEU B 942 -20.31 2.45 -26.62
CA LEU B 942 -19.06 3.02 -26.12
C LEU B 942 -18.80 2.64 -24.67
N GLY B 943 -19.23 1.44 -24.28
CA GLY B 943 -19.17 1.04 -22.90
C GLY B 943 -17.78 1.00 -22.32
N LYS B 944 -16.78 0.65 -23.13
CA LYS B 944 -15.41 0.57 -22.60
C LYS B 944 -14.91 1.95 -22.19
N LEU B 945 -15.04 2.93 -23.07
CA LEU B 945 -14.63 4.29 -22.73
C LEU B 945 -15.45 4.85 -21.58
N GLN B 946 -16.77 4.61 -21.60
CA GLN B 946 -17.61 5.10 -20.52
C GLN B 946 -17.21 4.45 -19.19
N ASP B 947 -16.84 3.18 -19.21
CA ASP B 947 -16.39 2.50 -18.01
C ASP B 947 -15.09 3.08 -17.50
N VAL B 948 -14.16 3.38 -18.42
CA VAL B 948 -12.90 4.00 -18.01
C VAL B 948 -13.17 5.34 -17.33
N VAL B 949 -13.99 6.18 -17.96
CA VAL B 949 -14.27 7.50 -17.40
C VAL B 949 -15.00 7.38 -16.07
N ASN B 950 -15.97 6.47 -15.99
CA ASN B 950 -16.73 6.28 -14.77
C ASN B 950 -15.83 5.78 -13.64
N GLN B 951 -14.94 4.84 -13.94
CA GLN B 951 -14.01 4.33 -12.92
C GLN B 951 -13.12 5.45 -12.41
N ASN B 952 -12.58 6.26 -13.33
CA ASN B 952 -11.72 7.35 -12.91
C ASN B 952 -12.48 8.34 -12.03
N ALA B 953 -13.67 8.75 -12.48
CA ALA B 953 -14.44 9.73 -11.74
C ALA B 953 -14.86 9.20 -10.37
N GLN B 954 -15.26 7.93 -10.31
CA GLN B 954 -15.72 7.37 -9.03
C GLN B 954 -14.55 7.20 -8.07
N ALA B 955 -13.38 6.78 -8.56
CA ALA B 955 -12.21 6.72 -7.69
C ALA B 955 -11.84 8.10 -7.17
N LEU B 956 -11.89 9.11 -8.04
CA LEU B 956 -11.58 10.47 -7.59
C LEU B 956 -12.60 10.95 -6.57
N ASN B 957 -13.87 10.66 -6.79
CA ASN B 957 -14.92 11.05 -5.85
C ASN B 957 -14.74 10.35 -4.51
N THR B 958 -14.37 9.08 -4.53
CA THR B 958 -14.06 8.38 -3.29
C THR B 958 -12.88 9.03 -2.58
N LEU B 959 -11.85 9.40 -3.33
CA LEU B 959 -10.69 10.07 -2.74
C LEU B 959 -11.10 11.36 -2.04
N VAL B 960 -11.96 12.15 -2.68
CA VAL B 960 -12.40 13.40 -2.08
C VAL B 960 -13.30 13.13 -0.87
N LYS B 961 -14.23 12.19 -1.02
CA LYS B 961 -15.15 11.86 0.07
C LYS B 961 -14.42 11.36 1.30
N GLN B 962 -13.24 10.75 1.11
CA GLN B 962 -12.50 10.20 2.23
C GLN B 962 -12.15 11.27 3.26
N LEU B 963 -12.12 12.54 2.86
CA LEU B 963 -11.84 13.61 3.80
C LEU B 963 -12.91 13.71 4.88
N SER B 964 -14.16 13.38 4.54
CA SER B 964 -15.26 13.56 5.48
C SER B 964 -15.20 12.61 6.67
N SER B 965 -14.33 11.61 6.64
CA SER B 965 -14.23 10.62 7.70
C SER B 965 -13.12 11.00 8.66
N ASN B 966 -13.42 10.95 9.96
CA ASN B 966 -12.48 11.40 10.97
C ASN B 966 -11.40 10.38 11.29
N PHE B 967 -11.41 9.22 10.65
CA PHE B 967 -10.33 8.24 10.77
C PHE B 967 -10.00 7.92 12.22
N GLY B 968 -11.04 7.83 13.06
CA GLY B 968 -10.82 7.55 14.46
C GLY B 968 -10.47 8.73 15.32
N ALA B 969 -10.38 9.93 14.76
CA ALA B 969 -10.05 11.12 15.52
C ALA B 969 -11.32 11.86 15.91
N ILE B 970 -11.15 12.99 16.61
CA ILE B 970 -12.28 13.74 17.15
C ILE B 970 -13.17 14.26 16.04
N SER B 971 -12.57 14.84 15.00
CA SER B 971 -13.35 15.44 13.93
C SER B 971 -12.56 15.35 12.64
N SER B 972 -13.27 15.44 11.52
CA SER B 972 -12.65 15.34 10.21
C SER B 972 -12.23 16.70 9.64
N VAL B 973 -12.46 17.80 10.35
CA VAL B 973 -12.09 19.12 9.87
C VAL B 973 -10.86 19.60 10.63
N LEU B 974 -9.77 19.82 9.91
CA LEU B 974 -8.52 20.25 10.54
C LEU B 974 -8.67 21.59 11.25
N ASN B 975 -9.35 22.57 10.64
CA ASN B 975 -9.53 23.85 11.30
C ASN B 975 -10.35 23.71 12.57
N ASP B 976 -11.39 22.86 12.56
CA ASP B 976 -12.19 22.62 13.75
C ASP B 976 -11.35 22.00 14.86
N ILE B 977 -10.60 20.95 14.54
CA ILE B 977 -9.82 20.28 15.58
C ILE B 977 -8.69 21.18 16.08
N LEU B 978 -8.16 22.07 15.24
CA LEU B 978 -7.09 22.95 15.68
C LEU B 978 -7.61 24.11 16.51
N SER B 979 -8.81 24.59 16.22
CA SER B 979 -9.30 25.81 16.87
C SER B 979 -9.72 25.56 18.32
N ARG B 980 -10.39 24.44 18.58
CA ARG B 980 -10.94 24.17 19.91
C ARG B 980 -10.12 23.17 20.72
N LEU B 981 -8.95 22.77 20.24
CA LEU B 981 -8.09 21.85 20.96
C LEU B 981 -6.69 22.42 21.00
N ASP B 982 -6.10 22.46 22.19
CA ASP B 982 -4.76 23.00 22.35
C ASP B 982 -3.72 22.11 21.67
N PRO B 983 -2.57 22.69 21.32
CA PRO B 983 -1.54 21.94 20.58
C PRO B 983 -1.17 20.61 21.21
N PRO B 984 -0.80 20.57 22.52
CA PRO B 984 -0.07 19.40 23.04
C PRO B 984 -0.70 18.05 22.77
N GLU B 985 -2.03 17.97 22.75
CA GLU B 985 -2.71 16.78 22.28
C GLU B 985 -3.41 17.01 20.95
N ALA B 986 -3.40 18.25 20.44
CA ALA B 986 -3.88 18.48 19.09
C ALA B 986 -3.02 17.78 18.05
N GLU B 987 -1.68 17.81 18.21
CA GLU B 987 -0.87 16.99 17.29
C GLU B 987 -1.18 15.51 17.44
N VAL B 988 -1.38 15.05 18.67
CA VAL B 988 -1.69 13.63 18.91
C VAL B 988 -2.96 13.24 18.16
N GLN B 989 -3.98 14.09 18.18
CA GLN B 989 -5.21 13.78 17.47
C GLN B 989 -5.03 13.91 15.96
N ILE B 990 -4.37 14.97 15.50
CA ILE B 990 -4.33 15.27 14.07
C ILE B 990 -3.40 14.32 13.32
N ASP B 991 -2.42 13.71 14.00
CA ASP B 991 -1.58 12.73 13.32
C ASP B 991 -2.39 11.52 12.89
N ARG B 992 -3.46 11.21 13.62
CA ARG B 992 -4.35 10.15 13.19
C ARG B 992 -4.99 10.49 11.85
N LEU B 993 -5.46 11.72 11.70
CA LEU B 993 -5.99 12.14 10.40
C LEU B 993 -4.92 12.10 9.33
N ILE B 994 -3.71 12.56 9.65
CA ILE B 994 -2.63 12.56 8.67
C ILE B 994 -2.33 11.14 8.20
N THR B 995 -2.18 10.20 9.14
CA THR B 995 -1.87 8.82 8.77
C THR B 995 -3.01 8.22 7.95
N GLY B 996 -4.24 8.37 8.41
CA GLY B 996 -5.35 7.76 7.68
C GLY B 996 -5.51 8.33 6.29
N ARG B 997 -5.42 9.65 6.15
CA ARG B 997 -5.63 10.26 4.85
C ARG B 997 -4.45 10.00 3.92
N LEU B 998 -3.24 9.92 4.46
CA LEU B 998 -2.09 9.53 3.65
C LEU B 998 -2.24 8.09 3.17
N GLN B 999 -2.76 7.21 4.04
CA GLN B 999 -3.03 5.84 3.63
C GLN B 999 -4.07 5.81 2.51
N SER B 1000 -5.10 6.64 2.64
CA SER B 1000 -6.12 6.72 1.59
C SER B 1000 -5.52 7.20 0.28
N LEU B 1001 -4.67 8.22 0.33
CA LEU B 1001 -4.02 8.73 -0.87
C LEU B 1001 -3.13 7.67 -1.50
N GLN B 1002 -2.38 6.93 -0.67
CA GLN B 1002 -1.54 5.86 -1.20
C GLN B 1002 -2.38 4.79 -1.87
N THR B 1003 -3.49 4.40 -1.24
CA THR B 1003 -4.38 3.41 -1.85
C THR B 1003 -4.92 3.92 -3.18
N TYR B 1004 -5.36 5.18 -3.22
CA TYR B 1004 -5.89 5.74 -4.46
C TYR B 1004 -4.84 5.74 -5.55
N VAL B 1005 -3.62 6.15 -5.21
CA VAL B 1005 -2.56 6.23 -6.21
C VAL B 1005 -2.15 4.84 -6.68
N THR B 1006 -2.16 3.85 -5.78
CA THR B 1006 -1.85 2.48 -6.19
C THR B 1006 -2.91 1.95 -7.14
N GLN B 1007 -4.19 2.20 -6.83
CA GLN B 1007 -5.26 1.80 -7.75
C GLN B 1007 -5.08 2.50 -9.09
N GLN B 1008 -4.75 3.80 -9.05
CA GLN B 1008 -4.52 4.55 -10.28
C GLN B 1008 -3.37 3.98 -11.07
N LEU B 1009 -2.31 3.55 -10.39
CA LEU B 1009 -1.14 3.02 -11.07
C LEU B 1009 -1.45 1.68 -11.73
N ILE B 1010 -2.20 0.82 -11.04
CA ILE B 1010 -2.58 -0.45 -11.66
C ILE B 1010 -3.50 -0.20 -12.85
N ARG B 1011 -4.49 0.68 -12.69
CA ARG B 1011 -5.37 0.99 -13.80
C ARG B 1011 -4.62 1.65 -14.95
N ALA B 1012 -3.60 2.44 -14.65
CA ALA B 1012 -2.79 3.06 -15.69
C ALA B 1012 -1.95 2.02 -16.41
N ALA B 1013 -1.46 1.02 -15.69
CA ALA B 1013 -0.77 -0.08 -16.36
C ALA B 1013 -1.71 -0.83 -17.29
N GLU B 1014 -2.94 -1.08 -16.84
CA GLU B 1014 -3.93 -1.71 -17.71
C GLU B 1014 -4.21 -0.85 -18.93
N ILE B 1015 -4.38 0.45 -18.73
CA ILE B 1015 -4.66 1.37 -19.83
C ILE B 1015 -3.49 1.42 -20.78
N ARG B 1016 -2.26 1.36 -20.27
CA ARG B 1016 -1.08 1.37 -21.12
C ARG B 1016 -0.97 0.09 -21.92
N ALA B 1017 -1.32 -1.05 -21.33
CA ALA B 1017 -1.39 -2.28 -22.10
C ALA B 1017 -2.43 -2.17 -23.21
N SER B 1018 -3.60 -1.60 -22.89
CA SER B 1018 -4.63 -1.39 -23.90
C SER B 1018 -4.15 -0.43 -24.98
N ALA B 1019 -3.39 0.59 -24.60
CA ALA B 1019 -2.89 1.57 -25.58
C ALA B 1019 -1.83 0.94 -26.47
N ASN B 1020 -0.97 0.09 -25.92
CA ASN B 1020 -0.02 -0.64 -26.74
C ASN B 1020 -0.76 -1.56 -27.71
N LEU B 1021 -1.81 -2.22 -27.24
CA LEU B 1021 -2.63 -3.02 -28.14
C LEU B 1021 -3.26 -2.16 -29.23
N ALA B 1022 -3.72 -0.96 -28.86
CA ALA B 1022 -4.32 -0.06 -29.83
C ALA B 1022 -3.30 0.39 -30.87
N ALA B 1023 -2.09 0.72 -30.44
CA ALA B 1023 -1.04 1.12 -31.36
C ALA B 1023 -0.69 -0.03 -32.30
N THR B 1024 -0.58 -1.24 -31.76
CA THR B 1024 -0.32 -2.40 -32.60
C THR B 1024 -1.45 -2.61 -33.60
N LYS B 1025 -2.69 -2.46 -33.15
CA LYS B 1025 -3.83 -2.62 -34.06
C LYS B 1025 -3.81 -1.57 -35.15
N MET B 1026 -3.49 -0.32 -34.81
CA MET B 1026 -3.39 0.71 -35.83
C MET B 1026 -2.29 0.39 -36.82
N SER B 1027 -1.14 -0.06 -36.32
CA SER B 1027 0.00 -0.34 -37.18
C SER B 1027 -0.28 -1.49 -38.12
N GLU B 1028 -0.81 -2.59 -37.60
CA GLU B 1028 -1.04 -3.81 -38.37
C GLU B 1028 -2.37 -3.84 -39.11
N CYS B 1029 -3.30 -2.94 -38.85
CA CYS B 1029 -4.59 -2.95 -39.52
C CYS B 1029 -4.82 -1.73 -40.40
N VAL B 1030 -4.44 -0.54 -39.91
CA VAL B 1030 -4.64 0.69 -40.66
C VAL B 1030 -3.52 0.88 -41.66
N LEU B 1031 -2.28 0.98 -41.16
CA LEU B 1031 -1.13 1.24 -42.03
C LEU B 1031 -0.84 0.07 -42.96
N GLY B 1032 -1.47 -1.08 -42.75
CA GLY B 1032 -1.30 -2.21 -43.64
C GLY B 1032 -2.33 -3.27 -43.34
N GLN B 1033 -2.39 -4.26 -44.22
CA GLN B 1033 -3.33 -5.37 -44.08
C GLN B 1033 -2.70 -6.48 -43.26
N SER B 1034 -3.44 -6.97 -42.27
CA SER B 1034 -2.97 -8.05 -41.42
C SER B 1034 -3.56 -9.39 -41.86
N LYS B 1035 -2.92 -10.47 -41.41
CA LYS B 1035 -3.38 -11.83 -41.65
C LYS B 1035 -3.65 -12.62 -40.39
N ARG B 1036 -3.18 -12.17 -39.23
CA ARG B 1036 -3.47 -12.86 -37.98
C ARG B 1036 -4.96 -12.75 -37.70
N VAL B 1037 -5.65 -13.90 -37.72
CA VAL B 1037 -7.11 -13.92 -37.69
C VAL B 1037 -7.61 -13.37 -36.36
N ASP B 1038 -8.75 -12.65 -36.42
CA ASP B 1038 -9.41 -12.11 -35.23
C ASP B 1038 -8.54 -11.10 -34.51
N PHE B 1039 -7.73 -10.34 -35.25
CA PHE B 1039 -7.03 -9.20 -34.69
C PHE B 1039 -7.48 -7.87 -35.27
N CYS B 1040 -8.00 -7.87 -36.50
CA CYS B 1040 -8.59 -6.66 -37.07
C CYS B 1040 -10.04 -6.92 -37.42
N GLY B 1041 -10.78 -7.51 -36.47
CA GLY B 1041 -12.20 -7.72 -36.63
C GLY B 1041 -12.52 -9.13 -37.12
N LYS B 1042 -13.77 -9.52 -36.89
CA LYS B 1042 -14.24 -10.85 -37.26
C LYS B 1042 -14.12 -11.08 -38.75
N GLY B 1043 -13.74 -12.30 -39.13
CA GLY B 1043 -13.63 -12.64 -40.54
C GLY B 1043 -12.31 -12.24 -41.14
N TYR B 1044 -12.16 -12.55 -42.42
CA TYR B 1044 -10.99 -12.14 -43.18
C TYR B 1044 -10.92 -10.62 -43.22
N HIS B 1045 -9.75 -10.09 -42.88
CA HIS B 1045 -9.59 -8.65 -42.69
C HIS B 1045 -9.23 -7.98 -44.00
N LEU B 1046 -9.95 -6.91 -44.33
CA LEU B 1046 -9.63 -6.10 -45.50
C LEU B 1046 -8.81 -4.87 -45.13
N MET B 1047 -9.34 -4.01 -44.26
CA MET B 1047 -8.61 -2.81 -43.83
C MET B 1047 -9.38 -2.19 -42.67
N SER B 1048 -8.94 -1.02 -42.21
CA SER B 1048 -9.57 -0.42 -41.06
C SER B 1048 -9.44 1.09 -41.09
N PHE B 1049 -10.30 1.76 -40.34
CA PHE B 1049 -10.31 3.22 -40.24
C PHE B 1049 -10.26 3.62 -38.78
N PRO B 1050 -9.28 4.42 -38.35
CA PRO B 1050 -9.29 4.91 -36.98
C PRO B 1050 -10.26 6.08 -36.84
N GLN B 1051 -10.73 6.27 -35.61
CA GLN B 1051 -11.59 7.41 -35.29
C GLN B 1051 -11.29 7.87 -33.88
N SER B 1052 -11.00 9.15 -33.72
CA SER B 1052 -10.72 9.69 -32.40
C SER B 1052 -11.97 9.63 -31.54
N ALA B 1053 -11.81 9.32 -30.25
CA ALA B 1053 -12.92 9.26 -29.33
C ALA B 1053 -12.44 9.86 -28.01
N PRO B 1054 -13.34 10.44 -27.23
CA PRO B 1054 -12.89 11.09 -25.98
C PRO B 1054 -12.17 10.08 -25.10
N HIS B 1055 -10.87 10.33 -24.93
CA HIS B 1055 -9.98 9.45 -24.16
C HIS B 1055 -10.02 8.02 -24.71
N GLY B 1056 -9.99 7.89 -26.03
CA GLY B 1056 -10.00 6.57 -26.63
C GLY B 1056 -9.90 6.65 -28.14
N VAL B 1057 -10.05 5.47 -28.75
CA VAL B 1057 -10.06 5.35 -30.20
C VAL B 1057 -11.08 4.28 -30.58
N VAL B 1058 -11.69 4.46 -31.74
CA VAL B 1058 -12.68 3.54 -32.26
C VAL B 1058 -12.23 3.16 -33.66
N PHE B 1059 -11.88 1.90 -33.86
CA PHE B 1059 -11.56 1.42 -35.18
C PHE B 1059 -12.82 0.92 -35.84
N LEU B 1060 -12.88 1.09 -37.15
CA LEU B 1060 -13.89 0.48 -38.01
C LEU B 1060 -13.12 -0.51 -38.88
N HIS B 1061 -13.11 -1.77 -38.45
CA HIS B 1061 -12.49 -2.84 -39.22
C HIS B 1061 -13.45 -3.27 -40.30
N VAL B 1062 -13.12 -2.99 -41.55
CA VAL B 1062 -13.89 -3.48 -42.69
C VAL B 1062 -13.27 -4.81 -43.12
N THR B 1063 -14.08 -5.87 -43.04
CA THR B 1063 -13.62 -7.24 -43.19
C THR B 1063 -14.51 -7.97 -44.19
N TYR B 1064 -13.93 -9.00 -44.80
CA TYR B 1064 -14.58 -9.78 -45.85
C TYR B 1064 -15.09 -11.08 -45.21
N VAL B 1065 -16.39 -11.29 -45.26
CA VAL B 1065 -17.04 -12.42 -44.62
C VAL B 1065 -17.82 -13.20 -45.68
N PRO B 1066 -17.47 -14.44 -45.98
CA PRO B 1066 -18.18 -15.18 -47.02
C PRO B 1066 -19.55 -15.62 -46.53
N ALA B 1067 -20.37 -16.07 -47.48
CA ALA B 1067 -21.71 -16.54 -47.19
C ALA B 1067 -22.28 -17.19 -48.45
N GLN B 1068 -23.47 -17.78 -48.29
CA GLN B 1068 -24.21 -18.43 -49.37
C GLN B 1068 -23.37 -19.56 -49.99
N GLU B 1069 -23.03 -20.52 -49.14
CA GLU B 1069 -22.18 -21.62 -49.53
C GLU B 1069 -22.98 -22.70 -50.25
N LYS B 1070 -22.27 -23.55 -50.96
CA LYS B 1070 -22.87 -24.67 -51.69
C LYS B 1070 -22.00 -25.89 -51.48
N ASN B 1071 -22.62 -27.06 -51.35
CA ASN B 1071 -21.89 -28.30 -51.19
C ASN B 1071 -21.42 -28.81 -52.53
N PHE B 1072 -20.23 -29.42 -52.55
CA PHE B 1072 -19.70 -30.00 -53.77
C PHE B 1072 -18.95 -31.27 -53.44
N THR B 1073 -18.85 -32.15 -54.43
CA THR B 1073 -18.01 -33.33 -54.36
C THR B 1073 -16.60 -32.97 -54.81
N THR B 1074 -15.61 -33.22 -53.95
CA THR B 1074 -14.25 -32.79 -54.20
C THR B 1074 -13.30 -33.97 -54.06
N ALA B 1075 -12.11 -33.83 -54.65
CA ALA B 1075 -11.15 -34.91 -54.67
C ALA B 1075 -9.75 -34.37 -54.45
N PRO B 1076 -8.91 -35.09 -53.71
CA PRO B 1076 -7.53 -34.66 -53.49
C PRO B 1076 -6.79 -34.20 -54.72
N ALA B 1077 -7.08 -34.75 -55.89
CA ALA B 1077 -6.23 -34.56 -57.05
C ALA B 1077 -6.99 -35.00 -58.30
N ILE B 1078 -6.29 -35.02 -59.44
CA ILE B 1078 -6.83 -35.53 -60.70
C ILE B 1078 -5.77 -36.40 -61.36
N CYS B 1079 -6.11 -37.63 -61.71
CA CYS B 1079 -5.19 -38.49 -62.45
C CYS B 1079 -5.55 -38.39 -63.94
N HIS B 1080 -4.64 -37.81 -64.71
CA HIS B 1080 -4.81 -37.70 -66.16
C HIS B 1080 -3.58 -38.25 -66.85
N ASP B 1081 -3.79 -39.11 -67.84
CA ASP B 1081 -2.71 -39.75 -68.60
C ASP B 1081 -1.78 -40.53 -67.68
N GLY B 1082 -2.32 -41.08 -66.59
CA GLY B 1082 -1.52 -41.79 -65.62
C GLY B 1082 -0.68 -40.91 -64.72
N LYS B 1083 -0.70 -39.60 -64.94
CA LYS B 1083 0.09 -38.64 -64.18
C LYS B 1083 -0.83 -37.87 -63.23
N ALA B 1084 -0.35 -37.64 -62.02
CA ALA B 1084 -1.14 -36.88 -61.07
C ALA B 1084 -1.17 -35.41 -61.46
N HIS B 1085 -2.17 -34.70 -60.95
CA HIS B 1085 -2.31 -33.26 -61.16
C HIS B 1085 -2.94 -32.67 -59.91
N PHE B 1086 -2.27 -31.71 -59.29
CA PHE B 1086 -2.79 -31.05 -58.12
C PHE B 1086 -3.05 -29.59 -58.46
N PRO B 1087 -4.01 -28.93 -57.79
CA PRO B 1087 -4.30 -27.54 -58.13
C PRO B 1087 -3.17 -26.61 -57.72
N ARG B 1088 -2.78 -25.73 -58.64
CA ARG B 1088 -1.74 -24.76 -58.32
C ARG B 1088 -2.18 -23.85 -57.19
N GLU B 1089 -3.42 -23.39 -57.23
CA GLU B 1089 -4.01 -22.62 -56.15
C GLU B 1089 -5.50 -22.93 -56.11
N GLY B 1090 -6.05 -23.01 -54.91
CA GLY B 1090 -7.44 -23.38 -54.73
C GLY B 1090 -7.62 -24.87 -54.58
N VAL B 1091 -8.84 -25.33 -54.84
CA VAL B 1091 -9.21 -26.72 -54.69
C VAL B 1091 -9.93 -27.20 -55.93
N PHE B 1092 -10.04 -28.53 -56.04
CA PHE B 1092 -10.90 -29.16 -57.01
C PHE B 1092 -12.31 -29.24 -56.45
N VAL B 1093 -13.30 -29.12 -57.33
CA VAL B 1093 -14.70 -29.30 -56.97
C VAL B 1093 -15.42 -29.94 -58.15
N SER B 1094 -16.64 -30.38 -57.92
CA SER B 1094 -17.50 -30.81 -59.02
C SER B 1094 -18.95 -30.50 -58.69
N ASN B 1095 -19.74 -30.27 -59.73
CA ASN B 1095 -21.17 -30.09 -59.61
C ASN B 1095 -21.93 -31.40 -59.75
N GLY B 1096 -21.22 -32.53 -59.83
CA GLY B 1096 -21.84 -33.82 -59.98
C GLY B 1096 -21.40 -34.54 -61.24
N THR B 1097 -21.26 -33.80 -62.34
CA THR B 1097 -20.87 -34.39 -63.62
C THR B 1097 -19.53 -33.91 -64.12
N HIS B 1098 -19.19 -32.63 -63.94
CA HIS B 1098 -17.95 -32.07 -64.44
C HIS B 1098 -17.11 -31.56 -63.29
N TRP B 1099 -15.79 -31.66 -63.44
CA TRP B 1099 -14.84 -31.19 -62.44
C TRP B 1099 -14.37 -29.78 -62.80
N PHE B 1100 -13.92 -29.05 -61.78
CA PHE B 1100 -13.49 -27.66 -61.95
C PHE B 1100 -12.46 -27.32 -60.88
N VAL B 1101 -11.70 -26.27 -61.15
CA VAL B 1101 -10.74 -25.73 -60.20
C VAL B 1101 -11.29 -24.38 -59.74
N THR B 1102 -11.27 -24.15 -58.43
CA THR B 1102 -11.78 -22.89 -57.91
C THR B 1102 -10.85 -22.36 -56.82
N GLN B 1103 -10.82 -21.05 -56.67
CA GLN B 1103 -10.14 -20.47 -55.54
C GLN B 1103 -10.87 -20.80 -54.25
N ARG B 1104 -10.15 -20.72 -53.13
CA ARG B 1104 -10.62 -21.30 -51.88
C ARG B 1104 -11.71 -20.50 -51.18
N ASN B 1105 -12.00 -19.27 -51.64
CA ASN B 1105 -12.91 -18.40 -50.89
C ASN B 1105 -13.95 -17.72 -51.78
N PHE B 1106 -14.13 -18.17 -53.01
CA PHE B 1106 -15.18 -17.66 -53.88
C PHE B 1106 -15.37 -18.66 -55.00
N TYR B 1107 -16.58 -19.17 -55.16
CA TYR B 1107 -16.85 -20.16 -56.19
C TYR B 1107 -16.69 -19.52 -57.56
N GLU B 1108 -15.59 -19.85 -58.23
CA GLU B 1108 -15.36 -19.44 -59.62
C GLU B 1108 -14.83 -20.64 -60.39
N PRO B 1109 -15.73 -21.54 -60.82
CA PRO B 1109 -15.27 -22.76 -61.48
C PRO B 1109 -14.49 -22.46 -62.75
N GLN B 1110 -13.41 -23.23 -62.95
CA GLN B 1110 -12.56 -23.09 -64.12
C GLN B 1110 -12.17 -24.46 -64.64
N ILE B 1111 -12.13 -24.60 -65.97
CA ILE B 1111 -11.74 -25.86 -66.56
C ILE B 1111 -10.31 -26.20 -66.17
N ILE B 1112 -10.06 -27.48 -65.89
CA ILE B 1112 -8.74 -27.90 -65.44
C ILE B 1112 -7.77 -27.84 -66.61
N THR B 1113 -6.69 -27.10 -66.45
CA THR B 1113 -5.67 -26.97 -67.48
C THR B 1113 -4.29 -27.09 -66.85
N THR B 1114 -3.28 -27.22 -67.70
CA THR B 1114 -1.90 -27.31 -67.22
C THR B 1114 -1.41 -26.02 -66.57
N ASP B 1115 -2.11 -24.91 -66.79
CA ASP B 1115 -1.65 -23.63 -66.24
C ASP B 1115 -2.05 -23.41 -64.79
N ASN B 1116 -3.00 -24.19 -64.27
CA ASN B 1116 -3.40 -24.09 -62.87
C ASN B 1116 -3.28 -25.44 -62.16
N THR B 1117 -2.54 -26.37 -62.74
CA THR B 1117 -2.28 -27.67 -62.13
C THR B 1117 -0.81 -28.01 -62.31
N PHE B 1118 -0.25 -28.70 -61.31
CA PHE B 1118 1.13 -29.14 -61.37
C PHE B 1118 1.23 -30.61 -61.01
N VAL B 1119 2.24 -31.28 -61.58
CA VAL B 1119 2.34 -32.73 -61.51
C VAL B 1119 3.27 -33.13 -60.37
N SER B 1120 3.06 -34.33 -59.85
CA SER B 1120 3.99 -34.93 -58.90
C SER B 1120 3.73 -36.43 -58.87
N GLY B 1121 4.66 -37.22 -59.40
CA GLY B 1121 4.52 -38.66 -59.36
C GLY B 1121 3.36 -39.17 -60.21
N ASN B 1122 3.01 -40.42 -59.96
CA ASN B 1122 1.90 -41.09 -60.59
C ASN B 1122 0.76 -41.25 -59.60
N CYS B 1123 -0.42 -41.60 -60.12
CA CYS B 1123 -1.64 -41.56 -59.31
C CYS B 1123 -1.96 -42.90 -58.64
N ASP B 1124 -0.95 -43.73 -58.39
CA ASP B 1124 -1.15 -44.97 -57.65
C ASP B 1124 -0.85 -44.84 -56.16
N VAL B 1125 -0.40 -43.68 -55.70
CA VAL B 1125 0.05 -43.52 -54.32
C VAL B 1125 -0.92 -42.70 -53.49
N VAL B 1126 -1.50 -41.64 -54.06
CA VAL B 1126 -2.42 -40.81 -53.30
C VAL B 1126 -3.79 -41.48 -53.23
N ILE B 1127 -4.50 -41.24 -52.14
CA ILE B 1127 -5.83 -41.79 -51.93
C ILE B 1127 -6.87 -40.75 -52.30
N GLY B 1128 -7.99 -41.22 -52.84
CA GLY B 1128 -9.07 -40.33 -53.22
C GLY B 1128 -8.91 -39.64 -54.56
N ILE B 1129 -7.83 -39.91 -55.29
CA ILE B 1129 -7.67 -39.32 -56.61
C ILE B 1129 -8.74 -39.91 -57.54
N VAL B 1130 -9.12 -39.15 -58.56
CA VAL B 1130 -10.16 -39.55 -59.49
C VAL B 1130 -9.64 -39.46 -60.90
N ASN B 1131 -10.04 -40.40 -61.75
CA ASN B 1131 -9.75 -40.34 -63.17
C ASN B 1131 -10.54 -39.20 -63.80
N ASN B 1132 -9.93 -38.53 -64.77
CA ASN B 1132 -10.53 -37.37 -65.43
C ASN B 1132 -9.65 -37.01 -66.62
N THR B 1133 -10.08 -36.00 -67.37
CA THR B 1133 -9.29 -35.39 -68.41
C THR B 1133 -8.89 -33.98 -68.00
N VAL B 1134 -7.73 -33.54 -68.51
CA VAL B 1134 -7.18 -32.23 -68.19
C VAL B 1134 -6.84 -31.55 -69.50
N TYR B 1135 -7.53 -30.43 -69.78
CA TYR B 1135 -7.33 -29.73 -71.03
C TYR B 1135 -5.92 -29.15 -71.12
N ASP B 1136 -5.35 -29.20 -72.32
CA ASP B 1136 -4.05 -28.59 -72.56
C ASP B 1136 -4.22 -27.38 -73.47
N PRO B 1137 -3.94 -26.18 -72.99
CA PRO B 1137 -4.19 -24.98 -73.81
C PRO B 1137 -3.39 -24.95 -75.09
N LEU B 1138 -2.30 -25.72 -75.18
CA LEU B 1138 -1.49 -25.73 -76.39
C LEU B 1138 -2.19 -26.47 -77.53
N GLN B 1139 -3.00 -27.49 -77.19
CA GLN B 1139 -3.58 -28.35 -78.22
C GLN B 1139 -4.40 -27.63 -79.28
N PRO B 1140 -5.29 -26.69 -78.94
CA PRO B 1140 -6.05 -26.00 -80.01
C PRO B 1140 -5.16 -25.28 -81.01
N GLU B 1141 -4.07 -24.66 -80.56
CA GLU B 1141 -3.14 -24.04 -81.50
C GLU B 1141 -2.30 -25.09 -82.21
N LEU B 1142 -2.05 -26.22 -81.56
CA LEU B 1142 -1.38 -27.34 -82.21
C LEU B 1142 -2.18 -27.86 -83.38
N ASP B 1143 -3.51 -27.82 -83.28
CA ASP B 1143 -4.38 -28.25 -84.37
C ASP B 1143 -4.39 -27.22 -85.49
N GLN C 14 23.04 -33.64 61.72
CA GLN C 14 22.71 -35.03 61.42
C GLN C 14 22.94 -35.35 59.94
N CYS C 15 23.96 -34.72 59.36
CA CYS C 15 24.40 -34.98 58.00
C CYS C 15 25.69 -35.78 58.02
N VAL C 16 25.94 -36.50 56.94
CA VAL C 16 27.10 -37.37 56.84
C VAL C 16 27.97 -36.89 55.68
N ASN C 17 29.27 -36.75 55.94
CA ASN C 17 30.24 -36.36 54.93
C ASN C 17 30.81 -37.62 54.28
N LEU C 18 30.51 -37.83 53.01
CA LEU C 18 31.05 -38.97 52.28
C LEU C 18 32.26 -38.50 51.46
N THR C 19 33.42 -38.48 52.10
CA THR C 19 34.67 -38.18 51.42
C THR C 19 35.11 -39.28 50.48
N THR C 20 34.47 -40.45 50.54
CA THR C 20 34.78 -41.60 49.71
C THR C 20 34.34 -41.44 48.26
N ARG C 21 33.70 -40.33 47.90
CA ARG C 21 33.30 -40.14 46.52
C ARG C 21 34.52 -39.99 45.62
N THR C 22 34.48 -40.67 44.48
CA THR C 22 35.57 -40.66 43.49
C THR C 22 35.22 -39.67 42.39
N GLN C 23 36.08 -38.67 42.18
CA GLN C 23 35.81 -37.60 41.23
C GLN C 23 36.62 -37.76 39.94
N LEU C 24 35.94 -37.70 38.80
CA LEU C 24 36.51 -37.91 37.49
C LEU C 24 35.90 -36.89 36.53
N PRO C 25 36.60 -36.59 35.43
CA PRO C 25 36.03 -35.71 34.39
C PRO C 25 34.74 -36.26 33.80
N PRO C 26 33.75 -35.38 33.61
CA PRO C 26 32.41 -35.81 33.18
C PRO C 26 32.41 -36.56 31.85
N ALA C 27 31.55 -37.56 31.75
CA ALA C 27 31.34 -38.30 30.52
C ALA C 27 30.41 -37.52 29.59
N TYR C 28 30.30 -37.98 28.34
CA TYR C 28 29.43 -37.32 27.38
C TYR C 28 28.74 -38.35 26.50
N THR C 29 27.62 -37.93 25.90
CA THR C 29 26.88 -38.77 24.97
C THR C 29 26.04 -37.87 24.05
N ASN C 30 25.42 -38.51 23.07
CA ASN C 30 24.53 -37.84 22.12
C ASN C 30 23.18 -37.53 22.76
N SER C 31 22.50 -36.53 22.19
CA SER C 31 21.15 -36.16 22.62
C SER C 31 20.07 -36.52 21.62
N PHE C 32 20.43 -36.84 20.37
CA PHE C 32 19.46 -37.14 19.33
C PHE C 32 18.47 -35.99 19.16
N THR C 33 17.17 -36.28 19.30
CA THR C 33 16.13 -35.27 19.06
C THR C 33 15.20 -35.08 20.25
N ARG C 34 15.47 -35.72 21.38
CA ARG C 34 14.62 -35.58 22.55
C ARG C 34 14.88 -34.26 23.28
N GLY C 35 13.87 -33.81 24.02
CA GLY C 35 13.91 -32.54 24.70
C GLY C 35 12.86 -31.54 24.27
N VAL C 36 11.82 -32.02 23.60
CA VAL C 36 10.73 -31.19 23.09
C VAL C 36 9.52 -31.35 24.00
N TYR C 37 8.90 -30.24 24.38
CA TYR C 37 7.75 -30.26 25.27
C TYR C 37 6.67 -29.32 24.74
N TYR C 38 5.42 -29.62 25.08
CA TYR C 38 4.28 -28.83 24.63
C TYR C 38 4.40 -27.39 25.13
N PRO C 39 4.60 -26.43 24.22
CA PRO C 39 4.83 -25.05 24.68
C PRO C 39 3.66 -24.45 25.43
N ASP C 40 2.43 -24.84 25.11
CA ASP C 40 1.25 -24.22 25.72
C ASP C 40 0.15 -25.26 25.85
N LYS C 41 -0.78 -24.99 26.74
CA LYS C 41 -1.90 -25.90 27.02
C LYS C 41 -3.06 -25.62 26.08
N VAL C 42 -2.78 -25.72 24.78
CA VAL C 42 -3.76 -25.50 23.72
C VAL C 42 -3.71 -26.68 22.77
N PHE C 43 -4.88 -27.16 22.36
CA PHE C 43 -4.95 -28.30 21.45
C PHE C 43 -4.80 -27.83 20.01
N ARG C 44 -3.85 -28.42 19.30
CA ARG C 44 -3.61 -28.12 17.90
C ARG C 44 -3.60 -29.43 17.13
N SER C 45 -4.10 -29.39 15.89
CA SER C 45 -4.26 -30.63 15.13
C SER C 45 -3.82 -30.43 13.69
N SER C 46 -2.97 -31.33 13.22
CA SER C 46 -2.51 -31.38 11.83
C SER C 46 -2.03 -30.02 11.36
N VAL C 47 -1.03 -29.48 12.07
CA VAL C 47 -0.58 -28.12 11.81
C VAL C 47 0.90 -28.00 12.14
N LEU C 48 1.60 -27.17 11.39
CA LEU C 48 2.98 -26.83 11.66
C LEU C 48 3.01 -25.52 12.43
N HIS C 49 3.65 -25.53 13.60
CA HIS C 49 3.63 -24.38 14.50
C HIS C 49 5.06 -24.01 14.87
N SER C 50 5.38 -22.71 14.76
CA SER C 50 6.70 -22.20 15.10
C SER C 50 6.62 -21.52 16.46
N THR C 51 7.50 -21.93 17.37
CA THR C 51 7.55 -21.36 18.71
C THR C 51 8.97 -20.92 19.05
N GLN C 52 9.04 -19.97 19.97
CA GLN C 52 10.31 -19.37 20.40
C GLN C 52 10.37 -19.41 21.92
N ASP C 53 11.06 -20.41 22.45
CA ASP C 53 11.13 -20.70 23.89
C ASP C 53 12.46 -21.36 24.19
N LEU C 54 12.57 -21.89 25.40
CA LEU C 54 13.79 -22.55 25.87
C LEU C 54 13.71 -24.03 25.51
N PHE C 55 14.71 -24.54 24.81
CA PHE C 55 14.69 -25.94 24.40
C PHE C 55 16.10 -26.52 24.48
N LEU C 56 16.17 -27.85 24.43
CA LEU C 56 17.44 -28.55 24.29
C LEU C 56 17.76 -28.72 22.81
N PRO C 57 18.84 -28.13 22.31
CA PRO C 57 19.14 -28.24 20.88
C PRO C 57 19.32 -29.69 20.44
N PHE C 58 18.92 -29.97 19.21
CA PHE C 58 18.95 -31.32 18.68
C PHE C 58 20.39 -31.77 18.43
N PHE C 59 20.63 -33.06 18.65
CA PHE C 59 21.94 -33.68 18.42
C PHE C 59 23.04 -32.91 19.15
N SER C 60 22.76 -32.59 20.40
CA SER C 60 23.70 -31.89 21.28
C SER C 60 24.41 -32.89 22.19
N ASN C 61 25.41 -32.38 22.90
CA ASN C 61 26.20 -33.16 23.85
C ASN C 61 25.52 -33.14 25.20
N VAL C 62 25.06 -34.30 25.67
CA VAL C 62 24.40 -34.43 26.96
C VAL C 62 25.38 -35.13 27.89
N THR C 63 25.25 -34.86 29.19
CA THR C 63 26.23 -35.35 30.16
C THR C 63 25.67 -36.52 30.95
N TRP C 64 25.88 -37.73 30.42
CA TRP C 64 25.42 -38.97 31.06
C TRP C 64 26.08 -39.25 32.39
N PHE C 65 25.28 -39.33 33.45
CA PHE C 65 25.80 -39.49 34.80
C PHE C 65 25.36 -40.84 35.33
N HIS C 66 26.32 -41.69 35.64
CA HIS C 66 26.04 -43.06 36.03
C HIS C 66 26.74 -43.40 37.33
N ALA C 67 26.00 -43.98 38.28
CA ALA C 67 26.58 -44.52 39.51
C ALA C 67 27.25 -45.85 39.16
N ILE C 68 28.40 -45.76 38.49
CA ILE C 68 29.04 -46.96 37.98
C ILE C 68 30.13 -47.48 38.93
N HIS C 69 31.20 -48.06 38.38
CA HIS C 69 32.26 -48.69 39.14
C HIS C 69 33.58 -48.32 38.49
N VAL C 70 34.68 -48.70 39.14
CA VAL C 70 36.07 -48.42 38.75
C VAL C 70 36.27 -47.98 37.30
N THR C 76 35.24 -49.89 44.32
CA THR C 76 35.45 -48.45 44.19
C THR C 76 34.27 -47.90 43.37
N LYS C 77 33.11 -48.56 43.54
CA LYS C 77 31.86 -48.24 42.86
C LYS C 77 31.67 -46.74 42.68
N ARG C 78 31.65 -46.28 41.42
CA ARG C 78 31.53 -44.85 41.13
C ARG C 78 30.19 -44.22 41.46
N PHE C 79 29.81 -44.17 42.73
CA PHE C 79 28.57 -43.47 43.05
C PHE C 79 28.75 -42.00 42.72
N ASP C 80 27.87 -41.44 41.91
CA ASP C 80 28.04 -40.06 41.45
C ASP C 80 26.86 -39.18 41.82
N ASN C 81 27.12 -38.09 42.55
CA ASN C 81 26.09 -37.09 42.83
C ASN C 81 26.74 -35.72 43.01
N PRO C 82 27.33 -35.18 41.93
CA PRO C 82 28.02 -33.89 42.03
C PRO C 82 27.05 -32.72 42.05
N VAL C 83 27.56 -31.50 42.00
CA VAL C 83 26.74 -30.29 41.94
C VAL C 83 26.82 -29.75 40.51
N LEU C 84 25.65 -29.56 39.89
CA LEU C 84 25.62 -29.10 38.51
C LEU C 84 24.89 -27.77 38.42
N PRO C 85 25.48 -26.74 37.80
CA PRO C 85 24.77 -25.45 37.70
C PRO C 85 23.46 -25.57 36.92
N PHE C 86 22.46 -24.82 37.40
CA PHE C 86 21.13 -24.85 36.77
C PHE C 86 21.08 -24.03 35.49
N ASN C 87 21.84 -22.93 35.43
CA ASN C 87 21.96 -22.07 34.26
C ASN C 87 20.58 -21.57 33.87
N ASP C 88 20.07 -21.86 32.68
CA ASP C 88 18.80 -21.32 32.19
C ASP C 88 17.78 -22.43 31.92
N GLY C 89 17.62 -23.33 32.86
CA GLY C 89 16.73 -24.46 32.68
C GLY C 89 17.51 -25.74 32.47
N VAL C 90 16.90 -26.86 32.83
CA VAL C 90 17.58 -28.15 32.79
C VAL C 90 16.66 -29.21 32.22
N TYR C 91 17.16 -29.96 31.23
CA TYR C 91 16.49 -31.15 30.73
C TYR C 91 17.11 -32.37 31.39
N PHE C 92 16.31 -33.09 32.16
CA PHE C 92 16.75 -34.29 32.85
C PHE C 92 16.10 -35.50 32.20
N ALA C 93 16.82 -36.62 32.15
CA ALA C 93 16.22 -37.84 31.63
C ALA C 93 16.85 -39.03 32.33
N SER C 94 16.05 -39.86 32.98
CA SER C 94 16.58 -40.97 33.76
C SER C 94 16.16 -42.30 33.14
N THR C 95 17.14 -43.17 32.96
CA THR C 95 16.88 -44.56 32.62
C THR C 95 17.03 -45.37 33.91
N GLU C 96 15.94 -45.98 34.33
CA GLU C 96 15.85 -46.60 35.64
C GLU C 96 15.16 -47.95 35.53
N LYS C 97 15.49 -48.83 36.47
CA LYS C 97 14.72 -50.04 36.71
C LYS C 97 14.38 -50.23 38.18
N SER C 98 15.15 -49.66 39.11
CA SER C 98 15.06 -49.98 40.52
C SER C 98 14.70 -48.76 41.37
N ASN C 99 13.96 -47.79 40.82
CA ASN C 99 13.36 -46.72 41.61
C ASN C 99 14.43 -45.97 42.41
N ILE C 100 15.50 -45.57 41.72
CA ILE C 100 16.65 -44.99 42.40
C ILE C 100 16.64 -43.45 42.38
N ILE C 101 16.75 -42.85 41.20
CA ILE C 101 16.86 -41.39 41.12
C ILE C 101 15.56 -40.76 41.62
N ARG C 102 15.57 -40.27 42.86
CA ARG C 102 14.37 -39.75 43.53
C ARG C 102 14.69 -38.41 44.19
N GLY C 103 14.43 -37.32 43.49
CA GLY C 103 14.45 -35.99 44.08
C GLY C 103 15.42 -35.05 43.39
N TRP C 104 15.25 -33.77 43.71
CA TRP C 104 16.04 -32.70 43.13
C TRP C 104 16.21 -31.57 44.15
N ILE C 105 17.27 -30.80 43.93
CA ILE C 105 17.62 -29.64 44.74
C ILE C 105 17.97 -28.47 43.85
N PHE C 106 17.43 -27.29 44.17
CA PHE C 106 17.65 -26.10 43.37
C PHE C 106 18.08 -24.95 44.29
N GLY C 107 18.95 -24.08 43.78
CA GLY C 107 19.36 -22.89 44.52
C GLY C 107 20.55 -22.18 43.92
N THR C 108 20.69 -20.87 44.20
CA THR C 108 21.81 -20.12 43.62
C THR C 108 23.11 -20.31 44.37
N THR C 109 23.08 -20.37 45.70
CA THR C 109 24.27 -20.66 46.49
C THR C 109 24.22 -21.97 47.25
N LEU C 110 23.07 -22.63 47.29
CA LEU C 110 22.97 -23.99 47.85
C LEU C 110 23.40 -23.99 49.32
N ASP C 111 22.98 -22.97 50.05
CA ASP C 111 23.41 -22.80 51.44
C ASP C 111 22.21 -22.34 52.25
N SER C 112 22.47 -21.99 53.52
CA SER C 112 21.44 -21.47 54.41
C SER C 112 21.32 -19.96 54.38
N LYS C 113 22.05 -19.29 53.48
CA LYS C 113 21.94 -17.84 53.34
C LYS C 113 21.01 -17.42 52.20
N THR C 114 20.72 -18.30 51.25
CA THR C 114 19.85 -17.99 50.13
C THR C 114 18.72 -19.01 50.07
N GLN C 115 17.51 -18.51 49.81
CA GLN C 115 16.33 -19.37 49.77
C GLN C 115 16.53 -20.47 48.73
N SER C 116 16.16 -21.69 49.11
CA SER C 116 16.48 -22.88 48.33
C SER C 116 15.25 -23.76 48.14
N LEU C 117 15.31 -24.62 47.13
CA LEU C 117 14.21 -25.49 46.76
C LEU C 117 14.59 -26.95 46.93
N LEU C 118 13.67 -27.74 47.49
CA LEU C 118 13.85 -29.18 47.67
C LEU C 118 12.61 -29.89 47.14
N ILE C 119 12.78 -30.73 46.13
CA ILE C 119 11.67 -31.47 45.53
C ILE C 119 11.94 -32.95 45.76
N VAL C 120 11.32 -33.53 46.78
CA VAL C 120 11.54 -34.93 47.14
C VAL C 120 10.39 -35.76 46.61
N ASN C 121 10.71 -36.67 45.69
CA ASN C 121 9.74 -37.63 45.15
C ASN C 121 9.83 -38.92 45.97
N ASN C 122 9.47 -38.80 47.24
CA ASN C 122 9.62 -39.92 48.15
C ASN C 122 8.57 -40.99 47.88
N ALA C 123 8.58 -42.05 48.68
CA ALA C 123 7.62 -43.12 48.49
C ALA C 123 6.22 -42.59 48.79
N THR C 124 5.29 -42.87 47.87
CA THR C 124 3.87 -42.60 47.96
C THR C 124 3.56 -41.11 47.93
N ASN C 125 4.56 -40.23 47.80
CA ASN C 125 4.29 -38.81 47.92
C ASN C 125 5.37 -38.01 47.22
N VAL C 126 5.06 -36.73 46.97
CA VAL C 126 6.03 -35.73 46.55
C VAL C 126 5.91 -34.52 47.46
N VAL C 127 7.02 -34.12 48.07
CA VAL C 127 7.08 -32.99 48.98
C VAL C 127 7.94 -31.93 48.34
N ILE C 128 7.37 -30.77 48.04
CA ILE C 128 8.10 -29.65 47.48
C ILE C 128 8.16 -28.55 48.54
N LYS C 129 9.37 -28.20 48.96
CA LYS C 129 9.56 -27.21 49.99
C LYS C 129 10.47 -26.10 49.48
N VAL C 130 10.17 -24.87 49.87
CA VAL C 130 11.04 -23.73 49.63
C VAL C 130 11.33 -23.12 50.99
N CYS C 131 12.52 -23.42 51.54
CA CYS C 131 12.90 -23.00 52.88
C CYS C 131 14.38 -22.63 52.85
N GLU C 132 14.81 -21.91 53.88
CA GLU C 132 16.24 -21.72 54.09
C GLU C 132 16.76 -23.02 54.67
N PHE C 133 17.39 -23.82 53.82
CA PHE C 133 17.90 -25.14 54.19
C PHE C 133 19.42 -25.12 54.38
N GLN C 134 19.88 -25.87 55.39
CA GLN C 134 21.30 -26.21 55.52
C GLN C 134 21.57 -27.66 55.08
N PHE C 135 21.84 -27.84 53.79
CA PHE C 135 22.02 -29.18 53.22
C PHE C 135 23.29 -29.86 53.70
N CYS C 136 23.27 -31.19 53.57
CA CYS C 136 24.44 -32.01 53.75
C CYS C 136 25.45 -31.73 52.64
N ASN C 137 26.72 -31.94 52.94
CA ASN C 137 27.74 -31.86 51.90
C ASN C 137 27.53 -32.94 50.83
N ASP C 138 26.96 -34.07 51.20
CA ASP C 138 26.56 -35.11 50.24
C ASP C 138 25.14 -35.57 50.55
N PRO C 139 24.14 -34.79 50.18
CA PRO C 139 22.76 -35.14 50.52
C PRO C 139 22.25 -36.25 49.62
N PHE C 140 21.34 -37.06 50.19
CA PHE C 140 20.70 -38.15 49.44
C PHE C 140 19.61 -38.74 50.32
N LEU C 141 18.98 -39.80 49.80
CA LEU C 141 18.05 -40.64 50.53
C LEU C 141 18.55 -42.08 50.51
N GLY C 142 18.08 -42.86 51.47
CA GLY C 142 18.54 -44.24 51.55
C GLY C 142 17.44 -45.24 51.81
N VAL C 143 17.33 -46.22 50.92
CA VAL C 143 16.35 -47.30 51.02
C VAL C 143 17.03 -48.53 51.59
N TYR C 144 16.42 -49.13 52.60
CA TYR C 144 16.96 -50.33 53.26
C TYR C 144 15.92 -51.44 53.21
N TYR C 145 16.33 -52.60 52.69
CA TYR C 145 15.43 -53.74 52.58
C TYR C 145 15.15 -54.36 53.94
N HIS C 146 13.95 -54.95 54.05
CA HIS C 146 13.57 -55.78 55.18
C HIS C 146 13.14 -57.15 54.67
N LYS C 147 13.60 -58.20 55.34
CA LYS C 147 13.21 -59.55 54.90
C LYS C 147 11.71 -59.73 55.00
N ASN C 148 11.06 -59.08 55.95
CA ASN C 148 9.61 -59.20 56.12
C ASN C 148 8.85 -58.62 54.93
N ASN C 149 9.26 -57.44 54.46
CA ASN C 149 8.51 -56.72 53.43
C ASN C 149 9.34 -56.61 52.17
N LYS C 150 8.80 -57.13 51.06
CA LYS C 150 9.50 -57.05 49.78
C LYS C 150 9.72 -55.61 49.34
N SER C 151 8.71 -54.76 49.50
CA SER C 151 8.88 -53.33 49.22
C SER C 151 9.90 -52.71 50.15
N TRP C 152 10.87 -52.00 49.57
CA TRP C 152 11.88 -51.32 50.36
C TRP C 152 11.26 -50.15 51.11
N MET C 153 11.74 -49.90 52.33
CA MET C 153 11.25 -48.81 53.15
C MET C 153 12.05 -47.54 52.88
N GLU C 154 11.37 -46.49 52.42
CA GLU C 154 12.06 -45.20 52.33
C GLU C 154 12.39 -44.82 53.76
N SER C 155 13.67 -44.94 54.12
CA SER C 155 14.11 -44.92 55.52
C SER C 155 14.96 -43.71 55.86
N GLU C 156 15.96 -43.41 55.03
CA GLU C 156 16.93 -42.37 55.35
C GLU C 156 16.56 -41.10 54.59
N PHE C 157 16.47 -40.00 55.32
CA PHE C 157 16.11 -38.69 54.78
C PHE C 157 17.20 -37.73 55.25
N ARG C 158 18.30 -37.69 54.51
CA ARG C 158 19.47 -36.90 54.89
C ARG C 158 19.76 -35.94 53.75
N VAL C 159 19.03 -34.82 53.73
CA VAL C 159 19.13 -33.83 52.68
C VAL C 159 19.50 -32.45 53.22
N TYR C 160 18.92 -32.06 54.36
CA TYR C 160 19.26 -30.82 55.04
C TYR C 160 19.56 -31.11 56.50
N SER C 161 20.51 -30.36 57.06
CA SER C 161 20.75 -30.44 58.50
C SER C 161 19.74 -29.63 59.29
N SER C 162 19.21 -28.55 58.72
CA SER C 162 18.20 -27.74 59.39
C SER C 162 17.36 -27.04 58.33
N ALA C 163 16.15 -26.64 58.74
CA ALA C 163 15.24 -25.93 57.86
C ALA C 163 14.46 -24.89 58.66
N ASN C 164 14.36 -23.68 58.12
CA ASN C 164 13.58 -22.62 58.74
C ASN C 164 13.09 -21.66 57.67
N ASN C 165 12.11 -20.84 58.06
CA ASN C 165 11.45 -19.90 57.15
C ASN C 165 10.86 -20.63 55.94
N CYS C 166 10.16 -21.72 56.22
CA CYS C 166 9.55 -22.51 55.15
C CYS C 166 8.38 -21.78 54.51
N THR C 167 8.34 -21.80 53.19
CA THR C 167 7.21 -21.25 52.44
C THR C 167 6.91 -22.18 51.27
N PHE C 168 5.66 -22.15 50.83
CA PHE C 168 5.17 -22.98 49.73
C PHE C 168 5.51 -24.45 49.98
N GLU C 169 4.96 -24.97 51.08
CA GLU C 169 5.08 -26.39 51.38
C GLU C 169 3.96 -27.12 50.63
N TYR C 170 4.31 -27.69 49.48
CA TYR C 170 3.34 -28.24 48.55
C TYR C 170 3.40 -29.76 48.60
N VAL C 171 2.24 -30.38 48.77
CA VAL C 171 2.11 -31.84 48.79
C VAL C 171 1.00 -32.20 47.83
N SER C 172 1.28 -33.17 46.95
CA SER C 172 0.29 -33.63 45.98
C SER C 172 0.50 -35.12 45.77
N GLN C 173 -0.19 -35.67 44.78
CA GLN C 173 0.09 -37.03 44.38
C GLN C 173 1.52 -37.10 43.86
N PRO C 174 2.27 -38.17 44.18
CA PRO C 174 3.65 -38.24 43.72
C PRO C 174 3.72 -38.25 42.20
N PHE C 175 4.80 -37.66 41.68
CA PHE C 175 5.09 -37.74 40.26
C PHE C 175 5.10 -39.19 39.81
N LEU C 176 4.15 -39.52 38.94
CA LEU C 176 3.81 -40.91 38.68
C LEU C 176 5.03 -41.69 38.20
N MET C 177 5.15 -42.91 38.71
CA MET C 177 6.22 -43.82 38.29
C MET C 177 5.65 -44.80 37.26
N ASP C 178 6.37 -44.95 36.15
CA ASP C 178 5.89 -45.73 35.02
C ASP C 178 6.00 -47.23 35.33
N ASN C 185 10.89 -56.29 31.14
CA ASN C 185 11.58 -56.31 29.86
C ASN C 185 11.84 -54.89 29.36
N PHE C 186 11.34 -53.91 30.11
CA PHE C 186 11.42 -52.50 29.73
C PHE C 186 11.95 -51.70 30.91
N LYS C 187 12.74 -50.68 30.61
CA LYS C 187 13.08 -49.66 31.60
C LYS C 187 12.24 -48.41 31.36
N ASN C 188 11.75 -47.84 32.45
CA ASN C 188 10.84 -46.70 32.39
C ASN C 188 11.65 -45.42 32.23
N LEU C 189 11.98 -45.07 30.99
CA LEU C 189 12.66 -43.81 30.71
C LEU C 189 11.76 -42.65 31.11
N ARG C 190 12.18 -41.89 32.11
CA ARG C 190 11.44 -40.71 32.57
C ARG C 190 12.15 -39.46 32.05
N GLU C 191 11.41 -38.58 31.39
CA GLU C 191 11.96 -37.33 30.89
C GLU C 191 11.30 -36.19 31.63
N PHE C 192 12.11 -35.24 32.12
CA PHE C 192 11.63 -34.07 32.85
C PHE C 192 12.32 -32.83 32.29
N VAL C 193 11.62 -31.70 32.40
CA VAL C 193 12.18 -30.40 32.06
C VAL C 193 11.85 -29.45 33.20
N PHE C 194 12.89 -28.78 33.73
CA PHE C 194 12.74 -27.86 34.84
C PHE C 194 13.07 -26.47 34.34
N LYS C 195 12.14 -25.53 34.50
CA LYS C 195 12.32 -24.16 34.06
C LYS C 195 11.89 -23.20 35.16
N ASN C 196 12.47 -22.00 35.15
CA ASN C 196 12.13 -20.97 36.13
C ASN C 196 12.04 -19.60 35.46
N ILE C 197 10.82 -19.20 35.10
CA ILE C 197 10.60 -17.95 34.38
C ILE C 197 9.75 -17.05 35.25
N ASP C 198 10.32 -15.90 35.62
CA ASP C 198 9.65 -14.78 36.32
C ASP C 198 8.91 -15.24 37.58
N GLY C 199 9.58 -16.10 38.36
CA GLY C 199 9.00 -16.58 39.60
C GLY C 199 8.05 -17.74 39.47
N TYR C 200 7.85 -18.27 38.27
CA TYR C 200 7.04 -19.45 38.04
C TYR C 200 7.97 -20.60 37.71
N PHE C 201 7.90 -21.68 38.50
CA PHE C 201 8.73 -22.86 38.33
C PHE C 201 7.94 -23.93 37.58
N LYS C 202 8.28 -24.12 36.32
CA LYS C 202 7.53 -25.02 35.43
C LYS C 202 8.20 -26.39 35.36
N ILE C 203 7.40 -27.44 35.54
CA ILE C 203 7.84 -28.83 35.53
C ILE C 203 7.13 -29.53 34.38
N TYR C 204 7.89 -30.12 33.46
CA TYR C 204 7.34 -30.89 32.36
C TYR C 204 7.84 -32.33 32.45
N SER C 205 7.03 -33.28 31.98
CA SER C 205 7.44 -34.68 32.05
C SER C 205 6.73 -35.56 31.04
N LYS C 206 7.35 -36.71 30.78
CA LYS C 206 6.72 -37.82 30.06
C LYS C 206 7.45 -39.12 30.39
N HIS C 207 6.70 -40.20 30.55
CA HIS C 207 7.25 -41.50 30.90
C HIS C 207 7.07 -42.44 29.71
N THR C 208 8.11 -43.23 29.41
CA THR C 208 8.00 -44.17 28.29
C THR C 208 8.78 -45.46 28.57
N PRO C 209 8.15 -46.62 28.41
CA PRO C 209 8.92 -47.87 28.44
C PRO C 209 9.83 -47.97 27.23
N ILE C 210 11.09 -48.33 27.47
CA ILE C 210 12.12 -48.36 26.44
C ILE C 210 12.90 -49.66 26.54
N ASN C 211 13.59 -49.99 25.45
CA ASN C 211 14.39 -51.20 25.38
C ASN C 211 15.88 -50.91 25.44
N LEU C 212 16.36 -49.97 24.61
CA LEU C 212 17.78 -49.59 24.49
C LEU C 212 18.50 -49.68 25.84
N VAL C 213 19.70 -50.24 25.85
CA VAL C 213 20.40 -50.49 27.10
C VAL C 213 21.10 -49.25 27.64
N ARG C 214 21.71 -48.43 26.78
CA ARG C 214 22.47 -47.29 27.28
C ARG C 214 22.00 -45.92 26.85
N ASP C 215 21.39 -45.78 25.67
CA ASP C 215 21.10 -44.43 25.22
C ASP C 215 19.64 -44.28 24.80
N LEU C 216 19.26 -43.01 24.68
CA LEU C 216 17.94 -42.64 24.20
C LEU C 216 17.63 -43.40 22.92
N PRO C 217 16.46 -44.04 22.82
CA PRO C 217 16.11 -44.69 21.57
C PRO C 217 15.74 -43.70 20.48
N GLN C 218 16.06 -44.07 19.24
CA GLN C 218 15.68 -43.19 18.14
C GLN C 218 14.16 -43.14 18.05
N GLY C 219 13.62 -41.94 18.17
CA GLY C 219 12.20 -41.74 18.23
C GLY C 219 11.94 -40.34 18.78
N PHE C 220 10.67 -40.01 18.90
CA PHE C 220 10.34 -38.64 19.28
C PHE C 220 9.09 -38.70 20.15
N SER C 221 9.05 -37.86 21.18
CA SER C 221 7.87 -37.69 22.00
C SER C 221 8.00 -36.34 22.70
N ALA C 222 6.86 -35.84 23.17
CA ALA C 222 6.77 -34.53 23.78
C ALA C 222 6.38 -34.65 25.25
N LEU C 223 6.85 -33.70 26.04
CA LEU C 223 6.63 -33.72 27.48
C LEU C 223 5.44 -32.86 27.84
N GLU C 224 4.62 -33.35 28.77
CA GLU C 224 3.38 -32.72 29.14
C GLU C 224 3.62 -31.58 30.14
N PRO C 225 2.66 -30.67 30.29
CA PRO C 225 2.92 -29.48 31.10
C PRO C 225 2.85 -29.74 32.60
N LEU C 226 2.10 -30.76 33.02
CA LEU C 226 1.93 -31.08 34.44
C LEU C 226 1.58 -29.87 35.30
N VAL C 227 2.59 -29.33 35.98
CA VAL C 227 2.41 -28.30 37.00
C VAL C 227 3.37 -27.16 36.73
N ASP C 228 3.01 -25.97 37.20
CA ASP C 228 3.79 -24.74 37.08
C ASP C 228 3.81 -24.09 38.46
N LEU C 229 4.81 -24.44 39.26
CA LEU C 229 4.83 -24.04 40.64
C LEU C 229 5.16 -22.55 40.78
N PRO C 230 4.50 -21.85 41.70
CA PRO C 230 4.82 -20.44 42.03
C PRO C 230 5.97 -20.29 43.03
N ILE C 231 7.19 -20.38 42.54
CA ILE C 231 8.37 -20.33 43.38
C ILE C 231 9.12 -19.05 43.02
N GLY C 232 9.08 -18.06 43.91
CA GLY C 232 9.60 -16.75 43.56
C GLY C 232 11.03 -16.49 43.98
N ILE C 233 11.95 -17.38 43.62
CA ILE C 233 13.36 -17.23 43.94
C ILE C 233 14.18 -17.43 42.68
N ASN C 234 15.48 -17.21 42.80
CA ASN C 234 16.41 -17.41 41.71
C ASN C 234 17.11 -18.75 41.88
N ILE C 235 17.37 -19.42 40.76
CA ILE C 235 18.09 -20.70 40.74
C ILE C 235 19.21 -20.60 39.73
N THR C 236 20.41 -21.01 40.12
CA THR C 236 21.54 -21.14 39.20
C THR C 236 22.31 -22.44 39.36
N ARG C 237 22.09 -23.18 40.44
CA ARG C 237 22.78 -24.44 40.71
C ARG C 237 21.74 -25.45 41.16
N PHE C 238 22.03 -26.73 40.96
CA PHE C 238 21.09 -27.78 41.34
C PHE C 238 21.83 -29.10 41.56
N GLN C 239 21.09 -30.04 42.13
CA GLN C 239 21.59 -31.33 42.61
C GLN C 239 20.51 -32.38 42.39
N THR C 240 20.94 -33.63 42.29
CA THR C 240 20.03 -34.76 42.13
C THR C 240 20.07 -35.60 43.39
N LEU C 241 18.91 -35.81 44.01
CA LEU C 241 18.80 -36.76 45.11
C LEU C 241 18.71 -38.17 44.55
N LEU C 242 19.42 -39.10 45.19
CA LEU C 242 19.47 -40.47 44.69
C LEU C 242 19.21 -41.46 45.81
N ALA C 243 18.80 -42.67 45.42
CA ALA C 243 18.65 -43.78 46.34
C ALA C 243 19.94 -44.58 46.40
N LEU C 244 20.31 -44.99 47.60
CA LEU C 244 21.57 -45.67 47.85
C LEU C 244 21.30 -47.03 48.48
N HIS C 245 21.95 -48.07 47.97
CA HIS C 245 21.75 -49.43 48.44
C HIS C 245 22.72 -49.69 49.59
N ARG C 246 22.17 -50.01 50.75
CA ARG C 246 22.97 -50.31 51.94
C ARG C 246 22.88 -51.81 52.18
N SER C 247 23.99 -52.51 51.93
CA SER C 247 24.00 -53.97 52.00
C SER C 247 24.40 -54.47 53.38
N GLY C 257 29.54 -45.26 55.77
CA GLY C 257 28.34 -46.01 55.45
C GLY C 257 28.36 -46.63 54.07
N TRP C 258 27.57 -47.69 53.89
CA TRP C 258 27.52 -48.39 52.62
C TRP C 258 26.74 -47.59 51.59
N THR C 259 27.20 -47.61 50.35
CA THR C 259 26.60 -46.84 49.26
C THR C 259 26.56 -47.69 47.99
N ALA C 260 25.62 -47.34 47.11
CA ALA C 260 25.43 -47.97 45.80
C ALA C 260 24.46 -47.11 45.00
N GLY C 261 24.07 -47.59 43.81
CA GLY C 261 23.17 -46.84 42.96
C GLY C 261 22.62 -47.53 41.72
N ALA C 262 23.36 -47.45 40.60
CA ALA C 262 23.02 -47.98 39.27
C ALA C 262 22.14 -47.04 38.45
N ALA C 263 21.52 -47.56 37.37
CA ALA C 263 20.70 -46.76 36.47
C ALA C 263 21.49 -45.57 35.95
N ALA C 264 20.81 -44.48 35.54
CA ALA C 264 21.58 -43.37 34.97
C ALA C 264 20.68 -42.16 34.77
N TYR C 265 21.28 -40.99 34.98
CA TYR C 265 20.63 -39.68 34.88
C TYR C 265 21.33 -38.77 33.88
N TYR C 266 20.65 -38.44 32.79
CA TYR C 266 21.20 -37.61 31.72
C TYR C 266 20.82 -36.19 32.03
N VAL C 267 21.72 -35.27 31.70
CA VAL C 267 21.50 -33.85 31.95
C VAL C 267 21.84 -33.07 30.67
N GLY C 268 20.95 -32.16 30.30
CA GLY C 268 21.22 -31.24 29.21
C GLY C 268 20.79 -29.84 29.60
N TYR C 269 21.36 -28.86 28.90
CA TYR C 269 21.19 -27.46 29.27
C TYR C 269 20.35 -26.79 28.20
N LEU C 270 19.21 -26.24 28.60
CA LEU C 270 18.32 -25.58 27.65
C LEU C 270 18.91 -24.25 27.22
N GLN C 271 18.66 -23.88 25.97
CA GLN C 271 19.09 -22.62 25.40
C GLN C 271 17.92 -22.01 24.65
N PRO C 272 17.91 -20.69 24.45
CA PRO C 272 16.90 -20.10 23.58
C PRO C 272 17.02 -20.63 22.16
N ARG C 273 15.88 -21.02 21.60
CA ARG C 273 15.84 -21.67 20.29
C ARG C 273 14.48 -21.41 19.66
N THR C 274 14.39 -21.67 18.36
CA THR C 274 13.14 -21.64 17.64
C THR C 274 12.85 -23.06 17.14
N PHE C 275 11.63 -23.52 17.36
CA PHE C 275 11.26 -24.90 17.05
C PHE C 275 10.01 -24.96 16.21
N LEU C 276 10.03 -25.83 15.20
CA LEU C 276 8.87 -26.11 14.38
C LEU C 276 8.30 -27.45 14.81
N LEU C 277 7.01 -27.48 15.11
CA LEU C 277 6.36 -28.67 15.66
C LEU C 277 5.21 -29.09 14.75
N LYS C 278 5.12 -30.39 14.49
CA LYS C 278 4.10 -30.96 13.61
C LYS C 278 3.04 -31.67 14.45
N TYR C 279 1.90 -31.00 14.64
CA TYR C 279 0.79 -31.60 15.37
C TYR C 279 0.00 -32.51 14.43
N ASN C 280 -0.19 -33.76 14.84
CA ASN C 280 -0.88 -34.75 14.02
C ASN C 280 -2.39 -34.55 14.13
N GLU C 281 -3.15 -35.52 13.63
CA GLU C 281 -4.60 -35.46 13.74
C GLU C 281 -5.07 -35.60 15.18
N ASN C 282 -4.34 -36.36 16.00
CA ASN C 282 -4.72 -36.58 17.39
C ASN C 282 -4.18 -35.51 18.33
N GLY C 283 -3.46 -34.52 17.81
CA GLY C 283 -2.92 -33.47 18.65
C GLY C 283 -1.65 -33.83 19.37
N THR C 284 -1.02 -34.95 19.03
CA THR C 284 0.25 -35.36 19.62
C THR C 284 1.39 -34.97 18.70
N ILE C 285 2.39 -34.28 19.26
CA ILE C 285 3.53 -33.85 18.47
C ILE C 285 4.28 -35.07 17.94
N THR C 286 4.37 -35.15 16.61
CA THR C 286 5.02 -36.30 15.96
C THR C 286 6.39 -35.99 15.40
N ASP C 287 6.71 -34.72 15.15
CA ASP C 287 8.02 -34.39 14.60
C ASP C 287 8.30 -32.93 14.91
N ALA C 288 9.59 -32.60 14.98
CA ALA C 288 10.01 -31.24 15.27
C ALA C 288 11.33 -30.95 14.57
N VAL C 289 11.58 -29.66 14.37
CA VAL C 289 12.78 -29.18 13.71
C VAL C 289 13.37 -28.06 14.55
N ASP C 290 14.66 -28.16 14.87
CA ASP C 290 15.37 -27.10 15.54
C ASP C 290 15.82 -26.11 14.47
N CYS C 291 15.39 -24.86 14.58
CA CYS C 291 15.63 -23.90 13.50
C CYS C 291 17.08 -23.49 13.37
N ALA C 292 17.94 -23.86 14.32
CA ALA C 292 19.35 -23.46 14.27
C ALA C 292 20.29 -24.66 14.25
N LEU C 293 19.79 -25.86 14.02
CA LEU C 293 20.65 -27.04 14.03
C LEU C 293 21.64 -27.02 12.88
N ASP C 294 21.15 -26.84 11.66
CA ASP C 294 22.00 -26.77 10.48
C ASP C 294 21.23 -26.05 9.39
N PRO C 295 21.90 -25.66 8.30
CA PRO C 295 21.20 -24.94 7.23
C PRO C 295 19.96 -25.65 6.69
N LEU C 296 19.98 -26.98 6.60
CA LEU C 296 18.80 -27.70 6.15
C LEU C 296 17.63 -27.48 7.10
N SER C 297 17.89 -27.57 8.41
CA SER C 297 16.83 -27.36 9.39
C SER C 297 16.36 -25.91 9.37
N GLU C 298 17.28 -24.96 9.16
CA GLU C 298 16.88 -23.56 9.07
C GLU C 298 15.98 -23.33 7.86
N THR C 299 16.31 -23.96 6.73
CA THR C 299 15.44 -23.86 5.56
C THR C 299 14.07 -24.46 5.85
N LYS C 300 14.05 -25.61 6.53
CA LYS C 300 12.78 -26.22 6.91
C LYS C 300 11.98 -25.26 7.78
N CYS C 301 12.66 -24.58 8.70
CA CYS C 301 12.02 -23.65 9.61
C CYS C 301 11.39 -22.49 8.86
N THR C 302 12.16 -21.87 7.96
CA THR C 302 11.63 -20.71 7.24
C THR C 302 10.51 -21.11 6.29
N LEU C 303 10.67 -22.19 5.53
CA LEU C 303 9.63 -22.58 4.60
C LEU C 303 8.40 -23.14 5.31
N LYS C 304 8.42 -23.23 6.64
CA LYS C 304 7.31 -23.73 7.46
C LYS C 304 6.78 -25.05 6.91
N SER C 305 7.68 -25.96 6.58
CA SER C 305 7.31 -27.26 6.03
C SER C 305 8.46 -28.23 6.24
N PHE C 306 8.25 -29.47 5.83
CA PHE C 306 9.31 -30.48 5.84
C PHE C 306 9.84 -30.74 4.44
N THR C 307 8.95 -30.96 3.48
CA THR C 307 9.36 -31.17 2.10
C THR C 307 9.84 -29.84 1.53
N VAL C 308 11.14 -29.71 1.25
CA VAL C 308 11.67 -28.52 0.61
C VAL C 308 11.85 -28.84 -0.86
N GLU C 309 11.37 -27.94 -1.72
CA GLU C 309 11.53 -28.13 -3.15
C GLU C 309 12.99 -27.95 -3.53
N LYS C 310 13.39 -28.64 -4.59
CA LYS C 310 14.76 -28.50 -5.09
C LYS C 310 15.01 -27.07 -5.52
N GLY C 311 15.92 -26.37 -4.83
CA GLY C 311 16.23 -25.03 -5.26
C GLY C 311 17.15 -24.31 -4.29
N ILE C 312 17.30 -23.01 -4.55
CA ILE C 312 18.03 -22.08 -3.72
C ILE C 312 17.04 -21.26 -2.91
N TYR C 313 17.30 -21.10 -1.61
CA TYR C 313 16.44 -20.32 -0.74
C TYR C 313 17.28 -19.39 0.11
N GLN C 314 16.90 -18.12 0.17
CA GLN C 314 17.57 -17.16 1.03
C GLN C 314 16.92 -17.22 2.41
N THR C 315 17.73 -17.31 3.46
CA THR C 315 17.20 -17.52 4.80
C THR C 315 17.43 -16.33 5.72
N SER C 316 18.68 -15.90 5.89
CA SER C 316 18.97 -14.82 6.83
C SER C 316 20.22 -14.09 6.34
N ASN C 317 20.84 -13.33 7.23
CA ASN C 317 22.08 -12.62 6.94
C ASN C 317 23.14 -13.07 7.92
N PHE C 318 24.32 -13.41 7.41
CA PHE C 318 25.44 -13.79 8.26
C PHE C 318 26.09 -12.54 8.83
N ARG C 319 26.01 -12.39 10.14
CA ARG C 319 26.56 -11.25 10.86
C ARG C 319 27.32 -11.81 12.06
N VAL C 320 28.65 -11.82 11.97
CA VAL C 320 29.46 -12.24 13.11
C VAL C 320 29.16 -11.34 14.30
N GLN C 321 28.86 -11.96 15.43
CA GLN C 321 28.47 -11.20 16.60
C GLN C 321 29.69 -10.52 17.21
N PRO C 322 29.49 -9.41 17.92
CA PRO C 322 30.61 -8.78 18.63
C PRO C 322 31.20 -9.71 19.67
N THR C 323 32.53 -9.67 19.80
CA THR C 323 33.23 -10.55 20.72
C THR C 323 33.35 -9.94 22.11
N GLU C 324 33.39 -8.61 22.22
CA GLU C 324 33.46 -7.95 23.50
C GLU C 324 32.92 -6.53 23.34
N SER C 325 32.61 -5.90 24.47
CA SER C 325 32.02 -4.58 24.50
C SER C 325 33.02 -3.56 25.05
N ILE C 326 33.11 -2.41 24.38
CA ILE C 326 34.03 -1.35 24.75
C ILE C 326 33.30 -0.01 24.79
N VAL C 327 33.66 0.81 25.76
CA VAL C 327 33.08 2.15 25.93
C VAL C 327 34.23 3.13 26.04
N ARG C 328 34.13 4.26 25.35
CA ARG C 328 35.18 5.26 25.38
C ARG C 328 34.62 6.59 25.85
N PHE C 329 35.16 7.10 26.95
CA PHE C 329 34.75 8.37 27.53
C PHE C 329 35.97 9.22 27.85
N PRO C 330 35.83 10.54 27.84
CA PRO C 330 36.99 11.43 28.03
C PRO C 330 37.62 11.37 29.42
N ASN C 331 38.67 12.17 29.60
CA ASN C 331 39.46 12.24 30.84
C ASN C 331 38.85 13.16 31.88
N ILE C 332 37.69 13.75 31.62
CA ILE C 332 37.08 14.67 32.58
C ILE C 332 36.83 13.98 33.90
N THR C 333 37.09 14.71 35.00
CA THR C 333 36.93 14.18 36.34
C THR C 333 36.21 15.10 37.32
N ASN C 334 36.05 16.39 37.00
CA ASN C 334 35.38 17.30 37.91
C ASN C 334 33.91 16.95 38.05
N LEU C 335 33.34 17.27 39.21
CA LEU C 335 31.93 17.04 39.49
C LEU C 335 31.19 18.37 39.47
N CYS C 336 30.19 18.50 38.61
CA CYS C 336 29.42 19.72 38.53
C CYS C 336 28.62 19.93 39.81
N PRO C 337 28.42 21.19 40.22
CA PRO C 337 27.82 21.46 41.53
C PRO C 337 26.34 21.11 41.61
N PHE C 338 25.99 19.86 41.31
CA PHE C 338 24.62 19.41 41.48
C PHE C 338 24.16 19.59 42.92
N GLY C 339 25.06 19.41 43.88
CA GLY C 339 24.73 19.71 45.26
C GLY C 339 24.35 21.16 45.46
N GLU C 340 25.07 22.08 44.80
CA GLU C 340 24.75 23.49 44.97
C GLU C 340 23.47 23.89 44.26
N VAL C 341 22.99 23.10 43.30
CA VAL C 341 21.75 23.45 42.61
C VAL C 341 20.54 22.83 43.32
N PHE C 342 20.60 21.53 43.62
CA PHE C 342 19.52 20.89 44.36
C PHE C 342 19.49 21.32 45.82
N ASN C 343 20.54 21.96 46.33
CA ASN C 343 20.62 22.43 47.69
C ASN C 343 20.98 23.90 47.74
N ALA C 344 20.39 24.70 46.85
CA ALA C 344 20.68 26.12 46.81
C ALA C 344 20.22 26.81 48.08
N THR C 345 20.95 27.87 48.46
CA THR C 345 20.60 28.60 49.68
C THR C 345 19.21 29.22 49.58
N ARG C 346 18.90 29.81 48.42
CA ARG C 346 17.60 30.41 48.19
C ARG C 346 17.17 30.12 46.77
N PHE C 347 15.91 29.73 46.60
CA PHE C 347 15.37 29.49 45.27
C PHE C 347 14.70 30.75 44.74
N ALA C 348 14.94 31.02 43.47
CA ALA C 348 14.32 32.15 42.79
C ALA C 348 12.86 31.86 42.46
N SER C 349 12.04 32.90 42.48
CA SER C 349 10.64 32.76 42.14
C SER C 349 10.49 32.51 40.64
N VAL C 350 9.30 32.03 40.25
CA VAL C 350 9.07 31.68 38.86
C VAL C 350 9.16 32.90 37.95
N TYR C 351 8.92 34.09 38.49
CA TYR C 351 9.09 35.31 37.70
C TYR C 351 10.54 35.48 37.27
N ALA C 352 11.48 35.05 38.09
CA ALA C 352 12.92 35.17 37.84
C ALA C 352 13.63 33.85 38.13
N TRP C 353 13.11 32.75 37.59
CA TRP C 353 13.62 31.41 37.85
C TRP C 353 15.12 31.35 37.57
N ASN C 354 15.87 30.78 38.51
CA ASN C 354 17.32 30.74 38.37
C ASN C 354 17.78 29.62 37.45
N ARG C 355 18.66 29.96 36.51
CA ARG C 355 19.21 29.00 35.55
C ARG C 355 20.70 28.88 35.75
N LYS C 356 21.18 27.64 35.88
CA LYS C 356 22.57 27.33 36.12
C LYS C 356 23.10 26.41 35.01
N ARG C 357 24.13 26.90 34.31
CA ARG C 357 24.76 26.12 33.26
C ARG C 357 25.55 24.97 33.85
N ILE C 358 25.51 23.81 33.19
CA ILE C 358 26.30 22.66 33.59
C ILE C 358 27.03 22.13 32.35
N SER C 359 28.36 22.06 32.44
CA SER C 359 29.15 21.60 31.30
C SER C 359 30.55 21.22 31.77
N ASN C 360 31.20 20.37 30.98
CA ASN C 360 32.60 19.99 31.15
C ASN C 360 32.85 19.40 32.54
N CYS C 361 32.21 18.26 32.80
CA CYS C 361 32.41 17.53 34.04
C CYS C 361 31.84 16.13 33.86
N VAL C 362 31.81 15.39 34.97
CA VAL C 362 31.11 14.11 35.05
C VAL C 362 30.08 14.21 36.17
N ALA C 363 28.86 13.78 35.89
CA ALA C 363 27.73 14.00 36.79
C ALA C 363 27.21 12.67 37.30
N ASP C 364 26.96 12.58 38.59
CA ASP C 364 26.45 11.35 39.22
C ASP C 364 24.97 11.53 39.52
N TYR C 365 24.12 11.22 38.54
CA TYR C 365 22.68 11.18 38.79
C TYR C 365 22.29 10.05 39.73
N SER C 366 23.19 9.10 39.99
CA SER C 366 22.86 7.96 40.84
C SER C 366 22.48 8.40 42.24
N VAL C 367 23.25 9.32 42.84
CA VAL C 367 22.99 9.73 44.21
C VAL C 367 21.65 10.45 44.32
N LEU C 368 21.35 11.36 43.38
CA LEU C 368 20.09 12.09 43.44
C LEU C 368 18.91 11.16 43.15
N TYR C 369 19.09 10.20 42.23
CA TYR C 369 18.02 9.26 41.94
C TYR C 369 17.73 8.37 43.12
N ASN C 370 18.77 7.84 43.77
CA ASN C 370 18.55 6.96 44.91
C ASN C 370 18.00 7.72 46.10
N SER C 371 18.42 8.98 46.28
CA SER C 371 17.94 9.81 47.36
C SER C 371 16.44 10.03 47.22
N ALA C 372 15.66 9.52 48.18
CA ALA C 372 14.22 9.63 48.11
C ALA C 372 13.72 10.99 48.56
N SER C 373 14.63 11.94 48.80
CA SER C 373 14.23 13.30 49.14
C SER C 373 13.37 13.92 48.04
N PHE C 374 13.65 13.60 46.79
CA PHE C 374 12.83 14.09 45.68
C PHE C 374 11.54 13.27 45.64
N SER C 375 10.41 13.93 45.94
CA SER C 375 9.15 13.22 45.98
C SER C 375 8.69 12.81 44.58
N THR C 376 8.85 13.69 43.60
CA THR C 376 8.45 13.40 42.22
C THR C 376 9.64 13.57 41.29
N PHE C 377 9.86 12.58 40.44
CA PHE C 377 11.06 12.54 39.60
C PHE C 377 10.57 12.04 38.24
N LYS C 378 10.15 12.96 37.38
CA LYS C 378 9.45 12.60 36.15
C LYS C 378 10.31 13.00 34.95
N CYS C 379 10.74 12.00 34.17
CA CYS C 379 11.65 12.22 33.06
C CYS C 379 11.01 11.92 31.71
N TYR C 380 11.10 12.91 30.80
CA TYR C 380 10.52 12.82 29.46
C TYR C 380 11.65 12.83 28.45
N GLY C 381 11.62 11.86 27.53
CA GLY C 381 12.59 11.75 26.48
C GLY C 381 13.82 10.94 26.86
N VAL C 382 14.06 10.74 28.15
CA VAL C 382 15.18 9.93 28.62
C VAL C 382 14.70 9.13 29.83
N SER C 383 15.17 7.89 29.93
CA SER C 383 14.82 7.06 31.07
C SER C 383 15.75 7.36 32.24
N PRO C 384 15.20 7.64 33.43
CA PRO C 384 16.06 8.01 34.57
C PRO C 384 17.03 6.92 35.00
N THR C 385 16.74 5.65 34.69
CA THR C 385 17.60 4.56 35.14
C THR C 385 18.97 4.62 34.46
N LYS C 386 18.99 4.72 33.14
CA LYS C 386 20.24 4.82 32.38
C LYS C 386 20.55 6.24 31.94
N LEU C 387 20.02 7.24 32.62
CA LEU C 387 20.43 8.62 32.37
C LEU C 387 21.92 8.81 32.62
N ASN C 388 22.50 8.03 33.53
CA ASN C 388 23.94 8.06 33.77
C ASN C 388 24.74 7.50 32.60
N ASP C 389 24.12 6.76 31.69
CA ASP C 389 24.88 6.11 30.63
C ASP C 389 25.33 7.09 29.55
N LEU C 390 24.48 8.04 29.18
CA LEU C 390 24.72 8.83 27.98
C LEU C 390 25.69 9.98 28.26
N CYS C 391 26.09 10.66 27.19
CA CYS C 391 26.88 11.87 27.28
C CYS C 391 26.09 12.99 26.64
N PHE C 392 26.25 14.20 27.18
CA PHE C 392 25.47 15.36 26.77
C PHE C 392 26.35 16.53 26.39
N THR C 393 25.85 17.29 25.42
CA THR C 393 26.50 18.52 24.96
C THR C 393 26.36 19.64 25.97
N ASN C 394 25.25 19.71 26.70
CA ASN C 394 25.04 20.78 27.67
C ASN C 394 23.97 20.37 28.68
N VAL C 395 23.94 21.06 29.82
CA VAL C 395 22.90 20.85 30.82
C VAL C 395 22.39 22.20 31.29
N TYR C 396 21.07 22.37 31.33
CA TYR C 396 20.44 23.59 31.85
C TYR C 396 19.63 23.22 33.10
N ALA C 397 19.97 23.83 34.25
CA ALA C 397 19.27 23.52 35.50
C ALA C 397 18.51 24.76 35.93
N ASP C 398 17.18 24.71 35.86
CA ASP C 398 16.34 25.84 36.23
C ASP C 398 15.56 25.53 37.50
N SER C 399 15.74 26.36 38.52
CA SER C 399 15.20 26.16 39.85
C SER C 399 14.20 27.27 40.15
N PHE C 400 13.02 26.87 40.63
CA PHE C 400 11.94 27.80 40.95
C PHE C 400 10.92 27.11 41.85
N VAL C 401 10.05 27.90 42.47
CA VAL C 401 9.11 27.42 43.50
C VAL C 401 7.67 27.60 43.02
N ILE C 402 6.86 26.55 43.18
CA ILE C 402 5.42 26.64 42.92
C ILE C 402 4.64 25.98 44.05
N ARG C 403 3.41 26.45 44.27
CA ARG C 403 2.50 25.83 45.23
C ARG C 403 2.29 24.35 44.92
N GLY C 404 1.92 23.60 45.95
CA GLY C 404 1.72 22.17 45.78
C GLY C 404 0.65 21.83 44.76
N ASP C 405 -0.42 22.61 44.71
CA ASP C 405 -1.40 22.42 43.66
C ASP C 405 -0.79 22.75 42.30
N GLU C 406 -1.23 22.02 41.27
CA GLU C 406 -0.76 22.23 39.89
C GLU C 406 0.75 22.03 39.76
N VAL C 407 1.35 21.20 40.61
CA VAL C 407 2.77 20.89 40.42
C VAL C 407 3.00 20.02 39.18
N ARG C 408 1.98 19.34 38.67
CA ARG C 408 2.14 18.57 37.46
C ARG C 408 2.11 19.45 36.21
N GLN C 409 1.80 20.74 36.37
CA GLN C 409 1.80 21.70 35.29
C GLN C 409 3.18 21.87 34.67
N ILE C 410 4.25 21.54 35.39
CA ILE C 410 5.61 21.64 34.84
C ILE C 410 5.82 20.33 34.08
N ALA C 411 5.40 20.34 32.82
CA ALA C 411 5.43 19.17 31.96
C ALA C 411 5.17 19.63 30.53
N PRO C 412 5.59 18.85 29.54
CA PRO C 412 5.35 19.23 28.14
C PRO C 412 3.87 19.37 27.83
N GLY C 413 3.50 20.56 27.39
CA GLY C 413 2.12 20.87 27.01
C GLY C 413 1.08 20.88 28.11
N GLN C 414 1.42 21.45 29.27
CA GLN C 414 0.48 21.65 30.36
C GLN C 414 0.10 23.12 30.40
N THR C 415 -1.15 23.40 30.77
CA THR C 415 -1.68 24.76 30.78
C THR C 415 -1.92 25.25 32.21
N GLY C 416 -2.21 26.55 32.30
CA GLY C 416 -2.49 27.21 33.55
C GLY C 416 -1.81 28.57 33.66
N LYS C 417 -2.00 29.25 34.80
CA LYS C 417 -1.42 30.58 34.96
C LYS C 417 0.11 30.54 34.97
N ILE C 418 0.69 29.55 35.65
CA ILE C 418 2.15 29.44 35.70
C ILE C 418 2.71 29.17 34.31
N ALA C 419 2.14 28.19 33.61
CA ALA C 419 2.61 27.89 32.26
C ALA C 419 2.26 28.98 31.27
N ASP C 420 1.40 29.93 31.63
CA ASP C 420 0.98 31.00 30.74
C ASP C 420 1.83 32.24 30.90
N TYR C 421 2.20 32.60 32.14
CA TYR C 421 2.91 33.84 32.42
C TYR C 421 4.30 33.67 33.01
N ASN C 422 4.68 32.47 33.44
CA ASN C 422 5.91 32.29 34.20
C ASN C 422 6.92 31.41 33.48
N TYR C 423 6.52 30.21 33.05
CA TYR C 423 7.49 29.25 32.53
C TYR C 423 6.76 28.19 31.73
N LYS C 424 7.14 28.02 30.47
CA LYS C 424 6.52 27.07 29.57
C LYS C 424 7.61 26.20 28.96
N LEU C 425 7.46 24.89 29.09
CA LEU C 425 8.41 23.99 28.43
C LEU C 425 8.02 23.79 26.97
N PRO C 426 8.99 23.47 26.12
CA PRO C 426 8.66 23.20 24.72
C PRO C 426 7.93 21.88 24.57
N ASP C 427 7.23 21.74 23.44
CA ASP C 427 6.49 20.52 23.17
C ASP C 427 7.42 19.32 23.04
N ASP C 428 8.58 19.50 22.41
CA ASP C 428 9.55 18.43 22.23
C ASP C 428 10.66 18.47 23.29
N PHE C 429 10.33 18.88 24.51
CA PHE C 429 11.32 18.98 25.56
C PHE C 429 11.90 17.62 25.91
N THR C 430 13.22 17.55 26.04
CA THR C 430 13.91 16.34 26.47
C THR C 430 14.70 16.67 27.73
N GLY C 431 14.54 15.85 28.75
CA GLY C 431 15.10 16.17 30.05
C GLY C 431 14.17 15.64 31.13
N CYS C 432 14.23 16.27 32.30
CA CYS C 432 13.20 15.93 33.28
C CYS C 432 13.10 16.89 34.46
N VAL C 433 11.96 16.76 35.15
CA VAL C 433 11.59 17.64 36.25
C VAL C 433 11.73 16.87 37.56
N ILE C 434 12.27 17.55 38.56
CA ILE C 434 12.60 16.98 39.86
C ILE C 434 11.96 17.87 40.91
N ALA C 435 10.94 17.37 41.58
CA ALA C 435 10.19 18.11 42.58
C ALA C 435 10.32 17.41 43.93
N TRP C 436 10.45 18.20 44.98
CA TRP C 436 10.56 17.66 46.32
C TRP C 436 10.02 18.66 47.32
N ASN C 437 9.42 18.13 48.39
CA ASN C 437 8.83 18.97 49.42
C ASN C 437 9.91 19.78 50.13
N SER C 438 9.65 21.06 50.32
CA SER C 438 10.55 21.94 51.05
C SER C 438 9.79 22.66 52.16
N ASN C 439 8.92 21.93 52.85
CA ASN C 439 8.10 22.54 53.89
C ASN C 439 8.97 23.09 55.02
N ASN C 440 9.86 22.26 55.55
CA ASN C 440 10.65 22.63 56.72
C ASN C 440 11.59 23.79 56.41
N LEU C 441 12.05 23.91 55.17
CA LEU C 441 13.00 24.94 54.79
C LEU C 441 12.36 26.14 54.09
N ASP C 442 11.05 26.10 53.85
CA ASP C 442 10.36 27.18 53.16
C ASP C 442 9.20 27.78 53.94
N SER C 443 8.74 27.14 55.01
CA SER C 443 7.63 27.66 55.79
C SER C 443 8.11 28.28 57.09
N TYR C 449 5.68 35.41 51.38
CA TYR C 449 5.56 36.59 50.56
C TYR C 449 6.87 36.90 49.83
N ASN C 450 7.70 35.86 49.67
CA ASN C 450 8.98 36.01 49.02
C ASN C 450 8.99 35.57 47.57
N TYR C 451 7.90 34.95 47.09
CA TYR C 451 7.83 34.48 45.73
C TYR C 451 6.68 35.18 45.01
N LEU C 452 6.85 35.39 43.71
CA LEU C 452 5.86 36.09 42.91
C LEU C 452 5.63 35.37 41.60
N TYR C 453 4.46 35.60 41.00
CA TYR C 453 4.11 35.02 39.72
C TYR C 453 3.22 36.01 38.98
N ARG C 454 3.26 35.93 37.65
CA ARG C 454 2.48 36.85 36.82
C ARG C 454 1.12 36.26 36.46
N ASN C 460 0.51 34.51 26.39
CA ASN C 460 1.39 33.49 26.95
C ASN C 460 2.85 33.88 26.82
N LEU C 461 3.74 32.91 26.98
CA LEU C 461 5.17 33.14 26.84
C LEU C 461 5.78 32.03 26.01
N LYS C 462 6.89 32.34 25.35
CA LYS C 462 7.55 31.39 24.46
C LYS C 462 8.12 30.23 25.27
N PRO C 463 8.31 29.06 24.64
CA PRO C 463 9.01 27.97 25.34
C PRO C 463 10.39 28.40 25.80
N PHE C 464 10.70 28.06 27.05
CA PHE C 464 11.97 28.36 27.71
C PHE C 464 12.25 29.85 27.81
N GLU C 465 11.26 30.70 27.52
CA GLU C 465 11.47 32.13 27.57
C GLU C 465 11.68 32.59 29.01
N ARG C 466 12.17 33.82 29.15
CA ARG C 466 12.47 34.41 30.45
C ARG C 466 12.15 35.89 30.38
N ASP C 467 11.24 36.35 31.23
CA ASP C 467 10.83 37.74 31.25
C ASP C 467 10.53 38.16 32.67
N ILE C 468 11.31 39.10 33.20
CA ILE C 468 11.08 39.68 34.52
C ILE C 468 10.76 41.15 34.27
N SER C 469 9.47 41.46 34.14
CA SER C 469 9.01 42.81 33.83
C SER C 469 7.89 43.20 34.77
N THR C 470 7.59 44.49 34.80
CA THR C 470 6.50 45.03 35.60
C THR C 470 5.89 46.20 34.85
N GLU C 471 4.56 46.21 34.76
CA GLU C 471 3.83 47.26 34.07
C GLU C 471 2.40 47.36 34.55
N ASN C 487 -8.10 51.31 39.38
CA ASN C 487 -7.65 49.93 39.50
C ASN C 487 -6.20 49.77 39.07
N CYS C 488 -5.31 50.54 39.67
CA CYS C 488 -3.89 50.45 39.34
C CYS C 488 -3.36 49.10 39.82
N TYR C 489 -3.08 48.20 38.89
CA TYR C 489 -2.61 46.86 39.19
C TYR C 489 -1.19 46.69 38.71
N PHE C 490 -0.41 45.96 39.49
CA PHE C 490 0.94 45.55 39.10
C PHE C 490 0.91 44.10 38.69
N PRO C 491 1.50 43.71 37.55
CA PRO C 491 1.27 42.35 37.05
C PRO C 491 1.91 41.29 37.93
N LEU C 492 2.80 41.69 38.83
CA LEU C 492 3.38 40.76 39.79
C LEU C 492 2.28 40.33 40.76
N GLN C 493 2.41 39.11 41.30
CA GLN C 493 1.45 38.62 42.28
C GLN C 493 2.21 37.78 43.29
N SER C 494 2.43 38.34 44.47
CA SER C 494 3.15 37.64 45.54
C SER C 494 2.30 36.50 46.08
N TYR C 495 2.98 35.42 46.47
CA TYR C 495 2.30 34.27 47.03
C TYR C 495 2.25 34.43 48.55
N GLY C 496 1.17 33.93 49.15
CA GLY C 496 1.06 33.97 50.60
C GLY C 496 1.75 32.79 51.26
N PHE C 497 3.07 32.82 51.28
CA PHE C 497 3.85 31.75 51.90
C PHE C 497 3.65 31.75 53.40
N GLN C 498 3.27 30.60 53.95
CA GLN C 498 3.04 30.48 55.38
C GLN C 498 3.18 29.03 55.85
N VAL C 503 -2.42 21.56 53.23
CA VAL C 503 -1.15 21.05 52.72
C VAL C 503 -1.15 21.12 51.19
N GLY C 504 -2.33 21.35 50.61
CA GLY C 504 -2.41 21.57 49.18
C GLY C 504 -1.73 22.83 48.70
N TYR C 505 -1.54 23.80 49.59
CA TYR C 505 -0.85 25.04 49.27
C TYR C 505 0.64 24.98 49.61
N GLN C 506 1.20 23.79 49.73
CA GLN C 506 2.58 23.63 50.19
C GLN C 506 3.53 24.06 49.09
N PRO C 507 4.42 25.03 49.35
CA PRO C 507 5.39 25.41 48.32
C PRO C 507 6.39 24.29 48.06
N TYR C 508 6.79 24.17 46.80
CA TYR C 508 7.74 23.17 46.37
C TYR C 508 8.87 23.85 45.61
N ARG C 509 10.11 23.52 45.98
CA ARG C 509 11.30 23.99 45.29
C ARG C 509 11.61 22.96 44.20
N VAL C 510 11.13 23.22 42.99
CA VAL C 510 11.26 22.28 41.90
C VAL C 510 12.40 22.74 41.01
N VAL C 511 12.99 21.79 40.29
CA VAL C 511 14.02 22.09 39.31
C VAL C 511 13.69 21.31 38.05
N VAL C 512 14.17 21.83 36.93
CA VAL C 512 14.02 21.19 35.63
C VAL C 512 15.40 21.13 34.99
N LEU C 513 15.74 19.96 34.46
CA LEU C 513 16.99 19.74 33.76
C LEU C 513 16.66 19.57 32.29
N SER C 514 17.20 20.44 31.44
CA SER C 514 16.97 20.37 30.01
C SER C 514 18.30 20.02 29.36
N PHE C 515 18.23 19.14 28.35
CA PHE C 515 19.42 18.68 27.67
C PHE C 515 19.29 18.90 26.18
N GLU C 516 20.42 19.01 25.49
CA GLU C 516 20.45 19.13 24.03
C GLU C 516 21.38 18.07 23.49
N LEU C 517 20.81 16.93 23.10
CA LEU C 517 21.60 15.76 22.73
C LEU C 517 22.09 15.85 21.30
N LEU C 518 23.38 15.53 21.09
CA LEU C 518 24.00 15.41 19.77
C LEU C 518 23.98 16.70 18.96
N HIS C 519 23.83 17.85 19.61
CA HIS C 519 23.89 19.14 18.93
C HIS C 519 25.30 19.72 18.89
N ALA C 520 26.26 19.05 19.51
CA ALA C 520 27.63 19.53 19.68
C ALA C 520 28.50 18.39 20.19
N PRO C 521 29.82 18.53 20.24
CA PRO C 521 30.64 17.53 20.92
C PRO C 521 30.25 17.40 22.39
N ALA C 522 30.33 16.18 22.89
CA ALA C 522 29.90 15.88 24.25
C ALA C 522 30.76 16.62 25.26
N THR C 523 30.13 17.07 26.35
CA THR C 523 30.83 17.76 27.42
C THR C 523 30.68 17.08 28.78
N VAL C 524 29.49 16.59 29.12
CA VAL C 524 29.27 15.90 30.38
C VAL C 524 28.95 14.44 30.10
N CYS C 525 29.41 13.55 30.99
CA CYS C 525 29.23 12.12 30.79
C CYS C 525 29.02 11.46 32.14
N GLY C 526 28.87 10.13 32.12
CA GLY C 526 28.68 9.37 33.32
C GLY C 526 29.97 8.86 33.93
N PRO C 527 29.85 8.09 35.02
CA PRO C 527 31.04 7.57 35.70
C PRO C 527 31.65 6.33 35.07
N LYS C 528 31.21 5.93 33.88
CA LYS C 528 31.70 4.72 33.26
C LYS C 528 33.14 4.91 32.79
N LYS C 529 33.99 3.94 33.11
CA LYS C 529 35.41 4.04 32.75
C LYS C 529 35.63 3.67 31.29
N SER C 530 36.62 4.32 30.68
CA SER C 530 36.95 4.09 29.29
C SER C 530 37.57 2.71 29.11
N THR C 531 37.92 2.40 27.86
CA THR C 531 38.52 1.12 27.51
C THR C 531 39.48 1.36 26.36
N ASN C 532 40.47 0.49 26.23
CA ASN C 532 41.43 0.59 25.15
C ASN C 532 40.75 0.15 23.85
N LEU C 533 41.15 0.78 22.75
CA LEU C 533 40.47 0.57 21.47
C LEU C 533 41.13 -0.54 20.68
N VAL C 534 40.33 -1.18 19.82
CA VAL C 534 40.79 -2.30 19.01
C VAL C 534 40.36 -2.06 17.57
N LYS C 535 41.22 -2.44 16.64
CA LYS C 535 40.95 -2.33 15.22
C LYS C 535 40.69 -3.71 14.63
N ASN C 536 40.07 -3.70 13.45
CA ASN C 536 39.82 -4.91 12.66
C ASN C 536 39.10 -6.00 13.46
N LYS C 537 38.26 -5.60 14.42
CA LYS C 537 37.54 -6.56 15.24
C LYS C 537 36.10 -6.13 15.41
N CYS C 538 35.18 -7.08 15.27
CA CYS C 538 33.76 -6.84 15.52
C CYS C 538 33.54 -6.59 17.01
N VAL C 539 33.13 -5.39 17.37
CA VAL C 539 32.96 -5.00 18.77
C VAL C 539 31.68 -4.19 18.92
N ASN C 540 31.16 -4.17 20.14
CA ASN C 540 30.03 -3.32 20.52
C ASN C 540 30.61 -2.11 21.24
N PHE C 541 30.60 -0.96 20.57
CA PHE C 541 31.27 0.23 21.06
C PHE C 541 30.26 1.28 21.52
N ASN C 542 30.72 2.12 22.45
CA ASN C 542 29.91 3.23 22.95
C ASN C 542 30.82 4.46 22.95
N PHE C 543 30.71 5.27 21.90
CA PHE C 543 31.55 6.45 21.71
C PHE C 543 30.87 7.70 22.25
N ASN C 544 31.14 8.01 23.52
CA ASN C 544 30.58 9.20 24.18
C ASN C 544 29.05 9.19 24.17
N GLY C 545 28.46 8.02 24.36
CA GLY C 545 27.02 7.88 24.27
C GLY C 545 26.52 7.50 22.90
N LEU C 546 27.36 7.64 21.89
CA LEU C 546 27.08 7.27 20.51
C LEU C 546 27.30 5.76 20.37
N THR C 547 26.29 5.01 20.79
CA THR C 547 26.41 3.56 20.80
C THR C 547 26.46 3.03 19.36
N GLY C 548 26.94 1.80 19.22
CA GLY C 548 26.96 1.17 17.93
C GLY C 548 27.67 -0.16 17.98
N THR C 549 27.74 -0.81 16.82
CA THR C 549 28.39 -2.10 16.68
C THR C 549 29.10 -2.15 15.34
N GLY C 550 30.32 -2.68 15.33
CA GLY C 550 31.04 -2.75 14.08
C GLY C 550 32.55 -2.84 14.31
N VAL C 551 33.28 -2.33 13.34
CA VAL C 551 34.74 -2.41 13.30
C VAL C 551 35.28 -1.00 13.16
N LEU C 552 36.36 -0.73 13.88
CA LEU C 552 37.05 0.56 13.81
C LEU C 552 38.31 0.38 12.98
N THR C 553 38.41 1.11 11.87
CA THR C 553 39.55 1.03 10.98
C THR C 553 40.19 2.40 10.80
N GLU C 554 41.36 2.40 10.17
CA GLU C 554 42.01 3.62 9.75
C GLU C 554 41.37 4.13 8.46
N SER C 555 41.26 5.44 8.34
CA SER C 555 40.61 6.03 7.18
C SER C 555 41.36 7.26 6.72
N ASN C 556 41.45 7.45 5.41
CA ASN C 556 42.02 8.64 4.81
C ASN C 556 41.04 9.83 4.82
N LYS C 557 39.91 9.69 5.51
CA LYS C 557 38.95 10.79 5.60
C LYS C 557 39.52 11.86 6.50
N LYS C 558 40.16 12.87 5.90
CA LYS C 558 40.83 13.92 6.67
C LYS C 558 39.78 14.89 7.18
N PHE C 559 39.36 14.69 8.42
CA PHE C 559 38.47 15.65 9.06
C PHE C 559 39.15 17.00 9.25
N LEU C 560 38.39 18.06 9.04
CA LEU C 560 38.81 19.37 9.50
C LEU C 560 38.78 19.40 11.02
N PRO C 561 39.59 20.24 11.66
CA PRO C 561 39.80 20.12 13.11
C PRO C 561 38.56 20.40 13.95
N PHE C 562 37.44 20.81 13.37
CA PHE C 562 36.27 21.17 14.18
C PHE C 562 35.26 20.03 14.34
N GLN C 563 34.92 19.32 13.28
CA GLN C 563 33.83 18.35 13.36
C GLN C 563 34.30 17.05 14.02
N GLN C 564 33.35 16.39 14.67
CA GLN C 564 33.67 15.20 15.46
C GLN C 564 33.46 13.93 14.65
N PHE C 565 32.24 13.68 14.21
CA PHE C 565 31.87 12.40 13.62
C PHE C 565 31.11 12.63 12.31
N GLY C 566 31.41 11.80 11.30
CA GLY C 566 30.76 11.95 10.02
C GLY C 566 29.54 11.05 9.86
N ARG C 567 28.68 11.42 8.92
CA ARG C 567 27.42 10.72 8.70
C ARG C 567 27.23 10.33 7.24
N ASP C 568 26.79 9.10 7.02
CA ASP C 568 26.34 8.61 5.73
C ASP C 568 24.89 9.02 5.50
N ILE C 569 24.40 8.72 4.29
CA ILE C 569 23.00 8.96 4.00
C ILE C 569 22.16 8.17 5.01
N ALA C 570 20.93 8.64 5.22
CA ALA C 570 20.00 8.09 6.20
C ALA C 570 20.48 8.31 7.64
N ASP C 571 21.36 9.28 7.85
CA ASP C 571 21.78 9.72 9.17
C ASP C 571 22.33 8.58 10.03
N THR C 572 23.43 7.98 9.57
CA THR C 572 24.14 6.99 10.36
C THR C 572 25.59 7.40 10.54
N THR C 573 26.11 7.09 11.73
CA THR C 573 27.49 7.42 12.08
C THR C 573 28.48 6.54 11.34
N ASP C 574 29.42 7.15 10.63
CA ASP C 574 30.38 6.41 9.79
C ASP C 574 31.82 6.65 10.16
N ALA C 575 32.16 7.83 10.67
CA ALA C 575 33.50 8.10 11.17
C ALA C 575 33.37 8.89 12.46
N VAL C 576 34.38 8.78 13.32
CA VAL C 576 34.34 9.44 14.63
C VAL C 576 35.76 9.67 15.08
N ARG C 577 35.99 10.78 15.79
CA ARG C 577 37.23 11.00 16.50
C ARG C 577 36.99 10.75 17.99
N ASP C 578 37.74 9.83 18.55
CA ASP C 578 37.54 9.39 19.91
C ASP C 578 38.32 10.26 20.89
N PRO C 579 37.88 10.32 22.15
CA PRO C 579 38.62 11.08 23.15
C PRO C 579 39.96 10.42 23.46
N GLN C 580 40.86 11.24 24.01
CA GLN C 580 42.17 10.85 24.53
C GLN C 580 43.17 10.51 23.42
N THR C 581 42.71 10.41 22.17
CA THR C 581 43.62 10.23 21.04
C THR C 581 43.31 11.12 19.85
N LEU C 582 42.06 11.56 19.67
CA LEU C 582 41.61 12.44 18.60
C LEU C 582 41.84 11.85 17.21
N GLU C 583 42.20 10.58 17.11
CA GLU C 583 42.45 10.00 15.80
C GLU C 583 41.11 9.75 15.09
N ILE C 584 41.12 9.80 13.76
CA ILE C 584 39.90 9.68 12.96
C ILE C 584 39.68 8.20 12.67
N LEU C 585 38.90 7.56 13.55
CA LEU C 585 38.54 6.15 13.36
C LEU C 585 37.32 6.07 12.44
N ASP C 586 37.33 5.07 11.56
CA ASP C 586 36.21 4.80 10.67
C ASP C 586 35.40 3.62 11.19
N ILE C 587 34.13 3.86 11.48
CA ILE C 587 33.21 2.81 11.92
C ILE C 587 32.57 2.18 10.70
N THR C 588 32.63 0.84 10.63
CA THR C 588 31.97 0.13 9.55
C THR C 588 31.25 -1.04 10.21
N PRO C 589 29.96 -1.25 9.93
CA PRO C 589 29.27 -2.41 10.51
C PRO C 589 29.95 -3.71 10.11
N CYS C 590 30.02 -4.65 11.07
CA CYS C 590 30.73 -5.90 10.85
C CYS C 590 30.23 -6.57 9.57
N SER C 591 31.16 -7.03 8.75
CA SER C 591 30.87 -7.37 7.36
C SER C 591 29.69 -8.33 7.27
N PHE C 592 28.55 -7.80 6.80
CA PHE C 592 27.33 -8.58 6.71
C PHE C 592 27.35 -9.42 5.44
N GLY C 593 26.36 -10.29 5.33
CA GLY C 593 26.16 -11.05 4.12
C GLY C 593 24.99 -12.00 4.23
N GLY C 594 24.14 -12.03 3.21
CA GLY C 594 23.04 -12.97 3.22
C GLY C 594 23.53 -14.40 3.09
N VAL C 595 22.69 -15.32 3.59
CA VAL C 595 22.99 -16.75 3.55
C VAL C 595 21.88 -17.45 2.80
N SER C 596 22.26 -18.24 1.80
CA SER C 596 21.32 -18.98 0.97
C SER C 596 21.68 -20.46 1.02
N VAL C 597 20.71 -21.30 0.68
CA VAL C 597 20.86 -22.74 0.78
C VAL C 597 20.43 -23.36 -0.53
N ILE C 598 21.35 -24.08 -1.17
CA ILE C 598 21.05 -24.99 -2.26
C ILE C 598 20.67 -26.33 -1.65
N THR C 599 19.43 -26.76 -1.86
CA THR C 599 19.00 -28.08 -1.39
C THR C 599 18.35 -28.83 -2.54
N PRO C 600 18.77 -30.07 -2.81
CA PRO C 600 18.17 -30.86 -3.89
C PRO C 600 16.81 -31.44 -3.54
N GLY C 601 16.34 -31.23 -2.32
CA GLY C 601 15.05 -31.76 -1.89
C GLY C 601 15.20 -32.84 -0.84
N THR C 602 14.58 -32.63 0.32
CA THR C 602 14.66 -33.61 1.40
C THR C 602 14.11 -34.97 1.00
N ASN C 603 13.24 -35.03 -0.02
CA ASN C 603 12.76 -36.32 -0.52
C ASN C 603 13.88 -37.15 -1.15
N THR C 604 15.01 -36.54 -1.51
CA THR C 604 16.11 -37.25 -2.15
C THR C 604 17.34 -37.38 -1.27
N SER C 605 17.74 -36.32 -0.58
CA SER C 605 18.94 -36.37 0.23
C SER C 605 18.88 -35.26 1.27
N ASN C 606 19.77 -35.37 2.26
CA ASN C 606 19.93 -34.33 3.28
C ASN C 606 21.20 -33.52 3.08
N GLN C 607 21.91 -33.73 1.97
CA GLN C 607 23.11 -32.95 1.70
C GLN C 607 22.72 -31.52 1.35
N VAL C 608 23.38 -30.57 1.98
CA VAL C 608 23.03 -29.16 1.90
C VAL C 608 24.24 -28.37 1.46
N ALA C 609 24.04 -27.43 0.53
CA ALA C 609 25.10 -26.53 0.09
C ALA C 609 24.77 -25.13 0.57
N VAL C 610 25.75 -24.45 1.15
CA VAL C 610 25.54 -23.14 1.75
C VAL C 610 26.27 -22.10 0.92
N LEU C 611 25.55 -21.06 0.51
CA LEU C 611 26.12 -19.96 -0.26
C LEU C 611 26.16 -18.72 0.60
N TYR C 612 27.37 -18.18 0.81
CA TYR C 612 27.57 -16.90 1.46
C TYR C 612 27.86 -15.91 0.34
N GLN C 613 26.82 -15.22 -0.13
CA GLN C 613 27.01 -14.38 -1.30
C GLN C 613 27.88 -13.17 -0.96
N ASP C 614 28.41 -12.55 -2.02
CA ASP C 614 29.26 -11.36 -2.01
C ASP C 614 30.25 -11.31 -0.85
N VAL C 615 30.87 -12.44 -0.50
CA VAL C 615 31.88 -12.47 0.54
C VAL C 615 33.05 -13.32 0.07
N ASN C 616 34.25 -12.78 0.17
CA ASN C 616 35.46 -13.52 -0.18
C ASN C 616 35.70 -14.64 0.83
N CYS C 617 36.32 -15.73 0.36
CA CYS C 617 36.62 -16.88 1.22
C CYS C 617 37.84 -16.61 2.11
N THR C 618 37.72 -15.58 2.92
CA THR C 618 38.67 -15.35 3.99
C THR C 618 37.93 -15.01 5.27
N GLU C 619 36.61 -15.05 5.25
CA GLU C 619 35.75 -14.72 6.38
C GLU C 619 34.85 -15.93 6.55
N VAL C 620 35.02 -16.66 7.64
CA VAL C 620 34.16 -17.81 7.92
C VAL C 620 32.96 -17.35 8.74
N ASN C 641 34.15 -29.15 0.01
CA ASN C 641 35.09 -28.15 -0.46
C ASN C 641 34.51 -26.74 -0.31
N VAL C 642 35.23 -25.76 -0.84
CA VAL C 642 34.84 -24.35 -0.80
C VAL C 642 35.15 -23.73 -2.15
N PHE C 643 34.14 -23.18 -2.83
CA PHE C 643 34.30 -22.65 -4.17
C PHE C 643 33.90 -21.18 -4.20
N GLN C 644 34.77 -20.34 -4.76
CA GLN C 644 34.46 -18.93 -4.93
C GLN C 644 33.68 -18.75 -6.23
N THR C 645 32.73 -17.81 -6.23
CA THR C 645 31.90 -17.48 -7.37
C THR C 645 31.92 -15.97 -7.58
N ARG C 646 31.35 -15.54 -8.70
CA ARG C 646 31.10 -14.12 -8.88
C ARG C 646 30.02 -13.59 -7.95
N ALA C 647 29.20 -14.47 -7.36
CA ALA C 647 28.14 -14.00 -6.48
C ALA C 647 28.54 -14.07 -5.01
N GLY C 648 29.38 -15.04 -4.69
CA GLY C 648 29.90 -15.21 -3.35
C GLY C 648 30.56 -16.57 -3.26
N CYS C 649 30.95 -16.96 -2.05
CA CYS C 649 31.58 -18.26 -1.89
C CYS C 649 30.60 -19.32 -1.38
N LEU C 650 30.48 -20.38 -2.15
CA LEU C 650 29.57 -21.50 -1.91
C LEU C 650 30.39 -22.68 -1.42
N ILE C 651 30.06 -23.12 -0.21
CA ILE C 651 30.70 -24.24 0.47
C ILE C 651 29.72 -25.40 0.51
N GLY C 652 30.28 -26.61 0.54
CA GLY C 652 29.49 -27.82 0.57
C GLY C 652 29.30 -28.46 -0.79
N ALA C 653 29.93 -27.92 -1.82
CA ALA C 653 29.85 -28.47 -3.16
C ALA C 653 31.25 -28.49 -3.76
N GLU C 654 31.45 -29.40 -4.72
CA GLU C 654 32.73 -29.54 -5.40
C GLU C 654 32.62 -28.94 -6.80
N HIS C 655 33.35 -27.86 -7.04
CA HIS C 655 33.39 -27.27 -8.36
C HIS C 655 34.02 -28.24 -9.35
N VAL C 656 33.37 -28.42 -10.49
CA VAL C 656 33.84 -29.34 -11.52
C VAL C 656 34.13 -28.56 -12.79
N ASN C 657 34.73 -29.24 -13.76
CA ASN C 657 35.10 -28.61 -15.02
C ASN C 657 34.11 -28.87 -16.13
N ASN C 658 33.42 -30.01 -16.11
CA ASN C 658 32.43 -30.31 -17.12
C ASN C 658 31.22 -29.39 -16.96
N SER C 659 30.47 -29.23 -18.05
CA SER C 659 29.34 -28.32 -18.11
C SER C 659 28.07 -29.10 -18.39
N TYR C 660 27.03 -28.86 -17.59
CA TYR C 660 25.72 -29.48 -17.75
C TYR C 660 24.66 -28.40 -17.75
N GLU C 661 23.44 -28.79 -18.07
CA GLU C 661 22.34 -27.83 -18.01
C GLU C 661 22.07 -27.47 -16.56
N CYS C 662 21.50 -26.28 -16.35
CA CYS C 662 21.29 -25.79 -15.01
C CYS C 662 20.25 -26.64 -14.29
N ASP C 663 20.53 -26.94 -13.02
CA ASP C 663 19.60 -27.67 -12.17
C ASP C 663 19.07 -26.78 -11.05
N ILE C 664 19.96 -26.20 -10.25
CA ILE C 664 19.60 -25.22 -9.23
C ILE C 664 20.40 -23.95 -9.50
N PRO C 665 19.76 -22.84 -9.82
CA PRO C 665 20.50 -21.58 -9.98
C PRO C 665 21.26 -21.19 -8.73
N ILE C 666 22.45 -20.63 -8.93
CA ILE C 666 23.34 -20.22 -7.85
C ILE C 666 23.68 -18.74 -7.97
N GLY C 667 24.03 -18.30 -9.17
CA GLY C 667 24.35 -16.91 -9.42
C GLY C 667 25.55 -16.77 -10.34
N ALA C 668 25.44 -15.87 -11.30
CA ALA C 668 26.52 -15.56 -12.24
C ALA C 668 26.95 -16.80 -13.02
N GLY C 669 25.96 -17.42 -13.67
CA GLY C 669 26.23 -18.52 -14.58
C GLY C 669 26.66 -19.80 -13.92
N ILE C 670 26.26 -20.02 -12.66
CA ILE C 670 26.68 -21.18 -11.89
C ILE C 670 25.43 -21.90 -11.39
N CYS C 671 25.42 -23.22 -11.52
CA CYS C 671 24.27 -24.02 -11.12
C CYS C 671 24.75 -25.30 -10.46
N ALA C 672 23.88 -25.86 -9.62
CA ALA C 672 24.20 -27.07 -8.88
C ALA C 672 23.43 -28.27 -9.42
N VAL C 684 22.11 -32.55 -6.73
CA VAL C 684 22.90 -33.70 -6.32
C VAL C 684 23.22 -34.55 -7.54
N ALA C 685 24.41 -35.14 -7.54
CA ALA C 685 24.85 -36.00 -8.63
C ALA C 685 26.02 -36.84 -8.16
N SER C 686 25.92 -38.16 -8.34
CA SER C 686 26.96 -39.10 -7.94
C SER C 686 27.30 -38.96 -6.45
N GLN C 687 26.26 -39.02 -5.62
CA GLN C 687 26.36 -39.04 -4.16
C GLN C 687 26.95 -37.76 -3.58
N SER C 688 26.93 -36.67 -4.32
CA SER C 688 27.52 -35.43 -3.83
C SER C 688 26.88 -34.24 -4.53
N ILE C 689 27.10 -33.06 -3.97
CA ILE C 689 26.60 -31.81 -4.52
C ILE C 689 27.72 -31.18 -5.35
N ILE C 690 27.43 -30.90 -6.61
CA ILE C 690 28.38 -30.26 -7.51
C ILE C 690 27.89 -28.86 -7.83
N ALA C 691 28.84 -27.94 -8.03
CA ALA C 691 28.56 -26.60 -8.49
C ALA C 691 29.41 -26.32 -9.70
N TYR C 692 28.79 -25.92 -10.81
CA TYR C 692 29.50 -25.84 -12.07
C TYR C 692 28.99 -24.68 -12.91
N THR C 693 29.86 -24.22 -13.82
CA THR C 693 29.48 -23.23 -14.80
C THR C 693 28.44 -23.81 -15.75
N MET C 694 27.38 -23.03 -16.03
CA MET C 694 26.29 -23.54 -16.83
C MET C 694 26.77 -23.93 -18.23
N SER C 695 26.17 -25.00 -18.77
CA SER C 695 26.40 -25.38 -20.15
C SER C 695 25.44 -24.57 -21.01
N LEU C 696 25.96 -23.60 -21.76
CA LEU C 696 25.04 -22.75 -22.50
C LEU C 696 24.35 -23.49 -23.63
N GLY C 697 24.68 -24.77 -23.84
CA GLY C 697 24.12 -25.56 -24.92
C GLY C 697 25.20 -26.30 -25.67
N ALA C 698 24.84 -27.34 -26.40
CA ALA C 698 25.79 -28.08 -27.22
C ALA C 698 26.30 -27.20 -28.36
N GLU C 699 27.58 -26.83 -28.31
CA GLU C 699 28.17 -26.00 -29.36
C GLU C 699 28.10 -26.70 -30.71
N ASN C 700 27.69 -25.95 -31.73
CA ASN C 700 27.44 -26.54 -33.04
C ASN C 700 27.75 -25.49 -34.11
N SER C 701 28.92 -25.60 -34.72
CA SER C 701 29.24 -24.79 -35.88
C SER C 701 28.45 -25.26 -37.10
N VAL C 702 28.38 -24.40 -38.10
CA VAL C 702 27.68 -24.71 -39.35
C VAL C 702 28.64 -24.50 -40.50
N ALA C 703 28.70 -25.47 -41.41
CA ALA C 703 29.65 -25.42 -42.52
C ALA C 703 29.22 -24.41 -43.57
N TYR C 704 29.38 -23.12 -43.27
CA TYR C 704 29.04 -22.08 -44.22
C TYR C 704 30.04 -22.02 -45.37
N SER C 705 29.58 -21.50 -46.50
CA SER C 705 30.38 -21.18 -47.66
C SER C 705 29.58 -20.18 -48.49
N ASN C 706 30.15 -19.79 -49.62
CA ASN C 706 29.42 -18.97 -50.57
C ASN C 706 28.59 -19.77 -51.57
N ASN C 707 28.72 -21.11 -51.61
CA ASN C 707 27.88 -21.86 -52.56
C ASN C 707 27.36 -23.19 -51.99
N SER C 708 27.20 -23.31 -50.69
CA SER C 708 26.73 -24.54 -50.06
C SER C 708 25.31 -24.35 -49.56
N ILE C 709 24.44 -25.31 -49.84
CA ILE C 709 23.04 -25.26 -49.43
C ILE C 709 22.72 -26.53 -48.66
N ALA C 710 21.91 -26.38 -47.62
CA ALA C 710 21.42 -27.51 -46.83
C ALA C 710 19.91 -27.58 -46.98
N ILE C 711 19.41 -28.68 -47.54
CA ILE C 711 17.99 -28.83 -47.81
C ILE C 711 17.52 -30.16 -47.24
N PRO C 712 16.50 -30.17 -46.38
CA PRO C 712 16.05 -31.43 -45.80
C PRO C 712 15.41 -32.33 -46.83
N THR C 713 15.57 -33.64 -46.61
CA THR C 713 14.96 -34.67 -47.42
C THR C 713 13.81 -35.37 -46.72
N ASN C 714 13.74 -35.30 -45.40
CA ASN C 714 12.66 -35.86 -44.63
C ASN C 714 12.34 -34.91 -43.48
N PHE C 715 11.12 -35.02 -42.97
CA PHE C 715 10.61 -34.12 -41.95
C PHE C 715 10.12 -34.92 -40.76
N THR C 716 9.54 -34.22 -39.81
CA THR C 716 8.88 -34.85 -38.68
C THR C 716 7.90 -33.85 -38.09
N ILE C 717 6.79 -34.36 -37.59
CA ILE C 717 5.74 -33.53 -37.01
C ILE C 717 5.76 -33.75 -35.51
N SER C 718 5.95 -32.67 -34.77
CA SER C 718 6.02 -32.72 -33.32
C SER C 718 4.88 -31.90 -32.74
N VAL C 719 4.40 -32.35 -31.58
CA VAL C 719 3.33 -31.69 -30.85
C VAL C 719 3.89 -31.27 -29.51
N THR C 720 3.76 -29.99 -29.17
CA THR C 720 4.30 -29.43 -27.94
C THR C 720 3.17 -28.88 -27.10
N THR C 721 3.20 -29.17 -25.81
CA THR C 721 2.17 -28.72 -24.88
C THR C 721 2.56 -27.34 -24.35
N GLU C 722 1.80 -26.33 -24.71
CA GLU C 722 1.96 -24.97 -24.21
C GLU C 722 0.82 -24.67 -23.26
N ILE C 723 1.13 -24.30 -22.02
CA ILE C 723 0.15 -24.19 -20.95
C ILE C 723 0.09 -22.75 -20.51
N LEU C 724 -1.12 -22.18 -20.48
CA LEU C 724 -1.32 -20.78 -20.12
C LEU C 724 -2.47 -20.67 -19.13
N PRO C 725 -2.28 -20.02 -17.98
CA PRO C 725 -3.41 -19.73 -17.11
C PRO C 725 -4.35 -18.73 -17.76
N VAL C 726 -5.65 -18.89 -17.50
CA VAL C 726 -6.66 -17.95 -17.98
C VAL C 726 -7.39 -17.27 -16.83
N SER C 727 -7.64 -17.99 -15.74
CA SER C 727 -8.40 -17.45 -14.63
C SER C 727 -7.83 -17.98 -13.32
N MET C 728 -8.14 -17.25 -12.24
CA MET C 728 -7.79 -17.65 -10.88
C MET C 728 -9.07 -17.93 -10.10
N THR C 729 -8.90 -18.34 -8.85
CA THR C 729 -10.04 -18.58 -7.99
C THR C 729 -10.74 -17.26 -7.66
N LYS C 730 -12.04 -17.22 -7.89
CA LYS C 730 -12.83 -16.00 -7.70
C LYS C 730 -13.03 -15.79 -6.20
N THR C 731 -11.97 -15.33 -5.55
CA THR C 731 -12.05 -15.11 -4.11
C THR C 731 -12.87 -13.85 -3.83
N SER C 732 -13.27 -13.69 -2.57
CA SER C 732 -13.98 -12.50 -2.13
C SER C 732 -13.84 -12.39 -0.62
N VAL C 733 -13.68 -11.17 -0.14
CA VAL C 733 -13.47 -10.92 1.29
C VAL C 733 -14.34 -9.74 1.71
N ASP C 734 -15.03 -9.89 2.84
CA ASP C 734 -15.80 -8.82 3.43
C ASP C 734 -15.11 -8.35 4.71
N CYS C 735 -14.97 -7.03 4.84
CA CYS C 735 -14.29 -6.48 6.01
C CYS C 735 -14.94 -6.95 7.29
N THR C 736 -16.23 -6.68 7.48
CA THR C 736 -16.82 -6.88 8.79
C THR C 736 -16.49 -8.27 9.32
N MET C 737 -16.77 -9.31 8.54
CA MET C 737 -16.49 -10.64 9.05
C MET C 737 -14.99 -10.91 9.16
N TYR C 738 -14.19 -10.51 8.18
CA TYR C 738 -12.78 -10.91 8.25
C TYR C 738 -12.04 -10.09 9.31
N ILE C 739 -11.92 -8.79 9.10
CA ILE C 739 -11.16 -7.94 10.02
C ILE C 739 -11.88 -7.81 11.36
N CYS C 740 -13.19 -7.63 11.34
CA CYS C 740 -13.94 -7.08 12.46
C CYS C 740 -15.19 -7.91 12.73
N GLY C 741 -15.01 -9.23 12.76
CA GLY C 741 -16.15 -10.14 12.76
C GLY C 741 -17.05 -9.98 13.97
N ASP C 742 -18.35 -10.22 13.73
CA ASP C 742 -19.43 -10.40 14.70
C ASP C 742 -19.32 -9.55 15.95
N SER C 743 -18.92 -8.28 15.78
CA SER C 743 -18.82 -7.35 16.92
C SER C 743 -19.20 -5.97 16.41
N THR C 744 -20.44 -5.54 16.73
CA THR C 744 -20.83 -4.16 16.42
C THR C 744 -19.96 -3.15 17.15
N GLU C 745 -19.42 -3.53 18.31
CA GLU C 745 -18.55 -2.65 19.07
C GLU C 745 -17.31 -2.27 18.26
N CYS C 746 -16.91 -3.14 17.33
CA CYS C 746 -15.90 -2.84 16.35
C CYS C 746 -16.44 -2.39 15.00
N SER C 747 -17.67 -2.78 14.65
CA SER C 747 -18.24 -2.34 13.38
C SER C 747 -18.42 -0.83 13.36
N ASN C 748 -18.73 -0.26 14.53
CA ASN C 748 -18.81 1.20 14.65
C ASN C 748 -17.49 1.86 14.31
N LEU C 749 -16.39 1.32 14.84
CA LEU C 749 -15.07 1.91 14.55
C LEU C 749 -14.69 1.72 13.10
N LEU C 750 -14.96 0.54 12.54
CA LEU C 750 -14.68 0.32 11.13
C LEU C 750 -15.48 1.26 10.25
N LEU C 751 -16.69 1.62 10.67
CA LEU C 751 -17.54 2.49 9.86
C LEU C 751 -16.96 3.89 9.68
N GLN C 752 -16.05 4.32 10.57
CA GLN C 752 -15.50 5.67 10.48
C GLN C 752 -14.11 5.71 9.86
N TYR C 753 -13.71 4.65 9.15
CA TYR C 753 -12.55 4.70 8.28
C TYR C 753 -12.92 4.93 6.83
N GLY C 754 -14.05 5.59 6.58
CA GLY C 754 -14.41 5.95 5.22
C GLY C 754 -14.82 4.73 4.40
N SER C 755 -14.58 4.84 3.10
CA SER C 755 -15.07 3.86 2.13
C SER C 755 -14.03 2.80 1.78
N PHE C 756 -13.12 2.50 2.71
CA PHE C 756 -12.16 1.43 2.48
C PHE C 756 -12.86 0.13 2.12
N CYS C 757 -13.94 -0.17 2.81
CA CYS C 757 -14.61 -1.45 2.73
C CYS C 757 -15.74 -1.51 1.70
N THR C 758 -16.03 -0.40 1.04
CA THR C 758 -16.67 -0.53 -0.26
C THR C 758 -15.64 -0.58 -1.38
N GLN C 759 -14.48 0.06 -1.19
CA GLN C 759 -13.45 0.05 -2.21
C GLN C 759 -12.86 -1.34 -2.39
N LEU C 760 -12.54 -2.01 -1.28
CA LEU C 760 -11.97 -3.35 -1.37
C LEU C 760 -12.96 -4.35 -1.95
N ASN C 761 -14.21 -4.27 -1.51
CA ASN C 761 -15.23 -5.17 -2.05
C ASN C 761 -15.42 -4.93 -3.54
N ARG C 762 -15.40 -3.65 -3.97
CA ARG C 762 -15.51 -3.35 -5.39
C ARG C 762 -14.31 -3.91 -6.15
N ALA C 763 -13.11 -3.82 -5.58
CA ALA C 763 -11.93 -4.35 -6.24
C ALA C 763 -12.03 -5.86 -6.41
N LEU C 764 -12.43 -6.57 -5.36
CA LEU C 764 -12.54 -8.02 -5.46
C LEU C 764 -13.63 -8.44 -6.44
N THR C 765 -14.78 -7.77 -6.43
CA THR C 765 -15.82 -8.10 -7.41
C THR C 765 -15.36 -7.78 -8.82
N GLY C 766 -14.59 -6.71 -9.01
CA GLY C 766 -14.00 -6.44 -10.30
C GLY C 766 -13.06 -7.54 -10.75
N ILE C 767 -12.24 -8.05 -9.82
CA ILE C 767 -11.35 -9.15 -10.16
C ILE C 767 -12.16 -10.38 -10.57
N ALA C 768 -13.24 -10.67 -9.83
CA ALA C 768 -14.04 -11.85 -10.12
C ALA C 768 -14.70 -11.75 -11.49
N VAL C 769 -15.38 -10.63 -11.76
CA VAL C 769 -16.01 -10.47 -13.07
C VAL C 769 -14.95 -10.42 -14.17
N GLU C 770 -13.74 -9.95 -13.85
CA GLU C 770 -12.66 -9.98 -14.82
C GLU C 770 -12.23 -11.40 -15.13
N GLN C 771 -12.20 -12.27 -14.12
CA GLN C 771 -11.90 -13.68 -14.37
C GLN C 771 -12.96 -14.33 -15.24
N ASP C 772 -14.24 -14.04 -14.96
CA ASP C 772 -15.30 -14.55 -15.80
C ASP C 772 -15.17 -14.05 -17.23
N LYS C 773 -14.85 -12.77 -17.40
CA LYS C 773 -14.62 -12.23 -18.74
C LYS C 773 -13.42 -12.89 -19.40
N ASN C 774 -12.39 -13.19 -18.63
CA ASN C 774 -11.22 -13.89 -19.17
C ASN C 774 -11.64 -15.24 -19.75
N THR C 775 -12.37 -16.04 -18.97
CA THR C 775 -12.80 -17.35 -19.45
C THR C 775 -13.67 -17.21 -20.70
N GLN C 776 -14.63 -16.29 -20.68
CA GLN C 776 -15.52 -16.13 -21.83
C GLN C 776 -14.76 -15.68 -23.06
N GLU C 777 -13.84 -14.74 -22.91
CA GLU C 777 -13.09 -14.22 -24.04
C GLU C 777 -12.14 -15.26 -24.60
N VAL C 778 -11.50 -16.05 -23.73
CA VAL C 778 -10.54 -17.03 -24.23
C VAL C 778 -11.25 -18.20 -24.89
N PHE C 779 -12.37 -18.67 -24.34
CA PHE C 779 -13.00 -19.88 -24.84
C PHE C 779 -14.12 -19.59 -25.83
N ALA C 780 -15.11 -18.78 -25.44
CA ALA C 780 -16.30 -18.58 -26.25
C ALA C 780 -15.99 -17.70 -27.46
N GLN C 781 -15.20 -18.21 -28.39
CA GLN C 781 -14.91 -17.51 -29.64
C GLN C 781 -15.70 -18.08 -30.81
N VAL C 782 -16.62 -19.01 -30.55
CA VAL C 782 -17.53 -19.54 -31.55
C VAL C 782 -18.95 -19.42 -31.01
N LYS C 783 -19.85 -18.84 -31.79
CA LYS C 783 -21.23 -18.70 -31.36
C LYS C 783 -22.01 -20.01 -31.51
N GLN C 784 -21.62 -20.86 -32.46
CA GLN C 784 -22.27 -22.12 -32.73
C GLN C 784 -21.41 -23.27 -32.21
N ILE C 785 -22.01 -24.16 -31.43
CA ILE C 785 -21.28 -25.32 -30.93
C ILE C 785 -21.31 -26.41 -32.00
N TYR C 786 -20.15 -26.82 -32.46
CA TYR C 786 -20.11 -27.79 -33.52
C TYR C 786 -19.99 -29.19 -32.89
N LYS C 787 -20.30 -30.20 -33.69
CA LYS C 787 -20.21 -31.58 -33.20
C LYS C 787 -19.57 -32.43 -34.27
N THR C 788 -18.56 -33.20 -33.87
CA THR C 788 -17.85 -34.05 -34.80
C THR C 788 -18.78 -35.13 -35.34
N PRO C 789 -18.58 -35.55 -36.59
CA PRO C 789 -19.41 -36.61 -37.14
C PRO C 789 -19.21 -37.91 -36.36
N PRO C 790 -20.23 -38.75 -36.32
CA PRO C 790 -20.11 -39.99 -35.52
C PRO C 790 -18.99 -40.90 -35.98
N ILE C 791 -18.70 -40.92 -37.27
CA ILE C 791 -17.68 -41.80 -37.84
C ILE C 791 -16.40 -41.00 -37.97
N LYS C 792 -15.33 -41.46 -37.31
CA LYS C 792 -14.05 -40.78 -37.31
C LYS C 792 -13.19 -41.24 -38.48
N ASP C 793 -13.67 -40.93 -39.68
CA ASP C 793 -12.97 -41.27 -40.91
C ASP C 793 -12.16 -40.07 -41.40
N PHE C 794 -11.18 -39.68 -40.58
CA PHE C 794 -10.32 -38.54 -40.88
C PHE C 794 -9.02 -38.98 -41.56
N GLY C 795 -9.18 -39.65 -42.70
CA GLY C 795 -8.07 -40.02 -43.56
C GLY C 795 -6.93 -40.78 -42.90
N GLY C 796 -7.12 -41.20 -41.64
CA GLY C 796 -6.10 -41.91 -40.90
C GLY C 796 -5.55 -41.17 -39.70
N PHE C 797 -6.20 -40.09 -39.27
CA PHE C 797 -5.75 -39.28 -38.15
C PHE C 797 -6.59 -39.67 -36.94
N ASN C 798 -5.99 -40.40 -36.00
CA ASN C 798 -6.72 -40.91 -34.84
C ASN C 798 -6.90 -39.75 -33.86
N PHE C 799 -8.08 -39.13 -33.91
CA PHE C 799 -8.41 -38.00 -33.06
C PHE C 799 -9.05 -38.41 -31.74
N SER C 800 -9.15 -39.70 -31.46
CA SER C 800 -9.89 -40.18 -30.30
C SER C 800 -9.31 -39.65 -29.01
N GLN C 801 -8.07 -39.17 -29.04
CA GLN C 801 -7.40 -38.67 -27.84
C GLN C 801 -7.88 -37.28 -27.44
N ILE C 802 -8.30 -36.45 -28.39
CA ILE C 802 -8.66 -35.08 -28.07
C ILE C 802 -10.17 -34.84 -28.12
N LEU C 803 -10.91 -35.64 -28.88
CA LEU C 803 -12.36 -35.52 -28.88
C LEU C 803 -12.93 -36.03 -27.56
N PRO C 804 -14.08 -35.52 -27.13
CA PRO C 804 -14.65 -35.96 -25.86
C PRO C 804 -15.00 -37.44 -25.89
N ASP C 805 -14.94 -38.06 -24.73
CA ASP C 805 -15.18 -39.49 -24.61
C ASP C 805 -16.60 -39.73 -24.14
N PRO C 806 -17.48 -40.25 -24.99
CA PRO C 806 -18.87 -40.48 -24.55
C PRO C 806 -19.00 -41.49 -23.43
N SER C 807 -18.04 -42.43 -23.30
CA SER C 807 -18.17 -43.47 -22.30
C SER C 807 -17.99 -42.95 -20.88
N LYS C 808 -17.56 -41.70 -20.72
CA LYS C 808 -17.31 -41.08 -19.43
C LYS C 808 -18.51 -40.21 -19.03
N PRO C 809 -18.93 -40.24 -17.77
CA PRO C 809 -20.05 -39.38 -17.36
C PRO C 809 -19.80 -37.90 -17.61
N SER C 810 -18.57 -37.44 -17.41
CA SER C 810 -18.15 -36.10 -17.80
C SER C 810 -17.46 -36.19 -19.15
N LYS C 811 -18.09 -35.62 -20.18
CA LYS C 811 -17.62 -35.79 -21.55
C LYS C 811 -16.34 -35.01 -21.77
N ARG C 812 -15.27 -35.42 -21.10
CA ARG C 812 -13.97 -34.80 -21.21
C ARG C 812 -13.00 -35.74 -21.89
N SER C 813 -12.17 -35.19 -22.77
CA SER C 813 -11.23 -36.00 -23.53
C SER C 813 -10.18 -36.60 -22.59
N PRO C 814 -9.54 -37.69 -23.00
CA PRO C 814 -8.53 -38.32 -22.13
C PRO C 814 -7.41 -37.37 -21.71
N ILE C 815 -6.95 -36.52 -22.64
CA ILE C 815 -5.84 -35.62 -22.33
C ILE C 815 -6.23 -34.64 -21.23
N GLU C 816 -7.40 -34.02 -21.38
CA GLU C 816 -7.83 -33.06 -20.37
C GLU C 816 -8.27 -33.74 -19.07
N ASP C 817 -8.71 -35.00 -19.13
CA ASP C 817 -8.94 -35.73 -17.90
C ASP C 817 -7.64 -35.96 -17.15
N LEU C 818 -6.58 -36.33 -17.87
CA LEU C 818 -5.26 -36.44 -17.25
C LEU C 818 -4.82 -35.11 -16.67
N LEU C 819 -5.06 -34.01 -17.40
CA LEU C 819 -4.69 -32.70 -16.88
C LEU C 819 -5.44 -32.40 -15.59
N PHE C 820 -6.73 -32.69 -15.55
CA PHE C 820 -7.52 -32.47 -14.34
C PHE C 820 -6.99 -33.30 -13.18
N ASN C 821 -6.64 -34.56 -13.43
CA ASN C 821 -6.07 -35.39 -12.38
C ASN C 821 -4.73 -34.86 -11.91
N LYS C 822 -3.89 -34.39 -12.83
CA LYS C 822 -2.58 -33.86 -12.45
C LYS C 822 -2.71 -32.60 -11.59
N VAL C 823 -3.62 -31.71 -11.94
CA VAL C 823 -3.80 -30.48 -11.17
C VAL C 823 -4.51 -30.82 -9.86
N THR C 824 -3.91 -30.42 -8.75
CA THR C 824 -4.47 -30.64 -7.42
C THR C 824 -4.81 -29.30 -6.80
N LEU C 825 -6.08 -29.13 -6.42
CA LEU C 825 -6.52 -27.87 -5.83
C LEU C 825 -6.28 -27.86 -4.32
N GLN C 850 -12.14 -26.40 4.23
CA GLN C 850 -11.55 -25.17 4.75
C GLN C 850 -12.63 -24.12 5.01
N LYS C 851 -13.12 -24.08 6.24
CA LYS C 851 -14.12 -23.10 6.66
C LYS C 851 -13.42 -21.92 7.32
N PHE C 852 -13.69 -20.72 6.80
CA PHE C 852 -13.09 -19.50 7.32
C PHE C 852 -14.19 -18.52 7.73
N ASN C 853 -13.77 -17.32 8.12
CA ASN C 853 -14.68 -16.24 8.52
C ASN C 853 -14.68 -15.16 7.45
N GLY C 854 -15.70 -15.18 6.58
CA GLY C 854 -15.85 -14.15 5.57
C GLY C 854 -15.25 -14.50 4.22
N LEU C 855 -14.17 -15.27 4.22
CA LEU C 855 -13.39 -15.55 3.02
C LEU C 855 -14.17 -16.50 2.12
N THR C 856 -14.90 -15.94 1.15
CA THR C 856 -15.75 -16.73 0.28
C THR C 856 -15.03 -17.00 -1.04
N VAL C 857 -15.39 -18.11 -1.68
CA VAL C 857 -14.86 -18.48 -2.99
C VAL C 857 -16.05 -18.62 -3.92
N LEU C 858 -16.33 -17.59 -4.71
CA LEU C 858 -17.42 -17.65 -5.66
C LEU C 858 -17.09 -18.66 -6.76
N PRO C 859 -18.07 -19.44 -7.21
CA PRO C 859 -17.79 -20.41 -8.27
C PRO C 859 -17.64 -19.70 -9.60
N PRO C 860 -16.92 -20.28 -10.55
CA PRO C 860 -16.79 -19.65 -11.86
C PRO C 860 -18.12 -19.67 -12.59
N LEU C 861 -18.30 -18.69 -13.48
CA LEU C 861 -19.50 -18.64 -14.29
C LEU C 861 -19.63 -19.85 -15.18
N LEU C 862 -18.60 -20.14 -15.98
CA LEU C 862 -18.59 -21.32 -16.82
C LEU C 862 -18.29 -22.55 -15.98
N THR C 863 -19.10 -23.60 -16.12
CA THR C 863 -18.76 -24.84 -15.43
C THR C 863 -17.66 -25.58 -16.18
N ASP C 864 -17.09 -26.58 -15.51
CA ASP C 864 -16.06 -27.39 -16.14
C ASP C 864 -16.59 -28.12 -17.36
N GLU C 865 -17.78 -28.71 -17.27
CA GLU C 865 -18.37 -29.34 -18.44
C GLU C 865 -18.68 -28.32 -19.53
N MET C 866 -19.06 -27.10 -19.16
CA MET C 866 -19.36 -26.08 -20.17
C MET C 866 -18.10 -25.70 -20.93
N ILE C 867 -17.00 -25.46 -20.21
CA ILE C 867 -15.74 -25.16 -20.87
C ILE C 867 -15.30 -26.34 -21.72
N ALA C 868 -15.49 -27.56 -21.22
CA ALA C 868 -15.16 -28.74 -22.01
C ALA C 868 -15.99 -28.79 -23.29
N GLN C 869 -17.25 -28.38 -23.21
CA GLN C 869 -18.11 -28.33 -24.39
C GLN C 869 -17.62 -27.27 -25.37
N TYR C 870 -17.20 -26.10 -24.87
CA TYR C 870 -16.60 -25.10 -25.76
C TYR C 870 -15.39 -25.66 -26.49
N THR C 871 -14.50 -26.32 -25.75
CA THR C 871 -13.32 -26.87 -26.38
C THR C 871 -13.70 -27.95 -27.40
N SER C 872 -14.67 -28.80 -27.06
CA SER C 872 -15.12 -29.81 -28.00
C SER C 872 -15.68 -29.17 -29.27
N ALA C 873 -16.42 -28.06 -29.11
CA ALA C 873 -16.91 -27.33 -30.27
C ALA C 873 -15.76 -26.82 -31.11
N LEU C 874 -14.73 -26.28 -30.48
CA LEU C 874 -13.59 -25.76 -31.22
C LEU C 874 -12.89 -26.86 -32.00
N LEU C 875 -12.67 -28.01 -31.34
CA LEU C 875 -12.03 -29.12 -32.05
C LEU C 875 -12.89 -29.63 -33.19
N ALA C 876 -14.20 -29.77 -32.97
CA ALA C 876 -15.06 -30.23 -34.04
C ALA C 876 -15.03 -29.26 -35.21
N GLY C 877 -15.08 -27.96 -34.92
CA GLY C 877 -15.04 -26.97 -35.99
C GLY C 877 -13.75 -27.01 -36.76
N THR C 878 -12.61 -27.04 -36.06
CA THR C 878 -11.35 -27.02 -36.78
C THR C 878 -11.15 -28.29 -37.58
N ILE C 879 -11.51 -29.46 -37.01
CA ILE C 879 -11.32 -30.72 -37.72
C ILE C 879 -12.21 -30.79 -38.95
N THR C 880 -13.48 -30.40 -38.82
CA THR C 880 -14.42 -30.58 -39.90
C THR C 880 -14.35 -29.47 -40.96
N SER C 881 -14.02 -28.23 -40.57
CA SER C 881 -14.14 -27.11 -41.48
C SER C 881 -12.85 -26.29 -41.57
N GLY C 882 -11.72 -26.83 -41.10
CA GLY C 882 -10.48 -26.07 -41.23
C GLY C 882 -10.47 -24.83 -40.38
N TRP C 883 -10.29 -23.69 -41.03
CA TRP C 883 -10.15 -22.41 -40.34
C TRP C 883 -11.26 -21.43 -40.70
N THR C 884 -12.15 -21.79 -41.62
CA THR C 884 -13.19 -20.88 -42.07
C THR C 884 -14.17 -20.54 -40.94
N PHE C 885 -14.45 -21.50 -40.06
CA PHE C 885 -15.42 -21.28 -39.00
C PHE C 885 -14.99 -20.15 -38.06
N GLY C 886 -13.71 -19.80 -38.04
CA GLY C 886 -13.29 -18.64 -37.29
C GLY C 886 -13.61 -17.33 -37.97
N ALA C 887 -13.85 -17.36 -39.29
CA ALA C 887 -14.21 -16.18 -40.05
C ALA C 887 -15.72 -16.04 -40.19
N GLY C 888 -16.36 -17.03 -40.81
CA GLY C 888 -17.79 -16.94 -41.07
C GLY C 888 -18.50 -18.27 -40.89
N PRO C 889 -19.28 -18.66 -41.89
CA PRO C 889 -19.94 -19.96 -41.85
C PRO C 889 -18.95 -21.09 -42.01
N ALA C 890 -19.12 -22.14 -41.21
CA ALA C 890 -18.21 -23.27 -41.22
C ALA C 890 -18.31 -23.99 -42.56
N LEU C 891 -17.23 -23.93 -43.33
CA LEU C 891 -17.13 -24.58 -44.64
C LEU C 891 -16.43 -25.92 -44.48
N GLN C 892 -17.17 -27.00 -44.63
CA GLN C 892 -16.64 -28.33 -44.36
C GLN C 892 -15.55 -28.70 -45.37
N ILE C 893 -14.52 -29.36 -44.86
CA ILE C 893 -13.31 -29.70 -45.62
C ILE C 893 -12.81 -31.05 -45.13
N PRO C 894 -12.50 -31.99 -46.02
CA PRO C 894 -11.87 -33.23 -45.58
C PRO C 894 -10.52 -32.94 -44.94
N PHE C 895 -10.20 -33.67 -43.89
CA PHE C 895 -8.96 -33.40 -43.18
C PHE C 895 -7.71 -33.56 -44.04
N PRO C 896 -7.60 -34.54 -44.95
CA PRO C 896 -6.44 -34.54 -45.85
C PRO C 896 -6.29 -33.26 -46.65
N MET C 897 -7.39 -32.71 -47.19
CA MET C 897 -7.27 -31.46 -47.93
C MET C 897 -6.93 -30.30 -47.01
N GLN C 898 -7.48 -30.29 -45.79
CA GLN C 898 -7.14 -29.22 -44.87
C GLN C 898 -5.66 -29.23 -44.52
N MET C 899 -5.10 -30.42 -44.27
CA MET C 899 -3.67 -30.54 -44.05
C MET C 899 -2.87 -30.14 -45.28
N ALA C 900 -3.37 -30.48 -46.47
CA ALA C 900 -2.67 -30.07 -47.68
C ALA C 900 -2.59 -28.56 -47.78
N TYR C 901 -3.69 -27.87 -47.47
CA TYR C 901 -3.66 -26.42 -47.44
C TYR C 901 -2.68 -25.91 -46.40
N ARG C 902 -2.70 -26.52 -45.20
CA ARG C 902 -1.85 -26.00 -44.13
C ARG C 902 -0.37 -26.20 -44.44
N PHE C 903 -0.03 -27.26 -45.18
CA PHE C 903 1.32 -27.34 -45.74
C PHE C 903 1.54 -26.26 -46.78
N ASN C 904 0.57 -26.03 -47.65
CA ASN C 904 0.71 -25.00 -48.68
C ASN C 904 0.91 -23.61 -48.09
N GLY C 905 0.51 -23.41 -46.83
CA GLY C 905 0.78 -22.19 -46.11
C GLY C 905 2.12 -22.14 -45.41
N ILE C 906 2.94 -23.18 -45.59
CA ILE C 906 4.29 -23.22 -45.02
C ILE C 906 5.36 -23.04 -46.09
N GLY C 907 4.98 -22.99 -47.36
CA GLY C 907 5.94 -22.97 -48.44
C GLY C 907 6.37 -24.34 -48.91
N VAL C 908 5.78 -25.40 -48.38
CA VAL C 908 5.99 -26.76 -48.85
C VAL C 908 4.74 -27.20 -49.59
N THR C 909 4.93 -27.73 -50.79
CA THR C 909 3.80 -28.06 -51.65
C THR C 909 2.98 -29.20 -51.05
N GLN C 910 1.69 -29.22 -51.39
CA GLN C 910 0.77 -30.20 -50.85
C GLN C 910 1.07 -31.62 -51.32
N ASN C 911 1.82 -31.77 -52.41
CA ASN C 911 2.17 -33.10 -52.88
C ASN C 911 2.91 -33.89 -51.82
N VAL C 912 3.69 -33.20 -50.98
CA VAL C 912 4.37 -33.87 -49.88
C VAL C 912 3.36 -34.59 -49.00
N LEU C 913 2.29 -33.89 -48.59
CA LEU C 913 1.23 -34.53 -47.83
C LEU C 913 0.62 -35.69 -48.61
N TYR C 914 0.21 -35.42 -49.86
CA TYR C 914 -0.63 -36.38 -50.56
C TYR C 914 0.11 -37.67 -50.87
N GLU C 915 1.43 -37.62 -51.08
CA GLU C 915 2.20 -38.84 -51.27
C GLU C 915 2.98 -39.25 -50.03
N ASN C 916 2.75 -38.59 -48.89
CA ASN C 916 3.28 -39.05 -47.61
C ASN C 916 2.19 -39.19 -46.57
N GLN C 917 0.94 -39.40 -47.01
CA GLN C 917 -0.20 -39.32 -46.10
C GLN C 917 -0.11 -40.35 -44.98
N LYS C 918 0.26 -41.58 -45.32
CA LYS C 918 0.28 -42.64 -44.31
C LYS C 918 1.34 -42.35 -43.23
N LEU C 919 2.55 -42.00 -43.67
CA LEU C 919 3.61 -41.70 -42.71
C LEU C 919 3.25 -40.49 -41.86
N ILE C 920 2.68 -39.45 -42.47
CA ILE C 920 2.29 -38.27 -41.71
C ILE C 920 1.22 -38.61 -40.67
N ALA C 921 0.22 -39.41 -41.06
CA ALA C 921 -0.80 -39.81 -40.10
C ALA C 921 -0.20 -40.60 -38.95
N ASN C 922 0.70 -41.53 -39.27
CA ASN C 922 1.31 -42.36 -38.23
C ASN C 922 2.15 -41.50 -37.29
N GLN C 923 2.93 -40.57 -37.84
CA GLN C 923 3.75 -39.69 -37.00
C GLN C 923 2.87 -38.82 -36.11
N PHE C 924 1.76 -38.30 -36.65
CA PHE C 924 0.89 -37.47 -35.84
C PHE C 924 0.26 -38.27 -34.70
N ASN C 925 -0.18 -39.50 -34.99
CA ASN C 925 -0.74 -40.34 -33.93
C ASN C 925 0.31 -40.67 -32.89
N SER C 926 1.53 -40.99 -33.33
CA SER C 926 2.61 -41.28 -32.40
C SER C 926 2.93 -40.08 -31.52
N ALA C 927 2.94 -38.88 -32.11
CA ALA C 927 3.19 -37.68 -31.33
C ALA C 927 2.09 -37.48 -30.30
N ILE C 928 0.83 -37.71 -30.68
CA ILE C 928 -0.28 -37.57 -29.74
C ILE C 928 -0.09 -38.54 -28.56
N GLY C 929 0.26 -39.78 -28.87
CA GLY C 929 0.50 -40.74 -27.81
C GLY C 929 1.66 -40.31 -26.92
N LYS C 930 2.71 -39.77 -27.52
CA LYS C 930 3.82 -39.27 -26.72
C LYS C 930 3.36 -38.14 -25.83
N ILE C 931 2.38 -37.35 -26.29
CA ILE C 931 1.81 -36.29 -25.47
C ILE C 931 1.21 -36.89 -24.21
N GLN C 932 0.37 -37.91 -24.38
CA GLN C 932 -0.24 -38.49 -23.19
C GLN C 932 0.78 -39.19 -22.30
N ASP C 933 1.80 -39.80 -22.89
CA ASP C 933 2.84 -40.44 -22.09
C ASP C 933 3.60 -39.42 -21.25
N SER C 934 3.99 -38.30 -21.88
CA SER C 934 4.71 -37.27 -21.14
C SER C 934 3.85 -36.65 -20.07
N LEU C 935 2.58 -36.36 -20.38
CA LEU C 935 1.70 -35.77 -19.38
C LEU C 935 1.49 -36.70 -18.19
N SER C 936 1.32 -37.99 -18.45
CA SER C 936 1.08 -38.93 -17.36
C SER C 936 2.35 -39.18 -16.54
N SER C 937 3.50 -39.27 -17.19
CA SER C 937 4.73 -39.67 -16.52
C SER C 937 5.48 -38.51 -15.87
N THR C 938 5.70 -37.43 -16.59
CA THR C 938 6.55 -36.35 -16.10
C THR C 938 5.80 -35.51 -15.08
N PRO C 939 6.29 -35.42 -13.84
CA PRO C 939 5.70 -34.51 -12.88
C PRO C 939 6.01 -33.06 -13.21
N SER C 940 5.19 -32.16 -12.66
CA SER C 940 5.33 -30.72 -12.85
C SER C 940 5.21 -30.30 -14.31
N ALA C 941 4.58 -31.14 -15.14
CA ALA C 941 4.27 -30.73 -16.50
C ALA C 941 3.26 -29.60 -16.53
N LEU C 942 2.33 -29.58 -15.57
CA LEU C 942 1.37 -28.49 -15.40
C LEU C 942 1.82 -27.52 -14.33
N GLY C 943 3.12 -27.27 -14.26
CA GLY C 943 3.63 -26.31 -13.30
C GLY C 943 3.12 -24.91 -13.53
N LYS C 944 2.90 -24.52 -14.78
CA LYS C 944 2.44 -23.17 -15.05
C LYS C 944 1.08 -22.88 -14.41
N LEU C 945 0.29 -23.92 -14.14
CA LEU C 945 -0.99 -23.79 -13.46
C LEU C 945 -0.87 -24.07 -11.98
N GLN C 946 -0.09 -25.09 -11.61
CA GLN C 946 0.09 -25.38 -10.19
C GLN C 946 0.70 -24.20 -9.46
N ASP C 947 1.57 -23.42 -10.12
CA ASP C 947 2.18 -22.29 -9.45
C ASP C 947 1.15 -21.21 -9.14
N VAL C 948 0.27 -20.89 -10.08
CA VAL C 948 -0.71 -19.85 -9.80
C VAL C 948 -1.72 -20.34 -8.76
N VAL C 949 -2.12 -21.62 -8.84
CA VAL C 949 -3.04 -22.15 -7.85
C VAL C 949 -2.41 -22.11 -6.45
N ASN C 950 -1.14 -22.52 -6.36
CA ASN C 950 -0.45 -22.50 -5.08
C ASN C 950 -0.26 -21.08 -4.58
N GLN C 951 0.04 -20.14 -5.47
CA GLN C 951 0.19 -18.75 -5.04
C GLN C 951 -1.12 -18.20 -4.48
N ASN C 952 -2.24 -18.48 -5.15
CA ASN C 952 -3.52 -18.01 -4.63
C ASN C 952 -3.84 -18.63 -3.28
N ALA C 953 -3.69 -19.96 -3.18
CA ALA C 953 -4.00 -20.63 -1.93
C ALA C 953 -3.09 -20.17 -0.80
N GLN C 954 -1.81 -19.97 -1.09
CA GLN C 954 -0.85 -19.58 -0.07
C GLN C 954 -1.06 -18.13 0.35
N ALA C 955 -1.43 -17.26 -0.59
CA ALA C 955 -1.78 -15.90 -0.22
C ALA C 955 -3.00 -15.89 0.69
N LEU C 956 -4.00 -16.71 0.36
CA LEU C 956 -5.18 -16.83 1.23
C LEU C 956 -4.78 -17.34 2.60
N ASN C 957 -3.88 -18.33 2.64
CA ASN C 957 -3.43 -18.89 3.92
C ASN C 957 -2.72 -17.84 4.77
N THR C 958 -1.85 -17.06 4.16
CA THR C 958 -1.17 -15.98 4.88
C THR C 958 -2.18 -14.96 5.38
N LEU C 959 -3.18 -14.64 4.55
CA LEU C 959 -4.22 -13.72 4.95
C LEU C 959 -4.95 -14.22 6.18
N VAL C 960 -5.25 -15.52 6.22
CA VAL C 960 -5.89 -16.12 7.39
C VAL C 960 -4.95 -16.05 8.59
N LYS C 961 -3.67 -16.38 8.38
CA LYS C 961 -2.72 -16.45 9.47
C LYS C 961 -2.52 -15.09 10.11
N GLN C 962 -2.68 -14.01 9.34
CA GLN C 962 -2.56 -12.67 9.91
C GLN C 962 -3.50 -12.47 11.09
N LEU C 963 -4.65 -13.16 11.11
CA LEU C 963 -5.56 -13.05 12.24
C LEU C 963 -4.89 -13.47 13.55
N SER C 964 -3.96 -14.42 13.47
CA SER C 964 -3.31 -14.94 14.68
C SER C 964 -2.36 -13.92 15.29
N SER C 965 -1.94 -12.92 14.52
CA SER C 965 -1.02 -11.91 15.01
C SER C 965 -1.79 -10.75 15.64
N ASN C 966 -1.28 -10.25 16.77
CA ASN C 966 -1.99 -9.28 17.57
C ASN C 966 -1.68 -7.84 17.19
N PHE C 967 -0.80 -7.62 16.21
CA PHE C 967 -0.45 -6.29 15.71
C PHE C 967 -0.15 -5.31 16.84
N GLY C 968 0.48 -5.80 17.90
CA GLY C 968 0.90 -4.92 18.98
C GLY C 968 -0.10 -4.74 20.10
N ALA C 969 -1.30 -5.31 20.00
CA ALA C 969 -2.28 -5.20 21.06
C ALA C 969 -2.27 -6.45 21.92
N ILE C 970 -2.99 -6.39 23.04
CA ILE C 970 -2.89 -7.41 24.07
C ILE C 970 -3.43 -8.77 23.64
N SER C 971 -4.17 -8.83 22.53
CA SER C 971 -4.69 -10.09 22.05
C SER C 971 -5.03 -9.95 20.57
N SER C 972 -5.02 -11.09 19.89
CA SER C 972 -5.36 -11.14 18.47
C SER C 972 -6.79 -11.58 18.22
N VAL C 973 -7.59 -11.79 19.26
CA VAL C 973 -8.99 -12.15 19.13
C VAL C 973 -9.85 -11.03 19.70
N LEU C 974 -10.85 -10.62 18.94
CA LEU C 974 -11.67 -9.47 19.33
C LEU C 974 -12.52 -9.79 20.56
N ASN C 975 -12.96 -11.03 20.69
CA ASN C 975 -13.88 -11.36 21.77
C ASN C 975 -13.20 -11.25 23.13
N ASP C 976 -11.90 -11.56 23.21
CA ASP C 976 -11.20 -11.40 24.48
C ASP C 976 -11.15 -9.93 24.90
N ILE C 977 -10.69 -9.05 24.00
CA ILE C 977 -10.55 -7.65 24.38
C ILE C 977 -11.91 -7.02 24.66
N LEU C 978 -12.94 -7.39 23.91
CA LEU C 978 -14.28 -6.89 24.26
C LEU C 978 -14.74 -7.48 25.59
N SER C 979 -14.37 -8.72 25.89
CA SER C 979 -14.87 -9.40 27.06
C SER C 979 -14.24 -8.84 28.33
N ARG C 980 -12.92 -8.62 28.32
CA ARG C 980 -12.21 -8.23 29.52
C ARG C 980 -11.77 -6.77 29.51
N LEU C 981 -12.25 -5.96 28.58
CA LEU C 981 -11.97 -4.53 28.58
C LEU C 981 -13.24 -3.76 28.26
N ASP C 982 -13.59 -2.82 29.12
CA ASP C 982 -14.71 -1.93 28.83
C ASP C 982 -14.35 -1.04 27.64
N PRO C 983 -15.35 -0.54 26.91
CA PRO C 983 -15.08 0.21 25.68
C PRO C 983 -14.15 1.41 25.85
N PRO C 984 -14.28 2.23 26.92
CA PRO C 984 -13.51 3.48 26.93
C PRO C 984 -12.01 3.31 26.81
N GLU C 985 -11.44 2.23 27.34
CA GLU C 985 -10.03 1.94 27.11
C GLU C 985 -9.80 0.72 26.22
N ALA C 986 -10.85 0.00 25.83
CA ALA C 986 -10.70 -1.01 24.79
C ALA C 986 -10.65 -0.39 23.41
N GLU C 987 -11.00 0.91 23.30
CA GLU C 987 -10.93 1.59 22.01
C GLU C 987 -9.54 1.52 21.41
N VAL C 988 -8.51 1.77 22.22
CA VAL C 988 -7.14 1.80 21.69
C VAL C 988 -6.73 0.43 21.18
N GLN C 989 -7.04 -0.64 21.93
CA GLN C 989 -6.66 -1.98 21.51
C GLN C 989 -7.38 -2.38 20.24
N ILE C 990 -8.71 -2.18 20.21
CA ILE C 990 -9.44 -2.57 19.01
C ILE C 990 -9.03 -1.70 17.83
N ASP C 991 -8.59 -0.46 18.08
CA ASP C 991 -8.09 0.38 17.00
C ASP C 991 -6.77 -0.15 16.44
N ARG C 992 -5.87 -0.59 17.32
CA ARG C 992 -4.64 -1.19 16.84
C ARG C 992 -4.94 -2.42 15.98
N LEU C 993 -5.81 -3.30 16.48
CA LEU C 993 -6.18 -4.47 15.70
C LEU C 993 -6.80 -4.09 14.36
N ILE C 994 -7.75 -3.15 14.38
CA ILE C 994 -8.48 -2.82 13.16
C ILE C 994 -7.53 -2.23 12.13
N THR C 995 -6.64 -1.32 12.54
CA THR C 995 -5.74 -0.70 11.58
C THR C 995 -4.72 -1.71 11.04
N GLY C 996 -4.16 -2.55 11.91
CA GLY C 996 -3.19 -3.52 11.44
C GLY C 996 -3.81 -4.52 10.47
N ARG C 997 -4.97 -5.06 10.84
CA ARG C 997 -5.64 -6.03 9.97
C ARG C 997 -6.12 -5.37 8.68
N LEU C 998 -6.53 -4.11 8.75
CA LEU C 998 -6.93 -3.39 7.55
C LEU C 998 -5.75 -3.20 6.62
N GLN C 999 -4.58 -2.88 7.17
CA GLN C 999 -3.38 -2.77 6.34
C GLN C 999 -3.02 -4.12 5.71
N SER C 1000 -3.18 -5.20 6.49
CA SER C 1000 -2.92 -6.52 5.92
C SER C 1000 -3.87 -6.83 4.79
N LEU C 1001 -5.15 -6.49 4.95
CA LEU C 1001 -6.12 -6.70 3.88
C LEU C 1001 -5.80 -5.83 2.67
N GLN C 1002 -5.35 -4.60 2.89
CA GLN C 1002 -4.91 -3.75 1.79
C GLN C 1002 -3.79 -4.41 1.02
N THR C 1003 -2.80 -4.94 1.73
CA THR C 1003 -1.68 -5.62 1.06
C THR C 1003 -2.17 -6.83 0.29
N TYR C 1004 -3.07 -7.63 0.88
CA TYR C 1004 -3.57 -8.80 0.19
C TYR C 1004 -4.31 -8.41 -1.09
N VAL C 1005 -5.16 -7.38 -1.00
CA VAL C 1005 -5.93 -6.96 -2.16
C VAL C 1005 -5.01 -6.42 -3.24
N THR C 1006 -3.97 -5.68 -2.84
CA THR C 1006 -3.01 -5.18 -3.83
C THR C 1006 -2.29 -6.32 -4.52
N GLN C 1007 -1.85 -7.33 -3.74
CA GLN C 1007 -1.20 -8.49 -4.34
C GLN C 1007 -2.13 -9.18 -5.33
N GLN C 1008 -3.40 -9.38 -4.93
CA GLN C 1008 -4.37 -10.00 -5.81
C GLN C 1008 -4.59 -9.18 -7.07
N LEU C 1009 -4.60 -7.86 -6.94
CA LEU C 1009 -4.82 -7.00 -8.11
C LEU C 1009 -3.64 -7.11 -9.07
N ILE C 1010 -2.41 -7.10 -8.56
CA ILE C 1010 -1.25 -7.25 -9.43
C ILE C 1010 -1.28 -8.62 -10.11
N ARG C 1011 -1.56 -9.67 -9.35
CA ARG C 1011 -1.61 -11.00 -9.93
C ARG C 1011 -2.75 -11.13 -10.94
N ALA C 1012 -3.86 -10.44 -10.70
CA ALA C 1012 -4.96 -10.44 -11.65
C ALA C 1012 -4.57 -9.73 -12.93
N ALA C 1013 -3.78 -8.66 -12.82
CA ALA C 1013 -3.26 -8.01 -14.03
C ALA C 1013 -2.35 -8.96 -14.80
N GLU C 1014 -1.48 -9.68 -14.09
CA GLU C 1014 -0.62 -10.64 -14.77
C GLU C 1014 -1.44 -11.73 -15.46
N ILE C 1015 -2.46 -12.25 -14.78
CA ILE C 1015 -3.33 -13.27 -15.37
C ILE C 1015 -4.13 -12.69 -16.52
N ARG C 1016 -4.51 -11.42 -16.44
CA ARG C 1016 -5.20 -10.78 -17.55
C ARG C 1016 -4.32 -10.72 -18.78
N ALA C 1017 -3.05 -10.35 -18.60
CA ALA C 1017 -2.12 -10.35 -19.72
C ALA C 1017 -1.96 -11.76 -20.29
N SER C 1018 -1.83 -12.75 -19.41
CA SER C 1018 -1.68 -14.13 -19.86
C SER C 1018 -2.94 -14.61 -20.58
N ALA C 1019 -4.11 -14.19 -20.13
CA ALA C 1019 -5.36 -14.58 -20.76
C ALA C 1019 -5.53 -13.92 -22.12
N ASN C 1020 -5.13 -12.66 -22.25
CA ASN C 1020 -5.13 -12.04 -23.57
C ASN C 1020 -4.17 -12.76 -24.50
N LEU C 1021 -3.00 -13.15 -23.99
CA LEU C 1021 -2.08 -13.94 -24.82
C LEU C 1021 -2.70 -15.26 -25.22
N ALA C 1022 -3.41 -15.92 -24.29
CA ALA C 1022 -4.06 -17.19 -24.60
C ALA C 1022 -5.15 -17.01 -25.65
N ALA C 1023 -5.93 -15.94 -25.53
CA ALA C 1023 -7.00 -15.68 -26.51
C ALA C 1023 -6.41 -15.40 -27.88
N THR C 1024 -5.33 -14.60 -27.93
CA THR C 1024 -4.67 -14.33 -29.20
C THR C 1024 -4.12 -15.60 -29.80
N LYS C 1025 -3.51 -16.45 -28.96
CA LYS C 1025 -2.98 -17.72 -29.45
C LYS C 1025 -4.10 -18.60 -29.98
N MET C 1026 -5.24 -18.62 -29.29
CA MET C 1026 -6.37 -19.40 -29.79
C MET C 1026 -6.83 -18.90 -31.14
N SER C 1027 -7.04 -17.59 -31.25
CA SER C 1027 -7.59 -17.01 -32.47
C SER C 1027 -6.60 -17.05 -33.62
N GLU C 1028 -5.30 -17.21 -33.34
CA GLU C 1028 -4.31 -17.20 -34.41
C GLU C 1028 -3.71 -18.56 -34.72
N CYS C 1029 -3.83 -19.53 -33.82
CA CYS C 1029 -3.28 -20.87 -34.02
C CYS C 1029 -4.37 -21.93 -34.15
N VAL C 1030 -5.48 -21.79 -33.43
CA VAL C 1030 -6.57 -22.74 -33.51
C VAL C 1030 -7.54 -22.36 -34.61
N LEU C 1031 -8.05 -21.13 -34.57
CA LEU C 1031 -9.04 -20.67 -35.53
C LEU C 1031 -8.43 -20.46 -36.91
N GLY C 1032 -7.12 -20.55 -37.03
CA GLY C 1032 -6.45 -20.38 -38.30
C GLY C 1032 -4.97 -20.69 -38.15
N GLN C 1033 -4.27 -20.60 -39.27
CA GLN C 1033 -2.84 -20.88 -39.33
C GLN C 1033 -2.07 -19.57 -39.30
N SER C 1034 -1.09 -19.47 -38.40
CA SER C 1034 -0.31 -18.26 -38.20
C SER C 1034 1.11 -18.47 -38.72
N LYS C 1035 1.57 -17.55 -39.56
CA LYS C 1035 2.92 -17.57 -40.08
C LYS C 1035 3.93 -16.91 -39.15
N ARG C 1036 3.49 -16.39 -38.00
CA ARG C 1036 4.40 -15.90 -36.98
C ARG C 1036 5.24 -17.05 -36.44
N VAL C 1037 6.55 -17.03 -36.71
CA VAL C 1037 7.40 -18.13 -36.27
C VAL C 1037 7.36 -18.22 -34.75
N ASP C 1038 7.50 -19.45 -34.25
CA ASP C 1038 7.50 -19.87 -32.85
C ASP C 1038 6.59 -19.02 -31.98
N PHE C 1039 5.37 -18.76 -32.48
CA PHE C 1039 4.28 -18.25 -31.67
C PHE C 1039 3.21 -19.31 -31.41
N CYS C 1040 3.19 -20.37 -32.20
CA CYS C 1040 2.30 -21.52 -31.97
C CYS C 1040 3.16 -22.77 -31.91
N GLY C 1041 4.21 -22.74 -31.10
CA GLY C 1041 5.08 -23.88 -30.95
C GLY C 1041 6.31 -23.78 -31.83
N LYS C 1042 7.39 -24.44 -31.39
CA LYS C 1042 8.63 -24.40 -32.13
C LYS C 1042 8.46 -25.00 -33.52
N GLY C 1043 9.17 -24.43 -34.49
CA GLY C 1043 9.11 -24.89 -35.86
C GLY C 1043 7.95 -24.28 -36.61
N TYR C 1044 7.92 -24.57 -37.92
CA TYR C 1044 6.81 -24.16 -38.75
C TYR C 1044 5.52 -24.74 -38.21
N HIS C 1045 4.48 -23.90 -38.13
CA HIS C 1045 3.25 -24.23 -37.44
C HIS C 1045 2.20 -24.70 -38.43
N LEU C 1046 1.57 -25.84 -38.12
CA LEU C 1046 0.51 -26.38 -38.96
C LEU C 1046 -0.87 -26.04 -38.39
N MET C 1047 -1.17 -26.50 -37.18
CA MET C 1047 -2.45 -26.18 -36.58
C MET C 1047 -2.33 -26.34 -35.07
N SER C 1048 -3.45 -26.18 -34.36
CA SER C 1048 -3.41 -26.33 -32.92
C SER C 1048 -4.73 -26.88 -32.38
N PHE C 1049 -4.63 -27.55 -31.23
CA PHE C 1049 -5.78 -28.14 -30.55
C PHE C 1049 -5.84 -27.63 -29.12
N PRO C 1050 -6.92 -26.99 -28.70
CA PRO C 1050 -7.05 -26.59 -27.31
C PRO C 1050 -7.55 -27.73 -26.44
N GLN C 1051 -7.23 -27.64 -25.15
CA GLN C 1051 -7.73 -28.59 -24.15
C GLN C 1051 -7.98 -27.84 -22.86
N SER C 1052 -9.17 -28.01 -22.29
CA SER C 1052 -9.52 -27.34 -21.05
C SER C 1052 -8.67 -27.89 -19.92
N ALA C 1053 -8.22 -27.00 -19.03
CA ALA C 1053 -7.44 -27.37 -17.86
C ALA C 1053 -7.99 -26.62 -16.67
N PRO C 1054 -7.81 -27.13 -15.45
CA PRO C 1054 -8.34 -26.43 -14.27
C PRO C 1054 -7.78 -25.01 -14.19
N HIS C 1055 -8.66 -24.03 -14.38
CA HIS C 1055 -8.29 -22.62 -14.41
C HIS C 1055 -7.20 -22.35 -15.45
N GLY C 1056 -7.31 -23.00 -16.61
CA GLY C 1056 -6.30 -22.80 -17.63
C GLY C 1056 -6.68 -23.46 -18.94
N VAL C 1057 -5.78 -23.33 -19.89
CA VAL C 1057 -5.92 -23.96 -21.20
C VAL C 1057 -4.57 -24.54 -21.59
N VAL C 1058 -4.60 -25.69 -22.25
CA VAL C 1058 -3.40 -26.39 -22.69
C VAL C 1058 -3.48 -26.50 -24.19
N PHE C 1059 -2.46 -26.01 -24.88
CA PHE C 1059 -2.43 -26.06 -26.32
C PHE C 1059 -1.61 -27.24 -26.80
N LEU C 1060 -2.03 -27.83 -27.91
CA LEU C 1060 -1.30 -28.89 -28.60
C LEU C 1060 -0.99 -28.32 -29.98
N HIS C 1061 0.23 -27.81 -30.15
CA HIS C 1061 0.63 -27.14 -31.38
C HIS C 1061 1.21 -28.17 -32.35
N VAL C 1062 0.39 -28.62 -33.30
CA VAL C 1062 0.87 -29.55 -34.32
C VAL C 1062 1.72 -28.73 -35.28
N THR C 1063 3.04 -28.90 -35.21
CA THR C 1063 3.99 -28.14 -35.99
C THR C 1063 4.82 -29.07 -36.88
N TYR C 1064 5.44 -28.49 -37.90
CA TYR C 1064 6.19 -29.22 -38.91
C TYR C 1064 7.66 -28.84 -38.79
N VAL C 1065 8.53 -29.84 -38.64
CA VAL C 1065 9.94 -29.63 -38.40
C VAL C 1065 10.75 -30.55 -39.30
N PRO C 1066 11.67 -30.04 -40.12
CA PRO C 1066 12.55 -30.94 -40.89
C PRO C 1066 13.51 -31.67 -39.97
N ALA C 1067 13.91 -32.88 -40.40
CA ALA C 1067 14.75 -33.74 -39.57
C ALA C 1067 16.11 -34.00 -40.20
N GLN C 1068 16.16 -34.56 -41.41
CA GLN C 1068 17.41 -34.95 -42.05
C GLN C 1068 17.66 -34.03 -43.22
N GLU C 1069 18.88 -33.48 -43.31
CA GLU C 1069 19.22 -32.51 -44.33
C GLU C 1069 20.43 -32.97 -45.10
N LYS C 1070 20.48 -32.61 -46.38
CA LYS C 1070 21.59 -32.96 -47.26
C LYS C 1070 22.20 -31.71 -47.86
N ASN C 1071 23.52 -31.71 -47.95
CA ASN C 1071 24.27 -30.63 -48.56
C ASN C 1071 24.22 -30.74 -50.08
N PHE C 1072 24.20 -29.58 -50.74
CA PHE C 1072 24.24 -29.52 -52.19
C PHE C 1072 25.04 -28.30 -52.61
N THR C 1073 25.52 -28.33 -53.85
CA THR C 1073 26.16 -27.18 -54.44
C THR C 1073 25.12 -26.32 -55.14
N THR C 1074 25.07 -25.04 -54.80
CA THR C 1074 24.01 -24.18 -55.28
C THR C 1074 24.56 -22.99 -56.04
N ALA C 1075 23.65 -22.24 -56.66
CA ALA C 1075 23.99 -21.09 -57.50
C ALA C 1075 22.82 -20.14 -57.62
N PRO C 1076 23.00 -18.85 -57.31
CA PRO C 1076 21.84 -17.92 -57.32
C PRO C 1076 21.18 -17.75 -58.67
N ALA C 1077 21.76 -18.25 -59.75
CA ALA C 1077 21.19 -18.04 -61.07
C ALA C 1077 21.66 -19.16 -62.01
N ILE C 1078 20.95 -19.28 -63.13
CA ILE C 1078 21.37 -20.13 -64.25
C ILE C 1078 21.46 -19.29 -65.50
N CYS C 1079 22.64 -19.22 -66.10
CA CYS C 1079 22.80 -18.47 -67.35
C CYS C 1079 22.56 -19.41 -68.52
N HIS C 1080 21.56 -19.10 -69.34
CA HIS C 1080 21.26 -19.84 -70.56
C HIS C 1080 21.19 -18.87 -71.72
N ASP C 1081 21.96 -19.15 -72.77
CA ASP C 1081 22.12 -18.32 -73.96
C ASP C 1081 22.17 -16.83 -73.65
N GLY C 1082 22.86 -16.47 -72.59
CA GLY C 1082 23.02 -15.08 -72.16
C GLY C 1082 21.98 -14.62 -71.18
N LYS C 1083 20.72 -15.03 -71.38
CA LYS C 1083 19.65 -14.69 -70.46
C LYS C 1083 19.90 -15.34 -69.10
N ALA C 1084 19.60 -14.59 -68.04
CA ALA C 1084 19.61 -15.19 -66.72
C ALA C 1084 18.30 -15.93 -66.47
N HIS C 1085 18.34 -16.84 -65.49
CA HIS C 1085 17.14 -17.55 -65.07
C HIS C 1085 17.20 -17.72 -63.57
N PHE C 1086 16.15 -17.26 -62.89
CA PHE C 1086 16.01 -17.37 -61.45
C PHE C 1086 14.84 -18.28 -61.11
N PRO C 1087 14.84 -18.92 -59.94
CA PRO C 1087 13.74 -19.83 -59.60
C PRO C 1087 12.46 -19.05 -59.30
N ARG C 1088 11.37 -19.43 -59.98
CA ARG C 1088 10.10 -18.78 -59.72
C ARG C 1088 9.68 -18.98 -58.27
N GLU C 1089 9.85 -20.20 -57.76
CA GLU C 1089 9.74 -20.48 -56.33
C GLU C 1089 10.63 -21.67 -56.01
N GLY C 1090 11.47 -21.50 -55.01
CA GLY C 1090 12.46 -22.51 -54.65
C GLY C 1090 13.88 -22.01 -54.89
N VAL C 1091 14.81 -22.98 -54.92
CA VAL C 1091 16.21 -22.67 -55.15
C VAL C 1091 16.77 -23.65 -56.18
N PHE C 1092 17.94 -23.28 -56.71
CA PHE C 1092 18.71 -24.14 -57.58
C PHE C 1092 19.69 -24.94 -56.71
N VAL C 1093 19.72 -26.26 -56.89
CA VAL C 1093 20.68 -27.11 -56.19
C VAL C 1093 21.20 -28.17 -57.13
N SER C 1094 22.40 -28.64 -56.84
CA SER C 1094 22.98 -29.75 -57.58
C SER C 1094 23.59 -30.75 -56.62
N ASN C 1095 23.52 -32.01 -57.01
CA ASN C 1095 24.17 -33.11 -56.33
C ASN C 1095 25.63 -33.26 -56.75
N GLY C 1096 26.17 -32.26 -57.44
CA GLY C 1096 27.54 -32.26 -57.90
C GLY C 1096 27.69 -32.47 -59.39
N THR C 1097 26.71 -33.08 -60.04
CA THR C 1097 26.79 -33.33 -61.48
C THR C 1097 25.68 -32.68 -62.29
N HIS C 1098 24.43 -32.74 -61.82
CA HIS C 1098 23.31 -32.15 -62.55
C HIS C 1098 22.57 -31.16 -61.66
N TRP C 1099 22.00 -30.14 -62.29
CA TRP C 1099 21.28 -29.11 -61.57
C TRP C 1099 19.79 -29.45 -61.50
N PHE C 1100 19.10 -28.83 -60.54
CA PHE C 1100 17.68 -29.06 -60.31
C PHE C 1100 17.10 -27.87 -59.59
N VAL C 1101 15.79 -27.69 -59.74
CA VAL C 1101 15.03 -26.71 -58.96
C VAL C 1101 14.31 -27.49 -57.87
N THR C 1102 14.30 -26.97 -56.66
CA THR C 1102 13.56 -27.66 -55.61
C THR C 1102 13.04 -26.63 -54.61
N GLN C 1103 11.94 -26.99 -53.95
CA GLN C 1103 11.38 -26.10 -52.94
C GLN C 1103 12.32 -26.02 -51.73
N ARG C 1104 12.12 -24.98 -50.94
CA ARG C 1104 13.10 -24.58 -49.94
C ARG C 1104 12.91 -25.26 -48.60
N ASN C 1105 11.95 -26.17 -48.46
CA ASN C 1105 11.74 -26.86 -47.19
C ASN C 1105 11.54 -28.36 -47.32
N PHE C 1106 11.74 -28.93 -48.50
CA PHE C 1106 11.65 -30.39 -48.68
C PHE C 1106 12.36 -30.72 -49.98
N TYR C 1107 13.45 -31.49 -49.89
CA TYR C 1107 14.19 -31.84 -51.10
C TYR C 1107 13.30 -32.60 -52.05
N GLU C 1108 12.99 -31.99 -53.20
CA GLU C 1108 12.17 -32.63 -54.23
C GLU C 1108 12.65 -32.14 -55.58
N PRO C 1109 13.80 -32.64 -56.05
CA PRO C 1109 14.43 -32.06 -57.23
C PRO C 1109 13.56 -32.21 -58.47
N GLN C 1110 13.61 -31.20 -59.33
CA GLN C 1110 12.90 -31.21 -60.60
C GLN C 1110 13.82 -30.64 -61.67
N ILE C 1111 13.74 -31.21 -62.88
CA ILE C 1111 14.57 -30.72 -63.98
C ILE C 1111 14.19 -29.27 -64.26
N ILE C 1112 15.19 -28.46 -64.57
CA ILE C 1112 14.97 -27.03 -64.76
C ILE C 1112 14.27 -26.81 -66.09
N THR C 1113 13.04 -26.31 -66.03
CA THR C 1113 12.28 -25.92 -67.20
C THR C 1113 11.87 -24.47 -67.08
N THR C 1114 11.39 -23.90 -68.19
CA THR C 1114 11.03 -22.49 -68.21
C THR C 1114 9.78 -22.19 -67.39
N ASP C 1115 9.06 -23.22 -66.94
CA ASP C 1115 7.83 -23.01 -66.18
C ASP C 1115 8.09 -22.59 -64.74
N ASN C 1116 9.13 -23.13 -64.11
CA ASN C 1116 9.43 -22.77 -62.72
C ASN C 1116 10.60 -21.80 -62.60
N THR C 1117 11.04 -21.20 -63.70
CA THR C 1117 12.09 -20.19 -63.66
C THR C 1117 11.69 -19.02 -64.54
N PHE C 1118 12.18 -17.84 -64.17
CA PHE C 1118 11.87 -16.62 -64.92
C PHE C 1118 13.16 -15.88 -65.25
N VAL C 1119 13.14 -15.19 -66.39
CA VAL C 1119 14.30 -14.53 -66.95
C VAL C 1119 14.33 -13.08 -66.54
N SER C 1120 15.52 -12.54 -66.31
CA SER C 1120 15.66 -11.13 -65.93
C SER C 1120 17.05 -10.66 -66.39
N GLY C 1121 17.09 -9.97 -67.52
CA GLY C 1121 18.35 -9.41 -67.98
C GLY C 1121 19.30 -10.46 -68.53
N ASN C 1122 20.58 -10.09 -68.57
CA ASN C 1122 21.65 -10.94 -69.06
C ASN C 1122 22.53 -11.36 -67.88
N CYS C 1123 23.35 -12.38 -68.11
CA CYS C 1123 24.05 -13.07 -67.03
C CYS C 1123 25.47 -12.58 -66.81
N ASP C 1124 25.73 -11.29 -67.05
CA ASP C 1124 27.04 -10.71 -66.78
C ASP C 1124 27.04 -9.72 -65.62
N VAL C 1125 25.89 -9.44 -65.01
CA VAL C 1125 25.83 -8.48 -63.92
C VAL C 1125 25.73 -9.19 -62.57
N VAL C 1126 25.12 -10.37 -62.56
CA VAL C 1126 24.93 -11.14 -61.34
C VAL C 1126 26.14 -12.03 -61.09
N ILE C 1127 26.66 -12.00 -59.86
CA ILE C 1127 27.89 -12.69 -59.53
C ILE C 1127 27.59 -14.11 -59.09
N GLY C 1128 28.62 -14.96 -59.20
CA GLY C 1128 28.58 -16.32 -58.64
C GLY C 1128 27.50 -17.21 -59.23
N ILE C 1129 27.31 -17.15 -60.53
CA ILE C 1129 26.28 -17.95 -61.20
C ILE C 1129 26.97 -18.98 -62.09
N VAL C 1130 26.18 -19.90 -62.64
CA VAL C 1130 26.70 -21.02 -63.40
C VAL C 1130 26.06 -21.04 -64.78
N ASN C 1131 26.87 -21.36 -65.78
CA ASN C 1131 26.37 -21.72 -67.09
C ASN C 1131 25.69 -23.08 -67.04
N ASN C 1132 24.58 -23.21 -67.76
CA ASN C 1132 23.81 -24.45 -67.78
C ASN C 1132 22.74 -24.30 -68.86
N THR C 1133 21.95 -25.35 -69.04
CA THR C 1133 20.80 -25.33 -69.92
C THR C 1133 19.50 -25.40 -69.11
N VAL C 1134 18.48 -24.72 -69.60
CA VAL C 1134 17.15 -24.73 -69.00
C VAL C 1134 16.19 -25.28 -70.04
N TYR C 1135 15.51 -26.37 -69.69
CA TYR C 1135 14.67 -27.08 -70.65
C TYR C 1135 13.47 -26.23 -71.04
N ASP C 1136 13.01 -26.43 -72.26
CA ASP C 1136 11.84 -25.75 -72.82
C ASP C 1136 10.78 -26.79 -73.12
N PRO C 1137 9.69 -26.87 -72.34
CA PRO C 1137 8.70 -27.93 -72.57
C PRO C 1137 8.03 -27.86 -73.93
N LEU C 1138 8.07 -26.71 -74.62
CA LEU C 1138 7.42 -26.63 -75.92
C LEU C 1138 8.15 -27.47 -76.97
N GLN C 1139 9.48 -27.45 -76.93
CA GLN C 1139 10.27 -28.10 -77.98
C GLN C 1139 10.03 -29.60 -78.13
N PRO C 1140 9.96 -30.41 -77.07
CA PRO C 1140 9.74 -31.85 -77.28
C PRO C 1140 8.46 -32.17 -78.03
N GLU C 1141 7.38 -31.44 -77.78
CA GLU C 1141 6.19 -31.64 -78.58
C GLU C 1141 6.33 -30.99 -79.96
N LEU C 1142 7.11 -29.92 -80.06
CA LEU C 1142 7.35 -29.31 -81.37
C LEU C 1142 8.01 -30.28 -82.33
N ASP C 1143 8.99 -31.03 -81.85
CA ASP C 1143 9.71 -31.97 -82.68
C ASP C 1143 9.28 -33.40 -82.39
N GLU D 1 40.55 -64.10 47.64
CA GLU D 1 40.30 -64.93 46.47
C GLU D 1 38.85 -64.80 46.00
N VAL D 2 38.68 -64.30 44.77
CA VAL D 2 37.35 -64.22 44.19
C VAL D 2 36.84 -65.63 43.92
N GLN D 3 35.58 -65.88 44.29
CA GLN D 3 35.01 -67.22 44.13
C GLN D 3 33.49 -67.12 44.08
N LEU D 4 32.90 -67.83 43.12
CA LEU D 4 31.44 -67.89 43.00
C LEU D 4 31.08 -69.34 42.68
N VAL D 5 30.84 -70.13 43.73
CA VAL D 5 30.58 -71.56 43.61
C VAL D 5 29.09 -71.81 43.59
N GLU D 6 28.66 -72.79 42.81
CA GLU D 6 27.26 -73.09 42.59
C GLU D 6 26.89 -74.40 43.25
N SER D 7 25.68 -74.44 43.80
CA SER D 7 25.21 -75.59 44.55
C SER D 7 23.69 -75.63 44.47
N GLY D 8 23.12 -76.77 44.84
CA GLY D 8 21.70 -76.98 44.74
C GLY D 8 21.28 -77.68 43.47
N GLY D 9 22.09 -77.62 42.42
CA GLY D 9 21.81 -78.38 41.21
C GLY D 9 21.84 -79.87 41.49
N GLY D 10 20.84 -80.58 40.99
CA GLY D 10 20.70 -81.99 41.27
C GLY D 10 19.35 -82.54 40.85
N LEU D 11 18.69 -83.22 41.78
CA LEU D 11 17.52 -84.01 41.47
C LEU D 11 16.27 -83.22 41.84
N VAL D 12 15.42 -82.95 40.85
CA VAL D 12 14.12 -82.33 41.10
C VAL D 12 13.07 -83.01 40.25
N GLN D 13 11.92 -83.32 40.86
CA GLN D 13 10.80 -83.86 40.12
C GLN D 13 10.15 -82.75 39.29
N PRO D 14 9.40 -83.11 38.24
CA PRO D 14 8.71 -82.07 37.46
C PRO D 14 7.78 -81.25 38.34
N GLY D 15 7.80 -79.94 38.12
CA GLY D 15 7.02 -79.04 38.96
C GLY D 15 7.60 -78.76 40.32
N GLY D 16 8.82 -79.24 40.59
CA GLY D 16 9.40 -79.06 41.90
C GLY D 16 9.94 -77.66 42.13
N SER D 17 10.20 -77.35 43.40
CA SER D 17 10.69 -76.05 43.81
C SER D 17 12.04 -76.21 44.49
N LEU D 18 12.97 -75.29 44.19
CA LEU D 18 14.33 -75.41 44.65
C LEU D 18 14.96 -74.03 44.79
N ARG D 19 15.88 -73.92 45.75
CA ARG D 19 16.72 -72.74 45.92
C ARG D 19 18.13 -73.12 45.45
N LEU D 20 18.55 -72.58 44.31
CA LEU D 20 19.94 -72.71 43.91
C LEU D 20 20.77 -71.65 44.63
N SER D 21 21.98 -72.06 45.04
CA SER D 21 22.87 -71.17 45.75
C SER D 21 24.10 -70.88 44.88
N CYS D 22 24.51 -69.62 44.87
CA CYS D 22 25.72 -69.17 44.19
C CYS D 22 26.44 -68.39 45.29
N ALA D 23 27.40 -69.04 45.95
CA ALA D 23 28.10 -68.48 47.09
C ALA D 23 29.27 -67.61 46.67
N ALA D 24 29.38 -66.46 47.33
CA ALA D 24 30.27 -65.39 46.91
C ALA D 24 31.28 -65.07 48.00
N SER D 25 32.53 -64.82 47.61
CA SER D 25 33.56 -64.37 48.52
C SER D 25 34.65 -63.68 47.71
N GLY D 26 35.35 -62.75 48.35
CA GLY D 26 36.48 -62.08 47.75
C GLY D 26 36.14 -60.82 46.99
N PHE D 27 34.95 -60.27 47.19
CA PHE D 27 34.49 -59.07 46.50
C PHE D 27 33.28 -58.50 47.22
N THR D 28 32.37 -57.85 46.49
CA THR D 28 31.11 -57.36 47.05
C THR D 28 29.97 -57.78 46.14
N PHE D 29 29.12 -58.70 46.63
CA PHE D 29 27.91 -59.09 45.90
C PHE D 29 26.83 -58.09 46.27
N SER D 30 26.78 -57.00 45.50
CA SER D 30 25.84 -55.89 45.64
C SER D 30 26.26 -54.86 44.61
N SER D 31 27.41 -54.22 44.84
CA SER D 31 27.99 -53.31 43.85
C SER D 31 28.21 -54.02 42.53
N TYR D 32 28.29 -55.35 42.56
CA TYR D 32 28.40 -56.21 41.39
C TYR D 32 27.12 -57.02 41.29
N ALA D 33 26.70 -57.32 40.07
CA ALA D 33 25.43 -57.99 39.88
C ALA D 33 25.63 -59.49 39.65
N MET D 34 24.57 -60.16 39.21
CA MET D 34 24.61 -61.58 38.89
C MET D 34 23.63 -61.84 37.76
N THR D 35 23.86 -62.93 37.04
CA THR D 35 23.06 -63.25 35.86
C THR D 35 23.04 -64.75 35.67
N TRP D 36 21.85 -65.35 35.74
CA TRP D 36 21.72 -66.77 35.51
C TRP D 36 21.59 -67.09 34.02
N VAL D 37 22.42 -68.02 33.55
CA VAL D 37 22.42 -68.48 32.18
C VAL D 37 22.46 -70.00 32.23
N ARG D 38 22.11 -70.64 31.12
CA ARG D 38 22.14 -72.10 31.09
C ARG D 38 22.62 -72.61 29.75
N GLN D 39 23.41 -73.70 29.80
CA GLN D 39 23.85 -74.43 28.62
C GLN D 39 23.21 -75.81 28.64
N ALA D 40 22.33 -76.07 27.69
CA ALA D 40 21.76 -77.41 27.56
C ALA D 40 22.82 -78.36 27.03
N PRO D 41 22.86 -79.61 27.52
CA PRO D 41 23.89 -80.55 27.04
C PRO D 41 23.80 -80.71 25.52
N GLY D 42 24.93 -80.46 24.86
CA GLY D 42 24.98 -80.47 23.42
C GLY D 42 24.39 -79.26 22.74
N LYS D 43 23.96 -78.25 23.51
CA LYS D 43 23.30 -77.08 22.97
C LYS D 43 24.01 -75.81 23.40
N GLY D 44 23.41 -74.64 23.14
CA GLY D 44 24.01 -73.37 23.44
C GLY D 44 23.53 -72.74 24.75
N LEU D 45 24.11 -71.58 25.04
CA LEU D 45 23.76 -70.79 26.21
C LEU D 45 22.38 -70.18 26.06
N GLU D 46 21.75 -69.89 27.22
CA GLU D 46 20.52 -69.11 27.22
C GLU D 46 20.33 -68.46 28.60
N TRP D 47 20.18 -67.14 28.61
CA TRP D 47 20.13 -66.36 29.83
C TRP D 47 18.79 -66.52 30.54
N VAL D 48 18.80 -66.32 31.86
CA VAL D 48 17.59 -66.46 32.65
C VAL D 48 17.17 -65.16 33.32
N SER D 49 18.02 -64.62 34.21
CA SER D 49 17.61 -63.54 35.08
C SER D 49 18.76 -62.57 35.32
N TYR D 50 18.42 -61.31 35.57
CA TYR D 50 19.35 -60.34 36.13
C TYR D 50 19.16 -60.25 37.64
N ILE D 51 19.93 -59.34 38.24
CA ILE D 51 19.62 -58.75 39.54
C ILE D 51 20.51 -57.50 39.68
N SER D 52 19.96 -56.45 40.28
CA SER D 52 20.69 -55.18 40.39
C SER D 52 20.49 -54.59 41.79
N GLY D 53 21.36 -54.96 42.72
CA GLY D 53 21.24 -54.53 44.09
C GLY D 53 19.98 -54.97 44.82
N SER D 54 19.06 -55.61 44.09
CA SER D 54 17.79 -56.06 44.62
C SER D 54 17.09 -56.87 43.53
N GLY D 55 16.27 -57.83 43.95
CA GLY D 55 15.60 -58.75 43.04
C GLY D 55 14.24 -58.24 42.57
N GLY D 56 14.04 -56.92 42.57
CA GLY D 56 12.80 -56.38 42.06
C GLY D 56 13.00 -55.78 40.69
N GLY D 57 14.18 -55.23 40.46
CA GLY D 57 14.56 -54.78 39.13
C GLY D 57 15.28 -55.86 38.36
N THR D 58 14.56 -56.90 37.99
CA THR D 58 15.14 -58.02 37.25
C THR D 58 14.36 -58.25 35.96
N TYR D 59 14.72 -59.31 35.25
CA TYR D 59 14.08 -59.67 34.00
C TYR D 59 14.08 -61.18 33.85
N TYR D 60 13.24 -61.68 32.94
CA TYR D 60 13.10 -63.11 32.72
C TYR D 60 12.94 -63.38 31.23
N ALA D 61 13.39 -64.57 30.83
CA ALA D 61 13.27 -65.00 29.45
C ALA D 61 11.84 -65.41 29.11
N ASP D 62 11.54 -65.38 27.80
CA ASP D 62 10.21 -65.74 27.34
C ASP D 62 9.88 -67.19 27.67
N SER D 63 10.88 -68.07 27.65
CA SER D 63 10.67 -69.48 27.92
C SER D 63 10.68 -69.81 29.40
N VAL D 64 11.04 -68.85 30.25
CA VAL D 64 11.14 -69.08 31.69
C VAL D 64 10.34 -68.06 32.48
N LYS D 65 9.62 -67.16 31.82
CA LYS D 65 8.86 -66.14 32.51
C LYS D 65 7.83 -66.78 33.43
N GLY D 66 7.80 -66.32 34.68
CA GLY D 66 6.89 -66.86 35.67
C GLY D 66 7.38 -68.13 36.33
N ARG D 67 8.45 -68.73 35.84
CA ARG D 67 8.96 -69.98 36.38
C ARG D 67 10.04 -69.73 37.44
N PHE D 68 11.00 -68.87 37.14
CA PHE D 68 12.13 -68.63 38.01
C PHE D 68 11.99 -67.28 38.70
N THR D 69 12.50 -67.19 39.92
CA THR D 69 12.51 -65.94 40.66
C THR D 69 13.87 -65.80 41.33
N ILE D 70 14.65 -64.81 40.88
CA ILE D 70 15.97 -64.60 41.46
C ILE D 70 15.83 -63.83 42.77
N SER D 71 16.83 -63.97 43.63
CA SER D 71 16.85 -63.25 44.90
C SER D 71 18.29 -63.17 45.38
N ARG D 72 18.55 -62.21 46.26
CA ARG D 72 19.85 -62.07 46.89
C ARG D 72 19.69 -62.32 48.38
N ASP D 73 20.59 -61.77 49.19
CA ASP D 73 20.52 -61.91 50.63
C ASP D 73 21.47 -60.90 51.25
N ASN D 74 21.09 -60.35 52.40
CA ASN D 74 21.93 -59.38 53.08
C ASN D 74 22.85 -60.12 54.05
N SER D 75 23.62 -59.36 54.84
CA SER D 75 24.53 -59.93 55.81
C SER D 75 25.45 -60.97 55.18
N LYS D 76 25.11 -62.26 55.30
CA LYS D 76 25.95 -63.31 54.72
C LYS D 76 26.03 -63.20 53.19
N ASN D 77 25.10 -62.49 52.57
CA ASN D 77 25.28 -61.96 51.22
C ASN D 77 25.47 -63.10 50.19
N THR D 78 24.41 -63.88 50.02
CA THR D 78 24.40 -64.93 49.00
C THR D 78 23.28 -64.68 47.99
N LEU D 79 23.26 -65.51 46.95
CA LEU D 79 22.27 -65.44 45.89
C LEU D 79 21.38 -66.67 45.88
N TYR D 80 20.10 -66.47 45.59
CA TYR D 80 19.11 -67.54 45.54
C TYR D 80 18.37 -67.50 44.21
N LEU D 81 17.87 -68.67 43.79
CA LEU D 81 17.06 -68.77 42.59
C LEU D 81 15.92 -69.74 42.85
N GLN D 82 14.69 -69.23 42.82
CA GLN D 82 13.50 -70.01 43.10
C GLN D 82 12.90 -70.53 41.80
N MET D 83 12.59 -71.82 41.77
CA MET D 83 12.06 -72.49 40.59
C MET D 83 10.67 -73.06 40.86
N ASN D 84 9.79 -72.91 39.89
CA ASN D 84 8.52 -73.65 39.93
C ASN D 84 8.09 -73.96 38.50
N SER D 85 7.27 -75.00 38.37
CA SER D 85 6.66 -75.40 37.11
C SER D 85 7.72 -75.64 36.03
N LEU D 86 8.74 -76.43 36.38
CA LEU D 86 9.73 -76.83 35.39
C LEU D 86 9.12 -77.86 34.45
N ARG D 87 9.66 -77.92 33.23
CA ARG D 87 9.14 -78.85 32.24
C ARG D 87 10.35 -79.61 31.70
N ALA D 88 10.10 -80.80 31.16
CA ALA D 88 11.18 -81.75 30.87
C ALA D 88 12.19 -81.24 29.84
N GLU D 89 11.74 -80.43 28.88
CA GLU D 89 12.64 -79.98 27.82
C GLU D 89 13.60 -78.87 28.26
N ASP D 90 13.58 -78.48 29.53
CA ASP D 90 14.41 -77.39 30.02
C ASP D 90 15.71 -77.86 30.67
N THR D 91 16.04 -79.15 30.54
CA THR D 91 17.25 -79.68 31.15
C THR D 91 18.49 -79.00 30.57
N ALA D 92 19.40 -78.59 31.44
CA ALA D 92 20.58 -77.83 31.06
C ALA D 92 21.52 -77.73 32.26
N VAL D 93 22.74 -77.26 31.97
CA VAL D 93 23.71 -76.91 33.00
C VAL D 93 23.63 -75.41 33.21
N TYR D 94 23.32 -75.00 34.45
CA TYR D 94 23.08 -73.59 34.75
C TYR D 94 24.33 -72.93 35.31
N TYR D 95 24.47 -71.64 35.01
CA TYR D 95 25.62 -70.83 35.41
C TYR D 95 25.14 -69.54 36.04
N CYS D 96 25.71 -69.17 37.19
CA CYS D 96 25.54 -67.83 37.75
C CYS D 96 26.70 -66.96 37.30
N ALA D 97 26.42 -65.98 36.44
CA ALA D 97 27.48 -65.18 35.83
C ALA D 97 27.73 -63.90 36.62
N ARG D 98 28.09 -62.82 35.92
CA ARG D 98 28.36 -61.56 36.59
C ARG D 98 28.46 -60.42 35.59
N ASP D 99 29.08 -59.32 36.01
CA ASP D 99 29.30 -58.11 35.25
C ASP D 99 30.46 -57.41 35.92
N ARG D 100 30.28 -56.13 36.25
CA ARG D 100 31.23 -55.33 37.02
C ARG D 100 30.71 -53.91 37.11
N TRP D 101 29.83 -53.55 36.19
CA TRP D 101 29.26 -52.21 36.19
C TRP D 101 27.78 -52.28 35.77
N ALA D 102 27.49 -52.76 34.56
CA ALA D 102 26.14 -52.97 34.02
C ALA D 102 25.40 -51.80 33.37
N SER D 103 25.56 -50.58 33.86
CA SER D 103 24.94 -49.42 33.21
C SER D 103 25.83 -49.04 32.04
N GLY D 104 25.57 -49.66 30.89
CA GLY D 104 26.39 -49.47 29.73
C GLY D 104 26.78 -50.80 29.12
N TRP D 105 25.73 -51.53 28.76
CA TRP D 105 25.65 -52.89 28.23
C TRP D 105 25.92 -53.80 29.41
N LEU D 106 25.80 -55.12 29.23
CA LEU D 106 25.96 -56.05 30.34
C LEU D 106 26.90 -57.20 29.97
N ALA D 107 28.19 -57.05 30.30
CA ALA D 107 29.21 -58.00 29.92
C ALA D 107 29.58 -58.86 31.14
N PHE D 108 29.44 -60.17 31.00
CA PHE D 108 29.66 -61.10 32.10
C PHE D 108 31.14 -61.14 32.50
N ASP D 109 31.41 -61.80 33.63
CA ASP D 109 32.77 -61.80 34.17
C ASP D 109 33.20 -63.10 34.86
N VAL D 110 32.64 -63.37 36.04
CA VAL D 110 33.09 -64.50 36.85
C VAL D 110 32.95 -65.82 36.09
N TRP D 111 31.88 -65.96 35.29
CA TRP D 111 31.53 -67.21 34.62
C TRP D 111 31.88 -68.43 35.46
N GLY D 112 31.15 -68.64 36.55
CA GLY D 112 31.41 -69.78 37.43
C GLY D 112 31.42 -71.15 36.77
N GLN D 113 31.70 -72.19 37.56
CA GLN D 113 31.95 -73.50 36.99
C GLN D 113 30.69 -74.18 36.47
N GLY D 114 29.51 -73.77 36.93
CA GLY D 114 28.31 -74.36 36.39
C GLY D 114 27.88 -75.60 37.15
N THR D 115 26.56 -75.81 37.21
CA THR D 115 26.00 -76.96 37.88
C THR D 115 24.84 -77.51 37.06
N LEU D 116 24.72 -78.83 37.05
CA LEU D 116 23.79 -79.53 36.18
C LEU D 116 22.45 -79.73 36.86
N VAL D 117 21.37 -79.50 36.11
CA VAL D 117 20.02 -79.82 36.55
C VAL D 117 19.29 -80.53 35.42
N THR D 118 18.67 -81.66 35.73
CA THR D 118 17.84 -82.40 34.79
C THR D 118 16.50 -82.71 35.44
N VAL D 119 15.44 -82.59 34.66
CA VAL D 119 14.08 -82.81 35.15
C VAL D 119 13.50 -84.01 34.42
N SER D 120 13.18 -85.06 35.16
CA SER D 120 12.56 -86.25 34.60
C SER D 120 11.93 -87.04 35.74
N SER D 121 11.06 -87.98 35.37
CA SER D 121 10.38 -88.83 36.34
C SER D 121 11.22 -90.02 36.75
N ALA D 122 12.42 -90.17 36.20
CA ALA D 122 13.27 -91.32 36.48
C ALA D 122 13.69 -91.33 37.95
N SER D 123 13.84 -92.54 38.49
CA SER D 123 14.23 -92.76 39.86
C SER D 123 15.73 -92.98 39.98
N THR D 124 16.31 -92.51 41.08
CA THR D 124 17.73 -92.72 41.33
C THR D 124 18.01 -94.20 41.53
N LYS D 125 19.17 -94.64 41.06
CA LYS D 125 19.55 -96.04 41.14
C LYS D 125 21.06 -96.13 41.31
N GLY D 126 21.51 -97.18 41.99
CA GLY D 126 22.92 -97.40 42.26
C GLY D 126 23.69 -97.87 41.04
N PRO D 127 25.00 -97.70 41.07
CA PRO D 127 25.85 -98.00 39.91
C PRO D 127 26.32 -99.44 39.81
N SER D 128 26.92 -99.73 38.65
CA SER D 128 27.62 -100.98 38.40
C SER D 128 28.91 -100.66 37.66
N VAL D 129 29.92 -101.49 37.88
CA VAL D 129 31.24 -101.31 37.30
C VAL D 129 31.47 -102.38 36.23
N PHE D 130 32.00 -101.97 35.07
CA PHE D 130 32.18 -102.88 33.94
C PHE D 130 33.64 -102.91 33.52
N PRO D 131 34.30 -104.07 33.58
CA PRO D 131 35.69 -104.17 33.11
C PRO D 131 35.80 -104.15 31.59
N LEU D 132 36.99 -103.83 31.12
CA LEU D 132 37.32 -103.90 29.70
C LEU D 132 38.46 -104.91 29.55
N ALA D 133 38.13 -106.11 29.08
CA ALA D 133 39.03 -107.27 29.11
C ALA D 133 39.87 -107.34 27.85
N PRO D 134 41.01 -108.04 27.90
CA PRO D 134 41.75 -108.34 26.67
C PRO D 134 41.31 -109.66 26.04
N SER D 135 41.88 -110.02 24.90
CA SER D 135 41.57 -111.28 24.24
C SER D 135 42.55 -112.37 24.66
N SER D 136 42.01 -113.59 24.88
CA SER D 136 42.88 -114.70 25.27
C SER D 136 43.88 -115.04 24.17
N LYS D 137 43.42 -115.08 22.92
CA LYS D 137 44.26 -115.35 21.75
C LYS D 137 44.51 -114.12 20.89
N SER D 138 44.72 -112.96 21.51
CA SER D 138 44.98 -111.75 20.72
C SER D 138 46.38 -111.84 20.13
N THR D 139 46.45 -111.94 18.80
CA THR D 139 47.73 -111.99 18.10
C THR D 139 47.79 -111.06 16.88
N SER D 140 46.75 -110.27 16.65
CA SER D 140 46.76 -109.31 15.54
C SER D 140 47.59 -108.07 15.86
N GLY D 141 47.90 -107.85 17.12
CA GLY D 141 48.69 -106.70 17.54
C GLY D 141 49.33 -106.97 18.88
N GLY D 142 50.43 -106.27 19.14
CA GLY D 142 51.19 -106.49 20.34
C GLY D 142 50.99 -105.53 21.50
N THR D 143 50.23 -104.46 21.31
CA THR D 143 49.98 -103.48 22.37
C THR D 143 48.50 -103.45 22.71
N ALA D 144 48.19 -103.51 24.01
CA ALA D 144 46.82 -103.56 24.48
C ALA D 144 46.54 -102.38 25.40
N ALA D 145 45.26 -102.04 25.50
CA ALA D 145 44.75 -101.03 26.43
C ALA D 145 44.01 -101.71 27.58
N LEU D 146 44.11 -101.15 28.77
CA LEU D 146 43.29 -101.60 29.88
C LEU D 146 42.38 -100.47 30.34
N GLY D 147 41.24 -100.83 30.91
CA GLY D 147 40.25 -99.85 31.30
C GLY D 147 39.17 -100.45 32.16
N CYS D 148 38.53 -99.58 32.94
CA CYS D 148 37.42 -99.95 33.80
C CYS D 148 36.33 -98.90 33.65
N LEU D 149 35.10 -99.35 33.41
CA LEU D 149 33.97 -98.49 33.06
C LEU D 149 32.94 -98.57 34.16
N VAL D 150 32.51 -97.41 34.64
CA VAL D 150 31.48 -97.28 35.65
C VAL D 150 30.15 -96.95 34.97
N LYS D 151 29.12 -97.71 35.31
CA LYS D 151 27.83 -97.62 34.63
C LYS D 151 26.75 -97.40 35.67
N ASP D 152 25.72 -96.66 35.25
CA ASP D 152 24.47 -96.52 35.98
C ASP D 152 24.64 -95.84 37.33
N TYR D 153 25.60 -94.93 37.44
CA TYR D 153 25.70 -94.06 38.60
C TYR D 153 25.08 -92.71 38.28
N PHE D 154 24.54 -92.06 39.31
CA PHE D 154 23.82 -90.81 39.09
C PHE D 154 23.79 -90.00 40.38
N PRO D 155 24.38 -88.79 40.42
CA PRO D 155 25.21 -88.13 39.40
C PRO D 155 26.72 -88.39 39.50
N GLU D 156 27.50 -87.52 38.85
CA GLU D 156 28.97 -87.50 38.83
C GLU D 156 29.55 -87.31 40.22
N PRO D 157 30.87 -87.49 40.42
CA PRO D 157 31.98 -87.96 39.56
C PRO D 157 32.52 -89.35 39.95
N VAL D 158 33.43 -89.88 39.14
CA VAL D 158 34.18 -91.08 39.48
C VAL D 158 35.63 -90.93 39.04
N THR D 159 36.54 -91.39 39.90
CA THR D 159 37.98 -91.23 39.70
C THR D 159 38.66 -92.59 39.71
N VAL D 160 39.87 -92.65 39.16
CA VAL D 160 40.64 -93.88 39.08
C VAL D 160 42.10 -93.61 39.42
N SER D 161 42.69 -94.51 40.21
CA SER D 161 44.11 -94.50 40.54
C SER D 161 44.72 -95.83 40.12
N TRP D 162 46.04 -95.94 40.23
CA TRP D 162 46.76 -97.07 39.64
C TRP D 162 47.83 -97.61 40.59
N ASN D 163 47.53 -98.74 41.23
CA ASN D 163 48.54 -99.61 41.85
C ASN D 163 49.35 -98.86 42.92
N SER D 164 48.65 -98.41 43.96
CA SER D 164 49.29 -98.06 45.23
C SER D 164 50.37 -97.00 45.08
N GLY D 165 50.14 -96.03 44.18
CA GLY D 165 51.03 -94.88 44.11
C GLY D 165 52.37 -95.10 43.44
N ALA D 166 52.83 -96.35 43.37
CA ALA D 166 54.10 -96.65 42.73
C ALA D 166 54.00 -96.70 41.22
N LEU D 167 52.79 -96.63 40.66
CA LEU D 167 52.58 -96.65 39.21
C LEU D 167 51.64 -95.51 38.83
N THR D 168 52.01 -94.77 37.78
CA THR D 168 51.23 -93.61 37.35
C THR D 168 51.07 -93.53 35.83
N SER D 169 51.79 -94.36 35.07
CA SER D 169 51.90 -94.20 33.62
C SER D 169 50.57 -94.46 32.92
N GLY D 170 50.28 -93.65 31.90
CA GLY D 170 49.20 -93.97 30.99
C GLY D 170 47.82 -93.48 31.35
N VAL D 171 47.68 -92.46 32.20
CA VAL D 171 46.36 -92.03 32.62
C VAL D 171 45.63 -91.38 31.46
N HIS D 172 44.40 -91.84 31.20
CA HIS D 172 43.46 -91.22 30.28
C HIS D 172 42.07 -91.30 30.88
N THR D 173 41.29 -90.23 30.68
CA THR D 173 39.94 -90.14 31.21
C THR D 173 38.98 -89.68 30.13
N PHE D 174 37.78 -90.38 30.01
CA PHE D 174 36.81 -90.08 28.97
C PHE D 174 35.78 -89.07 29.47
N PRO D 175 35.23 -88.27 28.55
CA PRO D 175 34.12 -87.38 28.92
C PRO D 175 32.84 -88.15 29.21
N ALA D 176 31.92 -87.48 29.91
CA ALA D 176 30.70 -88.15 30.33
C ALA D 176 29.75 -88.32 29.15
N VAL D 177 28.97 -89.40 29.20
CA VAL D 177 27.87 -89.62 28.27
C VAL D 177 26.64 -90.02 29.06
N LEU D 178 25.51 -89.38 28.77
CA LEU D 178 24.27 -89.68 29.48
C LEU D 178 23.63 -90.92 28.85
N GLN D 179 22.96 -91.71 29.67
CA GLN D 179 22.49 -93.03 29.27
C GLN D 179 20.98 -93.07 29.15
N SER D 180 20.50 -94.17 28.56
CA SER D 180 19.07 -94.37 28.33
C SER D 180 18.30 -94.57 29.64
N SER D 181 18.98 -95.00 30.69
CA SER D 181 18.34 -95.22 31.99
C SER D 181 18.23 -93.94 32.81
N GLY D 182 18.67 -92.80 32.26
CA GLY D 182 18.71 -91.55 33.00
C GLY D 182 19.90 -91.39 33.91
N LEU D 183 20.80 -92.37 33.94
CA LEU D 183 21.95 -92.36 34.83
C LEU D 183 23.17 -91.87 34.04
N TYR D 184 24.34 -91.89 34.68
CA TYR D 184 25.53 -91.28 34.10
C TYR D 184 26.66 -92.31 34.02
N SER D 185 27.66 -92.00 33.20
CA SER D 185 28.80 -92.89 33.04
C SER D 185 30.09 -92.11 32.78
N LEU D 186 31.21 -92.72 33.17
CA LEU D 186 32.56 -92.22 32.93
C LEU D 186 33.53 -93.39 32.97
N SER D 187 34.46 -93.39 32.03
CA SER D 187 35.45 -94.45 31.89
C SER D 187 36.85 -93.87 32.05
N SER D 188 37.74 -94.68 32.61
CA SER D 188 39.14 -94.33 32.72
C SER D 188 39.95 -95.48 32.12
N VAL D 189 40.89 -95.13 31.24
CA VAL D 189 41.56 -96.09 30.38
C VAL D 189 43.06 -95.80 30.40
N VAL D 190 43.82 -96.71 29.80
CA VAL D 190 45.27 -96.59 29.68
C VAL D 190 45.70 -97.34 28.42
N THR D 191 46.67 -96.78 27.70
CA THR D 191 47.25 -97.43 26.54
C THR D 191 48.75 -97.61 26.75
N VAL D 192 49.20 -98.85 26.74
CA VAL D 192 50.58 -99.21 27.06
C VAL D 192 50.97 -100.41 26.21
N PRO D 193 52.25 -100.63 25.94
CA PRO D 193 52.66 -101.90 25.32
C PRO D 193 52.29 -103.07 26.23
N SER D 194 51.93 -104.19 25.62
CA SER D 194 51.55 -105.37 26.41
C SER D 194 52.73 -105.99 27.15
N SER D 195 53.96 -105.55 26.86
CA SER D 195 55.12 -106.07 27.59
C SER D 195 55.05 -105.77 29.07
N SER D 196 54.31 -104.75 29.50
CA SER D 196 54.16 -104.41 30.90
C SER D 196 52.78 -104.79 31.45
N LEU D 197 52.02 -105.63 30.74
CA LEU D 197 50.72 -106.04 31.24
C LEU D 197 50.84 -107.21 32.21
N GLY D 198 51.37 -108.33 31.73
CA GLY D 198 51.54 -109.52 32.54
C GLY D 198 52.75 -109.50 33.44
N THR D 199 53.61 -108.50 33.28
CA THR D 199 54.80 -108.32 34.12
C THR D 199 54.63 -107.22 35.15
N GLN D 200 53.96 -106.14 34.80
CA GLN D 200 53.70 -105.02 35.71
C GLN D 200 52.22 -105.02 36.06
N THR D 201 51.91 -105.10 37.36
CA THR D 201 50.54 -105.25 37.83
C THR D 201 49.73 -103.97 37.58
N TYR D 202 48.56 -104.15 36.96
CA TYR D 202 47.68 -103.05 36.58
C TYR D 202 46.36 -103.21 37.32
N ILE D 203 46.05 -102.26 38.21
CA ILE D 203 44.83 -102.28 39.00
C ILE D 203 44.12 -100.94 38.85
N CYS D 204 42.83 -100.99 38.48
CA CYS D 204 41.98 -99.82 38.50
C CYS D 204 41.23 -99.72 39.82
N ASN D 205 41.02 -98.49 40.27
CA ASN D 205 40.31 -98.20 41.51
C ASN D 205 39.18 -97.24 41.22
N VAL D 206 37.96 -97.61 41.59
CA VAL D 206 36.76 -96.85 41.25
C VAL D 206 36.16 -96.26 42.52
N ASN D 207 35.84 -94.95 42.47
CA ASN D 207 35.34 -94.21 43.63
C ASN D 207 34.14 -93.36 43.22
N HIS D 208 33.03 -93.54 43.94
CA HIS D 208 31.78 -92.84 43.65
C HIS D 208 31.35 -92.08 44.89
N LYS D 209 31.14 -90.77 44.76
CA LYS D 209 30.78 -90.02 45.97
C LYS D 209 29.29 -90.12 46.33
N PRO D 210 28.35 -89.93 45.40
CA PRO D 210 26.92 -89.98 45.79
C PRO D 210 26.46 -91.31 46.39
N SER D 211 27.13 -92.42 46.11
CA SER D 211 26.83 -93.69 46.76
C SER D 211 27.96 -94.25 47.61
N ASN D 212 29.12 -93.59 47.61
CA ASN D 212 30.30 -94.04 48.35
C ASN D 212 30.65 -95.50 48.03
N THR D 213 30.73 -95.81 46.74
CA THR D 213 31.06 -97.14 46.26
C THR D 213 32.54 -97.17 45.88
N LYS D 214 33.31 -98.04 46.53
CA LYS D 214 34.75 -98.13 46.28
C LYS D 214 35.11 -99.57 45.90
N VAL D 215 35.46 -99.79 44.64
CA VAL D 215 35.81 -101.12 44.15
C VAL D 215 37.19 -101.07 43.50
N ASP D 216 38.05 -101.98 43.90
CA ASP D 216 39.40 -102.14 43.33
C ASP D 216 39.46 -103.43 42.52
N LYS D 217 39.57 -103.31 41.20
CA LYS D 217 39.53 -104.47 40.32
C LYS D 217 40.81 -104.56 39.51
N LYS D 218 41.44 -105.74 39.54
CA LYS D 218 42.64 -106.02 38.75
C LYS D 218 42.25 -106.76 37.48
N VAL D 219 42.78 -106.31 36.35
CA VAL D 219 42.40 -106.84 35.05
C VAL D 219 43.35 -107.98 34.69
N GLU D 220 42.77 -109.14 34.36
CA GLU D 220 43.52 -110.34 34.00
C GLU D 220 42.86 -110.99 32.80
N PRO D 221 43.64 -111.58 31.90
CA PRO D 221 43.05 -112.30 30.76
C PRO D 221 42.16 -113.46 31.21
N LYS D 222 41.11 -113.69 30.43
CA LYS D 222 40.14 -114.73 30.73
C LYS D 222 40.60 -116.07 30.18
N SER D 223 40.50 -117.10 31.00
CA SER D 223 40.85 -118.48 30.61
C SER D 223 42.27 -118.57 30.07
N ASP E 1 13.60 -60.17 19.99
CA ASP E 1 15.05 -60.35 20.15
C ASP E 1 15.75 -60.28 18.79
N ILE E 2 17.05 -60.52 18.79
CA ILE E 2 17.87 -60.47 17.58
C ILE E 2 18.57 -61.82 17.43
N GLN E 3 18.71 -62.28 16.19
CA GLN E 3 19.39 -63.53 15.89
C GLN E 3 20.88 -63.29 15.63
N MET E 4 21.70 -64.18 16.17
CA MET E 4 23.16 -64.09 16.06
C MET E 4 23.65 -65.21 15.15
N THR E 5 24.18 -64.82 13.99
CA THR E 5 24.70 -65.78 13.02
C THR E 5 26.22 -65.77 13.18
N GLN E 6 26.70 -66.63 14.07
CA GLN E 6 28.14 -66.76 14.32
C GLN E 6 28.66 -67.88 13.43
N SER E 7 29.62 -67.55 12.57
CA SER E 7 30.19 -68.49 11.62
C SER E 7 31.70 -68.29 11.58
N PRO E 8 32.46 -69.33 11.20
CA PRO E 8 32.05 -70.71 10.88
C PRO E 8 31.67 -71.53 12.11
N SER E 9 30.97 -72.65 11.88
CA SER E 9 30.63 -73.54 12.99
C SER E 9 31.83 -74.36 13.45
N SER E 10 32.73 -74.69 12.54
CA SER E 10 33.92 -75.47 12.86
C SER E 10 35.02 -75.09 11.89
N LEU E 11 36.27 -75.18 12.37
CA LEU E 11 37.41 -74.83 11.54
C LEU E 11 38.66 -75.50 12.09
N SER E 12 39.53 -75.95 11.20
CA SER E 12 40.83 -76.51 11.57
C SER E 12 41.91 -75.74 10.82
N ALA E 13 42.82 -75.11 11.57
CA ALA E 13 43.91 -74.35 11.00
C ALA E 13 45.16 -74.52 11.85
N SER E 14 46.32 -74.51 11.21
CA SER E 14 47.56 -74.82 11.89
C SER E 14 47.90 -73.72 12.91
N VAL E 15 48.99 -73.94 13.64
CA VAL E 15 49.42 -72.99 14.66
C VAL E 15 49.92 -71.72 13.99
N GLY E 16 49.54 -70.57 14.56
CA GLY E 16 49.98 -69.29 14.06
C GLY E 16 49.09 -68.69 12.99
N ASP E 17 48.22 -69.48 12.38
CA ASP E 17 47.35 -68.98 11.33
C ASP E 17 46.29 -68.05 11.91
N ARG E 18 45.88 -67.07 11.09
CA ARG E 18 44.81 -66.17 11.48
C ARG E 18 43.45 -66.84 11.35
N VAL E 19 42.59 -66.60 12.33
CA VAL E 19 41.24 -67.14 12.37
C VAL E 19 40.27 -65.96 12.43
N THR E 20 39.30 -65.94 11.51
CA THR E 20 38.29 -64.89 11.48
C THR E 20 36.92 -65.55 11.67
N ILE E 21 36.20 -65.10 12.69
CA ILE E 21 34.89 -65.64 13.04
C ILE E 21 33.87 -64.53 12.81
N THR E 22 33.04 -64.70 11.78
CA THR E 22 32.08 -63.67 11.39
C THR E 22 30.80 -63.85 12.21
N CYS E 23 30.40 -62.80 12.93
CA CYS E 23 29.26 -62.84 13.83
C CYS E 23 28.24 -61.82 13.32
N GLN E 24 27.15 -62.31 12.76
CA GLN E 24 26.14 -61.45 12.16
C GLN E 24 24.99 -61.16 13.13
N ALA E 25 24.22 -60.13 12.78
CA ALA E 25 23.10 -59.67 13.58
C ALA E 25 22.04 -59.13 12.63
N SER E 26 21.14 -58.30 13.14
CA SER E 26 20.04 -57.80 12.33
C SER E 26 20.17 -56.32 12.01
N GLN E 27 20.31 -55.46 13.02
CA GLN E 27 20.25 -54.01 12.80
C GLN E 27 21.22 -53.27 13.72
N ASP E 28 22.26 -52.72 13.13
CA ASP E 28 23.10 -51.64 13.66
C ASP E 28 23.42 -51.83 15.15
N ILE E 29 24.12 -52.93 15.45
CA ILE E 29 24.64 -53.12 16.79
C ILE E 29 25.91 -52.30 16.99
N SER E 30 26.51 -51.83 15.88
CA SER E 30 27.76 -51.06 15.83
C SER E 30 28.84 -51.87 16.55
N ASN E 31 29.56 -51.29 17.50
CA ASN E 31 30.65 -51.99 18.16
C ASN E 31 30.23 -52.66 19.47
N TYR E 32 28.97 -52.48 19.87
CA TYR E 32 28.52 -52.97 21.17
C TYR E 32 28.34 -54.49 21.17
N LEU E 33 29.44 -55.22 21.10
CA LEU E 33 29.40 -56.68 21.14
C LEU E 33 30.62 -57.19 21.91
N ASN E 34 30.45 -58.34 22.55
CA ASN E 34 31.53 -58.96 23.31
C ASN E 34 31.68 -60.42 22.89
N TRP E 35 32.88 -60.95 23.10
CA TRP E 35 33.26 -62.30 22.70
C TRP E 35 33.71 -63.09 23.92
N TYR E 36 33.31 -64.35 23.99
CA TYR E 36 33.59 -65.18 25.15
C TYR E 36 34.15 -66.53 24.73
N GLN E 37 35.06 -67.06 25.54
CA GLN E 37 35.77 -68.29 25.26
C GLN E 37 35.32 -69.36 26.25
N GLN E 38 35.00 -70.55 25.74
CA GLN E 38 34.61 -71.68 26.58
C GLN E 38 35.45 -72.90 26.21
N LYS E 39 36.29 -73.36 27.14
CA LYS E 39 37.02 -74.60 26.97
C LYS E 39 36.11 -75.78 27.27
N PRO E 40 36.36 -76.94 26.65
CA PRO E 40 35.50 -78.11 26.92
C PRO E 40 35.71 -78.60 28.34
N GLY E 41 34.60 -78.74 29.05
CA GLY E 41 34.64 -79.11 30.46
C GLY E 41 35.11 -78.01 31.38
N LYS E 42 35.22 -76.78 30.88
CA LYS E 42 35.70 -75.66 31.67
C LYS E 42 34.69 -74.52 31.62
N ALA E 43 34.76 -73.66 32.63
CA ALA E 43 33.91 -72.47 32.66
C ALA E 43 34.33 -71.48 31.58
N PRO E 44 33.38 -70.69 31.08
CA PRO E 44 33.72 -69.69 30.07
C PRO E 44 34.64 -68.60 30.60
N LYS E 45 35.35 -67.95 29.68
CA LYS E 45 36.32 -66.92 30.01
C LYS E 45 36.09 -65.67 29.16
N LEU E 46 36.40 -64.51 29.74
CA LEU E 46 36.29 -63.26 29.02
C LEU E 46 37.40 -63.12 27.98
N LEU E 47 37.05 -62.58 26.81
CA LEU E 47 38.06 -62.26 25.81
C LEU E 47 38.10 -60.77 25.47
N ILE E 48 36.99 -60.19 25.05
CA ILE E 48 36.95 -58.77 24.67
C ILE E 48 35.52 -58.27 24.84
N TYR E 49 35.39 -57.07 25.39
CA TYR E 49 34.11 -56.41 25.54
C TYR E 49 34.08 -55.14 24.70
N ASP E 50 32.92 -54.83 24.12
CA ASP E 50 32.74 -53.72 23.19
C ASP E 50 33.59 -53.91 21.94
N ALA E 51 34.03 -55.16 21.68
CA ALA E 51 34.70 -55.57 20.46
C ALA E 51 36.05 -54.89 20.27
N SER E 52 36.44 -54.01 21.19
CA SER E 52 37.69 -53.26 21.02
C SER E 52 38.55 -53.15 22.27
N ASN E 53 38.02 -53.38 23.46
CA ASN E 53 38.76 -53.15 24.71
C ASN E 53 39.20 -54.48 25.29
N LEU E 54 40.50 -54.63 25.51
CA LEU E 54 41.05 -55.83 26.15
C LEU E 54 41.05 -55.63 27.66
N GLU E 55 40.55 -56.63 28.37
CA GLU E 55 40.51 -56.61 29.83
C GLU E 55 41.71 -57.36 30.40
N THR E 56 41.80 -57.35 31.73
CA THR E 56 42.91 -58.01 32.42
C THR E 56 42.76 -59.53 32.35
N GLY E 57 43.88 -60.21 32.51
CA GLY E 57 43.89 -61.67 32.50
C GLY E 57 43.75 -62.30 31.14
N VAL E 58 43.83 -61.52 30.06
CA VAL E 58 43.64 -62.01 28.71
C VAL E 58 44.95 -61.81 27.96
N PRO E 59 45.45 -62.83 27.25
CA PRO E 59 46.67 -62.64 26.46
C PRO E 59 46.49 -61.57 25.40
N SER E 60 47.55 -60.79 25.18
CA SER E 60 47.50 -59.71 24.19
C SER E 60 47.36 -60.24 22.77
N ARG E 61 47.62 -61.53 22.55
CA ARG E 61 47.48 -62.14 21.24
C ARG E 61 46.03 -62.24 20.78
N PHE E 62 45.07 -62.00 21.67
CA PHE E 62 43.66 -61.97 21.31
C PHE E 62 43.29 -60.58 20.81
N SER E 63 42.68 -60.53 19.64
CA SER E 63 42.29 -59.27 19.00
C SER E 63 40.90 -59.42 18.40
N GLY E 64 40.21 -58.28 18.27
CA GLY E 64 38.89 -58.28 17.69
C GLY E 64 38.60 -56.98 16.97
N SER E 65 37.76 -57.06 15.96
CA SER E 65 37.35 -55.90 15.18
C SER E 65 36.03 -56.22 14.49
N GLY E 66 35.53 -55.24 13.76
CA GLY E 66 34.23 -55.37 13.14
C GLY E 66 33.15 -54.64 13.92
N SER E 67 32.16 -54.12 13.19
CA SER E 67 31.08 -53.35 13.79
C SER E 67 29.89 -53.38 12.86
N GLY E 68 28.72 -53.05 13.41
CA GLY E 68 27.50 -53.05 12.63
C GLY E 68 26.88 -54.43 12.59
N THR E 69 27.08 -55.15 11.49
CA THR E 69 26.54 -56.49 11.32
C THR E 69 27.62 -57.55 11.13
N ASP E 70 28.87 -57.16 10.94
CA ASP E 70 29.97 -58.10 10.81
C ASP E 70 31.04 -57.84 11.86
N PHE E 71 31.68 -58.91 12.31
CA PHE E 71 32.73 -58.84 13.32
C PHE E 71 33.84 -59.81 12.96
N THR E 72 35.09 -59.37 13.07
CA THR E 72 36.21 -60.25 12.73
C THR E 72 36.60 -61.14 13.90
N PHE E 73 37.05 -60.54 15.01
CA PHE E 73 37.55 -61.27 16.18
C PHE E 73 38.69 -62.20 15.77
N THR E 74 39.83 -61.58 15.47
CA THR E 74 40.92 -62.28 14.81
C THR E 74 42.06 -62.53 15.80
N ILE E 75 42.57 -63.76 15.80
CA ILE E 75 43.59 -64.21 16.73
C ILE E 75 44.93 -64.18 16.01
N SER E 76 45.94 -63.59 16.66
CA SER E 76 47.21 -63.31 16.00
C SER E 76 48.07 -64.57 15.81
N SER E 77 48.49 -65.20 16.90
CA SER E 77 49.33 -66.39 16.82
C SER E 77 48.70 -67.53 17.62
N LEU E 78 48.28 -68.57 16.91
CA LEU E 78 47.56 -69.69 17.53
C LEU E 78 48.50 -70.56 18.34
N GLN E 79 48.16 -70.75 19.62
CA GLN E 79 48.81 -71.63 20.59
C GLN E 79 48.10 -72.96 20.64
N PRO E 80 48.80 -74.05 20.99
CA PRO E 80 48.15 -75.37 20.99
C PRO E 80 46.96 -75.48 21.93
N GLU E 81 46.87 -74.65 22.97
CA GLU E 81 45.80 -74.76 23.95
C GLU E 81 44.61 -73.86 23.67
N ASP E 82 44.64 -73.05 22.61
CA ASP E 82 43.54 -72.13 22.35
C ASP E 82 42.27 -72.85 21.90
N ILE E 83 42.33 -74.15 21.62
CA ILE E 83 41.20 -74.86 21.05
C ILE E 83 40.07 -74.91 22.08
N ALA E 84 38.95 -74.30 21.71
CA ALA E 84 37.81 -74.14 22.61
C ALA E 84 36.60 -73.77 21.76
N THR E 85 35.49 -73.53 22.43
CA THR E 85 34.29 -73.06 21.75
C THR E 85 34.11 -71.59 22.08
N TYR E 86 33.97 -70.78 21.04
CA TYR E 86 33.90 -69.33 21.17
C TYR E 86 32.50 -68.87 20.83
N TYR E 87 31.95 -67.99 21.66
CA TYR E 87 30.61 -67.47 21.46
C TYR E 87 30.72 -65.96 21.32
N CYS E 88 29.93 -65.40 20.42
CA CYS E 88 29.81 -63.96 20.29
C CYS E 88 28.44 -63.57 20.80
N GLN E 89 28.37 -62.58 21.68
CA GLN E 89 27.08 -62.29 22.25
C GLN E 89 26.93 -60.78 22.32
N GLN E 90 25.69 -60.33 22.46
CA GLN E 90 25.45 -58.89 22.38
C GLN E 90 24.26 -58.58 23.28
N ALA E 91 23.78 -57.36 23.19
CA ALA E 91 22.60 -56.94 23.94
C ALA E 91 21.95 -55.81 23.18
N TYR E 92 20.65 -55.87 22.97
CA TYR E 92 19.94 -54.78 22.32
C TYR E 92 18.68 -54.52 23.13
N ALA E 93 17.89 -55.58 23.14
CA ALA E 93 16.63 -55.76 23.83
C ALA E 93 16.77 -56.91 24.81
N TYR E 94 17.98 -57.02 25.40
CA TYR E 94 18.37 -57.92 26.48
C TYR E 94 18.99 -59.16 25.85
N PRO E 95 20.06 -59.68 26.46
CA PRO E 95 20.95 -60.64 25.80
C PRO E 95 20.41 -62.04 25.64
N LEU E 96 19.09 -62.21 25.76
CA LEU E 96 18.43 -63.41 25.26
C LEU E 96 19.04 -63.82 23.93
N THR E 97 19.44 -62.82 23.14
CA THR E 97 20.15 -63.04 21.89
C THR E 97 21.52 -63.67 22.16
N PHE E 98 21.63 -64.95 21.88
CA PHE E 98 22.89 -65.69 21.96
C PHE E 98 23.21 -66.31 20.61
N GLY E 99 24.44 -66.80 20.48
CA GLY E 99 24.92 -67.37 19.24
C GLY E 99 25.12 -68.87 19.31
N GLN E 100 25.08 -69.53 18.16
CA GLN E 100 25.23 -70.98 18.11
C GLN E 100 26.65 -71.46 18.41
N GLY E 101 27.63 -70.57 18.40
CA GLY E 101 28.97 -70.94 18.81
C GLY E 101 29.86 -71.31 17.63
N THR E 102 31.16 -71.21 17.87
CA THR E 102 32.19 -71.56 16.89
C THR E 102 33.22 -72.47 17.54
N LYS E 103 33.50 -73.59 16.87
CA LYS E 103 34.49 -74.54 17.34
C LYS E 103 35.76 -74.32 16.53
N VAL E 104 36.88 -74.07 17.21
CA VAL E 104 38.16 -73.86 16.57
C VAL E 104 39.03 -75.07 16.85
N GLU E 105 39.72 -75.54 15.82
CA GLU E 105 40.63 -76.67 15.97
C GLU E 105 41.90 -76.37 15.18
N ILE E 106 42.97 -77.10 15.50
CA ILE E 106 44.29 -76.85 14.92
C ILE E 106 44.68 -78.03 14.05
N LYS E 107 45.17 -77.73 12.85
CA LYS E 107 45.73 -78.78 12.00
C LYS E 107 47.13 -79.11 12.47
N ARG E 108 47.46 -80.39 12.49
CA ARG E 108 48.79 -80.85 12.91
C ARG E 108 49.22 -81.99 12.00
N THR E 109 50.25 -82.70 12.44
CA THR E 109 50.86 -83.78 11.67
C THR E 109 50.06 -85.06 11.81
N VAL E 110 49.98 -85.83 10.72
CA VAL E 110 49.22 -87.07 10.73
C VAL E 110 49.89 -88.06 11.68
N ALA E 111 49.11 -88.68 12.55
CA ALA E 111 49.59 -89.63 13.54
C ALA E 111 48.69 -90.86 13.57
N ALA E 112 49.31 -92.04 13.64
CA ALA E 112 48.55 -93.28 13.62
C ALA E 112 47.89 -93.54 14.98
N PRO E 113 46.74 -94.22 14.98
CA PRO E 113 46.00 -94.48 16.22
C PRO E 113 46.55 -95.66 17.00
N SER E 114 46.09 -95.76 18.24
CA SER E 114 46.25 -96.94 19.07
C SER E 114 44.91 -97.66 19.11
N VAL E 115 44.93 -98.97 18.86
CA VAL E 115 43.71 -99.77 18.72
C VAL E 115 43.65 -100.84 19.80
N PHE E 116 42.45 -101.05 20.34
CA PHE E 116 42.21 -102.06 21.36
C PHE E 116 40.72 -102.40 21.32
N ILE E 117 40.37 -103.56 21.87
CA ILE E 117 39.01 -104.07 21.91
C ILE E 117 38.50 -104.17 23.34
N PHE E 118 37.35 -103.56 23.61
CA PHE E 118 36.68 -103.72 24.90
C PHE E 118 35.52 -104.69 24.70
N PRO E 119 35.67 -105.97 25.03
CA PRO E 119 34.59 -106.92 24.81
C PRO E 119 33.70 -107.00 26.03
N PRO E 120 32.50 -107.59 25.90
CA PRO E 120 31.62 -107.78 27.05
C PRO E 120 32.20 -108.81 28.01
N SER E 121 32.52 -108.37 29.23
CA SER E 121 33.03 -109.30 30.22
C SER E 121 31.90 -110.19 30.73
N ASP E 122 32.28 -111.29 31.39
CA ASP E 122 31.29 -112.19 31.95
C ASP E 122 30.40 -111.49 32.98
N GLU E 123 30.96 -110.50 33.69
CA GLU E 123 30.17 -109.72 34.63
C GLU E 123 29.05 -108.95 33.92
N GLN E 124 29.33 -108.39 32.74
CA GLN E 124 28.28 -107.70 32.01
C GLN E 124 27.33 -108.67 31.33
N LEU E 125 27.83 -109.84 30.90
CA LEU E 125 27.02 -110.80 30.18
C LEU E 125 25.90 -111.35 31.05
N LYS E 126 26.20 -111.65 32.33
CA LYS E 126 25.23 -112.29 33.20
C LYS E 126 23.99 -111.42 33.40
N SER E 127 24.17 -110.10 33.47
CA SER E 127 23.04 -109.20 33.66
C SER E 127 22.29 -108.90 32.36
N GLY E 128 22.80 -109.38 31.23
CA GLY E 128 22.10 -109.26 29.96
C GLY E 128 22.57 -108.13 29.07
N THR E 129 23.67 -107.47 29.41
CA THR E 129 24.22 -106.41 28.59
C THR E 129 25.54 -106.88 27.99
N ALA E 130 25.82 -106.45 26.76
CA ALA E 130 27.04 -106.83 26.07
C ALA E 130 27.50 -105.67 25.21
N SER E 131 28.71 -105.16 25.47
CA SER E 131 29.28 -104.03 24.77
C SER E 131 30.58 -104.46 24.09
N VAL E 132 30.58 -104.45 22.76
CA VAL E 132 31.73 -104.85 21.95
C VAL E 132 32.33 -103.59 21.36
N VAL E 133 33.51 -103.20 21.81
CA VAL E 133 34.07 -101.90 21.48
C VAL E 133 35.43 -102.08 20.83
N CYS E 134 35.69 -101.27 19.80
CA CYS E 134 37.00 -101.17 19.19
C CYS E 134 37.39 -99.70 19.26
N LEU E 135 38.62 -99.41 19.69
CA LEU E 135 39.00 -98.06 20.05
C LEU E 135 40.07 -97.52 19.10
N LEU E 136 40.03 -96.22 18.89
CA LEU E 136 41.13 -95.48 18.26
C LEU E 136 41.53 -94.33 19.17
N ASN E 137 42.73 -94.41 19.73
CA ASN E 137 43.28 -93.37 20.58
C ASN E 137 44.33 -92.62 19.78
N ASN E 138 44.31 -91.29 19.88
CA ASN E 138 45.31 -90.43 19.24
C ASN E 138 45.48 -90.78 17.76
N PHE E 139 44.38 -90.59 17.03
CA PHE E 139 44.35 -90.78 15.58
C PHE E 139 44.29 -89.43 14.88
N TYR E 140 45.29 -89.16 14.04
CA TYR E 140 45.31 -87.93 13.27
C TYR E 140 45.39 -88.26 11.79
N PRO E 141 44.53 -87.66 10.93
CA PRO E 141 43.56 -86.61 11.26
C PRO E 141 42.46 -87.04 12.23
N ARG E 142 41.81 -86.05 12.83
CA ARG E 142 40.89 -86.22 13.95
C ARG E 142 39.58 -86.88 13.55
N GLU E 143 39.44 -87.29 12.30
CA GLU E 143 38.30 -88.05 11.82
C GLU E 143 38.77 -89.45 11.44
N ALA E 144 38.08 -90.47 11.95
CA ALA E 144 38.37 -91.84 11.55
C ALA E 144 37.15 -92.70 11.84
N LYS E 145 37.09 -93.85 11.19
CA LYS E 145 35.90 -94.69 11.19
C LYS E 145 36.25 -96.09 11.68
N VAL E 146 35.40 -96.62 12.55
CA VAL E 146 35.54 -97.99 13.05
C VAL E 146 34.29 -98.78 12.67
N GLN E 147 34.49 -99.97 12.11
CA GLN E 147 33.41 -100.84 11.68
C GLN E 147 33.53 -102.15 12.43
N TRP E 148 32.45 -102.55 13.11
CA TRP E 148 32.36 -103.83 13.80
C TRP E 148 31.55 -104.82 12.97
N LYS E 149 32.08 -106.02 12.82
CA LYS E 149 31.43 -107.09 12.08
C LYS E 149 31.29 -108.30 12.99
N VAL E 150 30.06 -108.81 13.07
CA VAL E 150 29.77 -110.09 13.69
C VAL E 150 29.72 -111.15 12.59
N ASP E 151 30.55 -112.19 12.72
CA ASP E 151 30.73 -113.21 11.68
C ASP E 151 31.08 -112.55 10.34
N ASN E 152 31.93 -111.53 10.41
CA ASN E 152 32.40 -110.76 9.26
C ASN E 152 31.29 -109.99 8.57
N ALA E 153 30.16 -109.78 9.24
CA ALA E 153 29.03 -109.04 8.68
C ALA E 153 28.88 -107.71 9.42
N LEU E 154 28.86 -106.62 8.65
CA LEU E 154 28.79 -105.29 9.25
C LEU E 154 27.52 -105.11 10.07
N GLN E 155 27.67 -104.51 11.24
CA GLN E 155 26.57 -104.36 12.18
C GLN E 155 26.13 -102.91 12.27
N SER E 156 24.83 -102.71 12.46
CA SER E 156 24.25 -101.37 12.58
C SER E 156 22.96 -101.45 13.37
N GLY E 157 22.51 -100.29 13.86
CA GLY E 157 21.32 -100.21 14.68
C GLY E 157 21.52 -100.51 16.16
N ASN E 158 22.67 -101.04 16.55
CA ASN E 158 22.99 -101.27 17.96
C ASN E 158 24.44 -100.91 18.25
N SER E 159 24.98 -99.91 17.55
CA SER E 159 26.35 -99.45 17.72
C SER E 159 26.37 -97.97 18.07
N GLN E 160 27.24 -97.62 19.03
CA GLN E 160 27.42 -96.24 19.47
C GLN E 160 28.90 -95.90 19.45
N GLU E 161 29.19 -94.60 19.44
CA GLU E 161 30.55 -94.09 19.52
C GLU E 161 30.71 -93.18 20.73
N SER E 162 31.74 -93.44 21.54
CA SER E 162 32.13 -92.59 22.65
C SER E 162 33.40 -91.84 22.28
N VAL E 163 33.34 -90.52 22.30
CA VAL E 163 34.40 -89.68 21.76
C VAL E 163 35.06 -88.93 22.91
N THR E 164 36.37 -89.16 23.11
CA THR E 164 37.14 -88.40 24.07
C THR E 164 37.51 -87.03 23.51
N GLU E 165 37.46 -86.02 24.37
CA GLU E 165 37.84 -84.67 23.96
C GLU E 165 39.32 -84.62 23.61
N GLN E 166 39.72 -83.49 23.03
CA GLN E 166 41.03 -83.36 22.44
C GLN E 166 42.17 -83.63 23.43
N ASP E 167 43.10 -84.48 23.00
CA ASP E 167 44.32 -84.71 23.78
C ASP E 167 45.35 -83.63 23.44
N SER E 168 45.87 -82.97 24.48
CA SER E 168 46.61 -81.73 24.29
C SER E 168 48.00 -81.93 23.70
N LYS E 169 48.55 -83.14 23.77
CA LYS E 169 49.92 -83.35 23.29
C LYS E 169 50.04 -83.23 21.79
N ASP E 170 49.00 -83.65 21.03
CA ASP E 170 49.10 -83.59 19.58
C ASP E 170 47.81 -83.06 18.95
N SER E 171 47.00 -82.33 19.72
CA SER E 171 45.76 -81.75 19.22
C SER E 171 44.87 -82.79 18.53
N THR E 172 44.66 -83.92 19.20
CA THR E 172 44.17 -85.12 18.56
C THR E 172 43.03 -85.72 19.38
N TYR E 173 42.16 -86.47 18.70
CA TYR E 173 40.97 -87.05 19.29
C TYR E 173 41.19 -88.49 19.70
N SER E 174 40.27 -89.00 20.51
CA SER E 174 40.17 -90.42 20.83
C SER E 174 38.71 -90.83 20.70
N LEU E 175 38.45 -91.93 20.00
CA LEU E 175 37.09 -92.34 19.68
C LEU E 175 36.97 -93.85 19.81
N SER E 176 35.98 -94.29 20.58
CA SER E 176 35.69 -95.70 20.78
C SER E 176 34.32 -96.01 20.19
N SER E 177 34.27 -97.03 19.33
CA SER E 177 33.03 -97.47 18.71
C SER E 177 32.51 -98.71 19.43
N THR E 178 31.26 -98.64 19.87
CA THR E 178 30.68 -99.60 20.81
C THR E 178 29.55 -100.35 20.12
N LEU E 179 29.51 -101.67 20.32
CA LEU E 179 28.44 -102.52 19.80
C LEU E 179 27.66 -103.12 20.96
N THR E 180 26.35 -102.90 20.96
CA THR E 180 25.47 -103.28 22.07
C THR E 180 24.64 -104.50 21.68
N LEU E 181 24.62 -105.50 22.55
CA LEU E 181 23.90 -106.75 22.32
C LEU E 181 23.77 -107.47 23.66
N SER E 182 23.27 -108.71 23.63
CA SER E 182 23.07 -109.51 24.83
C SER E 182 24.13 -110.58 24.94
N LYS E 183 24.07 -111.37 26.03
CA LYS E 183 24.99 -112.49 26.19
C LYS E 183 24.69 -113.60 25.19
N ALA E 184 23.40 -113.90 24.97
CA ALA E 184 23.02 -114.98 24.07
C ALA E 184 23.45 -114.67 22.63
N ASP E 185 23.23 -113.43 22.19
CA ASP E 185 23.67 -113.02 20.86
C ASP E 185 25.18 -113.08 20.73
N TYR E 186 25.90 -112.66 21.76
CA TYR E 186 27.36 -112.58 21.72
C TYR E 186 28.03 -113.92 21.92
N GLU E 187 27.29 -114.97 22.28
CA GLU E 187 27.79 -116.35 22.32
C GLU E 187 27.54 -117.13 21.03
N LYS E 188 26.50 -116.78 20.29
CA LYS E 188 26.04 -117.53 19.11
C LYS E 188 26.82 -117.25 17.83
N HIS E 189 27.97 -116.58 17.89
CA HIS E 189 28.72 -116.27 16.68
C HIS E 189 30.19 -116.65 16.84
N LYS E 190 30.82 -116.96 15.70
CA LYS E 190 32.13 -117.59 15.64
C LYS E 190 33.27 -116.59 15.56
N VAL E 191 33.21 -115.62 14.64
CA VAL E 191 34.30 -114.69 14.43
C VAL E 191 33.77 -113.27 14.56
N TYR E 192 34.56 -112.40 15.22
CA TYR E 192 34.27 -110.98 15.33
C TYR E 192 35.45 -110.20 14.76
N ALA E 193 35.17 -109.05 14.15
CA ALA E 193 36.27 -108.32 13.54
C ALA E 193 35.98 -106.83 13.49
N CYS E 194 36.87 -106.02 14.06
CA CYS E 194 36.78 -104.57 13.96
CA CYS E 194 36.78 -104.57 13.96
C CYS E 194 37.92 -104.09 13.07
N GLU E 195 37.61 -103.21 12.12
CA GLU E 195 38.54 -102.78 11.11
C GLU E 195 38.73 -101.27 11.18
N VAL E 196 39.96 -100.82 10.99
CA VAL E 196 40.31 -99.42 11.13
C VAL E 196 40.69 -98.91 9.75
N THR E 197 40.08 -97.78 9.36
CA THR E 197 40.44 -97.08 8.15
C THR E 197 40.96 -95.70 8.51
N HIS E 198 42.16 -95.39 8.04
CA HIS E 198 42.83 -94.15 8.38
C HIS E 198 43.65 -93.74 7.16
N GLN E 199 43.80 -92.43 6.96
CA GLN E 199 44.38 -91.92 5.73
C GLN E 199 45.81 -92.40 5.54
N GLY E 200 46.60 -92.41 6.61
CA GLY E 200 47.98 -92.84 6.50
C GLY E 200 48.18 -94.34 6.35
N LEU E 201 47.14 -95.15 6.56
CA LEU E 201 47.24 -96.60 6.39
C LEU E 201 46.75 -96.98 5.01
N SER E 202 47.61 -97.68 4.26
CA SER E 202 47.26 -98.06 2.89
C SER E 202 46.04 -98.97 2.85
N SER E 203 46.04 -100.03 3.66
CA SER E 203 44.95 -100.98 3.71
C SER E 203 44.42 -101.12 5.13
N PRO E 204 43.14 -101.41 5.30
CA PRO E 204 42.58 -101.56 6.65
C PRO E 204 43.22 -102.72 7.40
N VAL E 205 43.31 -102.56 8.72
CA VAL E 205 43.92 -103.55 9.59
C VAL E 205 42.80 -104.31 10.28
N THR E 206 42.78 -105.63 10.13
CA THR E 206 41.71 -106.47 10.66
C THR E 206 42.21 -107.23 11.89
N LYS E 207 41.43 -107.17 12.96
CA LYS E 207 41.69 -107.90 14.19
C LYS E 207 40.47 -108.77 14.50
N SER E 208 40.72 -109.99 14.99
CA SER E 208 39.64 -110.95 15.14
C SER E 208 39.48 -111.37 16.60
N PHE E 209 38.29 -111.89 16.91
CA PHE E 209 37.97 -112.35 18.26
C PHE E 209 36.78 -113.31 18.18
N ASN E 210 36.51 -113.96 19.31
CA ASN E 210 35.42 -114.91 19.41
C ASN E 210 34.98 -115.03 20.88
N ARG E 211 33.68 -115.24 21.07
CA ARG E 211 33.16 -115.63 22.37
C ARG E 211 32.83 -117.12 22.37
N GLY E 212 32.80 -117.70 23.57
CA GLY E 212 32.81 -119.15 23.66
C GLY E 212 34.13 -119.78 23.29
N GLU E 213 35.14 -118.97 22.97
CA GLU E 213 36.44 -119.44 22.51
C GLU E 213 36.28 -120.48 21.39
N CYS E 214 35.40 -120.15 20.44
CA CYS E 214 35.07 -121.04 19.34
C CYS E 214 34.67 -120.25 18.09
N GLU F 1 47.58 76.30 -1.43
CA GLU F 1 48.17 75.65 -2.59
C GLU F 1 48.79 74.30 -2.22
N VAL F 2 48.25 73.23 -2.81
CA VAL F 2 48.82 71.90 -2.61
C VAL F 2 50.19 71.83 -3.26
N GLN F 3 51.16 71.27 -2.54
CA GLN F 3 52.52 71.20 -3.04
C GLN F 3 53.23 70.05 -2.34
N LEU F 4 53.94 69.23 -3.12
CA LEU F 4 54.74 68.11 -2.63
C LEU F 4 56.06 68.07 -3.40
N VAL F 5 57.08 68.74 -2.87
CA VAL F 5 58.36 68.88 -3.58
C VAL F 5 59.32 67.80 -3.09
N GLU F 6 60.11 67.28 -4.03
CA GLU F 6 61.00 66.15 -3.79
C GLU F 6 62.47 66.56 -3.78
N SER F 7 63.25 65.92 -2.91
CA SER F 7 64.65 66.25 -2.73
C SER F 7 65.37 65.02 -2.21
N GLY F 8 66.70 65.05 -2.27
CA GLY F 8 67.52 63.92 -1.89
C GLY F 8 67.92 63.00 -3.02
N GLY F 9 67.20 63.03 -4.14
CA GLY F 9 67.57 62.29 -5.33
C GLY F 9 68.88 62.71 -5.97
N GLY F 10 69.71 61.75 -6.34
CA GLY F 10 71.02 62.03 -6.89
C GLY F 10 71.95 60.85 -7.00
N LEU F 11 73.17 61.00 -6.47
CA LEU F 11 74.26 60.05 -6.70
C LEU F 11 74.38 59.10 -5.52
N VAL F 12 74.24 57.80 -5.80
CA VAL F 12 74.47 56.75 -4.81
C VAL F 12 75.24 55.61 -5.49
N GLN F 13 76.27 55.11 -4.82
CA GLN F 13 76.99 53.95 -5.30
C GLN F 13 76.15 52.69 -5.14
N PRO F 14 76.45 51.63 -5.90
CA PRO F 14 75.69 50.39 -5.74
C PRO F 14 75.76 49.86 -4.31
N GLY F 15 74.61 49.41 -3.82
CA GLY F 15 74.45 48.93 -2.46
C GLY F 15 74.37 50.02 -1.42
N GLY F 16 74.32 51.30 -1.82
CA GLY F 16 74.31 52.38 -0.87
C GLY F 16 72.95 52.59 -0.24
N SER F 17 72.93 53.34 0.85
CA SER F 17 71.70 53.61 1.58
C SER F 17 71.44 55.11 1.63
N LEU F 18 70.19 55.51 1.43
CA LEU F 18 69.85 56.92 1.35
C LEU F 18 68.40 57.10 1.79
N ARG F 19 68.11 58.26 2.37
CA ARG F 19 66.76 58.69 2.72
C ARG F 19 66.33 59.77 1.74
N LEU F 20 65.39 59.44 0.84
CA LEU F 20 64.77 60.46 0.01
C LEU F 20 63.68 61.18 0.80
N SER F 21 63.57 62.49 0.61
CA SER F 21 62.59 63.29 1.31
C SER F 21 61.54 63.85 0.35
N CYS F 22 60.28 63.78 0.78
CA CYS F 22 59.13 64.35 0.07
C CYS F 22 58.42 65.22 1.10
N ALA F 23 58.68 66.52 1.07
CA ALA F 23 58.15 67.46 2.05
C ALA F 23 56.76 67.93 1.68
N ALA F 24 55.88 67.96 2.69
CA ALA F 24 54.45 68.13 2.50
C ALA F 24 53.96 69.38 3.23
N SER F 25 53.06 70.10 2.57
CA SER F 25 52.38 71.25 3.18
C SER F 25 51.09 71.51 2.42
N GLY F 26 50.12 72.09 3.12
CA GLY F 26 48.87 72.50 2.53
C GLY F 26 47.77 71.47 2.57
N PHE F 27 47.90 70.44 3.40
CA PHE F 27 46.90 69.38 3.51
C PHE F 27 47.15 68.57 4.77
N THR F 28 46.81 67.28 4.77
CA THR F 28 47.11 66.40 5.89
C THR F 28 47.73 65.12 5.34
N PHE F 29 49.03 64.91 5.61
CA PHE F 29 49.68 63.65 5.22
C PHE F 29 49.45 62.63 6.33
N SER F 30 48.32 61.92 6.21
CA SER F 30 47.86 60.88 7.12
C SER F 30 46.50 60.42 6.64
N SER F 31 45.48 61.28 6.80
CA SER F 31 44.17 60.99 6.23
C SER F 31 44.25 60.79 4.73
N TYR F 32 45.31 61.31 4.13
CA TYR F 32 45.65 61.15 2.73
C TYR F 32 46.92 60.33 2.69
N ALA F 33 47.07 59.52 1.66
CA ALA F 33 48.21 58.63 1.64
C ALA F 33 49.30 59.20 0.77
N MET F 34 50.30 58.36 0.46
CA MET F 34 51.38 58.78 -0.41
C MET F 34 51.81 57.54 -1.17
N THR F 35 52.44 57.73 -2.33
CA THR F 35 52.78 56.59 -3.16
C THR F 35 54.00 56.91 -4.02
N TRP F 36 55.07 56.14 -3.84
CA TRP F 36 56.24 56.34 -4.67
C TRP F 36 56.10 55.60 -5.99
N VAL F 37 56.33 56.31 -7.08
CA VAL F 37 56.31 55.81 -8.44
C VAL F 37 57.57 56.38 -9.08
N ARG F 38 57.98 55.81 -10.20
CA ARG F 38 59.18 56.32 -10.83
C ARG F 38 59.03 56.34 -12.34
N GLN F 39 59.59 57.38 -12.96
CA GLN F 39 59.67 57.47 -14.41
C GLN F 39 61.11 57.38 -14.89
N ALA F 40 61.44 56.29 -15.56
CA ALA F 40 62.75 56.14 -16.17
C ALA F 40 62.83 57.03 -17.41
N PRO F 41 63.98 57.67 -17.68
CA PRO F 41 64.08 58.51 -18.88
C PRO F 41 63.79 57.70 -20.14
N GLY F 42 62.82 58.15 -20.92
CA GLY F 42 62.45 57.40 -22.10
C GLY F 42 61.60 56.15 -21.89
N LYS F 43 61.17 55.88 -20.66
CA LYS F 43 60.43 54.65 -20.37
C LYS F 43 59.09 54.96 -19.72
N GLY F 44 58.40 53.93 -19.21
CA GLY F 44 57.08 54.11 -18.63
C GLY F 44 57.10 54.20 -17.10
N LEU F 45 55.91 54.42 -16.55
CA LEU F 45 55.72 54.48 -15.10
C LEU F 45 55.87 53.11 -14.46
N GLU F 46 56.22 53.11 -13.16
CA GLU F 46 56.18 51.87 -12.39
C GLU F 46 56.07 52.21 -10.90
N TRP F 47 55.03 51.67 -10.26
CA TRP F 47 54.71 52.00 -8.88
C TRP F 47 55.68 51.33 -7.90
N VAL F 48 55.84 51.93 -6.73
CA VAL F 48 56.76 51.39 -5.73
C VAL F 48 56.05 51.00 -4.44
N SER F 49 55.42 51.96 -3.76
CA SER F 49 54.96 51.75 -2.39
C SER F 49 53.66 52.50 -2.12
N TYR F 50 52.87 51.95 -1.19
CA TYR F 50 51.78 52.68 -0.57
C TYR F 50 52.22 53.27 0.76
N ILE F 51 51.26 53.89 1.44
CA ILE F 51 51.31 54.14 2.88
C ILE F 51 49.90 54.52 3.30
N SER F 52 49.48 54.08 4.49
CA SER F 52 48.10 54.32 4.92
C SER F 52 48.07 54.74 6.38
N GLY F 53 48.19 56.04 6.64
CA GLY F 53 48.25 56.55 7.99
C GLY F 53 49.46 56.08 8.78
N SER F 54 50.24 55.17 8.19
CA SER F 54 51.40 54.58 8.84
C SER F 54 52.14 53.73 7.83
N GLY F 55 53.45 53.61 8.02
CA GLY F 55 54.30 52.89 7.09
C GLY F 55 54.44 51.41 7.45
N GLY F 56 53.47 50.83 8.13
CA GLY F 56 53.52 49.41 8.42
C GLY F 56 52.58 48.60 7.54
N GLY F 57 51.43 49.19 7.21
CA GLY F 57 50.51 48.61 6.25
C GLY F 57 50.74 49.09 4.83
N THR F 58 51.85 48.69 4.22
CA THR F 58 52.17 49.11 2.87
C THR F 58 52.40 47.90 1.95
N TYR F 59 52.83 48.20 0.73
CA TYR F 59 53.12 47.19 -0.28
C TYR F 59 54.25 47.69 -1.18
N TYR F 60 54.83 46.74 -1.89
CA TYR F 60 55.94 46.95 -2.80
C TYR F 60 55.73 46.06 -4.00
N ALA F 61 56.25 46.50 -5.15
CA ALA F 61 56.20 45.76 -6.40
C ALA F 61 57.17 44.58 -6.43
N ASP F 62 56.86 43.63 -7.32
CA ASP F 62 57.67 42.43 -7.47
C ASP F 62 59.10 42.79 -7.90
N SER F 63 59.24 43.86 -8.65
CA SER F 63 60.48 44.38 -9.21
C SER F 63 61.24 45.24 -8.21
N VAL F 64 60.64 45.51 -7.05
CA VAL F 64 61.23 46.38 -6.04
C VAL F 64 61.37 45.72 -4.68
N LYS F 65 61.04 44.43 -4.55
CA LYS F 65 61.12 43.76 -3.26
C LYS F 65 62.54 43.79 -2.69
N GLY F 66 62.65 44.20 -1.43
CA GLY F 66 63.90 44.29 -0.70
C GLY F 66 64.76 45.50 -0.95
N ARG F 67 64.46 46.34 -1.93
CA ARG F 67 65.37 47.47 -2.14
C ARG F 67 64.91 48.73 -1.42
N PHE F 68 63.65 49.11 -1.55
CA PHE F 68 63.13 50.36 -0.99
C PHE F 68 62.27 50.10 0.23
N THR F 69 62.30 51.07 1.16
CA THR F 69 61.50 51.04 2.38
C THR F 69 60.92 52.43 2.61
N ILE F 70 59.60 52.56 2.53
CA ILE F 70 58.94 53.85 2.72
C ILE F 70 58.82 54.14 4.22
N SER F 71 58.72 55.43 4.55
CA SER F 71 58.56 55.88 5.93
C SER F 71 57.90 57.25 5.90
N ARG F 72 57.31 57.64 7.03
CA ARG F 72 56.72 58.96 7.18
C ARG F 72 57.50 59.77 8.23
N ASP F 73 56.82 60.74 8.84
CA ASP F 73 57.40 61.58 9.88
C ASP F 73 56.28 62.33 10.57
N ASN F 74 56.42 62.53 11.88
CA ASN F 74 55.43 63.25 12.67
C ASN F 74 55.80 64.74 12.66
N SER F 75 55.04 65.53 13.43
CA SER F 75 55.26 66.97 13.55
C SER F 75 55.32 67.63 12.18
N LYS F 76 56.53 67.87 11.66
CA LYS F 76 56.67 68.50 10.35
C LYS F 76 56.08 67.66 9.23
N ASN F 77 55.84 66.37 9.47
CA ASN F 77 54.92 65.58 8.65
C ASN F 77 55.39 65.50 7.19
N THR F 78 56.52 64.85 7.00
CA THR F 78 57.06 64.58 5.68
C THR F 78 57.16 63.08 5.42
N LEU F 79 57.53 62.73 4.19
CA LEU F 79 57.68 61.35 3.76
C LEU F 79 59.14 61.04 3.43
N TYR F 80 59.57 59.81 3.78
CA TYR F 80 60.92 59.34 3.53
C TYR F 80 60.89 58.02 2.77
N LEU F 81 61.97 57.76 2.02
CA LEU F 81 62.14 56.51 1.28
C LEU F 81 63.58 56.02 1.40
N GLN F 82 63.75 54.86 2.01
CA GLN F 82 65.05 54.25 2.27
C GLN F 82 65.38 53.27 1.14
N MET F 83 66.61 53.37 0.60
CA MET F 83 67.05 52.56 -0.53
C MET F 83 68.22 51.67 -0.12
N ASN F 84 68.20 50.42 -0.59
CA ASN F 84 69.37 49.56 -0.49
C ASN F 84 69.39 48.60 -1.68
N SER F 85 70.59 48.11 -2.00
CA SER F 85 70.83 47.11 -3.03
C SER F 85 70.26 47.54 -4.38
N LEU F 86 70.58 48.76 -4.78
CA LEU F 86 70.22 49.25 -6.10
C LEU F 86 71.07 48.61 -7.19
N ARG F 87 70.50 48.57 -8.40
CA ARG F 87 71.12 47.98 -9.56
C ARG F 87 71.08 48.99 -10.70
N ALA F 88 72.00 48.84 -11.65
CA ALA F 88 72.26 49.89 -12.63
C ALA F 88 71.04 50.16 -13.49
N GLU F 89 70.22 49.15 -13.77
CA GLU F 89 69.08 49.29 -14.65
C GLU F 89 67.90 50.00 -13.97
N ASP F 90 68.04 50.44 -12.73
CA ASP F 90 66.95 51.05 -11.99
C ASP F 90 66.98 52.57 -12.04
N THR F 91 67.83 53.18 -12.86
CA THR F 91 67.88 54.63 -12.94
C THR F 91 66.55 55.17 -13.43
N ALA F 92 66.05 56.20 -12.74
CA ALA F 92 64.72 56.72 -13.06
C ALA F 92 64.50 58.01 -12.28
N VAL F 93 63.44 58.72 -12.65
CA VAL F 93 62.92 59.87 -11.92
C VAL F 93 61.78 59.37 -11.04
N TYR F 94 61.90 59.56 -9.73
CA TYR F 94 60.94 59.02 -8.77
C TYR F 94 59.93 60.09 -8.40
N TYR F 95 58.71 59.66 -8.10
CA TYR F 95 57.62 60.57 -7.77
C TYR F 95 56.94 60.10 -6.49
N CYS F 96 56.71 61.03 -5.56
CA CYS F 96 55.85 60.80 -4.40
C CYS F 96 54.43 61.29 -4.68
N ALA F 97 53.48 60.35 -4.78
CA ALA F 97 52.13 60.70 -5.20
C ALA F 97 51.21 60.95 -4.01
N ARG F 98 49.92 60.61 -4.14
CA ARG F 98 48.95 60.79 -3.07
C ARG F 98 47.65 60.04 -3.41
N ASP F 99 46.55 60.41 -2.78
CA ASP F 99 45.25 59.78 -3.00
C ASP F 99 44.17 60.77 -2.58
N ARG F 100 43.23 60.33 -1.73
CA ARG F 100 42.20 61.20 -1.15
C ARG F 100 41.25 60.41 -0.25
N TRP F 101 41.16 59.10 -0.43
CA TRP F 101 40.26 58.31 0.41
C TRP F 101 40.88 56.95 0.77
N ALA F 102 41.16 56.15 -0.26
CA ALA F 102 41.77 54.82 -0.20
C ALA F 102 40.74 53.70 0.01
N SER F 103 39.68 53.96 0.78
CA SER F 103 38.62 52.97 0.97
C SER F 103 37.65 52.98 -0.20
N GLY F 104 37.99 52.22 -1.24
CA GLY F 104 37.21 52.13 -2.47
C GLY F 104 38.16 52.40 -3.60
N TRP F 105 39.21 51.58 -3.69
CA TRP F 105 40.31 51.75 -4.64
C TRP F 105 41.17 52.93 -4.20
N LEU F 106 42.27 53.19 -4.90
CA LEU F 106 43.25 54.23 -4.53
C LEU F 106 43.62 55.14 -5.69
N ALA F 107 42.95 56.29 -5.80
CA ALA F 107 43.13 57.21 -6.93
C ALA F 107 44.01 58.38 -6.48
N PHE F 108 45.13 58.58 -7.18
CA PHE F 108 46.15 59.58 -6.87
C PHE F 108 45.66 61.01 -7.07
N ASP F 109 46.46 61.97 -6.60
CA ASP F 109 46.06 63.38 -6.63
C ASP F 109 47.18 64.39 -6.87
N VAL F 110 48.05 64.59 -5.87
CA VAL F 110 49.09 65.64 -5.96
C VAL F 110 49.99 65.46 -7.16
N TRP F 111 50.33 64.21 -7.51
CA TRP F 111 51.32 63.90 -8.54
C TRP F 111 52.47 64.90 -8.59
N GLY F 112 53.34 64.90 -7.57
CA GLY F 112 54.46 65.82 -7.51
C GLY F 112 55.42 65.84 -8.70
N GLN F 113 56.42 66.74 -8.62
CA GLN F 113 57.27 67.04 -9.78
C GLN F 113 58.28 65.95 -10.12
N GLY F 114 58.63 65.08 -9.18
CA GLY F 114 59.56 64.01 -9.51
C GLY F 114 61.01 64.39 -9.32
N THR F 115 61.83 63.41 -8.94
CA THR F 115 63.26 63.62 -8.75
C THR F 115 64.07 62.44 -9.30
N LEU F 116 65.24 62.76 -9.86
CA LEU F 116 66.05 61.79 -10.59
C LEU F 116 67.05 61.12 -9.65
N VAL F 117 67.22 59.81 -9.81
CA VAL F 117 68.27 59.06 -9.12
C VAL F 117 68.97 58.14 -10.11
N THR F 118 70.30 58.18 -10.12
CA THR F 118 71.11 57.28 -10.92
C THR F 118 72.17 56.67 -10.04
N VAL F 119 72.42 55.37 -10.23
CA VAL F 119 73.38 54.61 -9.43
C VAL F 119 74.52 54.13 -10.33
N SER F 120 75.73 54.60 -10.04
CA SER F 120 76.91 54.14 -10.78
C SER F 120 78.15 54.47 -9.98
N SER F 121 79.26 53.84 -10.36
CA SER F 121 80.55 54.05 -9.71
C SER F 121 81.29 55.25 -10.28
N ALA F 122 80.69 55.93 -11.26
CA ALA F 122 81.32 57.06 -11.93
C ALA F 122 81.56 58.22 -10.98
N SER F 123 82.64 58.95 -11.24
CA SER F 123 83.06 60.10 -10.46
C SER F 123 82.53 61.38 -11.11
N THR F 124 82.20 62.35 -10.27
CA THR F 124 81.74 63.64 -10.77
C THR F 124 82.84 64.37 -11.52
N LYS F 125 82.45 65.09 -12.56
CA LYS F 125 83.38 65.81 -13.43
C LYS F 125 82.69 67.07 -13.93
N GLY F 126 83.49 68.12 -14.17
CA GLY F 126 82.99 69.39 -14.63
C GLY F 126 82.57 69.47 -16.08
N PRO F 127 81.75 70.47 -16.39
CA PRO F 127 81.16 70.63 -17.71
C PRO F 127 82.06 71.43 -18.66
N SER F 128 81.66 71.46 -19.93
CA SER F 128 82.30 72.32 -20.90
C SER F 128 81.25 72.99 -21.79
N VAL F 129 81.58 74.18 -22.26
CA VAL F 129 80.69 75.01 -23.07
C VAL F 129 81.20 75.04 -24.51
N PHE F 130 80.29 74.88 -25.47
CA PHE F 130 80.62 74.82 -26.89
C PHE F 130 79.84 75.90 -27.62
N PRO F 131 80.51 76.86 -28.26
CA PRO F 131 79.78 77.88 -29.02
C PRO F 131 79.25 77.31 -30.32
N LEU F 132 78.26 78.00 -30.88
CA LEU F 132 77.72 77.68 -32.20
C LEU F 132 77.93 78.88 -33.12
N ALA F 133 78.93 78.80 -33.99
CA ALA F 133 79.42 79.94 -34.76
C ALA F 133 78.69 80.05 -36.09
N PRO F 134 78.68 81.24 -36.71
CA PRO F 134 78.19 81.34 -38.08
C PRO F 134 79.31 81.14 -39.09
N SER F 135 79.00 81.17 -40.39
CA SER F 135 80.04 81.03 -41.41
C SER F 135 80.53 82.39 -41.86
N SER F 136 81.85 82.50 -42.04
CA SER F 136 82.42 83.78 -42.49
C SER F 136 81.93 84.16 -43.89
N LYS F 137 81.89 83.19 -44.80
CA LYS F 137 81.42 83.38 -46.17
C LYS F 137 80.06 82.74 -46.44
N SER F 138 79.14 82.79 -45.49
CA SER F 138 77.83 82.20 -45.73
C SER F 138 77.06 83.06 -46.71
N THR F 139 76.80 82.51 -47.91
CA THR F 139 76.07 83.20 -48.95
C THR F 139 74.99 82.32 -49.58
N SER F 140 74.78 81.11 -49.06
CA SER F 140 73.73 80.22 -49.54
C SER F 140 72.37 80.64 -49.01
N GLY F 141 72.36 81.48 -47.98
CA GLY F 141 71.14 81.97 -47.38
C GLY F 141 71.43 83.27 -46.66
N GLY F 142 70.38 84.06 -46.48
CA GLY F 142 70.50 85.38 -45.88
C GLY F 142 70.15 85.49 -44.41
N THR F 143 69.65 84.41 -43.82
CA THR F 143 69.29 84.40 -42.41
C THR F 143 70.15 83.41 -41.66
N ALA F 144 70.71 83.84 -40.53
CA ALA F 144 71.63 83.02 -39.75
C ALA F 144 71.08 82.80 -38.36
N ALA F 145 71.53 81.72 -37.74
CA ALA F 145 71.24 81.38 -36.35
C ALA F 145 72.43 81.61 -35.45
N LEU F 146 72.18 82.03 -34.22
CA LEU F 146 73.22 82.08 -33.20
C LEU F 146 72.81 81.13 -32.09
N GLY F 147 73.81 80.61 -31.37
CA GLY F 147 73.51 79.62 -30.35
C GLY F 147 74.72 79.34 -29.48
N CYS F 148 74.44 78.85 -28.28
CA CYS F 148 75.48 78.47 -27.33
C CYS F 148 75.14 77.13 -26.71
N LEU F 149 76.09 76.20 -26.74
CA LEU F 149 75.87 74.80 -26.35
C LEU F 149 76.69 74.43 -25.12
N VAL F 150 76.01 73.86 -24.13
CA VAL F 150 76.65 73.36 -22.93
C VAL F 150 76.78 71.85 -23.09
N LYS F 151 77.98 71.32 -22.90
CA LYS F 151 78.26 69.92 -23.18
C LYS F 151 78.89 69.31 -21.94
N ASP F 152 78.63 68.03 -21.73
CA ASP F 152 79.35 67.23 -20.75
C ASP F 152 79.09 67.73 -19.33
N TYR F 153 77.89 68.23 -19.08
CA TYR F 153 77.44 68.53 -17.74
C TYR F 153 76.57 67.42 -17.21
N PHE F 154 76.61 67.22 -15.90
CA PHE F 154 75.90 66.10 -15.30
C PHE F 154 75.66 66.36 -13.82
N PRO F 155 74.40 66.45 -13.36
CA PRO F 155 73.15 66.47 -14.12
C PRO F 155 72.66 67.88 -14.49
N GLU F 156 71.37 67.96 -14.83
CA GLU F 156 70.61 69.17 -15.17
C GLU F 156 70.58 70.13 -13.98
N PRO F 157 70.14 71.41 -14.13
CA PRO F 157 69.77 72.17 -15.33
C PRO F 157 70.82 73.20 -15.73
N VAL F 158 70.59 73.84 -16.87
CA VAL F 158 71.38 75.00 -17.31
C VAL F 158 70.42 76.00 -17.94
N THR F 159 70.63 77.29 -17.64
CA THR F 159 69.73 78.34 -18.09
C THR F 159 70.49 79.35 -18.91
N VAL F 160 69.75 80.14 -19.70
CA VAL F 160 70.35 81.16 -20.57
C VAL F 160 69.52 82.44 -20.51
N SER F 161 70.20 83.58 -20.44
CA SER F 161 69.59 84.90 -20.54
C SER F 161 70.24 85.64 -21.70
N TRP F 162 69.70 86.82 -22.04
CA TRP F 162 70.10 87.50 -23.28
C TRP F 162 70.29 88.99 -23.07
N ASN F 163 71.57 89.42 -23.01
CA ASN F 163 71.95 90.82 -23.23
C ASN F 163 71.24 91.76 -22.26
N SER F 164 71.50 91.56 -20.96
CA SER F 164 71.26 92.59 -19.96
C SER F 164 69.81 93.07 -19.96
N GLY F 165 68.88 92.14 -20.20
CA GLY F 165 67.47 92.44 -20.05
C GLY F 165 66.81 93.30 -21.10
N ALA F 166 67.59 94.08 -21.85
CA ALA F 166 67.00 94.93 -22.89
C ALA F 166 66.70 94.18 -24.19
N LEU F 167 67.14 92.94 -24.34
CA LEU F 167 66.86 92.16 -25.55
C LEU F 167 66.36 90.78 -25.14
N THR F 168 65.26 90.34 -25.78
CA THR F 168 64.65 89.06 -25.43
C THR F 168 64.23 88.23 -26.65
N SER F 169 64.27 88.78 -27.85
CA SER F 169 63.65 88.14 -29.01
C SER F 169 64.33 86.83 -29.39
N GLY F 170 63.53 85.84 -29.77
CA GLY F 170 64.03 84.64 -30.41
C GLY F 170 64.47 83.51 -29.51
N VAL F 171 64.03 83.47 -28.26
CA VAL F 171 64.50 82.43 -27.35
C VAL F 171 63.94 81.08 -27.77
N HIS F 172 64.84 80.09 -27.92
CA HIS F 172 64.47 78.69 -28.08
C HIS F 172 65.46 77.83 -27.30
N THR F 173 64.97 76.77 -26.67
CA THR F 173 65.82 75.88 -25.89
C THR F 173 65.52 74.42 -26.25
N PHE F 174 66.62 73.61 -26.49
CA PHE F 174 66.47 72.21 -26.90
C PHE F 174 66.50 71.25 -25.71
N PRO F 175 65.81 70.12 -25.86
CA PRO F 175 65.90 69.06 -24.85
C PRO F 175 67.28 68.41 -24.84
N ALA F 176 67.57 67.71 -23.75
CA ALA F 176 68.88 67.12 -23.55
C ALA F 176 69.05 65.87 -24.41
N VAL F 177 70.29 65.61 -24.80
CA VAL F 177 70.68 64.38 -25.47
C VAL F 177 71.92 63.82 -24.78
N LEU F 178 71.89 62.53 -24.48
CA LEU F 178 72.99 61.87 -23.80
C LEU F 178 74.11 61.50 -24.76
N GLN F 179 75.34 61.57 -24.25
CA GLN F 179 76.58 61.47 -25.00
C GLN F 179 77.30 60.17 -24.71
N SER F 180 78.33 59.90 -25.53
CA SER F 180 79.12 58.68 -25.41
C SER F 180 79.95 58.65 -24.13
N SER F 181 80.24 59.81 -23.54
CA SER F 181 81.01 59.87 -22.31
C SER F 181 80.15 59.65 -21.06
N GLY F 182 78.87 59.38 -21.23
CA GLY F 182 77.93 59.24 -20.14
C GLY F 182 77.39 60.54 -19.60
N LEU F 183 77.80 61.67 -20.16
CA LEU F 183 77.41 62.98 -19.68
C LEU F 183 76.27 63.51 -20.56
N TYR F 184 75.86 64.75 -20.29
CA TYR F 184 74.67 65.32 -20.91
C TYR F 184 75.03 66.61 -21.63
N SER F 185 74.13 67.04 -22.51
CA SER F 185 74.29 68.26 -23.28
C SER F 185 72.93 68.90 -23.50
N LEU F 186 72.94 70.21 -23.68
CA LEU F 186 71.71 70.95 -23.98
C LEU F 186 72.09 72.25 -24.68
N SER F 187 71.34 72.58 -25.73
CA SER F 187 71.58 73.76 -26.55
C SER F 187 70.39 74.70 -26.54
N SER F 188 70.69 76.00 -26.61
CA SER F 188 69.68 77.04 -26.76
C SER F 188 70.05 77.87 -27.98
N VAL F 189 69.08 78.09 -28.88
CA VAL F 189 69.35 78.64 -30.20
C VAL F 189 68.33 79.71 -30.52
N VAL F 190 68.57 80.40 -31.63
CA VAL F 190 67.70 81.45 -32.14
C VAL F 190 67.90 81.50 -33.65
N THR F 191 66.82 81.71 -34.39
CA THR F 191 66.88 81.89 -35.84
C THR F 191 66.28 83.24 -36.21
N VAL F 192 67.09 84.09 -36.83
CA VAL F 192 66.75 85.47 -37.13
C VAL F 192 67.44 85.80 -38.45
N PRO F 193 66.97 86.77 -39.24
CA PRO F 193 67.77 87.23 -40.38
C PRO F 193 69.11 87.79 -39.91
N SER F 194 70.13 87.58 -40.74
CA SER F 194 71.48 88.02 -40.41
C SER F 194 71.64 89.54 -40.39
N SER F 195 70.62 90.28 -40.86
CA SER F 195 70.69 91.74 -40.80
C SER F 195 70.77 92.29 -39.38
N SER F 196 70.32 91.52 -38.37
CA SER F 196 70.37 91.97 -36.98
C SER F 196 71.44 91.27 -36.15
N LEU F 197 72.41 90.58 -36.76
CA LEU F 197 73.45 89.95 -35.96
C LEU F 197 74.53 90.96 -35.61
N GLY F 198 75.17 91.54 -36.62
CA GLY F 198 76.23 92.51 -36.44
C GLY F 198 75.75 93.92 -36.12
N THR F 199 74.43 94.16 -36.17
CA THR F 199 73.87 95.46 -35.82
C THR F 199 73.23 95.48 -34.44
N GLN F 200 72.56 94.41 -34.04
CA GLN F 200 71.96 94.32 -32.71
C GLN F 200 72.78 93.30 -31.92
N THR F 201 73.31 93.71 -30.78
CA THR F 201 74.22 92.86 -30.03
C THR F 201 73.48 91.66 -29.43
N TYR F 202 74.02 90.47 -29.69
CA TYR F 202 73.44 89.20 -29.25
C TYR F 202 74.45 88.54 -28.32
N ILE F 203 74.10 88.38 -27.05
CA ILE F 203 74.97 87.79 -26.06
C ILE F 203 74.21 86.67 -25.36
N CYS F 204 74.79 85.48 -25.35
CA CYS F 204 74.26 84.40 -24.53
C CYS F 204 74.94 84.40 -23.17
N ASN F 205 74.17 84.04 -22.15
CA ASN F 205 74.63 83.95 -20.77
C ASN F 205 74.30 82.55 -20.28
N VAL F 206 75.30 81.83 -19.80
CA VAL F 206 75.14 80.43 -19.42
C VAL F 206 75.27 80.32 -17.91
N ASN F 207 74.33 79.62 -17.29
CA ASN F 207 74.25 79.50 -15.84
C ASN F 207 74.03 78.05 -15.48
N HIS F 208 74.90 77.51 -14.62
CA HIS F 208 74.85 76.12 -14.20
C HIS F 208 74.73 76.12 -12.69
N LYS F 209 73.71 75.44 -12.17
CA LYS F 209 73.44 75.44 -10.73
C LYS F 209 74.32 74.46 -9.94
N PRO F 210 74.47 73.20 -10.35
CA PRO F 210 75.28 72.25 -9.55
C PRO F 210 76.72 72.68 -9.34
N SER F 211 77.28 73.52 -10.21
CA SER F 211 78.61 74.09 -10.00
C SER F 211 78.63 75.60 -9.83
N ASN F 212 77.48 76.27 -9.96
CA ASN F 212 77.38 77.72 -9.86
C ASN F 212 78.38 78.40 -10.79
N THR F 213 78.35 77.99 -12.05
CA THR F 213 79.21 78.53 -13.09
C THR F 213 78.42 79.56 -13.88
N LYS F 214 78.90 80.80 -13.92
CA LYS F 214 78.21 81.89 -14.61
C LYS F 214 79.17 82.49 -15.64
N VAL F 215 78.89 82.27 -16.92
CA VAL F 215 79.73 82.76 -18.00
C VAL F 215 78.87 83.56 -18.97
N ASP F 216 79.32 84.77 -19.31
CA ASP F 216 78.67 85.64 -20.28
C ASP F 216 79.56 85.71 -21.52
N LYS F 217 79.08 85.13 -22.63
CA LYS F 217 79.86 85.02 -23.86
C LYS F 217 79.12 85.72 -24.99
N LYS F 218 79.83 86.62 -25.67
CA LYS F 218 79.31 87.34 -26.83
C LYS F 218 79.79 86.68 -28.12
N VAL F 219 78.87 86.47 -29.05
CA VAL F 219 79.15 85.74 -30.28
C VAL F 219 79.59 86.74 -31.34
N GLU F 220 80.75 86.48 -31.94
CA GLU F 220 81.34 87.33 -32.97
C GLU F 220 81.90 86.49 -34.10
N PRO F 221 81.81 86.97 -35.34
CA PRO F 221 82.42 86.23 -36.46
C PRO F 221 83.91 86.09 -36.26
N LYS F 222 84.45 84.97 -36.73
CA LYS F 222 85.87 84.68 -36.57
C LYS F 222 86.68 85.34 -37.67
N SER F 223 87.77 85.99 -37.27
CA SER F 223 88.70 86.64 -38.20
C SER F 223 88.01 87.63 -39.12
N ASP G 1 48.77 39.92 -12.04
CA ASP G 1 48.47 41.26 -12.52
C ASP G 1 47.73 41.21 -13.86
N ILE G 2 47.49 42.38 -14.45
CA ILE G 2 46.78 42.49 -15.71
C ILE G 2 47.66 43.25 -16.70
N GLN G 3 47.62 42.82 -17.96
CA GLN G 3 48.36 43.49 -19.02
C GLN G 3 47.50 44.55 -19.69
N MET G 4 48.09 45.71 -19.96
CA MET G 4 47.39 46.84 -20.58
C MET G 4 47.93 47.04 -21.99
N THR G 5 47.08 46.80 -22.99
CA THR G 5 47.49 46.98 -24.38
C THR G 5 46.90 48.33 -24.78
N GLN G 6 47.65 49.39 -24.55
CA GLN G 6 47.21 50.73 -24.89
C GLN G 6 47.71 51.08 -26.29
N SER G 7 46.79 51.37 -27.19
CA SER G 7 47.09 51.70 -28.57
C SER G 7 46.22 52.87 -29.00
N PRO G 8 46.66 53.65 -30.00
CA PRO G 8 47.96 53.58 -30.67
C PRO G 8 49.10 54.10 -29.80
N SER G 9 50.33 53.77 -30.18
CA SER G 9 51.49 54.28 -29.47
C SER G 9 51.73 55.73 -29.81
N SER G 10 51.36 56.14 -31.02
CA SER G 10 51.52 57.50 -31.51
C SER G 10 50.43 57.77 -32.54
N LEU G 11 50.00 59.02 -32.63
CA LEU G 11 48.96 59.40 -33.57
C LEU G 11 49.08 60.89 -33.87
N SER G 12 48.84 61.25 -35.11
CA SER G 12 48.81 62.65 -35.57
C SER G 12 47.47 62.96 -36.22
N ALA G 13 46.78 63.97 -35.70
CA ALA G 13 45.49 64.40 -36.21
C ALA G 13 45.38 65.91 -36.09
N SER G 14 44.69 66.51 -37.06
CA SER G 14 44.64 67.95 -37.19
C SER G 14 43.85 68.58 -36.04
N VAL G 15 43.80 69.92 -36.05
CA VAL G 15 43.12 70.64 -35.00
C VAL G 15 41.62 70.40 -35.12
N GLY G 16 40.97 70.18 -33.99
CA GLY G 16 39.54 69.97 -33.96
C GLY G 16 39.11 68.54 -34.16
N ASP G 17 40.01 67.69 -34.65
CA ASP G 17 39.69 66.29 -34.89
C ASP G 17 39.53 65.54 -33.57
N ARG G 18 38.65 64.54 -33.58
CA ARG G 18 38.46 63.69 -32.43
C ARG G 18 39.59 62.68 -32.30
N VAL G 19 40.06 62.47 -31.08
CA VAL G 19 41.12 61.51 -30.80
C VAL G 19 40.58 60.49 -29.81
N THR G 20 40.70 59.21 -30.18
CA THR G 20 40.27 58.10 -29.33
C THR G 20 41.47 57.21 -29.04
N ILE G 21 41.76 57.01 -27.75
CA ILE G 21 42.91 56.22 -27.34
C ILE G 21 42.37 54.99 -26.64
N THR G 22 42.50 53.84 -27.28
CA THR G 22 41.94 52.59 -26.78
C THR G 22 42.92 51.92 -25.81
N CYS G 23 42.43 51.65 -24.61
CA CYS G 23 43.21 51.13 -23.48
C CYS G 23 42.62 49.77 -23.16
N GLN G 24 43.36 48.72 -23.47
CA GLN G 24 42.89 47.35 -23.33
C GLN G 24 43.34 46.76 -21.99
N ALA G 25 42.67 45.69 -21.59
CA ALA G 25 42.94 45.02 -20.32
C ALA G 25 42.66 43.53 -20.53
N SER G 26 42.44 42.81 -19.43
CA SER G 26 42.26 41.36 -19.52
C SER G 26 40.83 40.91 -19.23
N GLN G 27 40.24 41.24 -18.07
CA GLN G 27 38.94 40.66 -17.70
C GLN G 27 38.08 41.68 -16.96
N ASP G 28 37.03 42.15 -17.62
CA ASP G 28 35.85 42.78 -17.00
C ASP G 28 36.21 43.73 -15.86
N ILE G 29 36.94 44.79 -16.21
CA ILE G 29 37.20 45.87 -15.25
C ILE G 29 35.99 46.78 -15.13
N SER G 30 35.05 46.68 -16.06
CA SER G 30 33.83 47.49 -16.16
C SER G 30 34.21 48.97 -16.22
N ASN G 31 33.65 49.83 -15.38
CA ASN G 31 33.96 51.25 -15.48
C ASN G 31 35.07 51.71 -14.55
N TYR G 32 35.62 50.84 -13.71
CA TYR G 32 36.59 51.32 -12.74
C TYR G 32 37.94 51.62 -13.41
N LEU G 33 38.03 52.68 -14.20
CA LEU G 33 39.31 53.00 -14.79
C LEU G 33 39.45 54.52 -14.79
N ASN G 34 40.69 54.98 -14.70
CA ASN G 34 40.98 56.41 -14.70
C ASN G 34 42.07 56.72 -15.71
N TRP G 35 42.06 57.98 -16.15
CA TRP G 35 42.95 58.47 -17.18
C TRP G 35 43.75 59.63 -16.62
N TYR G 36 45.04 59.68 -16.97
CA TYR G 36 45.94 60.66 -16.41
C TYR G 36 46.74 61.31 -17.54
N GLN G 37 47.03 62.60 -17.37
CA GLN G 37 47.70 63.39 -18.39
C GLN G 37 49.09 63.74 -17.90
N GLN G 38 50.09 63.55 -18.76
CA GLN G 38 51.47 63.90 -18.44
C GLN G 38 52.02 64.77 -19.56
N LYS G 39 52.33 66.02 -19.24
CA LYS G 39 53.02 66.89 -20.16
C LYS G 39 54.52 66.58 -20.13
N PRO G 40 55.23 66.81 -21.23
CA PRO G 40 56.67 66.53 -21.23
C PRO G 40 57.39 67.48 -20.28
N GLY G 41 58.19 66.91 -19.39
CA GLY G 41 58.87 67.69 -18.36
C GLY G 41 57.96 68.18 -17.26
N LYS G 42 56.73 67.69 -17.19
CA LYS G 42 55.77 68.13 -16.18
C LYS G 42 55.22 66.93 -15.42
N ALA G 43 54.72 67.22 -14.22
CA ALA G 43 54.10 66.23 -13.37
C ALA G 43 52.76 65.77 -13.95
N PRO G 44 52.35 64.54 -13.68
CA PRO G 44 51.07 64.04 -14.19
C PRO G 44 49.89 64.80 -13.58
N LYS G 45 48.78 64.77 -14.32
CA LYS G 45 47.56 65.46 -13.93
C LYS G 45 46.37 64.52 -14.01
N LEU G 46 45.38 64.76 -13.15
CA LEU G 46 44.16 63.99 -13.16
C LEU G 46 43.31 64.39 -14.36
N LEU G 47 42.68 63.41 -15.01
CA LEU G 47 41.72 63.70 -16.08
C LEU G 47 40.32 63.21 -15.75
N ILE G 48 40.14 61.92 -15.47
CA ILE G 48 38.83 61.37 -15.17
C ILE G 48 39.03 60.12 -14.31
N TYR G 49 38.19 59.97 -13.29
CA TYR G 49 38.20 58.79 -12.43
C TYR G 49 36.89 58.05 -12.60
N ASP G 50 36.96 56.71 -12.55
CA ASP G 50 35.84 55.82 -12.80
C ASP G 50 35.30 55.96 -14.23
N ALA G 51 36.11 56.52 -15.13
CA ALA G 51 35.82 56.60 -16.56
C ALA G 51 34.59 57.45 -16.87
N SER G 52 33.93 57.98 -15.85
CA SER G 52 32.70 58.73 -16.07
C SER G 52 32.58 60.02 -15.27
N ASN G 53 33.34 60.21 -14.20
CA ASN G 53 33.18 61.36 -13.31
C ASN G 53 34.29 62.37 -13.58
N LEU G 54 33.91 63.61 -13.89
CA LEU G 54 34.85 64.70 -14.09
C LEU G 54 35.12 65.38 -12.75
N GLU G 55 36.40 65.58 -12.43
CA GLU G 55 36.79 66.25 -11.21
C GLU G 55 37.05 67.73 -11.45
N THR G 56 37.36 68.44 -10.37
CA THR G 56 37.63 69.87 -10.46
C THR G 56 38.98 70.13 -11.11
N GLY G 57 39.12 71.34 -11.67
CA GLY G 57 40.36 71.76 -12.28
C GLY G 57 40.65 71.16 -13.64
N VAL G 58 39.69 70.46 -14.24
CA VAL G 58 39.88 69.79 -15.51
C VAL G 58 38.95 70.43 -16.53
N PRO G 59 39.43 70.79 -17.72
CA PRO G 59 38.52 71.35 -18.74
C PRO G 59 37.43 70.35 -19.10
N SER G 60 36.22 70.89 -19.33
CA SER G 60 35.10 70.02 -19.70
C SER G 60 35.29 69.39 -21.06
N ARG G 61 36.22 69.91 -21.87
CA ARG G 61 36.50 69.33 -23.18
C ARG G 61 37.15 67.96 -23.08
N PHE G 62 37.60 67.56 -21.89
CA PHE G 62 38.14 66.24 -21.68
C PHE G 62 37.00 65.27 -21.37
N SER G 63 36.95 64.17 -22.12
CA SER G 63 35.89 63.19 -21.97
C SER G 63 36.47 61.79 -22.03
N GLY G 64 35.76 60.85 -21.43
CA GLY G 64 36.18 59.46 -21.42
C GLY G 64 34.96 58.58 -21.39
N SER G 65 35.09 57.39 -21.96
CA SER G 65 34.01 56.42 -21.98
C SER G 65 34.61 55.04 -22.22
N GLY G 66 33.75 54.05 -22.26
CA GLY G 66 34.13 52.66 -22.37
C GLY G 66 34.10 51.94 -21.03
N SER G 67 33.77 50.66 -21.08
CA SER G 67 33.64 49.84 -19.88
C SER G 67 33.83 48.39 -20.29
N GLY G 68 34.09 47.56 -19.28
CA GLY G 68 34.30 46.15 -19.51
C GLY G 68 35.73 45.83 -19.90
N THR G 69 35.96 45.65 -21.20
CA THR G 69 37.28 45.33 -21.71
C THR G 69 37.83 46.37 -22.68
N ASP G 70 37.00 47.32 -23.13
CA ASP G 70 37.38 48.40 -24.03
C ASP G 70 37.10 49.77 -23.42
N PHE G 71 37.95 50.75 -23.75
CA PHE G 71 37.79 52.11 -23.25
C PHE G 71 38.10 53.07 -24.37
N THR G 72 37.27 54.11 -24.51
CA THR G 72 37.43 55.09 -25.60
C THR G 72 38.42 56.21 -25.26
N PHE G 73 38.10 57.02 -24.25
CA PHE G 73 38.88 58.21 -23.89
C PHE G 73 39.00 59.14 -25.10
N THR G 74 37.86 59.76 -25.42
CA THR G 74 37.67 60.47 -26.66
C THR G 74 37.69 61.98 -26.44
N ILE G 75 38.41 62.70 -27.31
CA ILE G 75 38.61 64.13 -27.20
C ILE G 75 37.67 64.82 -28.18
N SER G 76 36.92 65.81 -27.70
CA SER G 76 35.85 66.40 -28.51
C SER G 76 36.40 67.32 -29.58
N SER G 77 37.05 68.42 -29.18
CA SER G 77 37.63 69.37 -30.12
C SER G 77 39.09 69.56 -29.76
N LEU G 78 39.98 69.13 -30.65
CA LEU G 78 41.41 69.16 -30.36
C LEU G 78 41.96 70.58 -30.43
N GLN G 79 42.63 71.05 -29.28
CA GLN G 79 43.33 72.32 -29.14
C GLN G 79 44.81 72.15 -29.40
N PRO G 80 45.49 73.21 -29.85
CA PRO G 80 46.91 73.12 -30.18
C PRO G 80 47.81 72.72 -29.02
N GLU G 81 47.41 72.93 -27.77
CA GLU G 81 48.25 72.69 -26.60
C GLU G 81 48.04 71.31 -25.96
N ASP G 82 47.14 70.48 -26.49
CA ASP G 82 46.87 69.19 -25.86
C ASP G 82 48.01 68.18 -26.00
N ILE G 83 49.04 68.48 -26.78
CA ILE G 83 50.09 67.49 -27.04
C ILE G 83 50.87 67.18 -25.77
N ALA G 84 50.80 65.92 -25.34
CA ALA G 84 51.39 65.46 -24.10
C ALA G 84 51.42 63.94 -24.20
N THR G 85 51.89 63.28 -23.13
CA THR G 85 51.87 61.84 -23.08
C THR G 85 50.78 61.40 -22.11
N TYR G 86 49.89 60.53 -22.59
CA TYR G 86 48.73 60.09 -21.83
C TYR G 86 48.88 58.64 -21.42
N TYR G 87 48.59 58.35 -20.16
CA TYR G 87 48.71 57.00 -19.64
C TYR G 87 47.34 56.59 -19.10
N CYS G 88 46.97 55.34 -19.33
CA CYS G 88 45.75 54.78 -18.75
C CYS G 88 46.14 53.80 -17.66
N GLN G 89 45.52 53.94 -16.50
CA GLN G 89 45.89 53.16 -15.34
C GLN G 89 44.61 52.73 -14.62
N GLN G 90 44.74 51.74 -13.75
CA GLN G 90 43.54 51.18 -13.13
C GLN G 90 43.90 50.73 -11.72
N ALA G 91 42.97 50.00 -11.10
CA ALA G 91 43.14 49.43 -9.78
C ALA G 91 42.21 48.23 -9.73
N TYR G 92 42.73 47.08 -9.29
CA TYR G 92 41.95 45.87 -9.17
C TYR G 92 42.77 44.83 -8.44
N ALA G 93 43.92 44.48 -9.01
CA ALA G 93 44.86 43.56 -8.39
C ALA G 93 46.18 44.28 -8.17
N TYR G 94 46.09 45.57 -7.85
CA TYR G 94 47.13 46.50 -7.41
C TYR G 94 47.66 47.19 -8.66
N PRO G 95 47.92 48.49 -8.59
CA PRO G 95 48.12 49.26 -9.82
C PRO G 95 49.47 48.99 -10.46
N LEU G 96 50.14 47.91 -10.06
CA LEU G 96 51.24 47.35 -10.83
C LEU G 96 50.94 47.38 -12.32
N THR G 97 49.67 47.18 -12.67
CA THR G 97 49.19 47.31 -14.03
C THR G 97 49.30 48.75 -14.52
N PHE G 98 50.28 49.03 -15.37
CA PHE G 98 50.47 50.31 -16.05
C PHE G 98 50.46 50.09 -17.57
N GLY G 99 50.36 51.19 -18.30
CA GLY G 99 50.30 51.12 -19.74
C GLY G 99 51.56 51.68 -20.37
N GLN G 100 51.85 51.25 -21.60
CA GLN G 100 53.06 51.71 -22.26
C GLN G 100 52.98 53.17 -22.71
N GLY G 101 51.79 53.77 -22.71
CA GLY G 101 51.65 55.18 -22.99
C GLY G 101 51.30 55.44 -24.44
N THR G 102 50.71 56.61 -24.69
CA THR G 102 50.34 57.06 -26.02
C THR G 102 50.82 58.47 -26.25
N LYS G 103 51.51 58.70 -27.37
CA LYS G 103 52.00 60.02 -27.72
C LYS G 103 51.05 60.60 -28.77
N VAL G 104 50.50 61.77 -28.46
CA VAL G 104 49.57 62.47 -29.34
C VAL G 104 50.24 63.72 -29.90
N GLU G 105 50.06 63.97 -31.19
CA GLU G 105 50.58 65.18 -31.80
C GLU G 105 49.51 65.73 -32.72
N ILE G 106 49.64 67.02 -33.06
CA ILE G 106 48.63 67.77 -33.78
C ILE G 106 49.11 68.20 -35.15
N LYS G 107 48.27 67.98 -36.17
CA LYS G 107 48.53 68.53 -37.49
C LYS G 107 48.12 70.00 -37.53
N ARG G 108 48.94 70.83 -38.17
CA ARG G 108 48.68 72.27 -38.30
C ARG G 108 49.06 72.73 -39.71
N THR G 109 49.19 74.05 -39.86
CA THR G 109 49.45 74.66 -41.16
C THR G 109 50.93 74.57 -41.52
N VAL G 110 51.20 74.38 -42.81
CA VAL G 110 52.57 74.24 -43.31
C VAL G 110 53.33 75.54 -43.13
N ALA G 111 54.55 75.45 -42.57
CA ALA G 111 55.43 76.58 -42.31
C ALA G 111 56.83 76.22 -42.78
N ALA G 112 57.51 77.18 -43.44
CA ALA G 112 58.84 76.84 -43.94
C ALA G 112 59.87 76.84 -42.82
N PRO G 113 60.89 76.00 -42.92
CA PRO G 113 61.90 75.90 -41.86
C PRO G 113 62.96 76.99 -41.92
N SER G 114 63.70 77.10 -40.82
CA SER G 114 64.93 77.87 -40.75
C SER G 114 66.13 76.93 -40.71
N VAL G 115 67.14 77.20 -41.56
CA VAL G 115 68.28 76.30 -41.69
C VAL G 115 69.55 77.04 -41.29
N PHE G 116 70.44 76.35 -40.56
CA PHE G 116 71.70 76.95 -40.13
C PHE G 116 72.71 75.85 -39.83
N ILE G 117 73.99 76.23 -39.83
CA ILE G 117 75.09 75.32 -39.57
C ILE G 117 75.80 75.75 -38.28
N PHE G 118 75.95 74.82 -37.33
CA PHE G 118 76.74 75.10 -36.15
C PHE G 118 78.09 74.41 -36.26
N PRO G 119 79.15 75.11 -36.66
CA PRO G 119 80.45 74.48 -36.81
C PRO G 119 81.26 74.56 -35.53
N PRO G 120 82.33 73.78 -35.43
CA PRO G 120 83.22 73.85 -34.26
C PRO G 120 83.97 75.18 -34.23
N SER G 121 83.72 75.98 -33.20
CA SER G 121 84.42 77.25 -33.07
C SER G 121 85.88 77.02 -32.66
N ASP G 122 86.68 78.08 -32.81
CA ASP G 122 88.08 78.01 -32.44
C ASP G 122 88.27 77.68 -30.97
N GLU G 123 87.33 78.11 -30.12
CA GLU G 123 87.38 77.75 -28.71
C GLU G 123 87.29 76.24 -28.52
N GLN G 124 86.43 75.59 -29.30
CA GLN G 124 86.29 74.13 -29.26
C GLN G 124 87.43 73.43 -29.97
N LEU G 125 88.00 74.08 -30.99
CA LEU G 125 89.05 73.46 -31.78
C LEU G 125 90.30 73.19 -30.93
N LYS G 126 90.64 74.12 -30.05
CA LYS G 126 91.86 74.01 -29.27
C LYS G 126 91.86 72.78 -28.36
N SER G 127 90.69 72.43 -27.80
CA SER G 127 90.63 71.27 -26.92
C SER G 127 90.52 69.93 -27.65
N GLY G 128 90.36 69.91 -28.97
CA GLY G 128 90.37 68.68 -29.72
C GLY G 128 89.03 68.07 -30.07
N THR G 129 87.92 68.77 -29.84
CA THR G 129 86.59 68.30 -30.16
C THR G 129 86.01 69.12 -31.30
N ALA G 130 85.22 68.47 -32.15
CA ALA G 130 84.61 69.17 -33.29
C ALA G 130 83.22 68.60 -33.56
N SER G 131 82.22 69.45 -33.45
CA SER G 131 80.80 69.11 -33.65
C SER G 131 80.26 69.98 -34.77
N VAL G 132 79.89 69.35 -35.88
CA VAL G 132 79.34 70.05 -37.05
C VAL G 132 77.85 69.77 -37.11
N VAL G 133 77.03 70.79 -36.85
CA VAL G 133 75.60 70.60 -36.64
C VAL G 133 74.82 71.43 -37.65
N CYS G 134 73.74 70.86 -38.17
CA CYS G 134 72.75 71.55 -39.01
C CYS G 134 71.37 71.40 -38.38
N LEU G 135 70.63 72.50 -38.31
CA LEU G 135 69.40 72.56 -37.54
C LEU G 135 68.22 72.75 -38.47
N LEU G 136 67.09 72.20 -38.05
CA LEU G 136 65.80 72.50 -38.66
C LEU G 136 64.87 72.95 -37.56
N ASN G 137 64.51 74.24 -37.57
CA ASN G 137 63.59 74.82 -36.61
C ASN G 137 62.23 75.10 -37.25
N ASN G 138 61.15 74.76 -36.55
CA ASN G 138 59.80 75.06 -36.99
C ASN G 138 59.61 74.58 -38.43
N PHE G 139 59.69 73.27 -38.61
CA PHE G 139 59.48 72.63 -39.89
C PHE G 139 58.14 71.89 -39.94
N TYR G 140 57.30 72.30 -40.89
CA TYR G 140 56.01 71.69 -41.16
C TYR G 140 55.93 71.22 -42.61
N PRO G 141 55.52 69.97 -42.88
CA PRO G 141 54.99 68.99 -41.92
C PRO G 141 56.00 68.55 -40.87
N ARG G 142 55.51 67.98 -39.77
CA ARG G 142 56.39 67.74 -38.62
C ARG G 142 57.39 66.63 -38.87
N GLU G 143 57.41 66.08 -40.09
CA GLU G 143 58.43 65.13 -40.50
C GLU G 143 59.26 65.81 -41.56
N ALA G 144 60.57 65.79 -41.39
CA ALA G 144 61.49 66.32 -42.39
C ALA G 144 62.86 65.73 -42.16
N LYS G 145 63.69 65.79 -43.19
CA LYS G 145 64.97 65.09 -43.22
C LYS G 145 66.09 66.08 -43.46
N VAL G 146 67.17 65.90 -42.71
CA VAL G 146 68.39 66.70 -42.85
C VAL G 146 69.50 65.72 -43.24
N GLN G 147 70.26 66.10 -44.26
CA GLN G 147 71.34 65.27 -44.80
C GLN G 147 72.66 66.02 -44.69
N TRP G 148 73.63 65.41 -44.03
CA TRP G 148 74.98 65.95 -43.96
C TRP G 148 75.88 65.22 -44.95
N LYS G 149 76.62 66.01 -45.74
CA LYS G 149 77.55 65.47 -46.71
C LYS G 149 78.92 66.07 -46.46
N VAL G 150 79.93 65.21 -46.33
CA VAL G 150 81.33 65.63 -46.33
C VAL G 150 81.87 65.48 -47.75
N ASP G 151 82.36 66.58 -48.32
CA ASP G 151 82.80 66.60 -49.71
C ASP G 151 81.68 66.10 -50.62
N ASN G 152 80.46 66.52 -50.31
CA ASN G 152 79.23 66.16 -51.04
C ASN G 152 78.90 64.68 -50.94
N ALA G 153 79.49 63.96 -49.98
CA ALA G 153 79.23 62.55 -49.79
C ALA G 153 78.44 62.34 -48.49
N LEU G 154 77.31 61.65 -48.59
CA LEU G 154 76.43 61.47 -47.45
C LEU G 154 77.14 60.72 -46.33
N GLN G 155 76.93 61.20 -45.09
CA GLN G 155 77.61 60.68 -43.91
C GLN G 155 76.64 59.92 -43.03
N SER G 156 77.14 58.87 -42.38
CA SER G 156 76.35 58.05 -41.47
C SER G 156 77.28 57.39 -40.48
N GLY G 157 76.70 56.90 -39.38
CA GLY G 157 77.47 56.29 -38.31
C GLY G 157 78.07 57.27 -37.32
N ASN G 158 78.03 58.57 -37.62
CA ASN G 158 78.49 59.60 -36.69
C ASN G 158 77.56 60.82 -36.71
N SER G 159 76.27 60.59 -36.96
CA SER G 159 75.28 61.65 -37.00
C SER G 159 74.17 61.35 -35.99
N GLN G 160 73.75 62.39 -35.28
CA GLN G 160 72.68 62.29 -34.29
C GLN G 160 71.63 63.37 -34.56
N GLU G 161 70.44 63.15 -34.02
CA GLU G 161 69.36 64.13 -34.09
C GLU G 161 68.92 64.54 -32.70
N SER G 162 68.85 65.85 -32.48
CA SER G 162 68.32 66.44 -31.26
C SER G 162 66.96 67.02 -31.58
N VAL G 163 65.92 66.58 -30.87
CA VAL G 163 64.54 66.87 -31.23
C VAL G 163 63.96 67.77 -30.15
N THR G 164 63.55 68.97 -30.54
CA THR G 164 62.85 69.89 -29.66
C THR G 164 61.37 69.56 -29.48
N GLU G 165 60.91 69.72 -28.24
CA GLU G 165 59.52 69.53 -27.88
C GLU G 165 58.66 70.59 -28.57
N GLN G 166 57.34 70.43 -28.48
CA GLN G 166 56.43 71.24 -29.28
C GLN G 166 56.62 72.73 -29.06
N ASP G 167 56.72 73.47 -30.16
CA ASP G 167 56.74 74.91 -30.09
C ASP G 167 55.27 75.36 -30.07
N SER G 168 54.90 76.16 -29.07
CA SER G 168 53.47 76.32 -28.81
C SER G 168 52.78 77.18 -29.85
N LYS G 169 53.53 77.99 -30.61
CA LYS G 169 52.89 78.89 -31.57
C LYS G 169 52.27 78.14 -32.73
N ASP G 170 52.90 77.04 -33.19
CA ASP G 170 52.35 76.34 -34.35
C ASP G 170 52.37 74.82 -34.17
N SER G 171 52.46 74.32 -32.94
CA SER G 171 52.48 72.89 -32.66
C SER G 171 53.50 72.13 -33.51
N THR G 172 54.74 72.62 -33.51
CA THR G 172 55.71 72.24 -34.53
C THR G 172 57.02 71.88 -33.86
N TYR G 173 57.81 71.04 -34.53
CA TYR G 173 59.04 70.51 -33.98
C TYR G 173 60.26 71.30 -34.45
N SER G 174 61.38 71.08 -33.75
CA SER G 174 62.69 71.54 -34.16
C SER G 174 63.69 70.40 -34.00
N LEU G 175 64.52 70.18 -35.03
CA LEU G 175 65.42 69.04 -35.07
C LEU G 175 66.76 69.47 -35.65
N SER G 176 67.83 69.18 -34.91
CA SER G 176 69.20 69.48 -35.32
C SER G 176 70.00 68.21 -35.56
N SER G 177 70.62 68.13 -36.73
CA SER G 177 71.46 67.00 -37.13
C SER G 177 72.94 67.36 -36.96
N THR G 178 73.66 66.53 -36.23
CA THR G 178 75.01 66.85 -35.75
C THR G 178 76.00 65.86 -36.38
N LEU G 179 77.12 66.37 -36.87
CA LEU G 179 78.19 65.53 -37.41
C LEU G 179 79.44 65.65 -36.55
N THR G 180 79.93 64.51 -36.05
CA THR G 180 81.03 64.43 -35.11
C THR G 180 82.29 63.94 -35.81
N LEU G 181 83.40 64.63 -35.62
CA LEU G 181 84.68 64.29 -36.24
C LEU G 181 85.79 65.03 -35.47
N SER G 182 87.01 64.95 -35.99
CA SER G 182 88.17 65.56 -35.36
C SER G 182 88.59 66.81 -36.13
N LYS G 183 89.61 67.49 -35.62
CA LYS G 183 90.16 68.65 -36.32
C LYS G 183 90.90 68.26 -37.59
N ALA G 184 91.68 67.17 -37.56
CA ALA G 184 92.45 66.79 -38.74
C ALA G 184 91.55 66.38 -39.90
N ASP G 185 90.51 65.59 -39.63
CA ASP G 185 89.58 65.22 -40.69
C ASP G 185 88.84 66.45 -41.22
N TYR G 186 88.41 67.33 -40.32
CA TYR G 186 87.61 68.48 -40.70
C TYR G 186 88.44 69.61 -41.30
N GLU G 187 89.78 69.51 -41.27
CA GLU G 187 90.64 70.43 -41.99
C GLU G 187 91.00 69.88 -43.36
N LYS G 188 90.99 68.56 -43.51
CA LYS G 188 91.43 67.85 -44.70
C LYS G 188 90.33 67.77 -45.75
N HIS G 189 89.26 68.55 -45.62
CA HIS G 189 88.15 68.51 -46.55
C HIS G 189 87.78 69.91 -47.00
N LYS G 190 87.26 70.00 -48.22
CA LYS G 190 87.10 71.29 -48.88
C LYS G 190 85.74 71.94 -48.65
N VAL G 191 84.66 71.19 -48.89
CA VAL G 191 83.31 71.73 -48.83
C VAL G 191 82.46 70.88 -47.90
N TYR G 192 81.61 71.54 -47.10
CA TYR G 192 80.65 70.87 -46.25
C TYR G 192 79.26 71.38 -46.64
N ALA G 193 78.26 70.51 -46.55
CA ALA G 193 76.91 70.89 -46.97
C ALA G 193 75.84 70.09 -46.24
N CYS G 194 74.92 70.79 -45.60
CA CYS G 194 73.76 70.16 -44.97
CA CYS G 194 73.76 70.16 -44.97
C CYS G 194 72.53 70.55 -45.78
N GLU G 195 71.69 69.57 -46.08
CA GLU G 195 70.56 69.76 -46.99
C GLU G 195 69.22 69.46 -46.32
N VAL G 196 68.24 70.29 -46.66
CA VAL G 196 66.89 70.25 -46.09
C VAL G 196 65.91 69.86 -47.18
N THR G 197 65.06 68.87 -46.90
CA THR G 197 63.97 68.49 -47.79
C THR G 197 62.65 68.72 -47.07
N HIS G 198 61.77 69.50 -47.70
CA HIS G 198 60.50 69.89 -47.10
C HIS G 198 59.43 69.97 -48.17
N GLN G 199 58.19 69.68 -47.76
CA GLN G 199 57.09 69.49 -48.71
C GLN G 199 56.78 70.77 -49.49
N GLY G 200 56.76 71.91 -48.81
CA GLY G 200 56.46 73.17 -49.48
C GLY G 200 57.57 73.70 -50.35
N LEU G 201 58.77 73.13 -50.24
CA LEU G 201 59.91 73.52 -51.06
C LEU G 201 60.00 72.58 -52.26
N SER G 202 60.02 73.15 -53.45
CA SER G 202 60.06 72.33 -54.66
C SER G 202 61.31 71.48 -54.69
N SER G 203 62.47 72.09 -54.44
CA SER G 203 63.74 71.40 -54.43
C SER G 203 64.43 71.65 -53.10
N PRO G 204 65.24 70.70 -52.62
CA PRO G 204 65.92 70.89 -51.34
C PRO G 204 66.87 72.07 -51.38
N VAL G 205 67.01 72.73 -50.22
CA VAL G 205 67.87 73.90 -50.12
C VAL G 205 69.17 73.50 -49.44
N THR G 206 70.29 73.75 -50.12
CA THR G 206 71.62 73.35 -49.67
C THR G 206 72.39 74.58 -49.19
N LYS G 207 72.96 74.51 -48.00
CA LYS G 207 73.81 75.58 -47.50
C LYS G 207 75.19 75.01 -47.18
N SER G 208 76.24 75.77 -47.49
CA SER G 208 77.61 75.28 -47.43
C SER G 208 78.50 76.06 -46.48
N PHE G 209 79.60 75.42 -46.08
CA PHE G 209 80.60 75.97 -45.18
C PHE G 209 81.89 75.18 -45.41
N ASN G 210 82.98 75.67 -44.83
CA ASN G 210 84.28 75.01 -44.96
C ASN G 210 85.19 75.37 -43.78
N ARG G 211 86.04 74.41 -43.42
CA ARG G 211 87.13 74.67 -42.49
C ARG G 211 88.44 74.78 -43.27
N GLY G 212 89.41 75.46 -42.67
CA GLY G 212 90.56 75.91 -43.41
C GLY G 212 90.27 77.06 -44.35
N GLU G 213 89.03 77.54 -44.35
CA GLU G 213 88.56 78.59 -45.25
C GLU G 213 88.95 78.28 -46.70
N CYS G 214 88.71 77.04 -47.10
CA CYS G 214 89.09 76.56 -48.42
C CYS G 214 88.15 75.44 -48.88
N GLU H 1 -87.86 8.44 21.91
CA GLU H 1 -88.15 8.27 20.50
C GLU H 1 -87.27 9.15 19.62
N VAL H 2 -86.46 8.51 18.76
CA VAL H 2 -85.64 9.27 17.82
C VAL H 2 -86.55 9.93 16.79
N GLN H 3 -86.29 11.20 16.52
CA GLN H 3 -87.11 11.97 15.58
C GLN H 3 -86.26 13.13 15.08
N LEU H 4 -86.26 13.37 13.78
CA LEU H 4 -85.52 14.52 13.27
C LEU H 4 -86.44 15.15 12.21
N VAL H 5 -87.27 16.10 12.64
CA VAL H 5 -88.29 16.70 11.78
C VAL H 5 -87.79 18.01 11.18
N GLU H 6 -88.19 18.25 9.93
CA GLU H 6 -87.72 19.39 9.14
C GLU H 6 -88.85 20.40 8.96
N SER H 7 -88.50 21.68 8.98
CA SER H 7 -89.49 22.75 8.89
C SER H 7 -88.82 23.99 8.31
N GLY H 8 -89.64 24.95 7.89
CA GLY H 8 -89.13 26.13 7.24
C GLY H 8 -89.12 26.09 5.72
N GLY H 9 -89.16 24.90 5.13
CA GLY H 9 -89.29 24.73 3.70
C GLY H 9 -90.58 25.25 3.10
N GLY H 10 -90.48 25.97 1.99
CA GLY H 10 -91.65 26.58 1.40
C GLY H 10 -91.42 27.59 0.28
N LEU H 11 -92.00 28.78 0.42
CA LEU H 11 -92.10 29.76 -0.66
C LEU H 11 -91.03 30.84 -0.55
N VAL H 12 -90.20 30.95 -1.58
CA VAL H 12 -89.22 32.02 -1.73
C VAL H 12 -89.20 32.50 -3.17
N GLN H 13 -89.19 33.81 -3.34
CA GLN H 13 -89.06 34.42 -4.65
C GLN H 13 -87.62 34.23 -5.14
N PRO H 14 -87.38 34.29 -6.45
CA PRO H 14 -85.98 34.17 -6.92
C PRO H 14 -85.10 35.23 -6.29
N GLY H 15 -83.90 34.81 -5.88
CA GLY H 15 -82.99 35.67 -5.16
C GLY H 15 -83.36 35.89 -3.72
N GLY H 16 -84.39 35.18 -3.23
CA GLY H 16 -84.86 35.35 -1.87
C GLY H 16 -83.97 34.70 -0.84
N SER H 17 -84.20 35.09 0.41
CA SER H 17 -83.44 34.60 1.55
C SER H 17 -84.38 33.93 2.54
N LEU H 18 -83.95 32.80 3.09
CA LEU H 18 -84.79 31.99 3.96
C LEU H 18 -83.90 31.24 4.95
N ARG H 19 -84.46 30.99 6.14
CA ARG H 19 -83.84 30.17 7.17
C ARG H 19 -84.59 28.83 7.21
N LEU H 20 -83.94 27.76 6.73
CA LEU H 20 -84.48 26.42 6.93
C LEU H 20 -84.13 25.87 8.31
N SER H 21 -85.09 25.18 8.91
CA SER H 21 -84.93 24.59 10.22
C SER H 21 -84.97 23.07 10.11
N CYS H 22 -84.07 22.41 10.84
CA CYS H 22 -84.02 20.96 10.96
C CYS H 22 -84.01 20.62 12.45
N ALA H 23 -85.19 20.30 12.99
CA ALA H 23 -85.33 20.05 14.42
C ALA H 23 -85.02 18.60 14.76
N ALA H 24 -84.25 18.42 15.84
CA ALA H 24 -83.65 17.15 16.20
C ALA H 24 -84.12 16.74 17.59
N SER H 25 -84.40 15.46 17.77
CA SER H 25 -84.73 14.96 19.10
C SER H 25 -84.47 13.45 19.16
N GLY H 26 -84.18 12.97 20.36
CA GLY H 26 -84.01 11.55 20.60
C GLY H 26 -82.60 11.04 20.45
N PHE H 27 -81.61 11.93 20.42
CA PHE H 27 -80.20 11.56 20.25
C PHE H 27 -79.35 12.77 20.64
N THR H 28 -78.17 12.91 20.04
CA THR H 28 -77.35 14.10 20.24
C THR H 28 -76.88 14.62 18.89
N PHE H 29 -77.41 15.79 18.49
CA PHE H 29 -76.94 16.44 17.27
C PHE H 29 -75.73 17.28 17.63
N SER H 30 -74.55 16.64 17.57
CA SER H 30 -73.26 17.25 17.90
C SER H 30 -72.17 16.19 17.81
N SER H 31 -72.19 15.25 18.77
CA SER H 31 -71.30 14.10 18.76
C SER H 31 -71.44 13.30 17.47
N TYR H 32 -72.54 13.49 16.77
CA TYR H 32 -72.84 12.91 15.47
C TYR H 32 -72.87 14.08 14.50
N ALA H 33 -72.47 13.86 13.24
CA ALA H 33 -72.37 15.02 12.38
C ALA H 33 -73.63 15.14 11.53
N MET H 34 -73.61 16.02 10.53
CA MET H 34 -74.78 16.12 9.68
C MET H 34 -74.35 16.50 8.27
N THR H 35 -75.23 16.24 7.29
CA THR H 35 -74.88 16.45 5.89
C THR H 35 -76.14 16.77 5.08
N TRP H 36 -76.17 17.97 4.48
CA TRP H 36 -77.27 18.39 3.62
C TRP H 36 -77.14 17.90 2.19
N VAL H 37 -78.21 17.26 1.68
CA VAL H 37 -78.27 16.79 0.29
C VAL H 37 -79.63 17.18 -0.26
N ARG H 38 -79.76 17.18 -1.59
CA ARG H 38 -81.05 17.50 -2.19
C ARG H 38 -81.27 16.62 -3.42
N GLN H 39 -82.51 16.20 -3.62
CA GLN H 39 -82.94 15.49 -4.83
C GLN H 39 -83.93 16.36 -5.58
N ALA H 40 -83.54 16.81 -6.77
CA ALA H 40 -84.42 17.58 -7.64
C ALA H 40 -85.52 16.70 -8.21
N PRO H 41 -86.74 17.22 -8.34
CA PRO H 41 -87.86 16.42 -8.87
C PRO H 41 -87.55 15.84 -10.25
N GLY H 42 -87.66 14.52 -10.34
CA GLY H 42 -87.33 13.77 -11.53
C GLY H 42 -85.85 13.57 -11.76
N LYS H 43 -85.01 14.03 -10.83
CA LYS H 43 -83.56 13.95 -10.99
C LYS H 43 -82.94 13.26 -9.78
N GLY H 44 -81.61 13.26 -9.70
CA GLY H 44 -80.92 12.58 -8.63
C GLY H 44 -80.48 13.52 -7.51
N LEU H 45 -79.88 12.91 -6.49
CA LEU H 45 -79.33 13.63 -5.36
C LEU H 45 -78.09 14.43 -5.76
N GLU H 46 -77.81 15.47 -4.97
CA GLU H 46 -76.57 16.22 -5.07
C GLU H 46 -76.32 16.88 -3.72
N TRP H 47 -75.15 16.62 -3.15
CA TRP H 47 -74.82 17.04 -1.81
C TRP H 47 -74.52 18.54 -1.78
N VAL H 48 -74.73 19.15 -0.60
CA VAL H 48 -74.51 20.58 -0.44
C VAL H 48 -73.42 20.87 0.58
N SER H 49 -73.62 20.45 1.83
CA SER H 49 -72.76 20.90 2.91
C SER H 49 -72.56 19.79 3.94
N TYR H 50 -71.42 19.83 4.63
CA TYR H 50 -71.22 19.06 5.84
C TYR H 50 -71.51 19.91 7.07
N ILE H 51 -71.31 19.29 8.22
CA ILE H 51 -71.07 19.99 9.49
C ILE H 51 -70.53 18.94 10.44
N SER H 52 -69.59 19.33 11.30
CA SER H 52 -68.95 18.36 12.20
C SER H 52 -68.80 18.94 13.60
N GLY H 53 -69.82 18.72 14.42
CA GLY H 53 -69.88 19.25 15.77
C GLY H 53 -69.92 20.76 15.91
N SER H 54 -69.77 21.48 14.81
CA SER H 54 -69.73 22.94 14.86
C SER H 54 -69.72 23.47 13.44
N GLY H 55 -70.27 24.67 13.26
CA GLY H 55 -70.39 25.22 11.92
C GLY H 55 -69.19 26.07 11.52
N GLY H 56 -68.02 25.81 12.10
CA GLY H 56 -66.84 26.51 11.67
C GLY H 56 -66.00 25.58 10.82
N GLY H 57 -66.03 24.30 11.20
CA GLY H 57 -65.45 23.23 10.42
C GLY H 57 -66.42 22.59 9.46
N THR H 58 -66.84 23.30 8.42
CA THR H 58 -67.79 22.74 7.48
C THR H 58 -67.25 22.79 6.06
N TYR H 59 -68.11 22.42 5.12
CA TYR H 59 -67.79 22.39 3.70
C TYR H 59 -69.04 22.69 2.90
N TYR H 60 -68.83 23.04 1.63
CA TYR H 60 -69.90 23.39 0.71
C TYR H 60 -69.54 22.82 -0.65
N ALA H 61 -70.57 22.52 -1.44
CA ALA H 61 -70.38 22.00 -2.78
C ALA H 61 -69.94 23.08 -3.76
N ASP H 62 -69.32 22.62 -4.86
CA ASP H 62 -68.84 23.51 -5.91
C ASP H 62 -69.97 24.29 -6.55
N SER H 63 -71.15 23.67 -6.64
CA SER H 63 -72.32 24.29 -7.26
C SER H 63 -73.06 25.19 -6.30
N VAL H 64 -72.68 25.20 -5.02
CA VAL H 64 -73.36 25.98 -4.00
C VAL H 64 -72.41 26.87 -3.23
N LYS H 65 -71.13 26.93 -3.60
CA LYS H 65 -70.19 27.76 -2.85
C LYS H 65 -70.66 29.21 -2.89
N GLY H 66 -70.73 29.83 -1.72
CA GLY H 66 -71.17 31.19 -1.58
C GLY H 66 -72.67 31.36 -1.59
N ARG H 67 -73.43 30.30 -1.91
CA ARG H 67 -74.87 30.40 -1.97
C ARG H 67 -75.52 29.99 -0.65
N PHE H 68 -75.10 28.84 -0.13
CA PHE H 68 -75.67 28.23 1.06
C PHE H 68 -74.71 28.38 2.22
N THR H 69 -75.26 28.49 3.43
CA THR H 69 -74.44 28.55 4.64
C THR H 69 -75.10 27.65 5.68
N ILE H 70 -74.43 26.56 6.04
CA ILE H 70 -75.00 25.65 7.02
C ILE H 70 -74.75 26.19 8.42
N SER H 71 -75.60 25.77 9.36
CA SER H 71 -75.46 26.17 10.75
C SER H 71 -76.18 25.15 11.62
N ARG H 72 -75.80 25.09 12.90
CA ARG H 72 -76.48 24.24 13.85
C ARG H 72 -77.14 25.14 14.90
N ASP H 73 -77.36 24.62 16.10
CA ASP H 73 -77.97 25.40 17.17
C ASP H 73 -77.78 24.64 18.48
N ASN H 74 -77.55 25.37 19.56
CA ASN H 74 -77.36 24.78 20.86
C ASN H 74 -78.72 24.68 21.56
N SER H 75 -78.71 24.25 22.83
CA SER H 75 -79.93 24.12 23.62
C SER H 75 -80.98 23.29 22.89
N LYS H 76 -81.92 23.95 22.21
CA LYS H 76 -82.97 23.23 21.49
C LYS H 76 -82.39 22.37 20.37
N ASN H 77 -81.16 22.63 19.95
CA ASN H 77 -80.35 21.67 19.20
C ASN H 77 -81.01 21.31 17.86
N THR H 78 -81.08 22.32 17.00
CA THR H 78 -81.58 22.16 15.64
C THR H 78 -80.50 22.53 14.63
N LEU H 79 -80.82 22.32 13.36
CA LEU H 79 -79.92 22.62 12.25
C LEU H 79 -80.55 23.74 11.42
N TYR H 80 -79.70 24.65 10.92
CA TYR H 80 -80.17 25.78 10.13
C TYR H 80 -79.41 25.83 8.82
N LEU H 81 -80.05 26.39 7.78
CA LEU H 81 -79.41 26.57 6.48
C LEU H 81 -79.80 27.92 5.87
N GLN H 82 -78.82 28.80 5.70
CA GLN H 82 -79.05 30.14 5.17
C GLN H 82 -78.83 30.17 3.66
N MET H 83 -79.80 30.75 2.93
CA MET H 83 -79.78 30.84 1.48
C MET H 83 -79.79 32.31 1.05
N ASN H 84 -79.00 32.61 0.03
CA ASN H 84 -79.11 33.91 -0.65
C ASN H 84 -78.77 33.70 -2.12
N SER H 85 -79.28 34.61 -2.95
CA SER H 85 -79.00 34.61 -4.39
C SER H 85 -79.34 33.24 -4.97
N LEU H 86 -80.55 32.79 -4.64
CA LEU H 86 -81.11 31.56 -5.19
C LEU H 86 -81.50 31.71 -6.64
N ARG H 87 -81.50 30.59 -7.35
CA ARG H 87 -81.83 30.53 -8.77
C ARG H 87 -82.90 29.47 -9.00
N ALA H 88 -83.62 29.65 -10.11
CA ALA H 88 -84.86 28.92 -10.34
C ALA H 88 -84.64 27.41 -10.43
N GLU H 89 -83.48 26.99 -10.95
CA GLU H 89 -83.19 25.58 -11.19
C GLU H 89 -82.85 24.79 -9.93
N ASP H 90 -82.90 25.39 -8.74
CA ASP H 90 -82.50 24.67 -7.54
C ASP H 90 -83.70 24.09 -6.79
N THR H 91 -84.89 24.12 -7.38
CA THR H 91 -86.07 23.57 -6.71
C THR H 91 -85.90 22.07 -6.49
N ALA H 92 -86.20 21.63 -5.27
CA ALA H 92 -85.99 20.24 -4.89
C ALA H 92 -86.63 20.00 -3.53
N VAL H 93 -86.72 18.73 -3.15
CA VAL H 93 -87.10 18.35 -1.80
C VAL H 93 -85.81 18.06 -1.03
N TYR H 94 -85.59 18.81 0.04
CA TYR H 94 -84.35 18.75 0.79
C TYR H 94 -84.45 17.86 2.02
N TYR H 95 -83.33 17.23 2.36
CA TYR H 95 -83.25 16.31 3.48
C TYR H 95 -82.03 16.68 4.32
N CYS H 96 -82.23 16.76 5.64
CA CYS H 96 -81.14 16.85 6.62
C CYS H 96 -80.82 15.47 7.16
N ALA H 97 -79.61 14.97 6.82
CA ALA H 97 -79.24 13.59 7.13
C ALA H 97 -78.46 13.45 8.44
N ARG H 98 -77.51 12.52 8.49
CA ARG H 98 -76.72 12.27 9.69
C ARG H 98 -75.53 11.37 9.36
N ASP H 99 -74.95 10.73 10.38
CA ASP H 99 -73.81 9.84 10.28
C ASP H 99 -73.82 8.91 11.49
N ARG H 100 -72.72 8.83 12.22
CA ARG H 100 -72.62 8.04 13.46
C ARG H 100 -71.23 8.13 14.06
N TRP H 101 -70.24 8.49 13.25
CA TRP H 101 -68.87 8.64 13.74
C TRP H 101 -68.13 9.81 13.09
N ALA H 102 -67.98 9.79 11.76
CA ALA H 102 -67.32 10.81 10.95
C ALA H 102 -65.81 10.63 10.84
N SER H 103 -65.18 10.14 11.91
CA SER H 103 -63.75 9.86 11.88
C SER H 103 -63.52 8.50 11.23
N GLY H 104 -63.41 8.51 9.91
CA GLY H 104 -63.27 7.29 9.16
C GLY H 104 -64.26 7.22 8.01
N TRP H 105 -64.19 8.21 7.11
CA TRP H 105 -65.13 8.40 6.02
C TRP H 105 -66.46 8.91 6.57
N LEU H 106 -67.41 9.22 5.69
CA LEU H 106 -68.68 9.83 6.11
C LEU H 106 -69.90 9.12 5.52
N ALA H 107 -70.47 8.16 6.25
CA ALA H 107 -71.57 7.35 5.76
C ALA H 107 -72.85 7.87 6.39
N PHE H 108 -73.82 8.27 5.57
CA PHE H 108 -75.04 8.89 6.09
C PHE H 108 -75.88 7.88 6.86
N ASP H 109 -76.88 8.38 7.59
CA ASP H 109 -77.64 7.46 8.44
C ASP H 109 -79.14 7.72 8.64
N VAL H 110 -79.48 8.77 9.40
CA VAL H 110 -80.86 9.03 9.78
C VAL H 110 -81.79 9.18 8.58
N TRP H 111 -81.31 9.79 7.49
CA TRP H 111 -82.16 10.14 6.36
C TRP H 111 -83.59 10.54 6.77
N GLY H 112 -83.71 11.71 7.39
CA GLY H 112 -84.96 12.26 7.88
C GLY H 112 -86.07 12.38 6.85
N GLN H 113 -87.24 12.87 7.30
CA GLN H 113 -88.44 12.82 6.47
C GLN H 113 -88.43 13.81 5.32
N GLY H 114 -87.62 14.86 5.38
CA GLY H 114 -87.59 15.76 4.24
C GLY H 114 -88.63 16.86 4.27
N THR H 115 -88.25 18.00 3.70
CA THR H 115 -89.12 19.17 3.59
C THR H 115 -88.93 19.79 2.22
N LEU H 116 -90.01 20.31 1.66
CA LEU H 116 -90.03 20.76 0.28
C LEU H 116 -89.67 22.24 0.20
N VAL H 117 -88.84 22.60 -0.77
CA VAL H 117 -88.53 23.99 -1.08
C VAL H 117 -88.64 24.18 -2.60
N THR H 118 -89.38 25.22 -3.00
CA THR H 118 -89.50 25.61 -4.39
C THR H 118 -89.24 27.11 -4.49
N VAL H 119 -88.53 27.52 -5.54
CA VAL H 119 -88.17 28.92 -5.73
C VAL H 119 -88.87 29.40 -6.99
N SER H 120 -89.76 30.37 -6.82
CA SER H 120 -90.45 30.97 -7.96
C SER H 120 -91.07 32.30 -7.51
N SER H 121 -91.44 33.11 -8.49
CA SER H 121 -92.06 34.40 -8.22
C SER H 121 -93.55 34.27 -8.01
N ALA H 122 -94.08 33.05 -8.10
CA ALA H 122 -95.51 32.80 -7.97
C ALA H 122 -96.05 33.15 -6.60
N SER H 123 -97.30 33.61 -6.60
CA SER H 123 -98.07 34.01 -5.44
C SER H 123 -98.95 32.83 -5.01
N THR H 124 -99.18 32.69 -3.71
CA THR H 124 -100.05 31.62 -3.27
C THR H 124 -101.46 31.88 -3.80
N LYS H 125 -102.16 30.80 -4.16
CA LYS H 125 -103.49 30.87 -4.73
C LYS H 125 -104.29 29.64 -4.32
N GLY H 126 -105.61 29.83 -4.23
CA GLY H 126 -106.50 28.78 -3.83
C GLY H 126 -106.75 27.75 -4.92
N PRO H 127 -107.20 26.57 -4.51
CA PRO H 127 -107.37 25.43 -5.41
C PRO H 127 -108.72 25.41 -6.12
N SER H 128 -108.84 24.50 -7.07
CA SER H 128 -110.10 24.19 -7.73
C SER H 128 -110.21 22.67 -7.85
N VAL H 129 -111.44 22.17 -7.84
CA VAL H 129 -111.74 20.74 -7.88
C VAL H 129 -112.33 20.34 -9.23
N PHE H 130 -111.85 19.23 -9.77
CA PHE H 130 -112.24 18.74 -11.09
C PHE H 130 -112.81 17.33 -11.01
N PRO H 131 -114.08 17.16 -11.37
CA PRO H 131 -114.69 15.82 -11.42
C PRO H 131 -114.24 15.00 -12.62
N LEU H 132 -114.42 13.69 -12.51
CA LEU H 132 -114.19 12.79 -13.65
C LEU H 132 -115.52 12.10 -13.95
N ALA H 133 -116.20 12.56 -15.00
CA ALA H 133 -117.57 12.13 -15.22
C ALA H 133 -117.60 10.88 -16.08
N PRO H 134 -118.69 10.11 -16.00
CA PRO H 134 -118.86 9.01 -16.97
C PRO H 134 -119.61 9.46 -18.20
N SER H 135 -119.79 8.56 -19.17
CA SER H 135 -120.54 8.84 -20.38
C SER H 135 -121.99 8.42 -20.20
N SER H 136 -122.92 9.25 -20.70
CA SER H 136 -124.33 8.92 -20.59
C SER H 136 -124.66 7.63 -21.34
N LYS H 137 -124.09 7.47 -22.54
CA LYS H 137 -124.27 6.29 -23.37
C LYS H 137 -123.02 5.40 -23.40
N SER H 138 -122.34 5.29 -22.27
CA SER H 138 -121.14 4.46 -22.18
C SER H 138 -121.53 2.99 -22.25
N THR H 139 -121.13 2.31 -23.33
CA THR H 139 -121.42 0.89 -23.51
C THR H 139 -120.20 0.09 -23.96
N SER H 140 -119.02 0.69 -24.06
CA SER H 140 -117.82 -0.04 -24.43
C SER H 140 -117.25 -0.87 -23.29
N GLY H 141 -117.66 -0.60 -22.06
CA GLY H 141 -117.18 -1.36 -20.92
C GLY H 141 -118.13 -1.24 -19.76
N GLY H 142 -118.08 -2.24 -18.88
CA GLY H 142 -118.99 -2.29 -17.74
C GLY H 142 -118.43 -1.83 -16.41
N THR H 143 -117.14 -1.54 -16.35
CA THR H 143 -116.50 -1.07 -15.12
C THR H 143 -115.96 0.33 -15.32
N ALA H 144 -116.27 1.23 -14.38
CA ALA H 144 -115.88 2.62 -14.49
C ALA H 144 -115.01 3.03 -13.31
N ALA H 145 -114.21 4.07 -13.51
CA ALA H 145 -113.42 4.69 -12.47
C ALA H 145 -114.05 6.03 -12.08
N LEU H 146 -113.98 6.36 -10.80
CA LEU H 146 -114.37 7.68 -10.32
C LEU H 146 -113.17 8.37 -9.70
N GLY H 147 -113.19 9.69 -9.74
CA GLY H 147 -112.07 10.47 -9.26
C GLY H 147 -112.42 11.93 -9.16
N CYS H 148 -111.69 12.64 -8.30
CA CYS H 148 -111.85 14.07 -8.12
C CYS H 148 -110.46 14.69 -8.10
N LEU H 149 -110.27 15.72 -8.91
CA LEU H 149 -108.96 16.33 -9.18
C LEU H 149 -108.93 17.76 -8.68
N VAL H 150 -107.90 18.09 -7.92
CA VAL H 150 -107.67 19.43 -7.41
C VAL H 150 -106.64 20.11 -8.30
N LYS H 151 -106.97 21.31 -8.77
CA LYS H 151 -106.17 22.01 -9.76
C LYS H 151 -105.79 23.41 -9.31
N ASP H 152 -104.61 23.83 -9.76
CA ASP H 152 -104.11 25.21 -9.69
C ASP H 152 -103.87 25.69 -8.25
N TYR H 153 -103.50 24.77 -7.38
CA TYR H 153 -102.98 25.07 -6.04
C TYR H 153 -101.46 24.96 -6.08
N PHE H 154 -100.79 25.71 -5.22
CA PHE H 154 -99.32 25.75 -5.27
C PHE H 154 -98.72 26.18 -3.95
N PRO H 155 -97.91 25.33 -3.31
CA PRO H 155 -97.61 23.94 -3.70
C PRO H 155 -98.51 22.87 -3.10
N GLU H 156 -98.01 21.63 -3.16
CA GLU H 156 -98.62 20.42 -2.61
C GLU H 156 -98.80 20.56 -1.10
N PRO H 157 -99.55 19.66 -0.43
CA PRO H 157 -100.39 18.58 -1.01
C PRO H 157 -101.87 18.87 -0.90
N VAL H 158 -102.68 18.01 -1.50
CA VAL H 158 -104.13 18.02 -1.34
C VAL H 158 -104.60 16.57 -1.24
N THR H 159 -105.55 16.32 -0.34
CA THR H 159 -106.01 14.97 -0.06
C THR H 159 -107.50 14.87 -0.35
N VAL H 160 -107.96 13.63 -0.51
CA VAL H 160 -109.36 13.33 -0.80
C VAL H 160 -109.79 12.13 0.04
N SER H 161 -111.01 12.22 0.58
CA SER H 161 -111.67 11.16 1.32
C SER H 161 -112.98 10.81 0.63
N TRP H 162 -113.64 9.77 1.15
CA TRP H 162 -114.78 9.14 0.47
C TRP H 162 -115.91 8.87 1.46
N ASN H 163 -116.95 9.71 1.38
CA ASN H 163 -118.28 9.45 1.92
C ASN H 163 -118.26 9.25 3.44
N SER H 164 -117.82 10.31 4.12
CA SER H 164 -118.10 10.54 5.55
C SER H 164 -117.67 9.39 6.46
N GLY H 165 -116.53 8.75 6.14
CA GLY H 165 -115.99 7.81 7.09
C GLY H 165 -116.67 6.47 7.23
N ALA H 166 -117.95 6.37 6.84
CA ALA H 166 -118.65 5.09 6.95
C ALA H 166 -118.30 4.15 5.80
N LEU H 167 -117.60 4.63 4.78
CA LEU H 167 -117.16 3.84 3.65
C LEU H 167 -115.69 4.14 3.46
N THR H 168 -114.87 3.10 3.28
CA THR H 168 -113.43 3.33 3.16
C THR H 168 -112.77 2.52 2.06
N SER H 169 -113.46 1.55 1.46
CA SER H 169 -112.80 0.59 0.59
C SER H 169 -112.28 1.28 -0.67
N GLY H 170 -111.08 0.90 -1.10
CA GLY H 170 -110.62 1.27 -2.42
C GLY H 170 -109.89 2.60 -2.53
N VAL H 171 -109.37 3.14 -1.42
CA VAL H 171 -108.73 4.46 -1.46
C VAL H 171 -107.43 4.36 -2.25
N HIS H 172 -107.27 5.24 -3.24
CA HIS H 172 -106.01 5.45 -3.94
C HIS H 172 -105.82 6.94 -4.19
N THR H 173 -104.58 7.39 -4.09
CA THR H 173 -104.23 8.79 -4.29
C THR H 173 -103.02 8.89 -5.22
N PHE H 174 -103.11 9.85 -6.27
CA PHE H 174 -102.07 9.98 -7.28
C PHE H 174 -100.99 10.99 -6.91
N PRO H 175 -99.80 10.72 -7.45
CA PRO H 175 -98.67 11.66 -7.34
C PRO H 175 -98.91 12.92 -8.15
N ALA H 176 -98.13 13.95 -7.83
CA ALA H 176 -98.32 15.25 -8.45
C ALA H 176 -97.83 15.27 -9.89
N VAL H 177 -98.48 16.10 -10.69
CA VAL H 177 -98.06 16.42 -12.06
C VAL H 177 -98.09 17.92 -12.21
N LEU H 178 -97.02 18.49 -12.76
CA LEU H 178 -96.95 19.93 -12.93
C LEU H 178 -97.69 20.38 -14.19
N GLN H 179 -98.29 21.57 -14.09
CA GLN H 179 -99.21 22.14 -15.07
C GLN H 179 -98.59 23.33 -15.77
N SER H 180 -99.28 23.78 -16.82
CA SER H 180 -98.82 24.91 -17.62
C SER H 180 -98.85 26.22 -16.85
N SER H 181 -99.68 26.32 -15.80
CA SER H 181 -99.75 27.53 -15.02
C SER H 181 -98.66 27.62 -13.95
N GLY H 182 -97.78 26.63 -13.87
CA GLY H 182 -96.76 26.58 -12.84
C GLY H 182 -97.21 26.05 -11.50
N LEU H 183 -98.47 25.67 -11.35
CA LEU H 183 -99.01 25.23 -10.08
C LEU H 183 -99.03 23.70 -10.05
N TYR H 184 -99.58 23.12 -8.97
CA TYR H 184 -99.49 21.68 -8.75
C TYR H 184 -100.88 21.07 -8.59
N SER H 185 -100.93 19.75 -8.75
CA SER H 185 -102.16 18.98 -8.63
C SER H 185 -101.92 17.59 -8.07
N LEU H 186 -102.94 17.03 -7.42
CA LEU H 186 -102.94 15.66 -6.93
C LEU H 186 -104.39 15.21 -6.84
N SER H 187 -104.63 13.98 -7.27
CA SER H 187 -105.93 13.36 -7.33
C SER H 187 -105.99 12.08 -6.49
N SER H 188 -107.15 11.82 -5.92
CA SER H 188 -107.40 10.57 -5.21
C SER H 188 -108.63 9.94 -5.84
N VAL H 189 -108.51 8.66 -6.17
CA VAL H 189 -109.45 7.94 -7.02
C VAL H 189 -109.76 6.57 -6.40
N VAL H 190 -110.69 5.88 -7.04
CA VAL H 190 -111.14 4.54 -6.66
C VAL H 190 -111.58 3.86 -7.94
N THR H 191 -111.30 2.57 -8.05
CA THR H 191 -111.72 1.75 -9.18
C THR H 191 -112.55 0.56 -8.70
N VAL H 192 -113.78 0.50 -9.19
CA VAL H 192 -114.79 -0.46 -8.74
C VAL H 192 -115.65 -0.81 -9.96
N PRO H 193 -116.29 -1.96 -9.99
CA PRO H 193 -117.29 -2.22 -11.03
C PRO H 193 -118.41 -1.20 -10.95
N SER H 194 -118.96 -0.85 -12.12
CA SER H 194 -120.03 0.13 -12.16
C SER H 194 -121.33 -0.37 -11.55
N SER H 195 -121.41 -1.66 -11.22
CA SER H 195 -122.60 -2.20 -10.56
C SER H 195 -122.83 -1.56 -9.21
N SER H 196 -121.79 -1.01 -8.58
CA SER H 196 -121.93 -0.34 -7.29
C SER H 196 -121.85 1.18 -7.39
N LEU H 197 -121.97 1.74 -8.60
CA LEU H 197 -121.93 3.18 -8.76
C LEU H 197 -123.31 3.79 -8.50
N GLY H 198 -124.31 3.39 -9.30
CA GLY H 198 -125.66 3.86 -9.17
C GLY H 198 -126.48 3.21 -8.08
N THR H 199 -125.93 2.17 -7.44
CA THR H 199 -126.59 1.49 -6.33
C THR H 199 -126.01 1.86 -4.98
N GLN H 200 -124.69 2.04 -4.90
CA GLN H 200 -124.01 2.44 -3.68
C GLN H 200 -123.55 3.88 -3.86
N THR H 201 -123.96 4.77 -2.96
CA THR H 201 -123.68 6.18 -3.12
C THR H 201 -122.19 6.46 -2.97
N TYR H 202 -121.64 7.16 -3.95
CA TYR H 202 -120.21 7.47 -4.02
C TYR H 202 -120.03 8.98 -3.96
N ILE H 203 -119.39 9.46 -2.90
CA ILE H 203 -119.14 10.87 -2.68
C ILE H 203 -117.65 11.04 -2.40
N CYS H 204 -117.00 11.91 -3.15
CA CYS H 204 -115.63 12.27 -2.81
C CYS H 204 -115.64 13.50 -1.92
N ASN H 205 -114.68 13.52 -1.00
CA ASN H 205 -114.50 14.60 -0.05
C ASN H 205 -113.06 15.05 -0.23
N VAL H 206 -112.86 16.34 -0.49
CA VAL H 206 -111.56 16.88 -0.85
C VAL H 206 -111.08 17.77 0.29
N ASN H 207 -109.82 17.58 0.67
CA ASN H 207 -109.22 18.27 1.80
C ASN H 207 -107.87 18.80 1.34
N HIS H 208 -107.67 20.10 1.52
CA HIS H 208 -106.48 20.81 1.09
C HIS H 208 -105.89 21.48 2.32
N LYS H 209 -104.61 21.20 2.59
CA LYS H 209 -104.05 21.77 3.81
C LYS H 209 -103.65 23.24 3.63
N PRO H 210 -102.91 23.61 2.57
CA PRO H 210 -102.50 25.03 2.45
C PRO H 210 -103.64 26.02 2.35
N SER H 211 -104.84 25.62 1.91
CA SER H 211 -106.01 26.49 1.92
C SER H 211 -107.18 26.04 2.79
N ASN H 212 -107.11 24.85 3.40
CA ASN H 212 -108.21 24.32 4.23
C ASN H 212 -109.54 24.36 3.47
N THR H 213 -109.53 23.80 2.27
CA THR H 213 -110.71 23.72 1.41
C THR H 213 -111.35 22.34 1.53
N LYS H 214 -112.60 22.30 1.95
CA LYS H 214 -113.33 21.04 2.15
C LYS H 214 -114.61 21.05 1.32
N VAL H 215 -114.65 20.21 0.28
CA VAL H 215 -115.80 20.13 -0.62
C VAL H 215 -116.24 18.68 -0.69
N ASP H 216 -117.54 18.43 -0.49
CA ASP H 216 -118.12 17.10 -0.61
C ASP H 216 -118.99 17.05 -1.87
N LYS H 217 -118.55 16.30 -2.86
CA LYS H 217 -119.23 16.25 -4.16
C LYS H 217 -119.60 14.81 -4.48
N LYS H 218 -120.87 14.59 -4.82
CA LYS H 218 -121.36 13.28 -5.23
C LYS H 218 -121.38 13.23 -6.76
N VAL H 219 -120.85 12.15 -7.33
CA VAL H 219 -120.69 12.03 -8.77
C VAL H 219 -121.93 11.36 -9.35
N GLU H 220 -122.53 12.01 -10.35
CA GLU H 220 -123.72 11.55 -11.03
C GLU H 220 -123.53 11.78 -12.53
N PRO H 221 -124.05 10.90 -13.38
CA PRO H 221 -123.96 11.15 -14.82
C PRO H 221 -124.66 12.44 -15.20
N LYS H 222 -124.11 13.11 -16.20
CA LYS H 222 -124.65 14.40 -16.65
C LYS H 222 -125.80 14.20 -17.62
N SER H 223 -126.89 14.94 -17.39
CA SER H 223 -128.07 14.92 -18.24
C SER H 223 -128.62 13.52 -18.43
N ASP I 1 -63.25 15.93 -9.47
CA ASP I 1 -64.22 14.94 -9.04
C ASP I 1 -64.10 13.65 -9.85
N ILE I 2 -65.01 12.72 -9.58
CA ILE I 2 -65.04 11.42 -10.25
C ILE I 2 -66.41 11.23 -10.89
N GLN I 3 -66.42 10.61 -12.06
CA GLN I 3 -67.66 10.29 -12.77
C GLN I 3 -68.12 8.91 -12.32
N MET I 4 -69.42 8.77 -12.10
CA MET I 4 -69.96 7.51 -11.60
C MET I 4 -70.77 6.87 -12.72
N THR I 5 -70.29 5.73 -13.23
CA THR I 5 -70.95 4.99 -14.31
C THR I 5 -71.69 3.78 -13.75
N GLN I 6 -72.96 3.98 -13.39
CA GLN I 6 -73.79 2.90 -12.86
C GLN I 6 -74.59 2.26 -14.00
N SER I 7 -74.42 0.95 -14.17
CA SER I 7 -75.11 0.21 -15.23
C SER I 7 -75.59 -1.13 -14.68
N PRO I 8 -76.66 -1.70 -15.27
CA PRO I 8 -77.55 -1.23 -16.33
C PRO I 8 -78.52 -0.14 -15.87
N SER I 9 -79.13 0.58 -16.82
CA SER I 9 -80.11 1.60 -16.46
C SER I 9 -81.46 1.02 -16.08
N SER I 10 -81.88 -0.11 -16.66
CA SER I 10 -83.16 -0.70 -16.33
C SER I 10 -83.13 -2.20 -16.54
N LEU I 11 -83.92 -2.92 -15.74
CA LEU I 11 -83.99 -4.38 -15.81
C LEU I 11 -85.30 -4.85 -15.21
N SER I 12 -85.89 -5.88 -15.80
CA SER I 12 -87.08 -6.53 -15.26
C SER I 12 -86.78 -8.01 -15.09
N ALA I 13 -86.89 -8.51 -13.86
CA ALA I 13 -86.61 -9.91 -13.56
C ALA I 13 -87.56 -10.42 -12.49
N SER I 14 -87.93 -11.69 -12.59
CA SER I 14 -88.94 -12.29 -11.73
C SER I 14 -88.42 -12.38 -10.30
N VAL I 15 -89.28 -12.86 -9.40
CA VAL I 15 -88.91 -12.98 -8.00
C VAL I 15 -87.85 -14.07 -7.84
N GLY I 16 -86.85 -13.80 -7.01
CA GLY I 16 -85.80 -14.74 -6.74
C GLY I 16 -84.60 -14.67 -7.67
N ASP I 17 -84.75 -14.02 -8.82
CA ASP I 17 -83.64 -13.95 -9.76
C ASP I 17 -82.55 -13.03 -9.22
N ARG I 18 -81.30 -13.35 -9.58
CA ARG I 18 -80.18 -12.51 -9.19
C ARG I 18 -80.08 -11.27 -10.04
N VAL I 19 -79.79 -10.13 -9.40
CA VAL I 19 -79.63 -8.85 -10.07
C VAL I 19 -78.23 -8.33 -9.76
N THR I 20 -77.47 -7.99 -10.80
CA THR I 20 -76.13 -7.44 -10.62
C THR I 20 -76.10 -6.05 -11.24
N ILE I 21 -75.76 -5.05 -10.44
CA ILE I 21 -75.75 -3.66 -10.87
C ILE I 21 -74.31 -3.16 -10.81
N THR I 22 -73.71 -2.95 -11.98
CA THR I 22 -72.31 -2.56 -12.04
C THR I 22 -72.19 -1.05 -11.91
N CYS I 23 -71.45 -0.59 -10.90
CA CYS I 23 -71.33 0.82 -10.57
C CYS I 23 -69.84 1.15 -10.74
N GLN I 24 -69.51 1.88 -11.80
CA GLN I 24 -68.12 2.18 -12.13
C GLN I 24 -67.67 3.53 -11.59
N ALA I 25 -66.36 3.69 -11.54
CA ALA I 25 -65.72 4.90 -11.03
C ALA I 25 -64.43 5.11 -11.82
N SER I 26 -63.51 5.90 -11.26
CA SER I 26 -62.28 6.24 -11.98
C SER I 26 -61.04 5.58 -11.38
N GLN I 27 -60.75 5.78 -10.09
CA GLN I 27 -59.47 5.33 -9.54
C GLN I 27 -59.60 4.81 -8.11
N ASP I 28 -59.42 3.50 -7.97
CA ASP I 28 -59.10 2.79 -6.73
C ASP I 28 -59.88 3.34 -5.53
N ILE I 29 -61.20 3.19 -5.62
CA ILE I 29 -62.05 3.48 -4.46
C ILE I 29 -62.01 2.33 -3.47
N SER I 30 -61.52 1.17 -3.92
CA SER I 30 -61.42 -0.11 -3.20
C SER I 30 -62.81 -0.51 -2.71
N ASN I 31 -62.99 -0.84 -1.44
CA ASN I 31 -64.28 -1.30 -0.94
C ASN I 31 -65.13 -0.18 -0.33
N TYR I 32 -64.57 1.02 -0.24
CA TYR I 32 -65.23 2.14 0.42
C TYR I 32 -66.38 2.73 -0.38
N LEU I 33 -67.48 1.97 -0.50
CA LEU I 33 -68.66 2.42 -1.21
C LEU I 33 -69.89 1.92 -0.46
N ASN I 34 -70.98 2.68 -0.56
CA ASN I 34 -72.23 2.35 0.08
C ASN I 34 -73.38 2.44 -0.91
N TRP I 35 -74.45 1.70 -0.60
CA TRP I 35 -75.63 1.58 -1.43
C TRP I 35 -76.84 2.03 -0.62
N TYR I 36 -77.75 2.77 -1.27
CA TYR I 36 -78.90 3.36 -0.59
C TYR I 36 -80.18 3.05 -1.35
N GLN I 37 -81.26 2.87 -0.59
CA GLN I 37 -82.57 2.49 -1.11
C GLN I 37 -83.56 3.64 -0.95
N GLN I 38 -84.30 3.94 -2.00
CA GLN I 38 -85.32 4.98 -1.96
C GLN I 38 -86.65 4.45 -2.46
N LYS I 39 -87.64 4.40 -1.57
CA LYS I 39 -89.02 4.07 -1.94
C LYS I 39 -89.67 5.33 -2.51
N PRO I 40 -90.65 5.20 -3.41
CA PRO I 40 -91.28 6.37 -3.95
C PRO I 40 -92.13 7.15 -2.94
N GLY I 41 -91.86 8.44 -2.83
CA GLY I 41 -92.54 9.25 -1.84
C GLY I 41 -92.07 9.00 -0.42
N LYS I 42 -90.97 8.29 -0.24
CA LYS I 42 -90.45 7.94 1.07
C LYS I 42 -88.98 8.37 1.17
N ALA I 43 -88.54 8.55 2.41
CA ALA I 43 -87.14 8.90 2.67
C ALA I 43 -86.22 7.72 2.33
N PRO I 44 -84.98 8.02 1.94
CA PRO I 44 -84.02 6.95 1.62
C PRO I 44 -83.67 6.11 2.83
N LYS I 45 -83.22 4.88 2.55
CA LYS I 45 -82.88 3.91 3.57
C LYS I 45 -81.49 3.31 3.31
N LEU I 46 -80.81 2.95 4.39
CA LEU I 46 -79.51 2.31 4.31
C LEU I 46 -79.65 0.86 3.86
N LEU I 47 -78.71 0.42 3.02
CA LEU I 47 -78.61 -0.98 2.62
C LEU I 47 -77.31 -1.63 3.06
N ILE I 48 -76.17 -1.06 2.67
CA ILE I 48 -74.87 -1.62 3.00
C ILE I 48 -73.85 -0.49 3.00
N TYR I 49 -72.96 -0.49 3.99
CA TYR I 49 -71.87 0.46 4.08
C TYR I 49 -70.55 -0.27 3.94
N ASP I 50 -69.60 0.37 3.28
CA ASP I 50 -68.29 -0.21 2.95
C ASP I 50 -68.44 -1.41 2.03
N ALA I 51 -69.60 -1.53 1.37
CA ALA I 51 -69.87 -2.52 0.33
C ALA I 51 -69.84 -3.96 0.83
N SER I 52 -69.53 -4.14 2.12
CA SER I 52 -69.39 -5.49 2.67
C SER I 52 -70.06 -5.69 4.02
N ASN I 53 -70.36 -4.64 4.77
CA ASN I 53 -70.87 -4.75 6.13
C ASN I 53 -72.37 -4.48 6.13
N LEU I 54 -73.14 -5.43 6.65
CA LEU I 54 -74.59 -5.26 6.78
C LEU I 54 -74.89 -4.60 8.12
N GLU I 55 -75.70 -3.54 8.09
CA GLU I 55 -76.10 -2.83 9.28
C GLU I 55 -77.46 -3.31 9.79
N THR I 56 -77.89 -2.75 10.93
CA THR I 56 -79.16 -3.11 11.52
C THR I 56 -80.32 -2.53 10.72
N GLY I 57 -81.48 -3.16 10.87
CA GLY I 57 -82.70 -2.72 10.23
C GLY I 57 -82.77 -3.00 8.75
N VAL I 58 -81.82 -3.78 8.23
CA VAL I 58 -81.74 -4.08 6.80
C VAL I 58 -81.94 -5.59 6.64
N PRO I 59 -82.78 -6.03 5.72
CA PRO I 59 -82.93 -7.48 5.51
C PRO I 59 -81.60 -8.10 5.09
N SER I 60 -81.37 -9.32 5.59
CA SER I 60 -80.14 -10.04 5.28
C SER I 60 -80.03 -10.45 3.82
N ARG I 61 -81.13 -10.40 3.07
CA ARG I 61 -81.08 -10.74 1.65
C ARG I 61 -80.32 -9.73 0.83
N PHE I 62 -79.98 -8.58 1.40
CA PHE I 62 -79.19 -7.60 0.69
C PHE I 62 -77.71 -7.93 0.87
N SER I 63 -77.00 -8.02 -0.25
CA SER I 63 -75.59 -8.37 -0.27
C SER I 63 -74.86 -7.48 -1.26
N GLY I 64 -73.58 -7.31 -1.02
CA GLY I 64 -72.75 -6.50 -1.90
C GLY I 64 -71.33 -7.02 -1.90
N SER I 65 -70.64 -6.81 -3.01
CA SER I 65 -69.26 -7.23 -3.17
C SER I 65 -68.65 -6.39 -4.29
N GLY I 66 -67.37 -6.63 -4.54
CA GLY I 66 -66.68 -5.80 -5.50
C GLY I 66 -65.85 -4.73 -4.82
N SER I 67 -64.74 -4.38 -5.47
CA SER I 67 -63.81 -3.40 -4.92
C SER I 67 -63.02 -2.80 -6.07
N GLY I 68 -62.39 -1.66 -5.80
CA GLY I 68 -61.63 -1.00 -6.83
C GLY I 68 -62.53 -0.12 -7.68
N THR I 69 -62.90 -0.62 -8.86
CA THR I 69 -63.75 0.10 -9.79
C THR I 69 -65.07 -0.60 -10.09
N ASP I 70 -65.26 -1.85 -9.67
CA ASP I 70 -66.51 -2.57 -9.90
C ASP I 70 -67.15 -3.02 -8.59
N PHE I 71 -68.48 -3.03 -8.58
CA PHE I 71 -69.26 -3.43 -7.43
C PHE I 71 -70.47 -4.23 -7.90
N THR I 72 -70.76 -5.34 -7.20
CA THR I 72 -71.88 -6.19 -7.59
C THR I 72 -73.20 -5.71 -7.00
N PHE I 73 -73.31 -5.69 -5.67
CA PHE I 73 -74.55 -5.34 -4.95
C PHE I 73 -75.70 -6.25 -5.39
N THR I 74 -75.61 -7.51 -4.97
CA THR I 74 -76.46 -8.58 -5.46
C THR I 74 -77.48 -8.97 -4.40
N ILE I 75 -78.74 -9.12 -4.80
CA ILE I 75 -79.84 -9.40 -3.88
C ILE I 75 -80.16 -10.89 -3.95
N SER I 76 -80.24 -11.57 -2.81
CA SER I 76 -80.35 -13.02 -2.84
C SER I 76 -81.74 -13.50 -3.22
N SER I 77 -82.75 -13.24 -2.38
CA SER I 77 -84.12 -13.67 -2.68
C SER I 77 -85.08 -12.49 -2.58
N LEU I 78 -85.64 -12.08 -3.71
CA LEU I 78 -86.51 -10.92 -3.82
C LEU I 78 -87.93 -11.16 -3.29
N GLN I 79 -88.44 -10.25 -2.25
CA GLN I 79 -89.73 -10.06 -1.58
C GLN I 79 -90.55 -8.97 -2.27
N PRO I 80 -91.88 -9.04 -2.19
CA PRO I 80 -92.71 -8.05 -2.88
C PRO I 80 -92.50 -6.60 -2.49
N GLU I 81 -91.98 -6.30 -1.29
CA GLU I 81 -91.86 -4.90 -0.90
C GLU I 81 -90.49 -4.30 -1.17
N ASP I 82 -89.55 -5.08 -1.72
CA ASP I 82 -88.20 -4.57 -1.96
C ASP I 82 -88.14 -3.59 -3.11
N ILE I 83 -89.23 -3.41 -3.86
CA ILE I 83 -89.21 -2.60 -5.08
C ILE I 83 -88.99 -1.14 -4.70
N ALA I 84 -87.88 -0.58 -5.18
CA ALA I 84 -87.48 0.77 -4.81
C ALA I 84 -86.43 1.26 -5.79
N THR I 85 -85.91 2.46 -5.54
CA THR I 85 -84.84 3.04 -6.34
C THR I 85 -83.54 2.98 -5.54
N TYR I 86 -82.51 2.41 -6.15
CA TYR I 86 -81.23 2.17 -5.50
C TYR I 86 -80.16 3.09 -6.08
N TYR I 87 -79.37 3.70 -5.21
CA TYR I 87 -78.33 4.64 -5.61
C TYR I 87 -76.98 4.13 -5.12
N CYS I 88 -75.94 4.27 -5.95
CA CYS I 88 -74.58 3.98 -5.52
C CYS I 88 -73.80 5.27 -5.37
N GLN I 89 -73.13 5.41 -4.23
CA GLN I 89 -72.44 6.64 -3.84
C GLN I 89 -71.10 6.24 -3.25
N GLN I 90 -70.18 7.20 -3.13
CA GLN I 90 -68.83 6.82 -2.71
C GLN I 90 -68.23 7.94 -1.86
N ALA I 91 -66.93 7.83 -1.57
CA ALA I 91 -66.22 8.84 -0.80
C ALA I 91 -64.73 8.81 -1.16
N TYR I 92 -64.17 9.99 -1.43
CA TYR I 92 -62.74 10.10 -1.74
C TYR I 92 -62.32 11.56 -1.75
N ALA I 93 -62.92 12.35 -2.64
CA ALA I 93 -62.68 13.79 -2.72
C ALA I 93 -63.98 14.55 -2.49
N TYR I 94 -64.85 14.01 -1.63
CA TYR I 94 -66.08 14.62 -1.13
C TYR I 94 -67.22 14.20 -2.04
N PRO I 95 -68.38 13.87 -1.49
CA PRO I 95 -69.39 13.12 -2.23
C PRO I 95 -70.15 13.90 -3.29
N LEU I 96 -69.67 15.06 -3.74
CA LEU I 96 -70.19 15.59 -4.99
C LEU I 96 -70.40 14.50 -6.03
N THR I 97 -69.52 13.49 -6.04
CA THR I 97 -69.69 12.32 -6.89
C THR I 97 -70.89 11.45 -6.50
N PHE I 98 -71.96 11.54 -7.27
CA PHE I 98 -73.14 10.69 -7.15
C PHE I 98 -73.40 9.97 -8.46
N GLY I 99 -74.30 8.97 -8.40
CA GLY I 99 -74.60 8.18 -9.57
C GLY I 99 -76.01 8.49 -10.03
N GLN I 100 -76.30 8.25 -11.30
CA GLN I 100 -77.64 8.58 -11.80
C GLN I 100 -78.69 7.61 -11.28
N GLY I 101 -78.30 6.48 -10.73
CA GLY I 101 -79.21 5.56 -10.08
C GLY I 101 -79.68 4.44 -10.98
N THR I 102 -80.12 3.35 -10.35
CA THR I 102 -80.64 2.18 -11.03
C THR I 102 -81.97 1.79 -10.41
N LYS I 103 -82.97 1.59 -11.24
CA LYS I 103 -84.31 1.18 -10.83
C LYS I 103 -84.48 -0.30 -11.08
N VAL I 104 -84.84 -1.05 -10.03
CA VAL I 104 -85.05 -2.49 -10.13
C VAL I 104 -86.55 -2.73 -9.99
N GLU I 105 -87.06 -3.61 -10.85
CA GLU I 105 -88.46 -3.99 -10.85
C GLU I 105 -88.57 -5.49 -11.05
N ILE I 106 -89.76 -6.04 -10.75
CA ILE I 106 -89.97 -7.47 -10.72
C ILE I 106 -90.89 -7.88 -11.85
N LYS I 107 -90.49 -8.93 -12.58
CA LYS I 107 -91.32 -9.55 -13.59
C LYS I 107 -92.35 -10.48 -12.95
N ARG I 108 -93.57 -10.47 -13.47
CA ARG I 108 -94.63 -11.32 -12.95
C ARG I 108 -95.43 -11.85 -14.14
N THR I 109 -96.62 -12.39 -13.85
CA THR I 109 -97.45 -13.03 -14.85
C THR I 109 -98.21 -11.99 -15.68
N VAL I 110 -98.37 -12.27 -16.97
CA VAL I 110 -99.05 -11.35 -17.87
C VAL I 110 -100.51 -11.25 -17.48
N ALA I 111 -101.00 -10.01 -17.38
CA ALA I 111 -102.38 -9.71 -16.99
C ALA I 111 -102.96 -8.65 -17.92
N ALA I 112 -104.21 -8.86 -18.34
CA ALA I 112 -104.84 -7.92 -19.25
C ALA I 112 -105.27 -6.66 -18.50
N PRO I 113 -105.28 -5.50 -19.17
CA PRO I 113 -105.63 -4.25 -18.50
C PRO I 113 -107.14 -4.04 -18.37
N SER I 114 -107.47 -3.05 -17.52
CA SER I 114 -108.80 -2.46 -17.42
C SER I 114 -108.77 -1.10 -18.08
N VAL I 115 -109.75 -0.83 -18.96
CA VAL I 115 -109.77 0.37 -19.77
C VAL I 115 -111.01 1.20 -19.43
N PHE I 116 -110.83 2.53 -19.37
CA PHE I 116 -111.91 3.45 -19.09
C PHE I 116 -111.54 4.82 -19.64
N ILE I 117 -112.56 5.65 -19.86
CA ILE I 117 -112.40 7.00 -20.40
C ILE I 117 -112.83 8.06 -19.40
N PHE I 118 -111.94 9.02 -19.13
CA PHE I 118 -112.23 10.21 -18.33
C PHE I 118 -112.37 11.38 -19.29
N PRO I 119 -113.59 11.79 -19.65
CA PRO I 119 -113.75 12.89 -20.61
C PRO I 119 -113.81 14.23 -19.89
N PRO I 120 -113.67 15.33 -20.61
CA PRO I 120 -113.79 16.66 -19.98
C PRO I 120 -115.22 16.90 -19.54
N SER I 121 -115.43 17.04 -18.23
CA SER I 121 -116.77 17.33 -17.76
C SER I 121 -117.12 18.79 -18.05
N ASP I 122 -118.41 19.09 -17.97
CA ASP I 122 -118.89 20.46 -18.19
C ASP I 122 -118.26 21.42 -17.18
N GLU I 123 -117.98 20.92 -15.98
CA GLU I 123 -117.32 21.73 -14.96
C GLU I 123 -115.93 22.19 -15.40
N GLN I 124 -115.17 21.31 -16.05
CA GLN I 124 -113.86 21.72 -16.54
C GLN I 124 -113.97 22.58 -17.79
N LEU I 125 -114.98 22.33 -18.62
CA LEU I 125 -115.13 23.05 -19.88
C LEU I 125 -115.39 24.53 -19.65
N LYS I 126 -116.23 24.86 -18.66
CA LYS I 126 -116.63 26.24 -18.43
C LYS I 126 -115.43 27.12 -18.09
N SER I 127 -114.46 26.58 -17.35
CA SER I 127 -113.27 27.35 -16.99
C SER I 127 -112.22 27.38 -18.09
N GLY I 128 -112.44 26.64 -19.18
CA GLY I 128 -111.58 26.68 -20.33
C GLY I 128 -110.56 25.57 -20.43
N THR I 129 -110.64 24.56 -19.58
CA THR I 129 -109.74 23.41 -19.61
C THR I 129 -110.54 22.19 -20.03
N ALA I 130 -109.90 21.29 -20.78
CA ALA I 130 -110.60 20.08 -21.23
C ALA I 130 -109.63 18.92 -21.26
N SER I 131 -109.91 17.88 -20.48
CA SER I 131 -109.03 16.72 -20.42
C SER I 131 -109.82 15.47 -20.84
N VAL I 132 -109.45 14.91 -21.98
CA VAL I 132 -110.08 13.72 -22.54
C VAL I 132 -109.08 12.58 -22.38
N VAL I 133 -109.38 11.63 -21.52
CA VAL I 133 -108.40 10.62 -21.11
C VAL I 133 -108.94 9.25 -21.44
N CYS I 134 -108.04 8.38 -21.90
CA CYS I 134 -108.31 6.96 -22.09
C CYS I 134 -107.25 6.26 -21.24
N LEU I 135 -107.68 5.28 -20.44
CA LEU I 135 -106.84 4.72 -19.40
C LEU I 135 -106.50 3.26 -19.62
N LEU I 136 -105.30 2.87 -19.17
CA LEU I 136 -104.94 1.48 -19.02
C LEU I 136 -104.45 1.28 -17.59
N ASN I 137 -105.22 0.54 -16.79
CA ASN I 137 -104.87 0.21 -15.42
C ASN I 137 -104.43 -1.25 -15.37
N ASN I 138 -103.34 -1.51 -14.66
CA ASN I 138 -102.86 -2.88 -14.45
C ASN I 138 -102.76 -3.63 -15.77
N PHE I 139 -101.88 -3.13 -16.63
CA PHE I 139 -101.59 -3.75 -17.92
C PHE I 139 -100.21 -4.42 -17.90
N TYR I 140 -100.20 -5.72 -18.12
CA TYR I 140 -98.97 -6.49 -18.22
C TYR I 140 -98.91 -7.24 -19.55
N PRO I 141 -97.80 -7.15 -20.31
CA PRO I 141 -96.54 -6.48 -19.97
C PRO I 141 -96.68 -4.96 -19.85
N ARG I 142 -95.72 -4.36 -19.19
CA ARG I 142 -95.65 -2.98 -18.74
C ARG I 142 -95.44 -1.98 -19.87
N GLU I 143 -95.44 -2.38 -21.14
CA GLU I 143 -95.36 -1.46 -22.26
C GLU I 143 -96.66 -1.49 -23.07
N ALA I 144 -97.22 -0.32 -23.33
CA ALA I 144 -98.39 -0.23 -24.19
C ALA I 144 -98.50 1.20 -24.72
N LYS I 145 -99.23 1.34 -25.84
CA LYS I 145 -99.27 2.58 -26.59
C LYS I 145 -100.73 3.00 -26.73
N VAL I 146 -101.01 4.29 -26.54
CA VAL I 146 -102.34 4.86 -26.70
C VAL I 146 -102.37 5.92 -27.79
N GLN I 147 -103.38 5.85 -28.68
CA GLN I 147 -103.54 6.78 -29.79
C GLN I 147 -104.89 7.47 -29.66
N TRP I 148 -104.88 8.80 -29.61
CA TRP I 148 -106.12 9.58 -29.63
C TRP I 148 -106.34 10.17 -31.02
N LYS I 149 -107.55 9.99 -31.57
CA LYS I 149 -107.87 10.54 -32.88
C LYS I 149 -109.13 11.40 -32.85
N VAL I 150 -109.03 12.63 -33.35
CA VAL I 150 -110.20 13.45 -33.63
C VAL I 150 -110.53 13.26 -35.11
N ASP I 151 -111.74 12.81 -35.42
CA ASP I 151 -112.13 12.46 -36.78
C ASP I 151 -111.14 11.48 -37.40
N ASN I 152 -110.71 10.51 -36.58
CA ASN I 152 -109.76 9.46 -36.95
C ASN I 152 -108.38 9.99 -37.30
N ALA I 153 -108.04 11.22 -36.90
CA ALA I 153 -106.72 11.79 -37.15
C ALA I 153 -105.94 11.92 -35.86
N LEU I 154 -104.74 11.36 -35.81
CA LEU I 154 -103.91 11.37 -34.61
C LEU I 154 -103.49 12.78 -34.17
N GLN I 155 -103.54 13.04 -32.85
CA GLN I 155 -103.25 14.36 -32.29
C GLN I 155 -101.94 14.33 -31.53
N SER I 156 -101.21 15.45 -31.59
CA SER I 156 -99.94 15.62 -30.90
C SER I 156 -99.71 17.10 -30.65
N GLY I 157 -98.77 17.40 -29.74
CA GLY I 157 -98.48 18.77 -29.37
C GLY I 157 -99.39 19.42 -28.35
N ASN I 158 -100.51 18.80 -27.98
CA ASN I 158 -101.41 19.30 -26.94
C ASN I 158 -101.90 18.15 -26.07
N SER I 159 -101.08 17.13 -25.87
CA SER I 159 -101.41 15.98 -25.05
C SER I 159 -100.39 15.81 -23.93
N GLN I 160 -100.89 15.51 -22.73
CA GLN I 160 -100.05 15.28 -21.57
C GLN I 160 -100.43 13.97 -20.91
N GLU I 161 -99.51 13.43 -20.11
CA GLU I 161 -99.74 12.22 -19.33
C GLU I 161 -99.55 12.47 -17.83
N SER I 162 -100.53 12.06 -17.04
CA SER I 162 -100.43 12.07 -15.58
C SER I 162 -100.26 10.62 -15.15
N VAL I 163 -99.14 10.33 -14.47
CA VAL I 163 -98.73 8.96 -14.19
C VAL I 163 -98.81 8.67 -12.70
N THR I 164 -99.63 7.69 -12.34
CA THR I 164 -99.68 7.19 -10.98
C THR I 164 -98.52 6.25 -10.73
N GLU I 165 -97.92 6.33 -9.54
CA GLU I 165 -96.84 5.43 -9.22
C GLU I 165 -97.33 3.99 -9.14
N GLN I 166 -96.37 3.07 -9.04
CA GLN I 166 -96.64 1.64 -9.18
C GLN I 166 -97.66 1.17 -8.16
N ASP I 167 -98.65 0.43 -8.63
CA ASP I 167 -99.62 -0.21 -7.74
C ASP I 167 -99.06 -1.53 -7.23
N SER I 168 -99.07 -1.69 -5.90
CA SER I 168 -98.27 -2.72 -5.24
C SER I 168 -98.83 -4.13 -5.42
N LYS I 169 -100.11 -4.27 -5.80
CA LYS I 169 -100.71 -5.60 -5.88
C LYS I 169 -100.13 -6.44 -7.01
N ASP I 170 -99.74 -5.83 -8.14
CA ASP I 170 -99.24 -6.64 -9.24
C ASP I 170 -97.99 -6.04 -9.88
N SER I 171 -97.28 -5.17 -9.16
CA SER I 171 -96.04 -4.54 -9.65
C SER I 171 -96.24 -3.90 -11.01
N THR I 172 -97.30 -3.10 -11.14
CA THR I 172 -97.84 -2.72 -12.42
C THR I 172 -98.09 -1.21 -12.42
N TYR I 173 -98.10 -0.62 -13.61
CA TYR I 173 -98.21 0.83 -13.76
C TYR I 173 -99.66 1.24 -14.04
N SER I 174 -99.91 2.53 -13.88
CA SER I 174 -101.15 3.17 -14.31
C SER I 174 -100.79 4.46 -15.02
N LEU I 175 -101.38 4.69 -16.20
CA LEU I 175 -101.00 5.81 -17.04
C LEU I 175 -102.25 6.39 -17.69
N SER I 176 -102.44 7.71 -17.52
CA SER I 176 -103.57 8.40 -18.13
C SER I 176 -103.05 9.40 -19.16
N SER I 177 -103.58 9.31 -20.38
CA SER I 177 -103.22 10.21 -21.48
C SER I 177 -104.27 11.29 -21.69
N THR I 178 -103.85 12.55 -21.67
CA THR I 178 -104.78 13.69 -21.62
C THR I 178 -104.60 14.51 -22.90
N LEU I 179 -105.71 14.88 -23.54
CA LEU I 179 -105.68 15.76 -24.71
C LEU I 179 -106.38 17.08 -24.42
N THR I 180 -105.66 18.19 -24.64
CA THR I 180 -106.13 19.53 -24.28
C THR I 180 -106.52 20.30 -25.55
N LEU I 181 -107.71 20.90 -25.53
CA LEU I 181 -108.21 21.66 -26.67
C LEU I 181 -109.38 22.53 -26.17
N SER I 182 -110.08 23.20 -27.10
CA SER I 182 -111.16 24.09 -26.70
C SER I 182 -112.53 23.47 -26.97
N LYS I 183 -113.58 24.20 -26.60
CA LYS I 183 -114.95 23.75 -26.87
C LYS I 183 -115.34 23.84 -28.34
N ALA I 184 -114.97 24.93 -29.03
CA ALA I 184 -115.39 25.08 -30.43
C ALA I 184 -114.77 24.04 -31.37
N ASP I 185 -113.47 23.79 -31.24
CA ASP I 185 -112.85 22.76 -32.06
C ASP I 185 -113.38 21.38 -31.73
N TYR I 186 -113.56 21.09 -30.45
CA TYR I 186 -113.96 19.78 -29.95
C TYR I 186 -115.45 19.50 -30.12
N GLU I 187 -116.25 20.49 -30.52
CA GLU I 187 -117.64 20.31 -30.93
C GLU I 187 -117.81 20.10 -32.44
N LYS I 188 -116.89 20.62 -33.24
CA LYS I 188 -116.94 20.67 -34.69
C LYS I 188 -116.52 19.37 -35.36
N HIS I 189 -116.42 18.27 -34.62
CA HIS I 189 -115.99 16.99 -35.17
C HIS I 189 -116.96 15.89 -34.74
N LYS I 190 -117.04 14.87 -35.59
CA LYS I 190 -118.07 13.83 -35.54
C LYS I 190 -117.68 12.62 -34.70
N VAL I 191 -116.49 12.07 -34.90
CA VAL I 191 -116.09 10.85 -34.21
C VAL I 191 -114.77 11.10 -33.48
N TYR I 192 -114.68 10.55 -32.26
CA TYR I 192 -113.49 10.56 -31.44
C TYR I 192 -113.11 9.12 -31.15
N ALA I 193 -111.81 8.86 -31.03
CA ALA I 193 -111.36 7.49 -30.83
C ALA I 193 -110.03 7.41 -30.10
N CYS I 194 -110.00 6.65 -29.00
CA CYS I 194 -108.76 6.38 -28.28
CA CYS I 194 -108.76 6.38 -28.28
C CYS I 194 -108.43 4.91 -28.52
N GLU I 195 -107.18 4.63 -28.86
CA GLU I 195 -106.81 3.29 -29.28
C GLU I 195 -105.73 2.74 -28.36
N VAL I 196 -105.84 1.46 -28.04
CA VAL I 196 -104.93 0.81 -27.12
C VAL I 196 -104.15 -0.24 -27.88
N THR I 197 -102.83 -0.19 -27.76
CA THR I 197 -101.97 -1.24 -28.29
C THR I 197 -101.24 -1.88 -27.12
N HIS I 198 -101.37 -3.19 -26.98
CA HIS I 198 -100.79 -3.87 -25.84
C HIS I 198 -100.35 -5.25 -26.33
N GLN I 199 -99.27 -5.76 -25.72
CA GLN I 199 -98.65 -6.97 -26.26
C GLN I 199 -99.59 -8.17 -26.19
N GLY I 200 -100.30 -8.32 -25.07
CA GLY I 200 -101.21 -9.43 -24.91
C GLY I 200 -102.50 -9.33 -25.68
N LEU I 201 -102.80 -8.17 -26.26
CA LEU I 201 -104.00 -7.99 -27.07
C LEU I 201 -103.63 -8.18 -28.54
N SER I 202 -104.33 -9.10 -29.22
CA SER I 202 -104.00 -9.38 -30.61
C SER I 202 -104.21 -8.15 -31.48
N SER I 203 -105.36 -7.50 -31.37
CA SER I 203 -105.64 -6.33 -32.18
C SER I 203 -106.04 -5.15 -31.29
N PRO I 204 -105.73 -3.92 -31.72
CA PRO I 204 -106.07 -2.76 -30.90
C PRO I 204 -107.58 -2.63 -30.72
N VAL I 205 -107.98 -2.08 -29.57
CA VAL I 205 -109.38 -1.91 -29.20
C VAL I 205 -109.77 -0.45 -29.39
N THR I 206 -110.81 -0.20 -30.19
CA THR I 206 -111.23 1.17 -30.50
C THR I 206 -112.49 1.50 -29.73
N LYS I 207 -112.47 2.65 -29.05
CA LYS I 207 -113.61 3.19 -28.32
C LYS I 207 -113.93 4.59 -28.82
N SER I 208 -115.21 4.93 -28.90
CA SER I 208 -115.67 6.16 -29.53
C SER I 208 -116.41 7.02 -28.50
N PHE I 209 -116.52 8.30 -28.79
CA PHE I 209 -117.17 9.23 -27.88
C PHE I 209 -117.64 10.46 -28.64
N ASN I 210 -118.44 11.30 -27.97
CA ASN I 210 -118.97 12.50 -28.59
C ASN I 210 -119.32 13.55 -27.53
N ARG I 211 -119.17 14.81 -27.90
CA ARG I 211 -119.65 15.96 -27.15
C ARG I 211 -120.93 16.54 -27.74
N GLY I 212 -121.65 17.26 -26.90
CA GLY I 212 -123.02 17.62 -27.16
C GLY I 212 -123.99 16.48 -27.01
N GLU I 213 -123.52 15.29 -26.64
CA GLU I 213 -124.33 14.08 -26.53
C GLU I 213 -125.18 13.86 -27.78
N CYS I 214 -124.55 14.00 -28.94
CA CYS I 214 -125.25 13.90 -30.21
C CYS I 214 -124.34 13.41 -31.31
#